data_9N1L
#
_entry.id   9N1L
#
_cell.length_a   1.00
_cell.length_b   1.00
_cell.length_c   1.00
_cell.angle_alpha   90.00
_cell.angle_beta   90.00
_cell.angle_gamma   90.00
#
_symmetry.space_group_name_H-M   'P 1'
#
loop_
_entity.id
_entity.type
_entity.pdbx_description
1 polymer TRPM3
2 non-polymer 'CHOLESTEROL HEMISUCCINATE'
3 non-polymer primidone
#
_entity_poly.entity_id   1
_entity_poly.type   'polypeptide(L)'
_entity_poly.pdbx_seq_one_letter_code
;MCWKGVIPGELVDPVAGREGTQRRFRAQKSWIERAFYKRECVHIIPSTKDPHRCCCGRLIGQHVGLTPSISVLQNEKNES
RLSRNDIQSEKWSISKHTQLSPTDAFGTIEFQGGGHSNKAMYVRVSFDTKPDLLLHLMTKEWQLELPKLLISVHGGLQNF
ELQPKLKQVFGKGLIKAAMTTGAWIFTGGVNTGVIRHVGDALKDHASKSRGKICTIGIAPWGIVENQEDLIGRDVVRPYQ
TMSNPMSKLTVLNSMHSHFILADNGTTGKYGAEVKLRRQLEKHISLQKINTRIGQGVPVVALIVEGGPNVISIVLEYLRD
TPPVPVVVCDGSGRASDILAFGHKYSEEGGLINESLRDQLLVTIQKTFTYTRTQAQHLFIILMECMKKKELITVFRMGSE
GHQDIDLAILTALLKGANASAPDQLSLALAWNRVDIARSQIFIYGQQWPVGSLEQAMLDALVLDRVDFVKLLIENGVSMH
RFLTISRLEELYNTRHGPSNTLYHLVRDVKKREYPGFGWIYFKGNLPPDYRISLIDIGLVIEYLMGGAYRCNYTRKRFRT
LYHNLFGPKRPKALKLLGMEDDIPLRRGRKTTKKREEEVDIDLDDPEINHFPFPFHELMVWAVLMKRQKMALFFWQHGEE
AMAKALVACKLCKAMAHEASENDMVDDISQELNHNSRDFGQLAVELLDQSYKQDEQLAMKLLTYELKNWSNATCLQLAVA
AKHRDFIAHTCSQMLLTDMWMGRLRMRKNSGLKVILGILLPPSILSLEFKNKDDMPYMTQAQEIHLQEKEPEEPEKPTKE
KDEEDMELTAMLGRNNGESSRKKDEEEVQSRHRLIPLGRKIYEFYNAPIVKFWFYTLAYIGYLMLFNYIVLVKMERWPST
QEWIVISYIFTLGIEKMREILMSEPGKLLQKVKVWLQEYWNVTDLIAILLFSVGMILRLQDQPFRSDGRVIYCVNIIYWY
IRLLDIFGVNKYLGPYVMMIGKMMIDMMYFVIIMLVVLMSFGVARQAILFPNEEPSWKLAKNIFYMPYWMIYGEVFADQI
DPPCGQNETREDGKIIQLPPCKTGAWIVPAIMACYLLVANILLVNLLIAVFNNTFFEVKSISNQVWKFQRYQLIMTFHER
PVLPPPLIIFSHMTMIFQHLCCRWRKHESDPDERDYGLKLFITDDELKKVHDFEEQCIEEYFREKDDRFNSSNDERIRVT
SERVENMSMRLEEVNEREHSMKASLQTVDIRLAQLEDLIGRMATALERLTGVERAESNKIRSRTSSDCTDAAYIVRQSSF
NSQEGNTFKLQESIDPAEHPFYSVFE
;
_entity_poly.pdbx_strand_id   A,D,B,C
#
loop_
_chem_comp.id
_chem_comp.type
_chem_comp.name
_chem_comp.formula
A1AIA non-polymer primidone 'C12 H14 N2 O2'
Y01 non-polymer 'CHOLESTEROL HEMISUCCINATE' 'C31 H50 O4'
#
# COMPACT_ATOMS: atom_id res chain seq x y z
N SER A 30 -7.14 -55.63 -23.41
CA SER A 30 -7.33 -57.03 -23.75
C SER A 30 -6.09 -57.84 -23.38
N TRP A 31 -4.96 -57.14 -23.20
CA TRP A 31 -3.72 -57.84 -22.78
C TRP A 31 -3.89 -58.31 -21.35
N ILE A 32 -4.59 -57.50 -20.55
CA ILE A 32 -4.70 -57.83 -19.13
C ILE A 32 -5.43 -59.14 -18.92
N GLU A 33 -6.48 -59.39 -19.72
CA GLU A 33 -7.19 -60.66 -19.62
C GLU A 33 -6.37 -61.80 -20.18
N ARG A 34 -5.60 -61.55 -21.26
CA ARG A 34 -4.83 -62.59 -21.89
C ARG A 34 -3.52 -62.90 -21.16
N ALA A 35 -3.08 -62.03 -20.26
CA ALA A 35 -1.85 -62.24 -19.51
C ALA A 35 -2.08 -62.65 -18.07
N PHE A 36 -3.13 -62.14 -17.44
CA PHE A 36 -3.41 -62.44 -16.04
C PHE A 36 -4.52 -63.48 -15.95
N TYR A 37 -4.45 -64.27 -14.88
CA TYR A 37 -5.39 -65.35 -14.66
C TYR A 37 -6.07 -65.16 -13.31
N LYS A 38 -7.08 -65.97 -13.06
CA LYS A 38 -7.88 -65.88 -11.85
C LYS A 38 -8.42 -67.26 -11.53
N ARG A 39 -8.86 -67.44 -10.29
CA ARG A 39 -9.30 -68.74 -9.82
C ARG A 39 -10.63 -68.59 -9.09
N GLU A 40 -11.50 -69.59 -9.25
CA GLU A 40 -12.84 -69.56 -8.71
C GLU A 40 -13.17 -70.87 -8.01
N CYS A 41 -14.07 -70.80 -7.04
CA CYS A 41 -14.31 -71.90 -6.11
C CYS A 41 -15.21 -72.95 -6.74
N VAL A 42 -14.62 -74.06 -7.16
CA VAL A 42 -15.35 -75.26 -7.59
C VAL A 42 -14.87 -76.42 -6.74
N HIS A 43 -15.56 -76.67 -5.64
CA HIS A 43 -15.16 -77.64 -4.63
C HIS A 43 -16.25 -78.67 -4.38
N ILE A 44 -16.02 -79.52 -3.38
CA ILE A 44 -17.00 -80.50 -2.94
C ILE A 44 -17.94 -79.94 -1.89
N ILE A 45 -17.81 -78.65 -1.57
CA ILE A 45 -18.58 -77.90 -0.56
C ILE A 45 -18.48 -78.59 0.80
N PRO A 46 -17.33 -78.50 1.49
CA PRO A 46 -17.27 -79.04 2.86
C PRO A 46 -17.92 -78.07 3.84
N SER A 47 -18.82 -78.58 4.67
CA SER A 47 -19.61 -77.71 5.53
C SER A 47 -18.78 -77.19 6.70
N THR A 48 -17.99 -78.06 7.32
CA THR A 48 -17.29 -77.83 8.60
C THR A 48 -18.28 -77.38 9.67
N LYS A 49 -18.22 -76.11 10.07
CA LYS A 49 -19.12 -75.62 11.11
C LYS A 49 -20.52 -75.34 10.55
N ASP A 50 -20.63 -74.38 9.62
CA ASP A 50 -21.93 -73.96 9.10
C ASP A 50 -22.20 -74.63 7.77
N PRO A 51 -23.38 -75.24 7.57
CA PRO A 51 -23.67 -75.93 6.30
C PRO A 51 -23.67 -75.02 5.08
N HIS A 52 -24.05 -73.75 5.23
CA HIS A 52 -23.99 -72.83 4.10
C HIS A 52 -22.55 -72.44 3.77
N ARG A 53 -21.72 -72.26 4.79
CA ARG A 53 -20.34 -71.83 4.61
C ARG A 53 -19.49 -73.01 4.14
N CYS A 54 -18.85 -72.87 2.98
CA CYS A 54 -17.99 -73.90 2.43
C CYS A 54 -16.58 -73.72 2.98
N CYS A 55 -15.61 -74.41 2.37
CA CYS A 55 -14.21 -74.17 2.70
C CYS A 55 -13.78 -72.77 2.31
N CYS A 56 -14.31 -72.24 1.20
CA CYS A 56 -14.04 -70.88 0.80
C CYS A 56 -14.92 -69.87 1.52
N GLY A 57 -15.88 -70.31 2.32
CA GLY A 57 -16.66 -69.40 3.15
C GLY A 57 -17.88 -68.81 2.48
N ARG A 58 -18.06 -69.01 1.17
CA ARG A 58 -19.21 -68.45 0.48
C ARG A 58 -20.47 -69.26 0.77
N LEU A 59 -21.59 -68.76 0.26
CA LEU A 59 -22.87 -69.44 0.41
C LEU A 59 -22.89 -70.73 -0.40
N ILE A 60 -23.70 -71.69 0.06
CA ILE A 60 -23.68 -73.05 -0.48
C ILE A 60 -24.20 -73.08 -1.92
N GLY A 61 -25.10 -72.16 -2.28
CA GLY A 61 -25.57 -72.04 -3.64
C GLY A 61 -24.88 -71.00 -4.48
N GLN A 62 -23.93 -70.25 -3.91
CA GLN A 62 -23.29 -69.14 -4.60
C GLN A 62 -22.10 -69.56 -5.46
N HIS A 63 -21.71 -70.83 -5.43
CA HIS A 63 -20.55 -71.28 -6.21
C HIS A 63 -20.93 -71.38 -7.68
N VAL A 64 -20.24 -70.59 -8.52
CA VAL A 64 -20.41 -70.52 -9.98
C VAL A 64 -21.84 -70.24 -10.40
N TRP A 92 -5.90 -72.71 -3.90
CA TRP A 92 -5.19 -73.96 -4.13
C TRP A 92 -6.16 -75.09 -4.45
N SER A 93 -5.65 -76.15 -5.07
CA SER A 93 -6.48 -77.30 -5.41
C SER A 93 -6.74 -78.21 -4.22
N ILE A 94 -6.07 -78.00 -3.09
CA ILE A 94 -6.25 -78.82 -1.90
C ILE A 94 -7.50 -78.33 -1.17
N SER A 95 -8.54 -79.16 -1.16
CA SER A 95 -9.86 -79.03 -0.52
C SER A 95 -10.75 -77.98 -1.21
N LYS A 96 -10.20 -77.13 -2.08
CA LYS A 96 -10.99 -76.19 -2.85
C LYS A 96 -11.10 -76.56 -4.33
N HIS A 97 -10.12 -77.29 -4.86
CA HIS A 97 -10.13 -77.87 -6.22
C HIS A 97 -10.36 -76.80 -7.30
N THR A 98 -9.73 -75.65 -7.10
CA THR A 98 -10.04 -74.46 -7.90
C THR A 98 -9.53 -74.60 -9.33
N GLN A 99 -10.25 -73.96 -10.25
CA GLN A 99 -9.94 -73.97 -11.67
C GLN A 99 -9.49 -72.58 -12.11
N LEU A 100 -8.67 -72.56 -13.16
CA LEU A 100 -8.02 -71.33 -13.61
C LEU A 100 -8.71 -70.83 -14.87
N SER A 101 -8.82 -69.50 -14.99
CA SER A 101 -9.62 -68.89 -16.03
C SER A 101 -9.09 -67.48 -16.29
N PRO A 102 -9.39 -66.88 -17.44
CA PRO A 102 -9.09 -65.46 -17.62
C PRO A 102 -9.89 -64.57 -16.68
N THR A 103 -9.30 -63.44 -16.31
CA THR A 103 -9.90 -62.53 -15.35
C THR A 103 -11.09 -61.80 -15.94
N ASP A 104 -12.00 -61.37 -15.06
CA ASP A 104 -13.20 -60.65 -15.46
C ASP A 104 -13.45 -59.41 -14.61
N ALA A 105 -12.49 -59.01 -13.77
CA ALA A 105 -12.68 -57.93 -12.81
C ALA A 105 -11.43 -57.05 -12.83
N PHE A 106 -11.42 -56.07 -13.74
CA PHE A 106 -10.29 -55.17 -13.90
C PHE A 106 -10.73 -53.95 -14.69
N GLY A 107 -10.06 -52.83 -14.45
CA GLY A 107 -10.43 -51.58 -15.08
C GLY A 107 -10.13 -50.38 -14.20
N THR A 108 -11.15 -49.55 -13.97
CA THR A 108 -11.02 -48.36 -13.15
C THR A 108 -12.18 -48.30 -12.17
N ILE A 109 -11.93 -47.75 -10.99
CA ILE A 109 -12.94 -47.63 -9.93
C ILE A 109 -13.17 -46.14 -9.68
N GLU A 110 -14.43 -45.72 -9.77
CA GLU A 110 -14.83 -44.36 -9.44
C GLU A 110 -15.38 -44.35 -8.02
N PHE A 111 -14.60 -43.82 -7.09
CA PHE A 111 -14.98 -43.81 -5.68
C PHE A 111 -16.04 -42.75 -5.44
N GLN A 112 -17.29 -43.19 -5.34
CA GLN A 112 -18.41 -42.30 -5.09
C GLN A 112 -18.56 -42.07 -3.60
N GLY A 113 -18.69 -40.81 -3.21
CA GLY A 113 -18.76 -40.45 -1.81
C GLY A 113 -17.40 -40.33 -1.18
N GLY A 114 -17.41 -40.12 0.13
CA GLY A 114 -16.18 -39.93 0.88
C GLY A 114 -15.43 -38.66 0.54
N GLY A 115 -16.16 -37.58 0.25
CA GLY A 115 -15.52 -36.30 0.00
C GLY A 115 -14.94 -36.16 -1.39
N HIS A 116 -13.62 -36.18 -1.48
CA HIS A 116 -12.94 -35.99 -2.76
C HIS A 116 -13.13 -37.22 -3.66
N SER A 117 -13.39 -36.96 -4.93
CA SER A 117 -13.54 -38.02 -5.91
C SER A 117 -12.18 -38.41 -6.45
N ASN A 118 -11.86 -39.70 -6.38
CA ASN A 118 -10.56 -40.20 -6.81
C ASN A 118 -10.75 -41.49 -7.58
N LYS A 119 -10.06 -41.61 -8.71
CA LYS A 119 -10.14 -42.79 -9.56
C LYS A 119 -8.94 -43.68 -9.33
N ALA A 120 -9.18 -44.97 -9.10
CA ALA A 120 -8.13 -45.93 -8.79
C ALA A 120 -8.23 -47.12 -9.73
N MET A 121 -7.14 -47.42 -10.42
CA MET A 121 -7.08 -48.61 -11.25
C MET A 121 -7.06 -49.85 -10.38
N TYR A 122 -7.52 -50.97 -10.94
CA TYR A 122 -7.59 -52.21 -10.18
C TYR A 122 -7.52 -53.40 -11.13
N VAL A 123 -6.90 -54.48 -10.67
CA VAL A 123 -6.93 -55.77 -11.35
C VAL A 123 -7.17 -56.85 -10.30
N ARG A 124 -7.92 -57.88 -10.67
CA ARG A 124 -7.97 -59.12 -9.90
C ARG A 124 -6.97 -60.09 -10.53
N VAL A 125 -6.05 -60.61 -9.71
CA VAL A 125 -5.00 -61.49 -10.17
C VAL A 125 -5.00 -62.75 -9.32
N SER A 126 -4.38 -63.80 -9.84
CA SER A 126 -4.17 -65.01 -9.05
C SER A 126 -3.04 -64.77 -8.05
N PHE A 127 -3.09 -65.50 -6.94
CA PHE A 127 -2.07 -65.35 -5.90
C PHE A 127 -0.74 -65.99 -6.28
N ASP A 128 -0.72 -66.84 -7.30
CA ASP A 128 0.49 -67.56 -7.69
C ASP A 128 1.15 -66.99 -8.94
N THR A 129 0.74 -65.79 -9.37
CA THR A 129 1.30 -65.20 -10.58
C THR A 129 2.73 -64.73 -10.36
N LYS A 130 3.52 -64.80 -11.44
CA LYS A 130 4.90 -64.34 -11.38
C LYS A 130 4.95 -62.82 -11.26
N PRO A 131 5.81 -62.28 -10.38
CA PRO A 131 5.81 -60.83 -10.15
C PRO A 131 6.39 -60.01 -11.30
N ASP A 132 7.15 -60.63 -12.21
CA ASP A 132 7.71 -59.91 -13.35
C ASP A 132 6.61 -59.39 -14.27
N LEU A 133 5.60 -60.25 -14.49
CA LEU A 133 4.47 -59.85 -15.37
C LEU A 133 3.73 -58.67 -14.73
N LEU A 134 3.45 -58.76 -13.42
CA LEU A 134 2.79 -57.65 -12.74
C LEU A 134 3.63 -56.38 -12.80
N LEU A 135 4.95 -56.51 -12.65
CA LEU A 135 5.84 -55.36 -12.75
C LEU A 135 5.77 -54.74 -14.14
N HIS A 136 5.66 -55.58 -15.17
CA HIS A 136 5.44 -55.09 -16.52
C HIS A 136 4.08 -54.42 -16.66
N LEU A 137 3.08 -54.87 -15.91
CA LEU A 137 1.77 -54.22 -15.92
C LEU A 137 1.83 -52.79 -15.38
N MET A 138 2.46 -52.64 -14.21
CA MET A 138 2.61 -51.30 -13.60
C MET A 138 3.47 -50.42 -14.52
N THR A 139 4.53 -50.97 -15.13
CA THR A 139 5.41 -50.11 -15.90
C THR A 139 4.81 -49.71 -17.25
N LYS A 140 4.02 -50.59 -17.87
CA LYS A 140 3.51 -50.33 -19.22
C LYS A 140 2.06 -49.87 -19.21
N GLU A 141 1.15 -50.69 -18.68
CA GLU A 141 -0.28 -50.42 -18.85
C GLU A 141 -0.76 -49.28 -17.96
N TRP A 142 -0.26 -49.19 -16.74
CA TRP A 142 -0.61 -48.11 -15.83
C TRP A 142 0.28 -46.87 -15.96
N GLN A 143 1.32 -46.95 -16.80
CA GLN A 143 2.21 -45.82 -17.13
C GLN A 143 2.89 -45.25 -15.89
N LEU A 144 3.33 -46.14 -15.01
CA LEU A 144 4.01 -45.75 -13.77
C LEU A 144 5.51 -45.96 -13.95
N GLU A 145 6.28 -44.91 -13.70
CA GLU A 145 7.72 -45.03 -13.77
C GLU A 145 8.24 -45.88 -12.61
N LEU A 146 9.46 -46.38 -12.78
CA LEU A 146 10.09 -47.16 -11.72
C LEU A 146 10.41 -46.26 -10.54
N PRO A 147 9.93 -46.58 -9.34
CA PRO A 147 10.12 -45.67 -8.21
C PRO A 147 11.55 -45.67 -7.72
N LYS A 148 11.94 -44.55 -7.13
CA LYS A 148 13.26 -44.43 -6.52
C LYS A 148 13.28 -44.98 -5.10
N LEU A 149 12.13 -45.39 -4.57
CA LEU A 149 12.03 -45.86 -3.19
C LEU A 149 10.75 -46.69 -3.07
N LEU A 150 10.83 -47.79 -2.33
CA LEU A 150 9.68 -48.62 -2.05
C LEU A 150 9.43 -48.64 -0.55
N ILE A 151 8.19 -48.41 -0.15
CA ILE A 151 7.78 -48.39 1.25
C ILE A 151 6.74 -49.48 1.46
N SER A 152 6.97 -50.34 2.45
CA SER A 152 6.06 -51.43 2.77
C SER A 152 5.47 -51.18 4.15
N VAL A 153 4.21 -50.76 4.19
CA VAL A 153 3.54 -50.44 5.43
C VAL A 153 2.80 -51.67 5.92
N HIS A 154 3.13 -52.14 7.11
CA HIS A 154 2.50 -53.29 7.72
C HIS A 154 1.97 -52.91 9.10
N GLY A 155 0.93 -53.59 9.52
CA GLY A 155 0.36 -53.31 10.83
C GLY A 155 -0.81 -54.23 11.13
N GLY A 156 -1.53 -53.88 12.19
CA GLY A 156 -2.63 -54.71 12.63
C GLY A 156 -3.85 -54.57 11.75
N LEU A 157 -4.48 -55.71 11.45
CA LEU A 157 -5.69 -55.70 10.64
C LEU A 157 -6.89 -55.17 11.42
N GLN A 158 -6.86 -55.26 12.74
CA GLN A 158 -7.90 -54.67 13.56
C GLN A 158 -7.77 -53.14 13.57
N ASN A 159 -8.92 -52.47 13.63
CA ASN A 159 -8.93 -51.02 13.72
C ASN A 159 -8.42 -50.55 15.07
N PHE A 160 -7.67 -49.46 15.06
CA PHE A 160 -7.13 -48.88 16.28
C PHE A 160 -7.06 -47.38 16.13
N GLU A 161 -6.93 -46.70 17.26
CA GLU A 161 -6.78 -45.25 17.31
C GLU A 161 -5.47 -44.92 18.02
N LEU A 162 -4.75 -43.94 17.49
CA LEU A 162 -3.49 -43.50 18.06
C LEU A 162 -3.64 -42.10 18.66
N GLN A 163 -2.54 -41.58 19.20
CA GLN A 163 -2.52 -40.22 19.70
C GLN A 163 -2.65 -39.25 18.53
N PRO A 164 -3.23 -38.07 18.76
CA PRO A 164 -3.42 -37.12 17.63
C PRO A 164 -2.13 -36.53 17.12
N LYS A 165 -1.19 -36.17 18.01
CA LYS A 165 0.09 -35.64 17.57
C LYS A 165 0.92 -36.69 16.85
N LEU A 166 0.91 -37.93 17.36
CA LEU A 166 1.60 -39.03 16.69
C LEU A 166 1.02 -39.31 15.32
N LYS A 167 -0.31 -39.30 15.21
CA LYS A 167 -0.96 -39.54 13.93
C LYS A 167 -0.66 -38.42 12.93
N GLN A 168 -0.66 -37.16 13.41
CA GLN A 168 -0.36 -36.04 12.52
C GLN A 168 1.09 -36.07 12.05
N VAL A 169 2.03 -36.37 12.94
CA VAL A 169 3.43 -36.43 12.59
C VAL A 169 3.70 -37.60 11.64
N PHE A 170 3.10 -38.75 11.91
CA PHE A 170 3.26 -39.92 11.05
C PHE A 170 2.66 -39.68 9.67
N GLY A 171 1.50 -39.02 9.62
CA GLY A 171 0.87 -38.74 8.33
C GLY A 171 1.67 -37.75 7.51
N LYS A 172 2.13 -36.66 8.14
CA LYS A 172 2.93 -35.67 7.43
C LYS A 172 4.26 -36.26 6.96
N GLY A 173 4.86 -37.13 7.79
CA GLY A 173 6.09 -37.80 7.39
C GLY A 173 5.89 -38.74 6.22
N LEU A 174 4.84 -39.58 6.27
CA LEU A 174 4.61 -40.53 5.18
C LEU A 174 4.29 -39.81 3.88
N ILE A 175 3.53 -38.72 3.96
CA ILE A 175 3.22 -37.93 2.77
C ILE A 175 4.48 -37.30 2.20
N LYS A 176 5.32 -36.68 3.04
CA LYS A 176 6.51 -36.01 2.53
C LYS A 176 7.55 -37.00 2.01
N ALA A 177 7.63 -38.17 2.63
CA ALA A 177 8.54 -39.21 2.16
C ALA A 177 8.09 -39.80 0.83
N ALA A 178 6.79 -39.97 0.64
CA ALA A 178 6.28 -40.39 -0.67
C ALA A 178 6.37 -39.27 -1.68
N MET A 179 6.49 -38.03 -1.23
CA MET A 179 6.44 -36.88 -2.18
C MET A 179 7.83 -36.51 -2.70
N THR A 180 8.83 -36.39 -1.82
CA THR A 180 10.12 -35.88 -2.25
C THR A 180 10.91 -36.93 -3.03
N THR A 181 10.86 -38.18 -2.59
CA THR A 181 11.57 -39.25 -3.27
C THR A 181 10.78 -39.86 -4.41
N GLY A 182 9.49 -39.54 -4.53
CA GLY A 182 8.66 -40.17 -5.54
C GLY A 182 8.45 -41.65 -5.33
N ALA A 183 8.14 -42.05 -4.11
CA ALA A 183 8.13 -43.45 -3.72
C ALA A 183 6.79 -44.10 -4.03
N TRP A 184 6.74 -45.42 -3.84
CA TRP A 184 5.51 -46.21 -3.89
C TRP A 184 5.17 -46.68 -2.49
N ILE A 185 3.90 -46.57 -2.12
CA ILE A 185 3.41 -47.01 -0.83
C ILE A 185 2.65 -48.31 -1.02
N PHE A 186 3.01 -49.33 -0.25
CA PHE A 186 2.38 -50.65 -0.33
C PHE A 186 1.63 -50.90 0.96
N THR A 187 0.32 -51.01 0.88
CA THR A 187 -0.51 -51.19 2.07
C THR A 187 -1.26 -52.51 1.97
N GLY A 188 -2.14 -52.73 2.95
CA GLY A 188 -3.03 -53.89 2.94
C GLY A 188 -4.27 -53.72 2.10
N GLY A 189 -4.48 -52.56 1.50
CA GLY A 189 -5.58 -52.36 0.58
C GLY A 189 -6.88 -51.93 1.21
N VAL A 190 -7.45 -52.79 2.06
CA VAL A 190 -8.75 -52.52 2.65
C VAL A 190 -8.64 -51.42 3.69
N ASN A 191 -9.80 -50.83 4.02
CA ASN A 191 -9.83 -49.65 4.89
C ASN A 191 -9.97 -50.08 6.35
N THR A 192 -8.92 -50.76 6.83
CA THR A 192 -8.83 -51.18 8.22
C THR A 192 -7.52 -50.68 8.82
N GLY A 193 -7.59 -50.14 10.03
CA GLY A 193 -6.44 -49.88 10.88
C GLY A 193 -5.35 -48.95 10.36
N VAL A 194 -4.17 -49.52 10.15
CA VAL A 194 -3.02 -48.75 9.69
C VAL A 194 -3.25 -48.23 8.27
N ILE A 195 -3.93 -49.01 7.42
CA ILE A 195 -4.28 -48.54 6.09
C ILE A 195 -5.33 -47.43 6.18
N ARG A 196 -6.19 -47.46 7.19
CA ARG A 196 -7.12 -46.35 7.42
C ARG A 196 -6.37 -45.09 7.84
N HIS A 197 -5.32 -45.24 8.65
CA HIS A 197 -4.49 -44.10 9.00
C HIS A 197 -3.73 -43.55 7.79
N VAL A 198 -3.25 -44.45 6.93
CA VAL A 198 -2.60 -44.04 5.68
C VAL A 198 -3.60 -43.32 4.77
N GLY A 199 -4.84 -43.78 4.76
CA GLY A 199 -5.87 -43.10 3.98
C GLY A 199 -6.23 -41.73 4.52
N ASP A 200 -6.26 -41.58 5.85
CA ASP A 200 -6.48 -40.26 6.44
C ASP A 200 -5.31 -39.34 6.13
N ALA A 201 -4.09 -39.88 6.15
CA ALA A 201 -2.91 -39.13 5.76
C ALA A 201 -2.98 -38.68 4.30
N LEU A 202 -3.42 -39.57 3.42
CA LEU A 202 -3.60 -39.20 2.03
C LEU A 202 -4.76 -38.21 1.83
N LYS A 203 -5.77 -38.24 2.69
CA LYS A 203 -6.83 -37.23 2.64
C LYS A 203 -6.27 -35.85 2.98
N ASP A 204 -5.45 -35.79 4.02
CA ASP A 204 -4.74 -34.55 4.33
C ASP A 204 -3.78 -34.14 3.21
N HIS A 205 -3.17 -35.12 2.54
CA HIS A 205 -2.29 -34.86 1.41
C HIS A 205 -3.02 -34.25 0.24
N ALA A 206 -4.21 -34.76 -0.05
CA ALA A 206 -5.04 -34.16 -1.09
C ALA A 206 -5.69 -32.87 -0.60
N SER A 207 -5.60 -32.56 0.69
CA SER A 207 -6.06 -31.25 1.16
C SER A 207 -4.97 -30.18 1.19
N LYS A 208 -3.65 -30.52 1.26
CA LYS A 208 -2.73 -29.40 1.08
C LYS A 208 -1.54 -29.65 0.14
N SER A 209 -1.56 -30.63 -0.76
CA SER A 209 -0.41 -30.77 -1.67
C SER A 209 -0.83 -31.30 -3.06
N ARG A 210 -0.12 -30.85 -4.09
CA ARG A 210 -0.50 -31.24 -5.48
C ARG A 210 0.16 -32.58 -5.89
N GLY A 211 0.45 -33.47 -4.93
CA GLY A 211 0.99 -34.75 -5.26
C GLY A 211 -0.07 -35.73 -5.72
N LYS A 212 0.34 -36.61 -6.61
CA LYS A 212 -0.39 -37.84 -6.90
C LYS A 212 0.49 -38.95 -6.34
N ILE A 213 0.34 -39.22 -5.05
CA ILE A 213 1.20 -40.18 -4.36
C ILE A 213 0.78 -41.58 -4.78
N CYS A 214 1.71 -42.34 -5.32
CA CYS A 214 1.41 -43.67 -5.82
C CYS A 214 1.37 -44.62 -4.63
N THR A 215 0.18 -45.15 -4.34
CA THR A 215 -0.13 -45.83 -3.08
C THR A 215 -0.83 -47.16 -3.39
N ILE A 216 -0.17 -47.99 -4.19
CA ILE A 216 -0.69 -49.28 -4.61
C ILE A 216 -0.92 -50.17 -3.38
N GLY A 217 -2.17 -50.50 -3.12
CA GLY A 217 -2.54 -51.36 -2.01
C GLY A 217 -2.87 -52.75 -2.52
N ILE A 218 -2.48 -53.76 -1.75
CA ILE A 218 -2.69 -55.16 -2.09
C ILE A 218 -3.57 -55.79 -1.04
N ALA A 219 -4.76 -56.22 -1.45
CA ALA A 219 -5.80 -56.72 -0.57
C ALA A 219 -6.30 -58.06 -1.08
N PRO A 220 -6.89 -58.88 -0.22
CA PRO A 220 -7.57 -60.09 -0.73
C PRO A 220 -8.81 -59.72 -1.51
N TRP A 221 -9.02 -60.40 -2.64
CA TRP A 221 -10.20 -60.16 -3.45
C TRP A 221 -11.46 -60.70 -2.78
N GLY A 222 -11.33 -61.74 -1.98
CA GLY A 222 -12.52 -62.31 -1.37
C GLY A 222 -13.06 -61.57 -0.17
N ILE A 223 -12.34 -60.59 0.35
CA ILE A 223 -12.74 -59.92 1.59
C ILE A 223 -13.24 -58.51 1.36
N VAL A 224 -13.18 -58.00 0.15
CA VAL A 224 -13.66 -56.65 -0.13
C VAL A 224 -15.17 -56.70 -0.36
N GLU A 225 -15.89 -55.77 0.29
CA GLU A 225 -17.32 -55.66 0.13
C GLU A 225 -17.68 -55.26 -1.30
N ASN A 226 -18.84 -55.74 -1.74
CA ASN A 226 -19.42 -55.48 -3.07
C ASN A 226 -18.48 -55.98 -4.18
N GLN A 227 -18.23 -57.29 -4.16
CA GLN A 227 -17.38 -57.89 -5.18
C GLN A 227 -18.02 -57.87 -6.56
N GLU A 228 -19.36 -57.92 -6.62
CA GLU A 228 -20.05 -57.85 -7.88
C GLU A 228 -20.01 -56.45 -8.50
N ASP A 229 -19.78 -55.42 -7.68
CA ASP A 229 -19.70 -54.06 -8.19
C ASP A 229 -18.45 -53.81 -9.00
N LEU A 230 -17.39 -54.59 -8.78
CA LEU A 230 -16.10 -54.38 -9.45
C LEU A 230 -15.87 -55.38 -10.57
N ILE A 231 -16.92 -55.81 -11.26
CA ILE A 231 -16.81 -56.77 -12.35
C ILE A 231 -16.87 -56.01 -13.67
N GLY A 232 -15.83 -56.13 -14.47
CA GLY A 232 -15.78 -55.46 -15.75
C GLY A 232 -14.45 -55.71 -16.42
N ARG A 233 -14.35 -55.25 -17.67
CA ARG A 233 -13.13 -55.38 -18.48
C ARG A 233 -12.88 -54.02 -19.13
N ASP A 234 -11.92 -53.27 -18.57
CA ASP A 234 -11.63 -51.87 -18.93
C ASP A 234 -12.88 -51.00 -18.82
N VAL A 235 -13.66 -51.22 -17.76
CA VAL A 235 -14.93 -50.54 -17.55
C VAL A 235 -14.86 -49.78 -16.24
N VAL A 236 -15.23 -48.51 -16.27
CA VAL A 236 -15.27 -47.70 -15.06
C VAL A 236 -16.46 -48.13 -14.22
N ARG A 237 -16.18 -48.69 -13.04
CA ARG A 237 -17.20 -49.20 -12.15
C ARG A 237 -17.31 -48.32 -10.93
N PRO A 238 -18.48 -47.75 -10.63
CA PRO A 238 -18.63 -46.97 -9.41
C PRO A 238 -18.56 -47.86 -8.17
N TYR A 239 -18.07 -47.26 -7.08
CA TYR A 239 -17.90 -47.95 -5.82
C TYR A 239 -18.47 -47.11 -4.70
N GLN A 240 -18.97 -47.78 -3.67
CA GLN A 240 -19.58 -47.12 -2.52
C GLN A 240 -18.61 -47.13 -1.35
N THR A 241 -18.33 -45.95 -0.81
CA THR A 241 -17.45 -45.83 0.35
C THR A 241 -18.15 -46.17 1.66
N MET A 242 -19.48 -46.33 1.64
CA MET A 242 -20.20 -46.75 2.83
C MET A 242 -19.90 -48.20 3.16
N SER A 243 -19.69 -48.48 4.44
CA SER A 243 -19.40 -49.82 4.92
C SER A 243 -20.48 -50.23 5.92
N ASN A 244 -21.09 -51.39 5.69
CA ASN A 244 -22.08 -51.91 6.61
C ASN A 244 -21.38 -52.49 7.83
N PRO A 245 -21.69 -52.02 9.04
CA PRO A 245 -21.06 -52.60 10.24
C PRO A 245 -21.47 -54.02 10.53
N MET A 246 -22.61 -54.48 10.02
CA MET A 246 -23.03 -55.87 10.24
C MET A 246 -22.18 -56.84 9.43
N SER A 247 -21.80 -56.46 8.21
CA SER A 247 -21.01 -57.34 7.37
C SER A 247 -19.57 -57.41 7.86
N LYS A 248 -19.02 -58.63 7.88
CA LYS A 248 -17.62 -58.81 8.27
C LYS A 248 -16.67 -58.33 7.20
N LEU A 249 -17.12 -58.30 5.94
CA LEU A 249 -16.29 -57.79 4.86
C LEU A 249 -16.12 -56.28 4.97
N THR A 250 -14.95 -55.80 4.60
CA THR A 250 -14.62 -54.39 4.68
C THR A 250 -14.44 -53.81 3.29
N VAL A 251 -14.74 -52.53 3.14
CA VAL A 251 -14.58 -51.87 1.86
C VAL A 251 -13.11 -51.51 1.65
N LEU A 252 -12.77 -51.21 0.39
CA LEU A 252 -11.43 -50.73 0.09
C LEU A 252 -11.26 -49.30 0.58
N ASN A 253 -10.01 -48.91 0.76
CA ASN A 253 -9.70 -47.53 1.13
C ASN A 253 -10.03 -46.60 -0.04
N SER A 254 -10.58 -45.43 0.29
CA SER A 254 -11.22 -44.61 -0.72
C SER A 254 -10.21 -43.91 -1.62
N MET A 255 -9.07 -43.48 -1.08
CA MET A 255 -8.12 -42.69 -1.85
C MET A 255 -6.79 -43.39 -2.08
N HIS A 256 -6.82 -44.68 -2.38
CA HIS A 256 -5.64 -45.33 -2.92
C HIS A 256 -5.61 -45.14 -4.43
N SER A 257 -4.44 -45.39 -5.02
CA SER A 257 -4.26 -45.10 -6.43
C SER A 257 -4.37 -46.33 -7.32
N HIS A 258 -3.87 -47.49 -6.86
CA HIS A 258 -3.95 -48.71 -7.64
C HIS A 258 -4.23 -49.87 -6.70
N PHE A 259 -4.72 -50.97 -7.25
CA PHE A 259 -5.08 -52.13 -6.46
C PHE A 259 -4.60 -53.40 -7.15
N ILE A 260 -3.96 -54.29 -6.37
CA ILE A 260 -3.45 -55.60 -6.89
C ILE A 260 -4.26 -56.68 -6.18
N LEU A 261 -5.55 -56.45 -6.00
CA LEU A 261 -6.46 -57.40 -5.36
C LEU A 261 -6.25 -58.83 -5.82
N ALA A 262 -5.87 -59.71 -4.89
CA ALA A 262 -5.40 -61.05 -5.22
C ALA A 262 -6.38 -62.09 -4.70
N ASP A 263 -6.77 -63.02 -5.57
CA ASP A 263 -7.70 -64.08 -5.26
C ASP A 263 -6.96 -65.41 -5.18
N ASN A 264 -7.06 -66.07 -4.02
CA ASN A 264 -6.68 -67.47 -3.91
C ASN A 264 -7.87 -68.39 -4.09
N GLY A 265 -9.05 -67.85 -4.37
CA GLY A 265 -10.26 -68.65 -4.49
C GLY A 265 -11.20 -68.43 -3.33
N THR A 266 -10.66 -68.33 -2.12
CA THR A 266 -11.47 -68.20 -0.93
C THR A 266 -12.00 -66.77 -0.79
N THR A 267 -13.06 -66.64 0.01
CA THR A 267 -13.67 -65.36 0.32
C THR A 267 -13.77 -65.20 1.83
N GLY A 268 -13.58 -63.97 2.30
CA GLY A 268 -13.68 -63.68 3.71
C GLY A 268 -12.48 -64.11 4.54
N LYS A 269 -11.38 -64.50 3.90
CA LYS A 269 -10.20 -64.96 4.62
C LYS A 269 -8.96 -64.25 4.07
N TYR A 270 -8.00 -64.02 4.95
CA TYR A 270 -6.76 -63.35 4.61
C TYR A 270 -5.74 -64.38 4.11
N GLY A 271 -4.48 -63.95 3.99
CA GLY A 271 -3.42 -64.84 3.59
C GLY A 271 -3.29 -65.09 2.11
N ALA A 272 -4.13 -64.45 1.29
CA ALA A 272 -4.08 -64.62 -0.15
C ALA A 272 -3.17 -63.61 -0.82
N GLU A 273 -2.51 -62.75 -0.06
CA GLU A 273 -1.75 -61.65 -0.64
C GLU A 273 -0.36 -61.47 -0.07
N VAL A 274 0.01 -62.14 1.03
CA VAL A 274 1.28 -61.87 1.69
C VAL A 274 2.46 -62.37 0.86
N LYS A 275 2.34 -63.60 0.33
CA LYS A 275 3.41 -64.17 -0.47
C LYS A 275 3.60 -63.44 -1.78
N LEU A 276 2.49 -63.06 -2.42
CA LEU A 276 2.56 -62.31 -3.68
C LEU A 276 3.16 -60.92 -3.46
N ARG A 277 2.79 -60.26 -2.38
CA ARG A 277 3.34 -58.93 -2.08
C ARG A 277 4.83 -59.02 -1.76
N ARG A 278 5.24 -60.03 -0.99
CA ARG A 278 6.66 -60.19 -0.67
C ARG A 278 7.48 -60.52 -1.91
N GLN A 279 6.95 -61.37 -2.79
CA GLN A 279 7.66 -61.69 -4.03
C GLN A 279 7.73 -60.49 -4.97
N LEU A 280 6.68 -59.67 -4.99
CA LEU A 280 6.71 -58.48 -5.84
C LEU A 280 7.67 -57.43 -5.28
N GLU A 281 7.76 -57.31 -3.95
CA GLU A 281 8.75 -56.41 -3.35
C GLU A 281 10.17 -56.88 -3.62
N LYS A 282 10.42 -58.19 -3.53
CA LYS A 282 11.72 -58.73 -3.88
C LYS A 282 12.07 -58.49 -5.35
N HIS A 283 11.09 -58.70 -6.24
CA HIS A 283 11.33 -58.52 -7.66
C HIS A 283 11.55 -57.05 -8.01
N ILE A 284 10.90 -56.13 -7.31
CA ILE A 284 11.17 -54.72 -7.50
C ILE A 284 12.56 -54.37 -7.00
N SER A 285 12.95 -54.92 -5.83
CA SER A 285 14.26 -54.61 -5.26
C SER A 285 15.41 -55.18 -6.08
N LEU A 286 15.16 -56.26 -6.84
CA LEU A 286 16.20 -56.74 -7.76
C LEU A 286 16.39 -55.83 -8.97
N GLN A 287 15.41 -55.00 -9.31
CA GLN A 287 15.57 -54.07 -10.43
C GLN A 287 16.57 -52.97 -10.09
N LYS A 288 17.44 -52.67 -11.05
CA LYS A 288 18.45 -51.65 -10.84
C LYS A 288 17.85 -50.26 -10.95
N ILE A 289 18.35 -49.35 -10.11
CA ILE A 289 17.89 -47.96 -10.12
C ILE A 289 18.55 -47.24 -11.29
N ASN A 290 18.04 -46.06 -11.64
CA ASN A 290 18.48 -45.36 -12.85
C ASN A 290 19.87 -44.75 -12.74
N THR A 291 20.47 -44.70 -11.53
CA THR A 291 21.81 -44.14 -11.40
C THR A 291 22.87 -45.03 -12.04
N ARG A 292 22.61 -46.35 -12.09
CA ARG A 292 23.46 -47.36 -12.74
C ARG A 292 24.86 -47.42 -12.13
N ILE A 293 24.97 -47.12 -10.83
CA ILE A 293 26.26 -47.25 -10.14
C ILE A 293 26.43 -48.65 -9.57
N GLY A 294 25.38 -49.47 -9.57
CA GLY A 294 25.50 -50.84 -9.10
C GLY A 294 24.60 -51.17 -7.92
N GLN A 295 23.47 -50.49 -7.82
CA GLN A 295 22.55 -50.71 -6.72
C GLN A 295 21.13 -50.80 -7.23
N GLY A 296 20.31 -51.60 -6.55
CA GLY A 296 18.89 -51.65 -6.81
C GLY A 296 18.15 -50.57 -6.07
N VAL A 297 16.83 -50.60 -6.18
CA VAL A 297 16.02 -49.60 -5.46
C VAL A 297 15.98 -49.96 -3.98
N PRO A 298 16.00 -48.98 -3.09
CA PRO A 298 15.92 -49.29 -1.66
C PRO A 298 14.50 -49.60 -1.23
N VAL A 299 14.39 -50.47 -0.23
CA VAL A 299 13.11 -50.89 0.32
C VAL A 299 13.14 -50.66 1.82
N VAL A 300 12.15 -49.95 2.33
CA VAL A 300 11.97 -49.74 3.76
C VAL A 300 10.67 -50.43 4.16
N ALA A 301 10.55 -50.71 5.46
CA ALA A 301 9.38 -51.41 6.01
C ALA A 301 8.89 -50.63 7.23
N LEU A 302 7.85 -49.83 7.03
CA LEU A 302 7.25 -49.07 8.12
C LEU A 302 6.24 -49.93 8.87
N ILE A 303 6.37 -49.99 10.19
CA ILE A 303 5.51 -50.80 11.04
C ILE A 303 4.81 -49.88 12.03
N VAL A 304 3.48 -49.93 12.04
CA VAL A 304 2.66 -49.21 13.01
C VAL A 304 1.77 -50.23 13.69
N GLU A 305 1.85 -50.28 15.03
CA GLU A 305 1.15 -51.23 15.89
C GLU A 305 1.50 -52.67 15.50
N GLY A 306 0.59 -53.39 14.84
CA GLY A 306 0.83 -54.75 14.46
C GLY A 306 0.45 -55.74 15.54
N GLY A 307 0.50 -57.02 15.17
CA GLY A 307 0.17 -58.09 16.07
C GLY A 307 1.26 -59.15 16.13
N PRO A 308 0.87 -60.42 16.17
CA PRO A 308 1.87 -61.49 16.18
C PRO A 308 2.62 -61.62 14.86
N ASN A 309 1.93 -61.43 13.75
CA ASN A 309 2.50 -61.77 12.46
C ASN A 309 3.56 -60.75 12.03
N VAL A 310 3.46 -59.51 12.50
CA VAL A 310 4.40 -58.48 12.08
C VAL A 310 5.80 -58.73 12.65
N ILE A 311 5.90 -59.46 13.76
CA ILE A 311 7.21 -59.86 14.25
C ILE A 311 7.86 -60.88 13.32
N SER A 312 7.06 -61.81 12.79
CA SER A 312 7.56 -62.75 11.79
C SER A 312 7.90 -62.04 10.48
N ILE A 313 7.14 -61.00 10.13
CA ILE A 313 7.46 -60.20 8.94
C ILE A 313 8.76 -59.44 9.13
N VAL A 314 8.99 -58.92 10.34
CA VAL A 314 10.25 -58.25 10.66
C VAL A 314 11.41 -59.25 10.61
N LEU A 315 11.19 -60.47 11.12
CA LEU A 315 12.21 -61.52 11.03
C LEU A 315 12.50 -61.90 9.58
N GLU A 316 11.47 -61.94 8.74
CA GLU A 316 11.68 -62.23 7.32
C GLU A 316 12.40 -61.09 6.62
N TYR A 317 12.15 -59.85 7.03
CA TYR A 317 12.81 -58.72 6.41
C TYR A 317 14.27 -58.61 6.81
N LEU A 318 14.56 -58.80 8.11
CA LEU A 318 15.93 -58.66 8.59
C LEU A 318 16.80 -59.82 8.14
N ARG A 319 16.29 -61.03 8.21
CA ARG A 319 17.02 -62.22 7.77
C ARG A 319 16.78 -62.46 6.27
N ASP A 320 17.24 -61.50 5.47
CA ASP A 320 17.06 -61.55 4.03
C ASP A 320 18.33 -61.07 3.34
N THR A 321 18.55 -61.58 2.13
CA THR A 321 19.66 -61.13 1.29
C THR A 321 19.10 -60.49 0.02
N PRO A 322 19.20 -59.16 -0.15
CA PRO A 322 19.79 -58.15 0.74
C PRO A 322 18.88 -57.79 1.92
N PRO A 323 19.45 -57.35 3.03
CA PRO A 323 18.63 -56.98 4.19
C PRO A 323 17.80 -55.73 3.93
N VAL A 324 16.65 -55.67 4.59
CA VAL A 324 15.69 -54.59 4.44
C VAL A 324 15.57 -53.88 5.79
N PRO A 325 15.82 -52.58 5.88
CA PRO A 325 15.65 -51.87 7.14
C PRO A 325 14.18 -51.75 7.52
N VAL A 326 13.94 -51.70 8.82
CA VAL A 326 12.59 -51.65 9.39
C VAL A 326 12.51 -50.43 10.29
N VAL A 327 11.53 -49.57 10.04
CA VAL A 327 11.28 -48.39 10.85
C VAL A 327 9.98 -48.59 11.60
N VAL A 328 10.03 -48.49 12.92
CA VAL A 328 8.84 -48.66 13.75
C VAL A 328 8.49 -47.33 14.39
N CYS A 329 7.26 -47.24 14.88
CA CYS A 329 6.74 -46.04 15.52
C CYS A 329 6.31 -46.37 16.94
N ASP A 330 6.45 -45.39 17.83
CA ASP A 330 6.16 -45.59 19.25
C ASP A 330 4.91 -44.79 19.63
N GLY A 331 4.11 -45.38 20.52
CA GLY A 331 2.89 -44.78 20.99
C GLY A 331 1.63 -45.40 20.41
N SER A 332 1.74 -46.16 19.33
CA SER A 332 0.57 -46.84 18.78
C SER A 332 0.17 -48.03 19.66
N GLY A 333 1.14 -48.80 20.11
CA GLY A 333 0.88 -49.91 21.01
C GLY A 333 1.12 -51.26 20.35
N ARG A 334 0.82 -52.30 21.12
CA ARG A 334 0.85 -53.71 20.74
C ARG A 334 2.27 -54.10 20.35
N ALA A 335 2.52 -54.61 19.14
CA ALA A 335 3.83 -55.16 18.81
C ALA A 335 4.90 -54.09 18.66
N SER A 336 4.50 -52.88 18.23
CA SER A 336 5.47 -51.80 18.09
C SER A 336 5.99 -51.34 19.45
N ASP A 337 5.13 -51.33 20.47
CA ASP A 337 5.56 -50.90 21.79
C ASP A 337 6.46 -51.94 22.45
N ILE A 338 6.18 -53.23 22.25
CA ILE A 338 7.07 -54.25 22.80
C ILE A 338 8.40 -54.28 22.04
N LEU A 339 8.38 -53.95 20.74
CA LEU A 339 9.62 -53.80 19.99
C LEU A 339 10.44 -52.62 20.51
N ALA A 340 9.77 -51.50 20.82
CA ALA A 340 10.46 -50.33 21.36
C ALA A 340 11.02 -50.61 22.75
N PHE A 341 10.24 -51.28 23.61
CA PHE A 341 10.69 -51.62 24.95
C PHE A 341 11.83 -52.63 24.92
N GLY A 342 11.84 -53.52 23.94
CA GLY A 342 13.02 -54.33 23.72
C GLY A 342 14.21 -53.53 23.23
N HIS A 343 13.99 -52.56 22.35
CA HIS A 343 15.08 -51.87 21.69
C HIS A 343 15.80 -50.92 22.63
N LYS A 344 15.05 -50.21 23.49
CA LYS A 344 15.69 -49.40 24.50
C LYS A 344 16.40 -50.25 25.53
N TYR A 345 15.76 -51.34 25.95
CA TYR A 345 16.32 -52.21 26.98
C TYR A 345 16.92 -53.45 26.33
N SER A 346 18.10 -53.28 25.72
CA SER A 346 18.70 -54.35 24.94
C SER A 346 20.16 -54.63 25.24
N GLU A 347 20.92 -53.63 25.72
CA GLU A 347 22.38 -53.70 25.93
C GLU A 347 23.04 -54.09 24.61
N GLU A 348 23.72 -55.23 24.52
CA GLU A 348 24.45 -55.60 23.30
C GLU A 348 23.63 -56.57 22.45
N GLY A 349 22.50 -56.08 21.94
CA GLY A 349 21.66 -56.87 21.06
C GLY A 349 20.94 -58.00 21.75
N GLY A 350 21.38 -59.23 21.48
CA GLY A 350 20.76 -60.39 22.08
C GLY A 350 21.12 -60.66 23.53
N LEU A 351 22.06 -59.89 24.08
CA LEU A 351 22.45 -60.01 25.48
C LEU A 351 21.42 -59.26 26.32
N ILE A 352 20.36 -59.96 26.69
CA ILE A 352 19.29 -59.43 27.52
C ILE A 352 19.27 -60.20 28.83
N ASN A 353 19.27 -59.48 29.95
CA ASN A 353 19.30 -60.13 31.25
C ASN A 353 17.89 -60.63 31.62
N GLU A 354 17.78 -61.21 32.81
CA GLU A 354 16.57 -61.96 33.17
C GLU A 354 15.38 -61.06 33.52
N SER A 355 15.62 -59.91 34.16
CA SER A 355 14.52 -59.10 34.68
C SER A 355 13.71 -58.45 33.55
N LEU A 356 14.40 -57.84 32.58
CA LEU A 356 13.69 -57.31 31.42
C LEU A 356 13.17 -58.41 30.51
N ARG A 357 13.77 -59.60 30.55
CA ARG A 357 13.20 -60.74 29.82
C ARG A 357 11.84 -61.12 30.39
N ASP A 358 11.74 -61.18 31.72
CA ASP A 358 10.45 -61.47 32.35
C ASP A 358 9.46 -60.33 32.19
N GLN A 359 9.96 -59.09 32.16
CA GLN A 359 9.09 -57.95 31.88
C GLN A 359 8.53 -58.01 30.47
N LEU A 360 9.37 -58.40 29.49
CA LEU A 360 8.89 -58.56 28.12
C LEU A 360 7.91 -59.72 28.01
N LEU A 361 8.16 -60.80 28.74
CA LEU A 361 7.23 -61.94 28.74
C LEU A 361 5.88 -61.57 29.34
N VAL A 362 5.87 -60.83 30.46
CA VAL A 362 4.59 -60.49 31.07
C VAL A 362 3.86 -59.43 30.24
N THR A 363 4.59 -58.52 29.57
CA THR A 363 3.90 -57.56 28.70
C THR A 363 3.36 -58.23 27.43
N ILE A 364 4.05 -59.24 26.91
CA ILE A 364 3.51 -60.01 25.80
C ILE A 364 2.26 -60.80 26.24
N GLN A 365 2.33 -61.42 27.41
CA GLN A 365 1.19 -62.20 27.91
C GLN A 365 0.02 -61.30 28.33
N LYS A 366 0.29 -60.04 28.64
CA LYS A 366 -0.76 -59.12 29.07
C LYS A 366 -1.39 -58.37 27.89
N THR A 367 -0.58 -57.75 27.05
CA THR A 367 -1.11 -56.93 25.96
C THR A 367 -1.68 -57.78 24.85
N PHE A 368 -1.06 -58.92 24.56
CA PHE A 368 -1.55 -59.79 23.49
C PHE A 368 -2.47 -60.90 23.98
N THR A 369 -2.53 -61.14 25.30
CA THR A 369 -3.29 -62.19 25.97
C THR A 369 -2.99 -63.59 25.41
N TYR A 370 -1.73 -64.01 25.56
CA TYR A 370 -1.25 -65.35 25.25
C TYR A 370 -0.84 -66.10 26.51
N THR A 371 -0.54 -67.39 26.32
CA THR A 371 -0.10 -68.26 27.38
C THR A 371 1.38 -68.06 27.68
N ARG A 372 1.93 -68.93 28.53
CA ARG A 372 3.35 -68.85 28.87
C ARG A 372 4.22 -69.33 27.72
N THR A 373 3.84 -70.45 27.09
CA THR A 373 4.64 -70.98 25.99
C THR A 373 4.54 -70.11 24.73
N GLN A 374 3.38 -69.52 24.47
CA GLN A 374 3.24 -68.63 23.33
C GLN A 374 4.04 -67.35 23.53
N ALA A 375 4.05 -66.81 24.76
CA ALA A 375 4.89 -65.66 25.07
C ALA A 375 6.36 -65.99 24.99
N GLN A 376 6.75 -67.20 25.41
CA GLN A 376 8.15 -67.64 25.30
C GLN A 376 8.56 -67.77 23.84
N HIS A 377 7.68 -68.32 22.99
CA HIS A 377 7.98 -68.44 21.57
C HIS A 377 8.07 -67.06 20.90
N LEU A 378 7.18 -66.14 21.29
CA LEU A 378 7.25 -64.79 20.75
C LEU A 378 8.51 -64.06 21.22
N PHE A 379 8.96 -64.34 22.44
CA PHE A 379 10.21 -63.75 22.91
C PHE A 379 11.42 -64.35 22.20
N ILE A 380 11.34 -65.64 21.82
CA ILE A 380 12.38 -66.26 21.02
C ILE A 380 12.46 -65.62 19.64
N ILE A 381 11.30 -65.38 19.02
CA ILE A 381 11.26 -64.70 17.72
C ILE A 381 11.74 -63.25 17.87
N LEU A 382 11.43 -62.61 18.99
CA LEU A 382 11.93 -61.26 19.27
C LEU A 382 13.46 -61.23 19.39
N MET A 383 14.04 -62.21 20.08
CA MET A 383 15.50 -62.26 20.20
C MET A 383 16.17 -62.58 18.87
N GLU A 384 15.53 -63.43 18.06
CA GLU A 384 16.03 -63.71 16.72
C GLU A 384 15.97 -62.47 15.82
N CYS A 385 14.94 -61.64 16.01
CA CYS A 385 14.92 -60.32 15.37
C CYS A 385 16.01 -59.42 15.91
N MET A 386 16.25 -59.49 17.23
CA MET A 386 17.07 -58.49 17.90
C MET A 386 18.55 -58.77 17.75
N LYS A 387 18.89 -59.97 17.25
CA LYS A 387 20.26 -60.23 16.81
C LYS A 387 20.71 -59.22 15.76
N LYS A 388 19.81 -58.84 14.84
CA LYS A 388 20.08 -57.77 13.88
C LYS A 388 19.48 -56.45 14.39
N LYS A 389 20.05 -55.95 15.49
CA LYS A 389 19.53 -54.73 16.12
C LYS A 389 19.88 -53.47 15.35
N GLU A 390 20.91 -53.52 14.50
CA GLU A 390 21.39 -52.30 13.84
C GLU A 390 20.43 -51.83 12.76
N LEU A 391 19.68 -52.74 12.15
CA LEU A 391 18.78 -52.37 11.06
C LEU A 391 17.52 -51.69 11.54
N ILE A 392 17.04 -52.06 12.74
CA ILE A 392 15.77 -51.55 13.24
C ILE A 392 15.98 -50.12 13.74
N THR A 393 15.26 -49.19 13.14
CA THR A 393 15.25 -47.79 13.54
C THR A 393 13.94 -47.51 14.25
N VAL A 394 14.02 -47.02 15.48
CA VAL A 394 12.84 -46.79 16.31
C VAL A 394 12.61 -45.29 16.40
N PHE A 395 11.42 -44.87 15.97
CA PHE A 395 10.99 -43.49 16.07
C PHE A 395 10.21 -43.32 17.37
N ARG A 396 10.58 -42.31 18.15
CA ARG A 396 9.92 -42.00 19.41
C ARG A 396 9.28 -40.63 19.32
N MET A 397 8.00 -40.55 19.72
CA MET A 397 7.28 -39.29 19.72
C MET A 397 7.89 -38.32 20.71
N GLY A 398 8.11 -37.08 20.27
CA GLY A 398 8.85 -36.15 21.08
C GLY A 398 10.31 -36.56 21.17
N SER A 399 10.93 -36.19 22.30
CA SER A 399 12.31 -36.51 22.70
C SER A 399 13.34 -36.19 21.63
N GLU A 400 14.37 -37.02 21.51
CA GLU A 400 15.41 -36.86 20.51
C GLU A 400 15.32 -37.91 19.41
N GLY A 401 14.10 -38.34 19.09
CA GLY A 401 13.89 -39.34 18.05
C GLY A 401 13.75 -38.74 16.68
N HIS A 402 14.72 -37.91 16.28
CA HIS A 402 14.83 -37.14 15.04
C HIS A 402 13.71 -36.11 14.82
N GLN A 403 12.74 -36.04 15.73
CA GLN A 403 11.57 -35.13 15.69
C GLN A 403 10.77 -35.21 14.40
N ASP A 404 10.88 -36.31 13.65
CA ASP A 404 10.32 -36.42 12.31
C ASP A 404 10.39 -37.87 11.83
N ILE A 405 9.43 -38.27 11.00
CA ILE A 405 9.43 -39.62 10.45
C ILE A 405 10.53 -39.76 9.39
N ASP A 406 10.74 -38.72 8.59
CA ASP A 406 11.46 -38.88 7.33
C ASP A 406 12.96 -38.89 7.51
N LEU A 407 13.49 -38.15 8.50
CA LEU A 407 14.90 -38.27 8.82
C LEU A 407 15.22 -39.68 9.29
N ALA A 408 14.32 -40.27 10.10
CA ALA A 408 14.48 -41.64 10.53
C ALA A 408 14.43 -42.61 9.35
N ILE A 409 13.48 -42.40 8.43
CA ILE A 409 13.30 -43.30 7.29
C ILE A 409 14.52 -43.24 6.36
N LEU A 410 14.95 -42.04 6.01
CA LEU A 410 16.04 -41.90 5.05
C LEU A 410 17.39 -42.27 5.65
N THR A 411 17.59 -41.97 6.95
CA THR A 411 18.80 -42.43 7.63
C THR A 411 18.83 -43.96 7.73
N ALA A 412 17.67 -44.57 8.00
CA ALA A 412 17.59 -46.03 8.03
C ALA A 412 17.88 -46.63 6.68
N LEU A 413 17.41 -46.00 5.59
CA LEU A 413 17.74 -46.46 4.26
C LEU A 413 19.23 -46.32 3.96
N LEU A 414 19.84 -45.21 4.41
CA LEU A 414 21.25 -44.98 4.13
C LEU A 414 22.15 -45.97 4.86
N LYS A 415 21.87 -46.28 6.12
CA LYS A 415 22.70 -47.28 6.79
C LYS A 415 22.17 -48.70 6.64
N GLY A 416 21.04 -48.89 5.94
CA GLY A 416 20.61 -50.22 5.59
C GLY A 416 21.20 -50.63 4.27
N ALA A 417 21.47 -49.64 3.41
CA ALA A 417 22.30 -49.89 2.25
C ALA A 417 23.71 -50.27 2.67
N ASN A 418 24.27 -49.53 3.64
CA ASN A 418 25.57 -49.79 4.29
C ASN A 418 26.73 -49.79 3.28
N ALA A 419 26.56 -49.08 2.18
CA ALA A 419 27.54 -49.05 1.11
C ALA A 419 28.43 -47.83 1.26
N SER A 420 29.23 -47.55 0.23
CA SER A 420 30.11 -46.40 0.24
C SER A 420 29.31 -45.10 0.11
N ALA A 421 29.97 -44.00 0.47
CA ALA A 421 29.37 -42.68 0.32
C ALA A 421 29.05 -42.27 -1.13
N PRO A 422 29.76 -42.73 -2.19
CA PRO A 422 29.20 -42.54 -3.54
C PRO A 422 27.82 -43.14 -3.74
N ASP A 423 27.56 -44.31 -3.15
CA ASP A 423 26.25 -44.94 -3.31
C ASP A 423 25.17 -44.17 -2.57
N GLN A 424 25.48 -43.70 -1.37
CA GLN A 424 24.54 -42.87 -0.63
C GLN A 424 24.30 -41.54 -1.33
N LEU A 425 25.35 -40.97 -1.93
CA LEU A 425 25.20 -39.73 -2.68
C LEU A 425 24.35 -39.91 -3.92
N SER A 426 24.50 -41.04 -4.62
CA SER A 426 23.67 -41.30 -5.79
C SER A 426 22.23 -41.56 -5.39
N LEU A 427 22.01 -42.20 -4.24
CA LEU A 427 20.64 -42.38 -3.73
C LEU A 427 20.00 -41.05 -3.37
N ALA A 428 20.75 -40.16 -2.72
CA ALA A 428 20.21 -38.84 -2.38
C ALA A 428 19.99 -38.00 -3.62
N LEU A 429 20.82 -38.17 -4.64
CA LEU A 429 20.62 -37.50 -5.91
C LEU A 429 19.36 -37.99 -6.62
N ALA A 430 19.12 -39.30 -6.56
CA ALA A 430 17.89 -39.84 -7.15
C ALA A 430 16.66 -39.38 -6.40
N TRP A 431 16.74 -39.27 -5.07
CA TRP A 431 15.60 -38.81 -4.29
C TRP A 431 15.43 -37.31 -4.32
N ASN A 432 16.38 -36.57 -4.88
CA ASN A 432 16.41 -35.10 -4.90
C ASN A 432 16.34 -34.51 -3.49
N ARG A 433 17.15 -35.07 -2.59
CA ARG A 433 17.21 -34.64 -1.19
C ARG A 433 18.60 -34.11 -0.91
N VAL A 434 18.78 -32.81 -1.14
CA VAL A 434 20.05 -32.17 -0.84
C VAL A 434 20.27 -32.07 0.66
N ASP A 435 19.19 -31.93 1.43
CA ASP A 435 19.29 -31.67 2.86
C ASP A 435 19.82 -32.89 3.62
N ILE A 436 19.28 -34.08 3.29
CA ILE A 436 19.75 -35.29 3.95
C ILE A 436 21.18 -35.61 3.53
N ALA A 437 21.56 -35.25 2.30
CA ALA A 437 22.94 -35.45 1.85
C ALA A 437 23.90 -34.56 2.61
N ARG A 438 23.51 -33.31 2.84
CA ARG A 438 24.32 -32.38 3.62
C ARG A 438 24.43 -32.81 5.08
N SER A 439 23.33 -33.27 5.67
CA SER A 439 23.36 -33.57 7.10
C SER A 439 23.84 -34.99 7.43
N GLN A 440 23.90 -35.90 6.47
CA GLN A 440 24.44 -37.22 6.74
C GLN A 440 25.67 -37.58 5.90
N ILE A 441 25.59 -37.44 4.58
CA ILE A 441 26.67 -37.95 3.73
C ILE A 441 27.91 -37.08 3.84
N PHE A 442 27.73 -35.77 3.98
CA PHE A 442 28.84 -34.83 4.03
C PHE A 442 29.17 -34.42 5.45
N ILE A 443 29.09 -35.36 6.39
CA ILE A 443 29.46 -35.12 7.78
C ILE A 443 30.98 -35.08 7.90
N TYR A 444 31.48 -34.61 9.03
CA TYR A 444 32.92 -34.46 9.23
C TYR A 444 33.59 -35.81 9.34
N GLY A 445 34.78 -35.92 8.75
CA GLY A 445 35.52 -37.17 8.77
C GLY A 445 35.07 -38.18 7.75
N GLN A 446 34.22 -37.80 6.80
CA GLN A 446 33.71 -38.75 5.81
C GLN A 446 34.78 -39.05 4.77
N GLN A 447 35.13 -40.31 4.63
CA GLN A 447 36.13 -40.70 3.63
C GLN A 447 35.53 -40.67 2.24
N TRP A 448 36.31 -40.18 1.27
CA TRP A 448 35.85 -40.05 -0.10
C TRP A 448 36.82 -40.71 -1.06
N PRO A 449 36.33 -41.58 -1.95
CA PRO A 449 37.22 -42.15 -2.98
C PRO A 449 37.66 -41.10 -3.98
N VAL A 450 38.83 -41.34 -4.58
CA VAL A 450 39.37 -40.40 -5.55
C VAL A 450 38.63 -40.56 -6.86
N GLY A 451 38.09 -39.45 -7.36
CA GLY A 451 37.35 -39.45 -8.62
C GLY A 451 35.87 -39.70 -8.49
N SER A 452 35.39 -40.06 -7.31
CA SER A 452 33.96 -40.32 -7.14
C SER A 452 33.16 -39.02 -7.07
N LEU A 453 33.74 -37.97 -6.48
CA LEU A 453 33.03 -36.70 -6.35
C LEU A 453 32.80 -36.05 -7.70
N GLU A 454 33.75 -36.18 -8.62
CA GLU A 454 33.58 -35.63 -9.96
C GLU A 454 32.53 -36.41 -10.76
N GLN A 455 32.46 -37.73 -10.54
CA GLN A 455 31.40 -38.53 -11.14
C GLN A 455 30.03 -38.14 -10.61
N ALA A 456 29.95 -37.88 -9.31
CA ALA A 456 28.70 -37.38 -8.73
C ALA A 456 28.35 -36.00 -9.24
N MET A 457 29.37 -35.17 -9.51
CA MET A 457 29.15 -33.84 -10.09
C MET A 457 28.55 -33.97 -11.49
N LEU A 458 29.09 -34.89 -12.30
CA LEU A 458 28.55 -35.15 -13.63
C LEU A 458 27.11 -35.65 -13.57
N ASP A 459 26.83 -36.56 -12.63
CA ASP A 459 25.48 -37.10 -12.48
C ASP A 459 24.50 -36.04 -12.00
N ALA A 460 24.95 -35.13 -11.14
CA ALA A 460 24.09 -34.03 -10.71
C ALA A 460 23.86 -33.03 -11.82
N LEU A 461 24.85 -32.82 -12.68
CA LEU A 461 24.70 -31.87 -13.78
C LEU A 461 23.74 -32.39 -14.84
N VAL A 462 23.83 -33.68 -15.18
CA VAL A 462 22.96 -34.21 -16.23
C VAL A 462 21.51 -34.34 -15.78
N LEU A 463 21.25 -34.39 -14.47
CA LEU A 463 19.89 -34.55 -13.96
C LEU A 463 19.25 -33.24 -13.54
N ASP A 464 19.93 -32.11 -13.73
CA ASP A 464 19.45 -30.76 -13.42
C ASP A 464 19.13 -30.61 -11.93
N ARG A 465 20.15 -30.78 -11.10
CA ARG A 465 20.02 -30.63 -9.65
C ARG A 465 20.90 -29.46 -9.22
N VAL A 466 20.27 -28.31 -8.99
CA VAL A 466 20.99 -27.08 -8.68
C VAL A 466 21.67 -27.17 -7.32
N ASP A 467 20.92 -27.63 -6.31
CA ASP A 467 21.42 -27.61 -4.95
C ASP A 467 22.49 -28.67 -4.73
N PHE A 468 22.45 -29.77 -5.49
CA PHE A 468 23.52 -30.76 -5.38
C PHE A 468 24.81 -30.25 -6.00
N VAL A 469 24.72 -29.47 -7.09
CA VAL A 469 25.91 -28.83 -7.65
C VAL A 469 26.47 -27.81 -6.67
N LYS A 470 25.59 -27.05 -6.00
CA LYS A 470 26.04 -26.12 -4.97
C LYS A 470 26.73 -26.82 -3.82
N LEU A 471 26.17 -27.95 -3.38
CA LEU A 471 26.73 -28.70 -2.27
C LEU A 471 28.07 -29.33 -2.63
N LEU A 472 28.18 -29.86 -3.85
CA LEU A 472 29.43 -30.47 -4.28
C LEU A 472 30.51 -29.42 -4.49
N ILE A 473 30.14 -28.24 -5.00
CA ILE A 473 31.11 -27.16 -5.17
C ILE A 473 31.58 -26.65 -3.81
N GLU A 474 30.65 -26.49 -2.86
CA GLU A 474 31.02 -26.10 -1.51
C GLU A 474 31.78 -27.18 -0.77
N ASN A 475 31.71 -28.44 -1.21
CA ASN A 475 32.42 -29.53 -0.59
C ASN A 475 33.64 -29.98 -1.40
N GLY A 476 34.34 -29.05 -2.04
CA GLY A 476 35.68 -29.28 -2.53
C GLY A 476 35.82 -29.49 -4.03
N VAL A 477 34.73 -29.79 -4.73
CA VAL A 477 34.83 -30.03 -6.17
C VAL A 477 34.98 -28.70 -6.88
N SER A 478 36.01 -28.59 -7.71
CA SER A 478 36.33 -27.37 -8.44
C SER A 478 36.02 -27.57 -9.91
N MET A 479 35.50 -26.52 -10.55
CA MET A 479 35.10 -26.62 -11.94
C MET A 479 36.28 -26.68 -12.88
N HIS A 480 37.41 -26.08 -12.50
CA HIS A 480 38.56 -26.02 -13.40
C HIS A 480 39.22 -27.39 -13.54
N ARG A 481 39.30 -28.14 -12.45
CA ARG A 481 39.87 -29.48 -12.52
C ARG A 481 38.87 -30.52 -13.00
N PHE A 482 37.58 -30.19 -13.07
CA PHE A 482 36.57 -31.17 -13.47
C PHE A 482 36.24 -31.09 -14.95
N LEU A 483 35.88 -29.91 -15.44
CA LEU A 483 35.31 -29.79 -16.79
C LEU A 483 36.38 -30.00 -17.84
N THR A 484 36.19 -31.02 -18.66
CA THR A 484 37.05 -31.33 -19.80
C THR A 484 36.24 -31.22 -21.08
N ILE A 485 36.90 -31.50 -22.20
CA ILE A 485 36.21 -31.48 -23.48
C ILE A 485 35.25 -32.65 -23.60
N SER A 486 35.69 -33.84 -23.18
CA SER A 486 34.86 -35.04 -23.28
C SER A 486 33.68 -34.98 -22.32
N ARG A 487 33.90 -34.45 -21.11
CA ARG A 487 32.80 -34.29 -20.17
C ARG A 487 31.78 -33.27 -20.65
N LEU A 488 32.25 -32.18 -21.28
CA LEU A 488 31.33 -31.19 -21.84
C LEU A 488 30.56 -31.76 -23.02
N GLU A 489 31.21 -32.60 -23.83
CA GLU A 489 30.53 -33.25 -24.94
C GLU A 489 29.48 -34.25 -24.43
N GLU A 490 29.79 -34.94 -23.33
CA GLU A 490 28.81 -35.83 -22.71
C GLU A 490 27.65 -35.04 -22.12
N LEU A 491 27.93 -33.85 -21.57
CA LEU A 491 26.86 -32.98 -21.09
C LEU A 491 25.99 -32.50 -22.23
N TYR A 492 26.59 -32.20 -23.38
CA TYR A 492 25.84 -31.77 -24.55
C TYR A 492 25.10 -32.91 -25.23
N ASN A 493 25.38 -34.16 -24.85
CA ASN A 493 24.69 -35.30 -25.44
C ASN A 493 23.84 -36.05 -24.43
N THR A 494 23.53 -35.43 -23.29
CA THR A 494 22.72 -36.09 -22.29
C THR A 494 21.26 -36.12 -22.73
N ARG A 495 20.49 -37.00 -22.10
CA ARG A 495 19.09 -37.17 -22.41
C ARG A 495 18.19 -37.04 -21.19
N HIS A 496 18.74 -36.97 -19.98
CA HIS A 496 17.95 -36.77 -18.78
C HIS A 496 17.58 -35.30 -18.64
N GLY A 497 16.90 -34.96 -17.55
CA GLY A 497 16.50 -33.60 -17.29
C GLY A 497 15.39 -33.13 -18.20
N PRO A 498 15.16 -31.82 -18.24
CA PRO A 498 14.06 -31.29 -19.05
C PRO A 498 14.37 -31.34 -20.54
N SER A 499 13.33 -31.06 -21.33
CA SER A 499 13.43 -31.07 -22.78
C SER A 499 14.14 -29.81 -23.27
N ASN A 500 14.56 -29.85 -24.53
CA ASN A 500 15.30 -28.75 -25.12
C ASN A 500 15.09 -28.75 -26.62
N THR A 501 15.44 -27.62 -27.25
CA THR A 501 15.35 -27.46 -28.69
C THR A 501 16.72 -27.45 -29.35
N LEU A 502 17.73 -28.03 -28.68
CA LEU A 502 19.09 -28.03 -29.23
C LEU A 502 19.22 -28.92 -30.44
N TYR A 503 18.48 -30.04 -30.47
CA TYR A 503 18.59 -30.98 -31.59
C TYR A 503 18.06 -30.38 -32.88
N HIS A 504 17.01 -29.56 -32.78
CA HIS A 504 16.51 -28.84 -33.95
C HIS A 504 17.55 -27.85 -34.49
N LEU A 505 18.25 -27.16 -33.59
CA LEU A 505 19.30 -26.22 -34.00
C LEU A 505 20.47 -26.94 -34.65
N VAL A 506 20.88 -28.08 -34.09
CA VAL A 506 21.96 -28.86 -34.68
C VAL A 506 21.56 -29.39 -36.05
N ARG A 507 20.30 -29.84 -36.19
CA ARG A 507 19.81 -30.30 -37.49
C ARG A 507 19.77 -29.17 -38.51
N ASP A 508 19.36 -27.97 -38.08
CA ASP A 508 19.29 -26.83 -39.00
C ASP A 508 20.67 -26.37 -39.45
N VAL A 509 21.64 -26.32 -38.53
CA VAL A 509 22.97 -25.89 -38.94
C VAL A 509 23.69 -26.98 -39.72
N LYS A 510 23.33 -28.24 -39.51
CA LYS A 510 23.89 -29.31 -40.34
C LYS A 510 23.27 -29.28 -41.74
N LYS A 511 22.00 -28.92 -41.84
CA LYS A 511 21.37 -28.76 -43.14
C LYS A 511 21.92 -27.56 -43.89
N ARG A 512 22.20 -26.46 -43.18
CA ARG A 512 22.75 -25.28 -43.81
C ARG A 512 24.22 -25.48 -44.21
N GLU A 513 24.98 -26.21 -43.38
CA GLU A 513 26.39 -26.42 -43.68
C GLU A 513 26.59 -27.41 -44.82
N TYR A 514 25.82 -28.51 -44.80
CA TYR A 514 25.93 -29.57 -45.81
C TYR A 514 24.56 -29.84 -46.39
N PRO A 515 24.12 -29.05 -47.39
CA PRO A 515 22.81 -29.24 -48.02
C PRO A 515 22.74 -30.52 -48.86
N LYS A 523 22.26 -36.51 -45.59
CA LYS A 523 22.09 -35.19 -45.00
C LYS A 523 20.66 -35.00 -44.51
N GLY A 524 20.29 -33.74 -44.27
CA GLY A 524 18.96 -33.44 -43.79
C GLY A 524 18.77 -33.78 -42.32
N ASN A 525 17.92 -34.77 -42.05
CA ASN A 525 17.70 -35.20 -40.67
C ASN A 525 18.91 -35.94 -40.12
N LEU A 526 19.23 -35.66 -38.86
CA LEU A 526 20.34 -36.34 -38.21
C LEU A 526 19.97 -37.78 -37.90
N PRO A 527 20.97 -38.68 -37.85
CA PRO A 527 20.71 -40.03 -37.35
C PRO A 527 20.35 -39.99 -35.88
N PRO A 528 19.55 -40.96 -35.40
CA PRO A 528 19.23 -41.01 -33.96
C PRO A 528 20.43 -41.23 -33.07
N ASP A 529 21.42 -42.01 -33.52
CA ASP A 529 22.64 -42.25 -32.75
C ASP A 529 23.75 -41.26 -33.14
N TYR A 530 23.42 -39.97 -33.11
CA TYR A 530 24.37 -38.93 -33.47
C TYR A 530 24.96 -38.30 -32.22
N ARG A 531 26.28 -38.30 -32.13
CA ARG A 531 26.99 -37.64 -31.05
C ARG A 531 27.28 -36.21 -31.49
N ILE A 532 26.67 -35.24 -30.81
CA ILE A 532 26.82 -33.84 -31.18
C ILE A 532 28.20 -33.38 -30.72
N SER A 533 29.06 -33.04 -31.67
CA SER A 533 30.39 -32.54 -31.32
C SER A 533 30.31 -31.09 -30.88
N LEU A 534 31.41 -30.62 -30.27
CA LEU A 534 31.47 -29.24 -29.82
C LEU A 534 31.55 -28.27 -31.00
N ILE A 535 32.01 -28.75 -32.15
CA ILE A 535 32.08 -27.92 -33.35
C ILE A 535 30.68 -27.57 -33.85
N ASP A 536 29.76 -28.54 -33.77
CA ASP A 536 28.38 -28.28 -34.15
C ASP A 536 27.72 -27.31 -33.17
N ILE A 537 28.08 -27.40 -31.89
CA ILE A 537 27.61 -26.45 -30.89
C ILE A 537 28.15 -25.05 -31.20
N GLY A 538 29.41 -24.96 -31.63
CA GLY A 538 29.96 -23.67 -32.04
C GLY A 538 29.26 -23.09 -33.26
N LEU A 539 28.88 -23.94 -34.20
CA LEU A 539 28.09 -23.48 -35.35
C LEU A 539 26.72 -23.00 -34.93
N VAL A 540 26.12 -23.66 -33.93
CA VAL A 540 24.83 -23.21 -33.38
C VAL A 540 24.97 -21.84 -32.73
N ILE A 541 26.05 -21.63 -31.97
CA ILE A 541 26.27 -20.33 -31.32
C ILE A 541 26.56 -19.25 -32.35
N GLU A 542 27.31 -19.58 -33.41
CA GLU A 542 27.55 -18.62 -34.48
C GLU A 542 26.27 -18.24 -35.21
N TYR A 543 25.38 -19.22 -35.41
CA TYR A 543 24.12 -18.92 -36.10
C TYR A 543 23.19 -18.10 -35.22
N LEU A 544 23.09 -18.44 -33.93
CA LEU A 544 22.16 -17.74 -33.05
C LEU A 544 22.64 -16.34 -32.70
N MET A 545 23.96 -16.19 -32.51
CA MET A 545 24.53 -14.88 -32.15
C MET A 545 24.33 -13.90 -33.32
N GLY A 546 24.57 -14.36 -34.55
CA GLY A 546 24.38 -13.52 -35.71
C GLY A 546 25.54 -12.57 -35.93
N GLY A 547 25.45 -11.86 -37.05
CA GLY A 547 26.48 -10.88 -37.39
C GLY A 547 27.80 -11.55 -37.74
N ALA A 548 28.89 -10.94 -37.29
CA ALA A 548 30.24 -11.47 -37.51
C ALA A 548 30.76 -12.20 -36.28
N TYR A 549 29.88 -12.84 -35.52
CA TYR A 549 30.30 -13.58 -34.33
C TYR A 549 31.03 -14.85 -34.75
N ARG A 550 32.07 -15.17 -34.00
CA ARG A 550 32.88 -16.37 -34.25
C ARG A 550 33.14 -17.04 -32.91
N CYS A 551 32.48 -18.16 -32.66
CA CYS A 551 32.64 -18.89 -31.41
C CYS A 551 34.05 -19.50 -31.35
N ASN A 552 34.54 -19.66 -30.12
CA ASN A 552 35.87 -20.24 -29.91
C ASN A 552 35.95 -21.70 -30.33
N TYR A 553 34.82 -22.39 -30.43
CA TYR A 553 34.82 -23.78 -30.85
C TYR A 553 35.23 -23.91 -32.32
N THR A 554 34.76 -23.00 -33.16
CA THR A 554 34.99 -23.10 -34.60
C THR A 554 36.32 -22.53 -35.04
N ARG A 555 37.11 -21.94 -34.13
CA ARG A 555 38.41 -21.43 -34.49
C ARG A 555 39.39 -22.58 -34.73
N LYS A 556 40.50 -22.27 -35.41
CA LYS A 556 41.41 -23.31 -35.87
C LYS A 556 42.15 -23.98 -34.72
N ARG A 557 42.39 -23.25 -33.62
CA ARG A 557 43.04 -23.84 -32.45
C ARG A 557 42.18 -24.94 -31.84
N PHE A 558 40.87 -24.69 -31.71
CA PHE A 558 39.99 -25.68 -31.11
C PHE A 558 39.76 -26.86 -32.04
N ARG A 559 39.70 -26.62 -33.34
CA ARG A 559 39.55 -27.73 -34.28
C ARG A 559 40.82 -28.58 -34.33
N THR A 560 41.98 -27.95 -34.21
CA THR A 560 43.23 -28.69 -34.14
C THR A 560 43.30 -29.52 -32.85
N LEU A 561 42.86 -28.95 -31.73
CA LEU A 561 42.82 -29.70 -30.47
C LEU A 561 41.78 -30.82 -30.53
N TYR A 562 40.68 -30.62 -31.26
CA TYR A 562 39.67 -31.65 -31.40
C TYR A 562 40.15 -32.81 -32.25
N HIS A 563 40.86 -32.50 -33.35
CA HIS A 563 41.36 -33.57 -34.20
C HIS A 563 42.51 -34.33 -33.56
N ASN A 564 43.31 -33.67 -32.73
CA ASN A 564 44.46 -34.28 -32.10
C ASN A 564 44.13 -35.00 -30.80
N LEU A 565 42.87 -34.94 -30.34
CA LEU A 565 42.48 -35.60 -29.10
C LEU A 565 41.20 -36.41 -29.24
N PHE A 566 40.58 -36.44 -30.40
CA PHE A 566 39.35 -37.20 -30.60
C PHE A 566 39.22 -37.66 -32.04
N GLU A 607 46.97 -30.20 -19.00
CA GLU A 607 45.86 -29.28 -18.80
C GLU A 607 45.45 -28.62 -20.11
N ILE A 608 45.83 -29.26 -21.22
CA ILE A 608 45.46 -28.72 -22.53
C ILE A 608 43.97 -28.88 -22.78
N ASN A 609 43.38 -30.00 -22.35
CA ASN A 609 41.97 -30.27 -22.56
C ASN A 609 41.07 -29.58 -21.55
N HIS A 610 41.63 -28.92 -20.54
CA HIS A 610 40.82 -28.21 -19.57
C HIS A 610 40.49 -26.81 -20.08
N PHE A 611 39.32 -26.32 -19.69
CA PHE A 611 38.89 -24.98 -20.11
C PHE A 611 39.42 -23.93 -19.14
N PRO A 612 39.97 -22.82 -19.64
CA PRO A 612 40.43 -21.75 -18.74
C PRO A 612 39.28 -21.06 -18.02
N PHE A 613 38.12 -20.96 -18.66
CA PHE A 613 36.94 -20.32 -18.07
C PHE A 613 35.79 -21.32 -18.18
N PRO A 614 35.73 -22.31 -17.29
CA PRO A 614 34.73 -23.38 -17.45
C PRO A 614 33.30 -22.91 -17.22
N PHE A 615 33.12 -21.86 -16.43
CA PHE A 615 31.78 -21.36 -16.18
C PHE A 615 31.18 -20.68 -17.40
N HIS A 616 32.01 -20.20 -18.33
CA HIS A 616 31.52 -19.70 -19.61
C HIS A 616 30.85 -20.80 -20.41
N GLU A 617 31.53 -21.94 -20.54
CA GLU A 617 31.01 -23.08 -21.27
C GLU A 617 29.78 -23.65 -20.59
N LEU A 618 29.79 -23.69 -19.25
CA LEU A 618 28.65 -24.19 -18.52
C LEU A 618 27.45 -23.26 -18.64
N MET A 619 27.70 -21.95 -18.66
CA MET A 619 26.64 -20.97 -18.91
C MET A 619 26.02 -21.15 -20.29
N VAL A 620 26.85 -21.31 -21.32
CA VAL A 620 26.33 -21.48 -22.67
C VAL A 620 25.55 -22.79 -22.80
N TRP A 621 26.07 -23.87 -22.19
CA TRP A 621 25.39 -25.16 -22.23
C TRP A 621 24.08 -25.14 -21.46
N ALA A 622 24.04 -24.43 -20.33
CA ALA A 622 22.80 -24.32 -19.57
C ALA A 622 21.77 -23.47 -20.29
N VAL A 623 22.21 -22.44 -21.01
CA VAL A 623 21.27 -21.63 -21.78
C VAL A 623 20.72 -22.41 -22.97
N LEU A 624 21.58 -23.20 -23.63
CA LEU A 624 21.18 -23.91 -24.84
C LEU A 624 20.12 -24.98 -24.57
N MET A 625 20.27 -25.74 -23.49
CA MET A 625 19.27 -26.74 -23.13
C MET A 625 18.23 -26.25 -22.13
N LYS A 626 18.04 -24.92 -22.02
CA LYS A 626 16.86 -24.32 -21.40
C LYS A 626 16.75 -24.65 -19.90
N ARG A 627 17.89 -24.77 -19.23
CA ARG A 627 17.93 -25.04 -17.80
C ARG A 627 18.20 -23.70 -17.12
N GLN A 628 17.12 -23.02 -16.73
CA GLN A 628 17.23 -21.62 -16.33
C GLN A 628 17.89 -21.46 -14.97
N LYS A 629 17.52 -22.31 -14.00
CA LYS A 629 18.07 -22.16 -12.65
C LYS A 629 19.56 -22.49 -12.62
N MET A 630 19.98 -23.49 -13.40
CA MET A 630 21.40 -23.81 -13.51
C MET A 630 22.17 -22.71 -14.24
N ALA A 631 21.52 -22.06 -15.22
CA ALA A 631 22.13 -20.91 -15.88
C ALA A 631 22.29 -19.73 -14.93
N LEU A 632 21.30 -19.48 -14.08
CA LEU A 632 21.42 -18.40 -13.11
C LEU A 632 22.45 -18.72 -12.03
N PHE A 633 22.62 -20.00 -11.71
CA PHE A 633 23.70 -20.37 -10.80
C PHE A 633 25.06 -20.16 -11.44
N PHE A 634 25.20 -20.56 -12.70
CA PHE A 634 26.48 -20.41 -13.38
C PHE A 634 26.79 -18.98 -13.74
N TRP A 635 25.79 -18.10 -13.75
CA TRP A 635 26.06 -16.68 -13.97
C TRP A 635 26.79 -16.09 -12.77
N GLN A 636 26.47 -16.57 -11.57
CA GLN A 636 27.03 -15.99 -10.36
C GLN A 636 28.51 -16.33 -10.21
N HIS A 637 28.90 -17.55 -10.59
CA HIS A 637 30.25 -18.03 -10.38
C HIS A 637 31.05 -17.84 -11.64
N GLY A 638 32.23 -17.25 -11.50
CA GLY A 638 33.10 -16.97 -12.64
C GLY A 638 33.15 -15.48 -12.94
N GLU A 639 34.08 -15.13 -13.83
CA GLU A 639 34.28 -13.76 -14.25
C GLU A 639 33.55 -13.47 -15.55
N GLU A 640 33.62 -12.20 -15.96
CA GLU A 640 32.93 -11.66 -17.14
C GLU A 640 31.42 -11.90 -17.06
N ALA A 641 30.84 -11.40 -15.96
CA ALA A 641 29.44 -11.68 -15.66
C ALA A 641 28.51 -10.92 -16.59
N MET A 642 28.81 -9.64 -16.87
CA MET A 642 27.91 -8.85 -17.71
C MET A 642 27.93 -9.31 -19.16
N ALA A 643 29.10 -9.72 -19.65
CA ALA A 643 29.20 -10.31 -20.98
C ALA A 643 28.42 -11.61 -21.06
N LYS A 644 28.49 -12.43 -20.00
CA LYS A 644 27.72 -13.67 -19.96
C LYS A 644 26.23 -13.40 -19.95
N ALA A 645 25.80 -12.37 -19.21
CA ALA A 645 24.38 -12.03 -19.15
C ALA A 645 23.86 -11.53 -20.49
N LEU A 646 24.64 -10.69 -21.18
CA LEU A 646 24.20 -10.17 -22.47
C LEU A 646 24.21 -11.25 -23.54
N VAL A 647 25.22 -12.13 -23.52
CA VAL A 647 25.27 -13.25 -24.45
C VAL A 647 24.09 -14.20 -24.21
N ALA A 648 23.76 -14.45 -22.94
CA ALA A 648 22.63 -15.31 -22.63
C ALA A 648 21.31 -14.68 -23.04
N CYS A 649 21.20 -13.35 -22.91
CA CYS A 649 20.00 -12.65 -23.35
C CYS A 649 19.81 -12.76 -24.85
N LYS A 650 20.88 -12.54 -25.62
CA LYS A 650 20.78 -12.65 -27.08
C LYS A 650 20.53 -14.09 -27.51
N LEU A 651 21.16 -15.06 -26.84
CA LEU A 651 20.95 -16.46 -27.19
C LEU A 651 19.51 -16.90 -26.90
N CYS A 652 18.96 -16.47 -25.76
CA CYS A 652 17.59 -16.84 -25.43
C CYS A 652 16.59 -16.18 -26.37
N LYS A 653 16.84 -14.92 -26.76
CA LYS A 653 15.97 -14.26 -27.73
C LYS A 653 16.04 -14.93 -29.10
N ALA A 654 17.25 -15.32 -29.54
CA ALA A 654 17.39 -15.97 -30.83
C ALA A 654 16.77 -17.36 -30.83
N MET A 655 16.89 -18.10 -29.72
CA MET A 655 16.25 -19.40 -29.63
C MET A 655 14.74 -19.28 -29.56
N ALA A 656 14.23 -18.22 -28.92
CA ALA A 656 12.79 -17.96 -28.94
C ALA A 656 12.30 -17.66 -30.35
N HIS A 657 13.06 -16.87 -31.10
CA HIS A 657 12.67 -16.55 -32.48
C HIS A 657 12.72 -17.78 -33.37
N GLU A 658 13.73 -18.64 -33.18
CA GLU A 658 13.83 -19.86 -33.96
C GLU A 658 12.73 -20.86 -33.59
N ALA A 659 12.34 -20.91 -32.31
CA ALA A 659 11.27 -21.79 -31.89
C ALA A 659 9.93 -21.30 -32.43
N SER A 660 9.73 -19.99 -32.49
CA SER A 660 8.52 -19.46 -33.11
C SER A 660 8.52 -19.68 -34.62
N GLU A 661 9.70 -19.62 -35.26
CA GLU A 661 9.76 -19.77 -36.71
C GLU A 661 9.56 -21.22 -37.15
N ASN A 662 9.97 -22.19 -36.34
CA ASN A 662 9.88 -23.60 -36.69
C ASN A 662 8.56 -24.23 -36.29
N ASP A 663 7.58 -23.43 -35.87
CA ASP A 663 6.23 -23.86 -35.50
C ASP A 663 6.25 -24.87 -34.36
N MET A 664 7.11 -24.63 -33.37
CA MET A 664 7.19 -25.48 -32.19
C MET A 664 6.11 -25.08 -31.19
N VAL A 665 6.22 -25.57 -29.96
CA VAL A 665 5.28 -25.21 -28.92
C VAL A 665 5.51 -23.76 -28.51
N ASP A 666 4.41 -22.99 -28.42
CA ASP A 666 4.52 -21.56 -28.13
C ASP A 666 4.94 -21.30 -26.69
N ASP A 667 4.67 -22.25 -25.79
CA ASP A 667 5.11 -22.10 -24.40
C ASP A 667 6.63 -22.12 -24.29
N ILE A 668 7.29 -22.86 -25.17
CA ILE A 668 8.75 -22.85 -25.24
C ILE A 668 9.25 -21.46 -25.62
N SER A 669 8.61 -20.83 -26.60
CA SER A 669 9.00 -19.49 -27.03
C SER A 669 8.74 -18.46 -25.95
N GLN A 670 7.62 -18.59 -25.23
CA GLN A 670 7.33 -17.67 -24.14
C GLN A 670 8.34 -17.82 -23.00
N GLU A 671 8.68 -19.06 -22.64
CA GLU A 671 9.65 -19.28 -21.57
C GLU A 671 11.05 -18.82 -21.96
N LEU A 672 11.41 -18.97 -23.24
CA LEU A 672 12.70 -18.47 -23.71
C LEU A 672 12.73 -16.94 -23.71
N ASN A 673 11.62 -16.30 -24.05
CA ASN A 673 11.55 -14.85 -23.96
C ASN A 673 11.62 -14.38 -22.51
N HIS A 674 11.03 -15.15 -21.59
N HIS A 674 11.02 -15.14 -21.58
CA HIS A 674 11.11 -14.83 -20.17
CA HIS A 674 11.12 -14.82 -20.16
C HIS A 674 12.53 -14.97 -19.66
C HIS A 674 12.55 -14.96 -19.67
N ASN A 675 13.26 -15.99 -20.13
CA ASN A 675 14.66 -16.16 -19.76
C ASN A 675 15.52 -15.04 -20.31
N SER A 676 15.23 -14.61 -21.54
CA SER A 676 15.92 -13.46 -22.13
C SER A 676 15.69 -12.18 -21.34
N ARG A 677 14.44 -11.96 -20.90
CA ARG A 677 14.16 -10.77 -20.11
C ARG A 677 14.79 -10.83 -18.73
N ASP A 678 14.86 -12.03 -18.13
CA ASP A 678 15.53 -12.17 -16.84
C ASP A 678 17.02 -11.88 -16.95
N PHE A 679 17.67 -12.38 -18.01
CA PHE A 679 19.09 -12.11 -18.19
C PHE A 679 19.35 -10.65 -18.52
N GLY A 680 18.45 -10.01 -19.27
CA GLY A 680 18.57 -8.59 -19.52
C GLY A 680 18.42 -7.75 -18.26
N GLN A 681 17.49 -8.13 -17.39
CA GLN A 681 17.32 -7.44 -16.12
C GLN A 681 18.54 -7.64 -15.22
N LEU A 682 19.15 -8.83 -15.29
CA LEU A 682 20.38 -9.07 -14.54
C LEU A 682 21.52 -8.19 -15.02
N ALA A 683 21.66 -8.04 -16.34
CA ALA A 683 22.69 -7.17 -16.89
C ALA A 683 22.45 -5.71 -16.53
N VAL A 684 21.19 -5.28 -16.53
CA VAL A 684 20.86 -3.91 -16.15
C VAL A 684 21.18 -3.65 -14.68
N GLU A 685 20.84 -4.61 -13.80
CA GLU A 685 21.12 -4.42 -12.38
C GLU A 685 22.61 -4.47 -12.08
N LEU A 686 23.36 -5.30 -12.81
CA LEU A 686 24.81 -5.29 -12.67
C LEU A 686 25.41 -3.97 -13.14
N LEU A 687 24.84 -3.39 -14.21
CA LEU A 687 25.29 -2.07 -14.64
C LEU A 687 24.95 -1.00 -13.60
N ASP A 688 23.80 -1.12 -12.94
CA ASP A 688 23.44 -0.20 -11.85
C ASP A 688 24.44 -0.27 -10.71
N GLN A 689 24.83 -1.49 -10.33
CA GLN A 689 25.79 -1.67 -9.24
C GLN A 689 27.17 -1.14 -9.62
N SER A 690 27.60 -1.38 -10.85
CA SER A 690 28.90 -0.89 -11.30
C SER A 690 28.91 0.63 -11.42
N TYR A 691 27.80 1.23 -11.84
CA TYR A 691 27.72 2.69 -11.87
C TYR A 691 27.68 3.27 -10.46
N LYS A 692 27.07 2.56 -9.51
CA LYS A 692 27.04 3.06 -8.14
C LYS A 692 28.42 2.99 -7.49
N GLN A 693 29.20 1.96 -7.78
CA GLN A 693 30.50 1.83 -7.14
C GLN A 693 31.53 2.79 -7.73
N ASP A 694 31.85 2.64 -9.00
CA ASP A 694 32.90 3.44 -9.63
C ASP A 694 32.52 3.69 -11.08
N GLU A 695 32.49 4.97 -11.48
CA GLU A 695 32.05 5.30 -12.83
C GLU A 695 33.07 4.87 -13.88
N GLN A 696 34.35 5.21 -13.66
CA GLN A 696 35.38 4.97 -14.67
C GLN A 696 35.64 3.48 -14.87
N LEU A 697 35.60 2.71 -13.78
CA LEU A 697 35.73 1.27 -13.90
C LEU A 697 34.50 0.65 -14.57
N ALA A 698 33.34 1.29 -14.42
CA ALA A 698 32.16 0.84 -15.17
C ALA A 698 32.31 1.09 -16.66
N MET A 699 32.92 2.23 -17.04
CA MET A 699 33.20 2.47 -18.46
C MET A 699 34.18 1.44 -19.01
N LYS A 700 35.22 1.15 -18.22
CA LYS A 700 36.22 0.17 -18.61
C LYS A 700 35.63 -1.23 -18.70
N LEU A 701 34.66 -1.54 -17.84
CA LEU A 701 33.91 -2.79 -17.97
C LEU A 701 33.06 -2.80 -19.24
N LEU A 702 32.46 -1.67 -19.59
CA LEU A 702 31.59 -1.63 -20.75
C LEU A 702 32.36 -1.65 -22.07
N THR A 703 33.61 -1.21 -22.10
CA THR A 703 34.28 -1.04 -23.39
C THR A 703 35.37 -2.05 -23.70
N TYR A 704 35.86 -2.79 -22.71
CA TYR A 704 37.05 -3.61 -22.94
C TYR A 704 36.72 -4.80 -23.83
N GLU A 705 37.70 -5.19 -24.64
CA GLU A 705 37.49 -6.25 -25.61
C GLU A 705 37.40 -7.60 -24.93
N LEU A 706 36.35 -8.36 -25.25
CA LEU A 706 36.09 -9.65 -24.65
C LEU A 706 36.70 -10.72 -25.56
N LYS A 707 37.88 -11.22 -25.19
CA LYS A 707 38.59 -12.19 -26.01
C LYS A 707 37.86 -13.52 -26.08
N ASN A 708 37.07 -13.84 -25.07
CA ASN A 708 36.32 -15.09 -25.01
C ASN A 708 34.97 -15.00 -25.70
N TRP A 709 34.60 -13.83 -26.24
CA TRP A 709 33.32 -13.63 -26.89
C TRP A 709 33.50 -12.97 -28.25
N SER A 710 34.44 -13.52 -29.03
CA SER A 710 34.73 -13.13 -30.42
C SER A 710 35.18 -11.67 -30.54
N ASN A 711 36.00 -11.23 -29.59
CA ASN A 711 36.62 -9.90 -29.56
C ASN A 711 35.59 -8.78 -29.57
N ALA A 712 34.44 -9.02 -28.97
CA ALA A 712 33.35 -8.07 -28.99
C ALA A 712 33.46 -7.11 -27.82
N THR A 713 32.39 -6.36 -27.58
CA THR A 713 32.33 -5.36 -26.53
C THR A 713 30.99 -5.56 -25.85
N CYS A 714 30.91 -5.23 -24.55
CA CYS A 714 29.65 -5.35 -23.83
C CYS A 714 28.58 -4.43 -24.42
N LEU A 715 28.98 -3.24 -24.89
CA LEU A 715 28.06 -2.33 -25.56
C LEU A 715 27.57 -2.93 -26.88
N GLN A 716 28.46 -3.56 -27.64
CA GLN A 716 28.07 -4.18 -28.91
C GLN A 716 27.14 -5.35 -28.68
N LEU A 717 27.37 -6.11 -27.61
CA LEU A 717 26.53 -7.25 -27.28
C LEU A 717 25.15 -6.79 -26.82
N ALA A 718 25.10 -5.67 -26.09
CA ALA A 718 23.81 -5.13 -25.68
C ALA A 718 23.03 -4.56 -26.86
N VAL A 719 23.73 -3.92 -27.80
CA VAL A 719 23.06 -3.37 -28.98
C VAL A 719 22.58 -4.48 -29.90
N ALA A 720 23.40 -5.52 -30.07
CA ALA A 720 23.02 -6.67 -30.90
C ALA A 720 21.85 -7.45 -30.32
N ALA A 721 21.57 -7.30 -29.03
CA ALA A 721 20.44 -7.95 -28.40
C ALA A 721 19.23 -7.03 -28.28
N LYS A 722 19.28 -5.84 -28.92
CA LYS A 722 18.28 -4.79 -28.85
C LYS A 722 17.88 -4.43 -27.42
N HIS A 723 18.85 -4.46 -26.51
CA HIS A 723 18.57 -4.20 -25.11
C HIS A 723 18.44 -2.69 -24.93
N ARG A 724 17.21 -2.21 -24.92
CA ARG A 724 16.94 -0.79 -24.87
C ARG A 724 17.26 -0.20 -23.50
N ASP A 725 16.98 -0.95 -22.43
CA ASP A 725 17.21 -0.43 -21.09
C ASP A 725 18.69 -0.37 -20.72
N PHE A 726 19.52 -1.19 -21.36
CA PHE A 726 20.95 -1.15 -21.08
C PHE A 726 21.59 0.12 -21.63
N ILE A 727 21.28 0.46 -22.88
CA ILE A 727 21.90 1.63 -23.50
C ILE A 727 21.28 2.91 -22.95
N ALA A 728 20.01 2.89 -22.56
CA ALA A 728 19.37 4.06 -22.01
C ALA A 728 19.77 4.33 -20.56
N HIS A 729 20.53 3.43 -19.94
CA HIS A 729 21.08 3.67 -18.62
C HIS A 729 22.11 4.81 -18.69
N THR A 730 22.26 5.51 -17.56
CA THR A 730 23.05 6.74 -17.51
C THR A 730 24.54 6.47 -17.78
N CYS A 731 25.06 5.33 -17.34
CA CYS A 731 26.46 4.99 -17.58
C CYS A 731 26.73 4.80 -19.07
N SER A 732 25.85 4.07 -19.76
CA SER A 732 26.02 3.87 -21.20
C SER A 732 25.80 5.16 -21.98
N GLN A 733 24.88 6.01 -21.52
CA GLN A 733 24.65 7.29 -22.17
C GLN A 733 25.84 8.23 -22.05
N MET A 734 26.44 8.33 -20.87
CA MET A 734 27.58 9.22 -20.74
C MET A 734 28.84 8.59 -21.34
N LEU A 735 28.89 7.25 -21.42
CA LEU A 735 29.93 6.59 -22.21
C LEU A 735 29.80 6.92 -23.69
N LEU A 736 28.58 6.91 -24.21
CA LEU A 736 28.35 7.28 -25.60
C LEU A 736 28.64 8.75 -25.83
N THR A 737 28.39 9.58 -24.83
CA THR A 737 28.78 10.98 -24.89
C THR A 737 30.30 11.13 -24.96
N ASP A 738 31.04 10.33 -24.19
CA ASP A 738 32.49 10.36 -24.27
C ASP A 738 33.01 9.84 -25.59
N MET A 739 32.33 8.86 -26.18
CA MET A 739 32.67 8.39 -27.52
C MET A 739 32.34 9.45 -28.56
N TRP A 740 31.33 10.28 -28.29
CA TRP A 740 30.87 11.29 -29.24
C TRP A 740 31.89 12.41 -29.41
N MET A 741 32.51 12.86 -28.32
CA MET A 741 33.46 13.95 -28.41
C MET A 741 34.81 13.56 -28.97
N GLY A 742 35.11 12.27 -29.05
CA GLY A 742 36.40 11.86 -29.57
C GLY A 742 37.52 12.17 -28.59
N ARG A 743 38.61 12.72 -29.12
CA ARG A 743 39.76 13.10 -28.29
C ARG A 743 39.69 14.59 -27.94
N LEU A 744 38.60 14.97 -27.29
CA LEU A 744 38.38 16.37 -26.91
C LEU A 744 37.76 16.42 -25.53
N ARG A 745 38.29 17.28 -24.67
CA ARG A 745 37.71 17.43 -23.33
C ARG A 745 36.42 18.23 -23.43
N MET A 746 36.57 19.52 -23.74
CA MET A 746 35.52 20.48 -24.11
C MET A 746 34.38 20.48 -23.10
N ARG A 747 33.25 19.86 -23.49
CA ARG A 747 32.12 19.53 -22.61
C ARG A 747 31.48 20.77 -21.96
N LYS A 748 31.52 21.91 -22.66
CA LYS A 748 30.95 23.13 -22.13
C LYS A 748 30.56 24.01 -23.31
N ASN A 749 29.26 24.33 -23.40
CA ASN A 749 28.65 25.08 -24.51
C ASN A 749 28.90 24.36 -25.84
N SER A 750 28.30 23.18 -25.95
CA SER A 750 28.54 22.31 -27.10
C SER A 750 27.91 22.87 -28.38
N GLY A 751 28.43 22.40 -29.50
CA GLY A 751 27.96 22.86 -30.79
C GLY A 751 28.71 24.08 -31.29
N LEU A 752 28.71 25.15 -30.48
CA LEU A 752 29.29 26.42 -30.92
C LEU A 752 30.81 26.33 -31.04
N LYS A 753 31.47 25.62 -30.13
CA LYS A 753 32.92 25.51 -30.20
C LYS A 753 33.38 24.68 -31.39
N VAL A 754 32.68 23.57 -31.69
CA VAL A 754 33.07 22.79 -32.85
C VAL A 754 32.68 23.48 -34.16
N ILE A 755 31.62 24.30 -34.13
CA ILE A 755 31.28 25.09 -35.31
C ILE A 755 32.34 26.18 -35.55
N LEU A 756 32.83 26.81 -34.47
CA LEU A 756 33.94 27.76 -34.58
C LEU A 756 35.21 27.06 -35.08
N GLY A 757 35.44 25.84 -34.62
CA GLY A 757 36.56 25.07 -35.13
C GLY A 757 36.46 24.76 -36.61
N ILE A 758 35.25 24.41 -37.08
CA ILE A 758 35.07 24.08 -38.48
C ILE A 758 35.20 25.33 -39.36
N LEU A 759 34.56 26.42 -38.95
CA LEU A 759 34.52 27.62 -39.79
C LEU A 759 35.81 28.41 -39.74
N LEU A 760 36.37 28.61 -38.54
CA LEU A 760 37.64 29.31 -38.31
C LEU A 760 38.64 28.32 -37.73
N PRO A 761 39.46 27.67 -38.55
CA PRO A 761 40.38 26.61 -38.07
C PRO A 761 41.44 27.03 -37.07
N PRO A 762 41.88 28.31 -36.98
CA PRO A 762 42.73 28.68 -35.82
C PRO A 762 42.08 28.54 -34.45
N SER A 763 40.75 28.45 -34.36
CA SER A 763 40.09 28.23 -33.07
C SER A 763 40.36 26.84 -32.50
N ILE A 764 40.78 25.88 -33.34
CA ILE A 764 41.06 24.52 -32.90
C ILE A 764 42.22 24.49 -31.90
N LEU A 765 43.23 25.34 -32.11
CA LEU A 765 44.42 25.34 -31.27
C LEU A 765 44.13 25.78 -29.83
N SER A 766 43.09 26.58 -29.62
CA SER A 766 42.72 27.00 -28.28
C SER A 766 41.82 26.00 -27.56
N LEU A 767 41.42 24.92 -28.22
CA LEU A 767 40.52 23.94 -27.61
C LEU A 767 41.30 22.99 -26.71
N GLU A 768 40.72 22.66 -25.56
CA GLU A 768 41.36 21.76 -24.61
C GLU A 768 41.19 20.32 -25.07
N PHE A 769 42.28 19.69 -25.47
CA PHE A 769 42.26 18.32 -25.96
C PHE A 769 42.48 17.34 -24.81
N LYS A 770 42.05 16.10 -25.03
CA LYS A 770 42.19 15.06 -24.03
C LYS A 770 43.60 14.49 -24.03
N ASN A 771 43.89 13.68 -23.01
CA ASN A 771 45.20 13.08 -22.86
C ASN A 771 45.41 11.98 -23.90
N LYS A 772 46.67 11.54 -24.01
CA LYS A 772 47.02 10.51 -24.99
C LYS A 772 46.44 9.15 -24.61
N ASP A 773 46.29 8.88 -23.31
CA ASP A 773 45.79 7.60 -22.84
C ASP A 773 44.73 7.81 -21.76
N ASP A 774 43.81 8.75 -21.99
CA ASP A 774 42.72 8.94 -21.03
C ASP A 774 41.63 7.90 -21.22
N MET A 775 41.16 7.71 -22.45
CA MET A 775 40.17 6.71 -22.80
C MET A 775 40.26 6.41 -24.30
N PRO A 776 41.23 5.63 -24.74
CA PRO A 776 41.46 5.45 -26.20
C PRO A 776 40.55 4.43 -26.86
N TYR A 777 39.36 4.88 -27.27
CA TYR A 777 38.45 4.04 -28.03
C TYR A 777 38.96 3.92 -29.47
N MET A 778 39.44 2.74 -29.83
CA MET A 778 40.03 2.50 -31.13
C MET A 778 39.33 1.32 -31.79
N THR A 779 39.46 1.24 -33.11
CA THR A 779 38.83 0.16 -33.87
C THR A 779 39.77 -1.03 -34.05
N GLN A 780 40.98 -0.78 -34.54
CA GLN A 780 41.97 -1.84 -34.75
C GLN A 780 43.31 -1.36 -34.20
N ALA A 781 43.87 -2.12 -33.26
CA ALA A 781 45.16 -1.79 -32.67
C ALA A 781 46.30 -2.26 -33.55
N LEU A 834 55.50 21.60 -34.54
CA LEU A 834 54.53 21.44 -35.61
C LEU A 834 53.83 20.09 -35.51
N ILE A 835 54.53 19.11 -34.95
CA ILE A 835 53.92 17.78 -34.73
C ILE A 835 52.76 17.82 -33.73
N PRO A 836 52.84 18.52 -32.58
CA PRO A 836 51.61 18.64 -31.76
C PRO A 836 50.47 19.37 -32.45
N LEU A 837 50.76 20.35 -33.31
CA LEU A 837 49.70 21.04 -34.03
C LEU A 837 49.01 20.11 -35.03
N GLY A 838 49.80 19.32 -35.76
CA GLY A 838 49.21 18.35 -36.68
C GLY A 838 48.46 17.25 -35.95
N ARG A 839 48.95 16.86 -34.77
CA ARG A 839 48.23 15.89 -33.95
C ARG A 839 46.90 16.45 -33.46
N LYS A 840 46.89 17.74 -33.08
CA LYS A 840 45.64 18.38 -32.67
C LYS A 840 44.66 18.50 -33.83
N ILE A 841 45.15 18.82 -35.03
CA ILE A 841 44.28 18.92 -36.19
C ILE A 841 43.69 17.57 -36.56
N TYR A 842 44.52 16.51 -36.53
CA TYR A 842 44.05 15.17 -36.85
C TYR A 842 43.09 14.64 -35.77
N GLU A 843 43.34 14.99 -34.51
CA GLU A 843 42.46 14.54 -33.44
C GLU A 843 41.13 15.29 -33.46
N PHE A 844 41.16 16.56 -33.86
CA PHE A 844 39.92 17.34 -33.96
C PHE A 844 39.08 16.86 -35.13
N TYR A 845 39.69 16.72 -36.30
CA TYR A 845 38.92 16.45 -37.50
C TYR A 845 38.42 15.02 -37.60
N ASN A 846 38.90 14.12 -36.74
CA ASN A 846 38.41 12.75 -36.69
C ASN A 846 37.44 12.51 -35.54
N ALA A 847 37.10 13.54 -34.79
CA ALA A 847 36.10 13.40 -33.74
C ALA A 847 34.72 13.21 -34.37
N PRO A 848 33.87 12.37 -33.78
CA PRO A 848 32.52 12.17 -34.34
C PRO A 848 31.64 13.41 -34.30
N ILE A 849 31.76 14.25 -33.26
CA ILE A 849 30.92 15.44 -33.19
C ILE A 849 31.37 16.45 -34.26
N VAL A 850 32.68 16.54 -34.50
CA VAL A 850 33.21 17.43 -35.51
C VAL A 850 32.82 16.97 -36.90
N LYS A 851 32.87 15.66 -37.14
CA LYS A 851 32.43 15.11 -38.43
C LYS A 851 30.94 15.33 -38.64
N PHE A 852 30.14 15.18 -37.57
CA PHE A 852 28.70 15.39 -37.70
C PHE A 852 28.38 16.85 -37.98
N TRP A 853 29.05 17.77 -37.30
CA TRP A 853 28.76 19.19 -37.54
C TRP A 853 29.32 19.65 -38.87
N PHE A 854 30.40 19.03 -39.35
CA PHE A 854 30.90 19.33 -40.69
C PHE A 854 29.93 18.85 -41.75
N TYR A 855 29.39 17.64 -41.57
CA TYR A 855 28.40 17.11 -42.50
C TYR A 855 27.10 17.91 -42.45
N THR A 856 26.73 18.38 -41.26
CA THR A 856 25.51 19.18 -41.10
C THR A 856 25.66 20.57 -41.73
N LEU A 857 26.81 21.22 -41.51
CA LEU A 857 27.04 22.53 -42.13
C LEU A 857 27.28 22.42 -43.62
N ALA A 858 27.68 21.27 -44.14
CA ALA A 858 27.67 21.07 -45.57
C ALA A 858 26.26 20.81 -46.10
N TYR A 859 25.43 20.12 -45.32
CA TYR A 859 24.04 19.91 -45.72
C TYR A 859 23.27 21.22 -45.77
N ILE A 860 23.49 22.10 -44.79
CA ILE A 860 22.77 23.37 -44.72
C ILE A 860 23.38 24.40 -45.67
N GLY A 861 24.46 24.06 -46.35
CA GLY A 861 24.93 24.90 -47.43
C GLY A 861 24.61 24.28 -48.78
N TYR A 862 24.25 23.00 -48.76
CA TYR A 862 23.74 22.36 -49.97
C TYR A 862 22.27 22.70 -50.19
N LEU A 863 21.50 22.74 -49.10
CA LEU A 863 20.07 22.98 -49.20
C LEU A 863 19.78 24.38 -49.71
N MET A 864 20.57 25.36 -49.30
CA MET A 864 20.43 26.72 -49.83
C MET A 864 20.75 26.78 -51.31
N LEU A 865 21.75 26.02 -51.76
CA LEU A 865 22.08 26.00 -53.18
C LEU A 865 20.98 25.35 -54.00
N PHE A 866 20.39 24.29 -53.46
CA PHE A 866 19.22 23.69 -54.09
C PHE A 866 18.04 24.66 -54.14
N ASN A 867 17.84 25.43 -53.06
CA ASN A 867 16.79 26.45 -53.07
C ASN A 867 17.05 27.51 -54.12
N TYR A 868 18.29 27.94 -54.26
CA TYR A 868 18.64 28.94 -55.27
C TYR A 868 18.43 28.42 -56.68
N ILE A 869 18.78 27.16 -56.94
CA ILE A 869 18.60 26.68 -58.30
C ILE A 869 17.14 26.33 -58.60
N VAL A 870 16.30 26.10 -57.60
CA VAL A 870 14.89 25.90 -57.94
C VAL A 870 14.10 27.20 -57.99
N LEU A 871 14.53 28.25 -57.28
CA LEU A 871 13.76 29.50 -57.32
C LEU A 871 14.07 30.29 -58.59
N VAL A 872 15.35 30.49 -58.88
CA VAL A 872 15.76 31.22 -60.08
C VAL A 872 15.59 30.32 -61.30
N LYS A 873 15.33 30.95 -62.45
CA LYS A 873 15.23 30.24 -63.72
C LYS A 873 16.55 29.60 -64.11
N MET A 874 16.47 28.55 -64.91
CA MET A 874 17.66 27.90 -65.45
C MET A 874 17.73 28.08 -66.96
N GLU A 875 18.95 28.16 -67.46
CA GLU A 875 19.21 28.26 -68.89
C GLU A 875 19.27 26.85 -69.49
N ARG A 876 19.76 26.75 -70.72
CA ARG A 876 19.89 25.45 -71.38
C ARG A 876 20.91 24.56 -70.66
N TRP A 877 22.00 25.14 -70.19
CA TRP A 877 22.98 24.41 -69.42
C TRP A 877 22.92 24.83 -67.95
N PRO A 878 23.24 23.93 -67.03
CA PRO A 878 23.15 24.27 -65.61
C PRO A 878 24.18 25.30 -65.19
N SER A 879 23.83 26.05 -64.16
CA SER A 879 24.70 27.10 -63.63
C SER A 879 25.73 26.48 -62.70
N THR A 880 26.53 27.33 -62.03
CA THR A 880 27.56 26.84 -61.12
C THR A 880 26.94 26.18 -59.89
N GLN A 881 25.90 26.79 -59.34
CA GLN A 881 25.24 26.25 -58.15
C GLN A 881 24.53 24.94 -58.44
N GLU A 882 23.96 24.81 -59.64
CA GLU A 882 23.37 23.53 -60.01
C GLU A 882 24.43 22.46 -60.23
N TRP A 883 25.63 22.84 -60.70
CA TRP A 883 26.70 21.86 -60.81
C TRP A 883 27.17 21.41 -59.43
N ILE A 884 27.18 22.32 -58.45
CA ILE A 884 27.54 21.94 -57.09
C ILE A 884 26.48 21.00 -56.50
N VAL A 885 25.20 21.27 -56.78
CA VAL A 885 24.13 20.41 -56.26
C VAL A 885 24.19 19.02 -56.92
N ILE A 886 24.48 18.97 -58.23
CA ILE A 886 24.61 17.70 -58.94
C ILE A 886 25.80 16.91 -58.42
N SER A 887 26.91 17.59 -58.14
CA SER A 887 28.09 16.95 -57.56
C SER A 887 27.79 16.40 -56.19
N TYR A 888 27.03 17.14 -55.37
CA TYR A 888 26.63 16.67 -54.05
C TYR A 888 25.78 15.41 -54.14
N ILE A 889 24.82 15.38 -55.07
CA ILE A 889 23.94 14.22 -55.22
C ILE A 889 24.73 13.01 -55.68
N PHE A 890 25.64 13.18 -56.64
CA PHE A 890 26.41 12.04 -57.14
C PHE A 890 27.37 11.50 -56.10
N THR A 891 28.06 12.38 -55.36
CA THR A 891 28.98 11.90 -54.34
C THR A 891 28.24 11.28 -53.17
N LEU A 892 27.04 11.78 -52.85
CA LEU A 892 26.23 11.14 -51.82
C LEU A 892 25.75 9.76 -52.28
N GLY A 893 25.40 9.61 -53.55
CA GLY A 893 25.02 8.30 -54.05
C GLY A 893 26.17 7.31 -54.02
N ILE A 894 27.38 7.79 -54.34
CA ILE A 894 28.58 6.96 -54.25
C ILE A 894 28.84 6.58 -52.79
N GLU A 895 28.58 7.51 -51.86
CA GLU A 895 28.72 7.23 -50.43
C GLU A 895 27.72 6.19 -49.96
N LYS A 896 26.49 6.22 -50.48
CA LYS A 896 25.50 5.22 -50.08
C LYS A 896 25.81 3.85 -50.65
N MET A 897 26.32 3.77 -51.89
CA MET A 897 26.82 2.49 -52.38
C MET A 897 28.01 2.00 -51.56
N ARG A 898 28.85 2.93 -51.08
CA ARG A 898 29.98 2.52 -50.25
C ARG A 898 29.52 2.04 -48.88
N GLU A 899 28.40 2.56 -48.37
CA GLU A 899 27.84 2.02 -47.15
C GLU A 899 27.19 0.67 -47.38
N ILE A 900 26.65 0.44 -48.59
CA ILE A 900 26.18 -0.90 -48.95
C ILE A 900 27.34 -1.89 -48.98
N LEU A 901 28.48 -1.50 -49.55
CA LEU A 901 29.61 -2.43 -49.65
C LEU A 901 30.27 -2.68 -48.29
N MET A 902 30.64 -1.61 -47.58
CA MET A 902 31.33 -1.75 -46.30
C MET A 902 30.33 -1.91 -45.14
N SER A 903 29.55 -2.99 -45.21
CA SER A 903 28.58 -3.33 -44.18
C SER A 903 29.10 -4.49 -43.33
N GLU A 904 28.21 -5.03 -42.49
CA GLU A 904 28.59 -6.14 -41.62
C GLU A 904 28.53 -7.52 -42.29
N PRO A 905 27.46 -7.90 -43.11
CA PRO A 905 27.48 -9.25 -43.71
C PRO A 905 28.53 -9.49 -44.78
N GLY A 906 28.44 -10.62 -45.46
CA GLY A 906 29.42 -10.98 -46.48
C GLY A 906 28.84 -11.21 -47.86
N LYS A 907 27.55 -11.54 -47.95
CA LYS A 907 26.88 -11.78 -49.21
C LYS A 907 25.97 -10.61 -49.51
N LEU A 908 25.95 -10.19 -50.79
CA LEU A 908 25.47 -8.87 -51.21
C LEU A 908 24.00 -8.62 -50.84
N LEU A 909 23.16 -9.65 -51.00
CA LEU A 909 21.74 -9.52 -50.66
C LEU A 909 21.55 -9.28 -49.16
N GLN A 910 22.37 -9.92 -48.33
CA GLN A 910 22.32 -9.67 -46.89
C GLN A 910 22.80 -8.26 -46.55
N LYS A 911 23.80 -7.75 -47.29
CA LYS A 911 24.26 -6.37 -47.10
C LYS A 911 23.15 -5.38 -47.42
N VAL A 912 22.44 -5.59 -48.52
CA VAL A 912 21.33 -4.73 -48.90
C VAL A 912 20.19 -4.85 -47.89
N LYS A 913 19.92 -6.07 -47.41
CA LYS A 913 18.83 -6.27 -46.46
C LYS A 913 19.13 -5.64 -45.10
N VAL A 914 20.40 -5.64 -44.69
CA VAL A 914 20.79 -4.94 -43.46
C VAL A 914 20.69 -3.44 -43.67
N TRP A 915 21.12 -2.95 -44.83
CA TRP A 915 21.10 -1.52 -45.12
C TRP A 915 19.67 -0.97 -45.24
N LEU A 916 18.73 -1.78 -45.69
CA LEU A 916 17.36 -1.31 -45.85
C LEU A 916 16.56 -1.26 -44.54
N GLN A 917 17.16 -1.63 -43.42
CA GLN A 917 16.46 -1.46 -42.15
C GLN A 917 16.42 0.00 -41.75
N GLU A 918 17.49 0.74 -42.01
CA GLU A 918 17.48 2.19 -41.82
C GLU A 918 16.69 2.82 -42.96
N TYR A 919 15.47 3.26 -42.66
CA TYR A 919 14.55 3.74 -43.69
C TYR A 919 15.01 5.07 -44.28
N TRP A 920 15.76 5.85 -43.51
CA TRP A 920 16.28 7.12 -44.00
C TRP A 920 17.37 6.96 -45.03
N ASN A 921 17.88 5.75 -45.22
CA ASN A 921 18.86 5.50 -46.25
C ASN A 921 18.22 5.01 -47.54
N VAL A 922 17.15 4.21 -47.46
CA VAL A 922 16.49 3.79 -48.69
C VAL A 922 15.66 4.94 -49.27
N THR A 923 15.09 5.81 -48.42
CA THR A 923 14.46 7.02 -48.95
C THR A 923 15.48 7.95 -49.59
N ASP A 924 16.69 7.99 -49.02
CA ASP A 924 17.78 8.75 -49.62
C ASP A 924 18.13 8.24 -51.01
N LEU A 925 18.26 6.92 -51.15
CA LEU A 925 18.64 6.37 -52.46
C LEU A 925 17.52 6.51 -53.49
N ILE A 926 16.26 6.40 -53.04
CA ILE A 926 15.11 6.68 -53.91
C ILE A 926 15.13 8.13 -54.40
N ALA A 927 15.46 9.07 -53.51
CA ALA A 927 15.49 10.46 -53.95
C ALA A 927 16.77 10.84 -54.68
N ILE A 928 17.77 9.96 -54.74
CA ILE A 928 18.90 10.14 -55.63
C ILE A 928 18.61 9.58 -57.02
N LEU A 929 17.84 8.49 -57.07
CA LEU A 929 17.40 7.97 -58.39
C LEU A 929 16.44 8.99 -59.02
N LEU A 930 15.56 9.58 -58.21
CA LEU A 930 14.64 10.60 -58.71
C LEU A 930 15.40 11.82 -59.22
N PHE A 931 16.46 12.22 -58.52
CA PHE A 931 17.30 13.31 -59.00
C PHE A 931 18.01 12.96 -60.30
N SER A 932 18.44 11.70 -60.45
CA SER A 932 19.07 11.27 -61.71
C SER A 932 18.08 11.34 -62.86
N VAL A 933 16.83 10.90 -62.63
CA VAL A 933 15.79 11.01 -63.64
C VAL A 933 15.51 12.46 -63.99
N GLY A 934 15.44 13.32 -62.97
CA GLY A 934 15.20 14.73 -63.20
C GLY A 934 16.34 15.43 -63.94
N MET A 935 17.58 15.04 -63.65
CA MET A 935 18.71 15.62 -64.35
C MET A 935 18.76 15.18 -65.79
N ILE A 936 18.47 13.90 -66.06
CA ILE A 936 18.46 13.39 -67.42
C ILE A 936 17.36 14.05 -68.23
N LEU A 937 16.19 14.28 -67.61
CA LEU A 937 15.13 15.01 -68.28
C LEU A 937 15.49 16.48 -68.49
N ARG A 938 16.19 17.10 -67.54
CA ARG A 938 16.50 18.52 -67.62
C ARG A 938 17.57 18.81 -68.66
N LEU A 939 18.52 17.89 -68.84
CA LEU A 939 19.61 18.14 -69.79
C LEU A 939 19.17 18.05 -71.25
N GLN A 940 17.97 17.53 -71.53
CA GLN A 940 17.43 17.58 -72.88
C GLN A 940 16.80 18.94 -73.13
N ASP A 941 16.09 19.07 -74.25
CA ASP A 941 15.42 20.31 -74.60
C ASP A 941 13.97 20.25 -74.10
N GLN A 942 13.18 21.26 -74.47
CA GLN A 942 11.78 21.33 -74.08
C GLN A 942 10.99 20.24 -74.81
N PRO A 943 9.92 19.70 -74.17
CA PRO A 943 9.32 20.03 -72.88
C PRO A 943 9.87 19.23 -71.70
N PHE A 944 11.00 18.56 -71.84
CA PHE A 944 11.50 17.71 -70.77
C PHE A 944 12.18 18.51 -69.66
N ARG A 945 12.65 19.72 -69.96
CA ARG A 945 13.38 20.53 -68.98
C ARG A 945 12.47 20.96 -67.83
N SER A 946 11.23 21.34 -68.15
CA SER A 946 10.28 21.69 -67.11
C SER A 946 9.89 20.48 -66.27
N ASP A 947 9.85 19.29 -66.88
CA ASP A 947 9.62 18.07 -66.11
C ASP A 947 10.74 17.80 -65.12
N GLY A 948 11.99 18.05 -65.54
CA GLY A 948 13.11 17.93 -64.61
C GLY A 948 13.04 18.93 -63.48
N ARG A 949 12.58 20.14 -63.78
CA ARG A 949 12.36 21.15 -62.74
C ARG A 949 11.29 20.71 -61.74
N VAL A 950 10.20 20.12 -62.24
CA VAL A 950 9.13 19.63 -61.40
C VAL A 950 9.62 18.51 -60.48
N ILE A 951 10.51 17.65 -60.99
CA ILE A 951 11.12 16.62 -60.14
C ILE A 951 12.05 17.25 -59.10
N TYR A 952 12.74 18.34 -59.45
CA TYR A 952 13.62 19.03 -58.52
C TYR A 952 12.87 19.58 -57.32
N CYS A 953 11.63 20.06 -57.52
CA CYS A 953 10.86 20.58 -56.39
C CYS A 953 10.40 19.48 -55.42
N VAL A 954 10.06 18.30 -55.94
CA VAL A 954 9.72 17.19 -55.03
C VAL A 954 10.97 16.74 -54.27
N ASN A 955 12.14 16.86 -54.90
CA ASN A 955 13.39 16.61 -54.19
C ASN A 955 13.61 17.60 -53.07
N ILE A 956 13.27 18.88 -53.28
CA ILE A 956 13.45 19.86 -52.20
C ILE A 956 12.53 19.56 -51.02
N ILE A 957 11.33 19.02 -51.28
CA ILE A 957 10.46 18.58 -50.19
C ILE A 957 11.12 17.47 -49.38
N TYR A 958 11.72 16.49 -50.07
CA TYR A 958 12.38 15.40 -49.36
C TYR A 958 13.57 15.91 -48.54
N TRP A 959 14.35 16.85 -49.08
CA TRP A 959 15.54 17.26 -48.36
C TRP A 959 15.21 18.11 -47.14
N TYR A 960 14.08 18.82 -47.13
CA TYR A 960 13.65 19.43 -45.86
C TYR A 960 13.25 18.37 -44.83
N ILE A 961 12.59 17.29 -45.26
CA ILE A 961 12.33 16.24 -44.25
C ILE A 961 13.62 15.53 -43.79
N ARG A 962 14.63 15.48 -44.65
CA ARG A 962 15.93 14.97 -44.23
C ARG A 962 16.59 15.91 -43.21
N LEU A 963 16.35 17.22 -43.33
CA LEU A 963 16.76 18.14 -42.28
C LEU A 963 16.05 17.86 -40.96
N LEU A 964 14.79 17.41 -41.02
CA LEU A 964 14.10 16.99 -39.80
C LEU A 964 14.81 15.81 -39.13
N ASP A 965 15.26 14.85 -39.94
CA ASP A 965 16.03 13.73 -39.36
C ASP A 965 17.37 14.21 -38.79
N ILE A 966 17.98 15.21 -39.43
CA ILE A 966 19.21 15.79 -38.88
C ILE A 966 18.95 16.47 -37.54
N PHE A 967 17.79 17.13 -37.40
CA PHE A 967 17.35 17.60 -36.07
C PHE A 967 17.18 16.47 -35.06
N GLY A 968 16.88 15.27 -35.55
CA GLY A 968 16.86 14.07 -34.71
C GLY A 968 18.02 13.79 -33.75
N VAL A 969 19.18 14.40 -33.97
CA VAL A 969 20.32 14.26 -33.05
C VAL A 969 20.10 14.98 -31.73
N ASN A 970 19.38 16.11 -31.74
CA ASN A 970 19.19 16.90 -30.53
C ASN A 970 18.31 16.16 -29.52
N LYS A 971 18.62 16.35 -28.23
CA LYS A 971 18.00 15.58 -27.17
C LYS A 971 16.51 15.86 -27.00
N TYR A 972 16.04 17.03 -27.44
CA TYR A 972 14.61 17.31 -27.44
C TYR A 972 13.96 17.16 -28.79
N LEU A 973 14.67 17.46 -29.87
CA LEU A 973 14.05 17.41 -31.19
C LEU A 973 13.90 15.97 -31.67
N GLY A 974 14.84 15.11 -31.32
CA GLY A 974 14.82 13.72 -31.71
C GLY A 974 13.64 12.89 -31.22
N PRO A 975 13.41 12.89 -29.90
CA PRO A 975 12.17 12.29 -29.38
C PRO A 975 10.91 12.91 -29.92
N TYR A 976 10.93 14.22 -30.22
CA TYR A 976 9.80 14.88 -30.83
C TYR A 976 9.51 14.32 -32.22
N VAL A 977 10.57 14.06 -33.00
CA VAL A 977 10.42 13.51 -34.34
C VAL A 977 9.88 12.09 -34.29
N MET A 978 10.42 11.23 -33.41
CA MET A 978 9.83 9.89 -33.36
C MET A 978 8.45 9.88 -32.71
N MET A 979 8.13 10.89 -31.90
CA MET A 979 6.78 11.05 -31.39
C MET A 979 5.79 11.35 -32.51
N ILE A 980 6.20 12.23 -33.45
CA ILE A 980 5.39 12.50 -34.64
C ILE A 980 5.20 11.24 -35.47
N GLY A 981 6.28 10.47 -35.63
CA GLY A 981 6.21 9.21 -36.35
C GLY A 981 5.29 8.19 -35.70
N LYS A 982 5.18 8.22 -34.37
CA LYS A 982 4.23 7.35 -33.70
C LYS A 982 2.79 7.82 -33.89
N MET A 983 2.55 9.14 -33.88
CA MET A 983 1.17 9.59 -34.09
C MET A 983 0.71 9.55 -35.54
N MET A 984 1.60 9.24 -36.49
CA MET A 984 1.15 9.03 -37.87
C MET A 984 0.12 7.91 -38.02
N ILE A 985 0.15 6.88 -37.17
CA ILE A 985 -0.80 5.78 -37.31
C ILE A 985 -2.22 6.23 -36.91
N ASP A 986 -2.33 6.97 -35.81
CA ASP A 986 -3.62 7.55 -35.42
C ASP A 986 -4.09 8.57 -36.43
N MET A 987 -3.15 9.30 -37.03
CA MET A 987 -3.47 10.23 -38.10
C MET A 987 -4.04 9.50 -39.32
N MET A 988 -3.48 8.34 -39.65
N MET A 988 -3.51 8.33 -39.65
CA MET A 988 -3.97 7.53 -40.77
CA MET A 988 -4.01 7.59 -40.81
C MET A 988 -5.39 7.04 -40.53
C MET A 988 -5.40 7.00 -40.55
N TYR A 989 -5.69 6.61 -39.30
CA TYR A 989 -7.05 6.16 -39.00
C TYR A 989 -8.05 7.30 -39.06
N PHE A 990 -7.62 8.49 -38.60
CA PHE A 990 -8.45 9.69 -38.75
C PHE A 990 -8.65 10.04 -40.22
N VAL A 991 -7.60 9.85 -41.04
CA VAL A 991 -7.69 10.08 -42.49
C VAL A 991 -8.68 9.12 -43.12
N ILE A 992 -8.71 7.87 -42.67
CA ILE A 992 -9.64 6.89 -43.24
C ILE A 992 -11.09 7.28 -42.94
N ILE A 993 -11.38 7.65 -41.68
CA ILE A 993 -12.75 8.02 -41.31
C ILE A 993 -13.17 9.32 -42.00
N MET A 994 -12.28 10.32 -42.01
CA MET A 994 -12.51 11.54 -42.76
C MET A 994 -12.67 11.30 -44.25
N LEU A 995 -11.98 10.30 -44.79
CA LEU A 995 -12.12 10.01 -46.22
C LEU A 995 -13.51 9.48 -46.52
N VAL A 996 -14.04 8.62 -45.66
CA VAL A 996 -15.39 8.09 -45.87
C VAL A 996 -16.43 9.21 -45.81
N VAL A 997 -16.34 10.05 -44.77
CA VAL A 997 -17.30 11.15 -44.64
C VAL A 997 -17.12 12.19 -45.75
N LEU A 998 -15.88 12.40 -46.17
CA LEU A 998 -15.58 13.42 -47.17
C LEU A 998 -16.09 13.02 -48.54
N MET A 999 -15.85 11.77 -48.97
CA MET A 999 -16.41 11.38 -50.26
C MET A 999 -17.92 11.21 -50.21
N SER A 1000 -18.51 10.90 -49.05
CA SER A 1000 -19.97 10.85 -49.01
C SER A 1000 -20.57 12.23 -49.24
N PHE A 1001 -20.02 13.26 -48.58
CA PHE A 1001 -20.52 14.62 -48.82
C PHE A 1001 -20.18 15.11 -50.22
N GLY A 1002 -18.98 14.81 -50.71
CA GLY A 1002 -18.59 15.28 -52.03
C GLY A 1002 -19.41 14.68 -53.15
N VAL A 1003 -19.66 13.37 -53.07
CA VAL A 1003 -20.45 12.69 -54.09
C VAL A 1003 -21.89 13.18 -54.03
N ALA A 1004 -22.43 13.37 -52.82
CA ALA A 1004 -23.81 13.86 -52.69
C ALA A 1004 -23.95 15.28 -53.24
N ARG A 1005 -23.00 16.16 -52.94
CA ARG A 1005 -23.06 17.54 -53.41
C ARG A 1005 -22.90 17.63 -54.92
N GLN A 1006 -21.93 16.92 -55.48
CA GLN A 1006 -21.70 16.96 -56.91
C GLN A 1006 -22.83 16.30 -57.68
N ALA A 1007 -23.41 15.24 -57.13
CA ALA A 1007 -24.50 14.56 -57.80
C ALA A 1007 -25.81 15.31 -57.71
N ILE A 1008 -26.02 16.12 -56.68
CA ILE A 1008 -27.22 16.94 -56.64
C ILE A 1008 -27.08 18.18 -57.50
N LEU A 1009 -25.98 18.92 -57.36
CA LEU A 1009 -25.88 20.22 -57.99
C LEU A 1009 -25.57 20.16 -59.48
N PHE A 1010 -25.12 19.01 -59.98
CA PHE A 1010 -24.80 18.84 -61.40
C PHE A 1010 -25.47 17.59 -61.93
N PRO A 1011 -26.74 17.69 -62.34
CA PRO A 1011 -27.45 16.49 -62.80
C PRO A 1011 -27.02 16.03 -64.18
N ASN A 1012 -26.81 16.94 -65.13
CA ASN A 1012 -26.51 16.58 -66.50
C ASN A 1012 -25.01 16.75 -66.72
N GLU A 1013 -24.27 15.65 -66.55
CA GLU A 1013 -22.82 15.64 -66.74
C GLU A 1013 -22.41 14.46 -67.58
N GLU A 1014 -21.43 14.69 -68.45
CA GLU A 1014 -20.83 13.63 -69.24
C GLU A 1014 -19.75 12.93 -68.42
N PRO A 1015 -19.36 11.69 -68.80
CA PRO A 1015 -18.23 11.04 -68.11
C PRO A 1015 -16.91 11.77 -68.29
N SER A 1016 -16.37 12.30 -67.20
CA SER A 1016 -15.13 13.06 -67.24
C SER A 1016 -14.45 12.93 -65.89
N TRP A 1017 -13.12 13.08 -65.89
CA TRP A 1017 -12.35 12.99 -64.67
C TRP A 1017 -12.50 14.19 -63.76
N LYS A 1018 -13.13 15.28 -64.23
CA LYS A 1018 -13.36 16.43 -63.37
C LYS A 1018 -14.41 16.16 -62.30
N LEU A 1019 -15.26 15.15 -62.49
CA LEU A 1019 -16.21 14.76 -61.45
C LEU A 1019 -15.49 14.22 -60.22
N ALA A 1020 -14.46 13.39 -60.44
CA ALA A 1020 -13.69 12.85 -59.33
C ALA A 1020 -12.89 13.95 -58.63
N LYS A 1021 -12.43 14.95 -59.38
CA LYS A 1021 -11.78 16.10 -58.76
C LYS A 1021 -12.77 16.90 -57.93
N ASN A 1022 -13.99 17.09 -58.44
CA ASN A 1022 -14.99 17.86 -57.71
C ASN A 1022 -15.51 17.14 -56.49
N ILE A 1023 -15.37 15.81 -56.44
CA ILE A 1023 -15.69 15.07 -55.22
C ILE A 1023 -14.80 15.51 -54.07
N PHE A 1024 -13.49 15.64 -54.32
CA PHE A 1024 -12.51 15.89 -53.28
C PHE A 1024 -12.13 17.35 -53.11
N TYR A 1025 -12.44 18.22 -54.08
CA TYR A 1025 -11.93 19.58 -54.03
C TYR A 1025 -12.45 20.42 -52.88
N MET A 1026 -13.71 20.81 -52.92
CA MET A 1026 -14.20 21.72 -51.90
C MET A 1026 -14.46 21.10 -50.53
N PRO A 1027 -14.98 19.86 -50.39
CA PRO A 1027 -15.08 19.27 -49.04
C PRO A 1027 -13.76 19.11 -48.32
N TYR A 1028 -12.63 18.99 -49.01
CA TYR A 1028 -11.38 18.90 -48.27
C TYR A 1028 -10.97 20.24 -47.68
N TRP A 1029 -11.08 21.33 -48.45
CA TRP A 1029 -10.73 22.64 -47.91
C TRP A 1029 -11.77 23.14 -46.93
N MET A 1030 -12.93 22.50 -46.87
CA MET A 1030 -13.99 22.86 -45.93
C MET A 1030 -13.58 22.59 -44.49
N ILE A 1031 -12.60 21.71 -44.27
CA ILE A 1031 -12.12 21.39 -42.93
C ILE A 1031 -11.26 22.52 -42.37
N TYR A 1032 -10.57 23.26 -43.23
CA TYR A 1032 -9.56 24.20 -42.76
C TYR A 1032 -10.04 25.64 -42.80
N GLY A 1033 -11.31 25.86 -42.47
CA GLY A 1033 -11.82 27.20 -42.31
C GLY A 1033 -12.25 27.91 -43.56
N GLU A 1034 -12.36 27.22 -44.68
CA GLU A 1034 -12.84 27.83 -45.93
C GLU A 1034 -14.11 27.07 -46.33
N VAL A 1035 -15.27 27.66 -46.02
CA VAL A 1035 -16.52 26.97 -46.28
C VAL A 1035 -17.10 27.27 -47.65
N PHE A 1036 -16.46 28.17 -48.42
CA PHE A 1036 -16.93 28.63 -49.73
C PHE A 1036 -18.35 29.21 -49.61
N ALA A 1037 -18.41 30.34 -48.89
CA ALA A 1037 -19.68 30.94 -48.51
C ALA A 1037 -20.48 31.47 -49.69
N ASP A 1038 -19.83 31.78 -50.82
CA ASP A 1038 -20.57 32.22 -51.99
C ASP A 1038 -21.27 31.06 -52.69
N GLN A 1039 -20.87 29.82 -52.42
CA GLN A 1039 -21.43 28.65 -53.08
C GLN A 1039 -22.18 27.73 -52.11
N ILE A 1040 -22.47 28.19 -50.90
CA ILE A 1040 -23.25 27.36 -49.97
C ILE A 1040 -24.69 27.27 -50.45
N ASP A 1041 -25.30 28.40 -50.75
CA ASP A 1041 -26.67 28.46 -51.24
C ASP A 1041 -26.85 29.74 -52.04
N PRO A 1042 -26.43 29.76 -53.31
CA PRO A 1042 -26.59 30.97 -54.10
C PRO A 1042 -28.04 31.21 -54.45
N PRO A 1043 -28.45 32.47 -54.59
CA PRO A 1043 -29.84 32.74 -55.01
C PRO A 1043 -30.05 32.35 -56.47
N CYS A 1044 -31.16 31.68 -56.73
CA CYS A 1044 -31.46 31.20 -58.07
C CYS A 1044 -32.96 31.04 -58.23
N GLY A 1045 -33.39 30.97 -59.48
CA GLY A 1045 -34.80 30.89 -59.80
C GLY A 1045 -35.58 32.17 -59.61
N GLN A 1046 -34.90 33.30 -59.53
CA GLN A 1046 -35.53 34.61 -59.36
C GLN A 1046 -34.89 35.58 -60.34
N ASN A 1047 -35.31 36.84 -60.28
CA ASN A 1047 -34.73 37.92 -61.05
C ASN A 1047 -34.15 38.94 -60.10
N GLU A 1048 -32.86 39.24 -60.25
CA GLU A 1048 -32.16 40.19 -59.40
C GLU A 1048 -31.47 41.22 -60.28
N ILE A 1056 -31.52 40.99 -64.41
CA ILE A 1056 -30.79 39.77 -64.77
C ILE A 1056 -31.59 38.57 -64.27
N GLN A 1057 -31.78 37.60 -65.15
CA GLN A 1057 -32.53 36.39 -64.82
C GLN A 1057 -31.57 35.30 -64.37
N LEU A 1058 -31.73 34.85 -63.13
CA LEU A 1058 -30.90 33.78 -62.60
C LEU A 1058 -31.28 32.45 -63.25
N PRO A 1059 -30.34 31.49 -63.29
CA PRO A 1059 -30.71 30.16 -63.77
C PRO A 1059 -31.66 29.48 -62.81
N PRO A 1060 -32.49 28.55 -63.31
CA PRO A 1060 -33.52 27.95 -62.45
C PRO A 1060 -32.93 27.05 -61.38
N CYS A 1061 -33.72 26.86 -60.32
CA CYS A 1061 -33.28 26.08 -59.16
C CYS A 1061 -33.14 24.61 -59.53
N LYS A 1062 -32.02 24.01 -59.17
CA LYS A 1062 -31.88 22.57 -59.30
C LYS A 1062 -32.74 21.87 -58.27
N THR A 1063 -33.26 20.71 -58.64
CA THR A 1063 -34.16 19.97 -57.76
C THR A 1063 -33.37 19.38 -56.61
N GLY A 1064 -33.85 19.62 -55.38
CA GLY A 1064 -33.16 19.14 -54.21
C GLY A 1064 -31.88 19.87 -53.88
N ALA A 1065 -31.70 21.08 -54.41
CA ALA A 1065 -30.50 21.86 -54.11
C ALA A 1065 -30.51 22.39 -52.68
N TRP A 1066 -31.66 22.39 -52.01
CA TRP A 1066 -31.70 22.78 -50.61
C TRP A 1066 -31.12 21.73 -49.69
N ILE A 1067 -30.97 20.49 -50.17
CA ILE A 1067 -30.36 19.44 -49.35
C ILE A 1067 -28.88 19.71 -49.14
N VAL A 1068 -28.22 20.34 -50.12
CA VAL A 1068 -26.77 20.55 -50.07
C VAL A 1068 -26.30 21.39 -48.87
N PRO A 1069 -26.95 22.51 -48.49
CA PRO A 1069 -26.55 23.15 -47.23
C PRO A 1069 -26.84 22.33 -45.98
N ALA A 1070 -27.88 21.48 -45.98
CA ALA A 1070 -28.17 20.68 -44.80
C ALA A 1070 -27.12 19.59 -44.58
N ILE A 1071 -26.78 18.86 -45.63
CA ILE A 1071 -25.74 17.85 -45.52
C ILE A 1071 -24.37 18.50 -45.38
N MET A 1072 -24.20 19.73 -45.88
CA MET A 1072 -23.02 20.52 -45.58
C MET A 1072 -22.90 20.80 -44.09
N ALA A 1073 -24.03 21.15 -43.47
CA ALA A 1073 -24.05 21.41 -42.03
C ALA A 1073 -23.70 20.17 -41.23
N CYS A 1074 -24.31 19.03 -41.59
CA CYS A 1074 -24.02 17.78 -40.91
C CYS A 1074 -22.58 17.35 -41.11
N TYR A 1075 -22.04 17.53 -42.33
CA TYR A 1075 -20.66 17.15 -42.62
C TYR A 1075 -19.67 18.02 -41.85
N LEU A 1076 -19.89 19.34 -41.85
CA LEU A 1076 -19.00 20.25 -41.16
C LEU A 1076 -19.02 20.00 -39.67
N LEU A 1077 -20.20 19.74 -39.11
CA LEU A 1077 -20.33 19.42 -37.69
C LEU A 1077 -19.55 18.15 -37.36
N VAL A 1078 -19.82 17.07 -38.10
CA VAL A 1078 -19.21 15.78 -37.82
C VAL A 1078 -17.70 15.84 -37.96
N ALA A 1079 -17.20 16.36 -39.08
CA ALA A 1079 -15.78 16.51 -39.33
C ALA A 1079 -15.10 17.41 -38.30
N ASN A 1080 -15.41 18.71 -38.34
CA ASN A 1080 -14.66 19.71 -37.59
C ASN A 1080 -14.84 19.58 -36.09
N ILE A 1081 -16.00 19.13 -35.61
CA ILE A 1081 -16.23 19.05 -34.19
C ILE A 1081 -15.98 17.66 -33.65
N LEU A 1082 -16.48 16.61 -34.33
CA LEU A 1082 -16.32 15.28 -33.80
C LEU A 1082 -14.92 14.73 -34.06
N LEU A 1083 -14.50 14.67 -35.33
CA LEU A 1083 -13.35 13.84 -35.65
C LEU A 1083 -12.03 14.49 -35.26
N VAL A 1084 -11.94 15.81 -35.41
CA VAL A 1084 -10.73 16.52 -35.03
C VAL A 1084 -10.54 16.49 -33.52
N ASN A 1085 -11.62 16.69 -32.76
CA ASN A 1085 -11.52 16.63 -31.31
C ASN A 1085 -11.28 15.21 -30.82
N LEU A 1086 -11.80 14.21 -31.53
CA LEU A 1086 -11.49 12.83 -31.18
C LEU A 1086 -10.03 12.51 -31.45
N LEU A 1087 -9.45 13.03 -32.54
CA LEU A 1087 -8.03 12.85 -32.75
C LEU A 1087 -7.20 13.61 -31.73
N ILE A 1088 -7.71 14.74 -31.23
CA ILE A 1088 -7.07 15.44 -30.12
C ILE A 1088 -7.03 14.56 -28.89
N ALA A 1089 -8.16 13.89 -28.59
CA ALA A 1089 -8.22 12.98 -27.45
C ALA A 1089 -7.32 11.76 -27.63
N VAL A 1090 -7.25 11.23 -28.85
CA VAL A 1090 -6.37 10.09 -29.14
C VAL A 1090 -4.91 10.48 -28.98
N PHE A 1091 -4.54 11.67 -29.47
CA PHE A 1091 -3.18 12.15 -29.37
C PHE A 1091 -2.82 12.42 -27.92
N ASN A 1092 -3.79 12.88 -27.14
CA ASN A 1092 -3.56 13.26 -25.75
C ASN A 1092 -3.41 12.03 -24.85
N ASN A 1093 -4.30 11.06 -24.99
CA ASN A 1093 -4.31 9.94 -24.06
C ASN A 1093 -3.27 8.89 -24.38
N THR A 1094 -2.64 8.95 -25.54
CA THR A 1094 -1.52 8.08 -25.87
C THR A 1094 -0.21 8.84 -25.90
N PHE A 1095 -0.17 10.02 -25.30
CA PHE A 1095 1.03 10.84 -25.38
C PHE A 1095 2.13 10.33 -24.45
N PHE A 1096 1.76 9.86 -23.26
CA PHE A 1096 2.76 9.57 -22.24
C PHE A 1096 3.57 8.32 -22.57
N GLU A 1097 2.87 7.25 -22.99
CA GLU A 1097 3.54 6.01 -23.36
C GLU A 1097 4.43 6.22 -24.57
N VAL A 1098 3.92 6.94 -25.57
CA VAL A 1098 4.67 7.24 -26.78
C VAL A 1098 5.88 8.11 -26.47
N LYS A 1099 5.73 9.05 -25.54
CA LYS A 1099 6.85 9.92 -25.16
C LYS A 1099 7.95 9.15 -24.46
N SER A 1100 7.59 8.27 -23.52
CA SER A 1100 8.59 7.46 -22.82
C SER A 1100 9.28 6.49 -23.76
N ILE A 1101 8.50 5.85 -24.65
CA ILE A 1101 9.06 4.91 -25.62
C ILE A 1101 9.98 5.64 -26.60
N SER A 1102 9.60 6.85 -27.02
CA SER A 1102 10.41 7.61 -27.96
C SER A 1102 11.71 8.10 -27.33
N ASN A 1103 11.65 8.51 -26.06
CA ASN A 1103 12.86 8.88 -25.34
C ASN A 1103 13.82 7.70 -25.22
N GLN A 1104 13.29 6.53 -24.85
CA GLN A 1104 14.15 5.36 -24.70
C GLN A 1104 14.72 4.87 -26.03
N VAL A 1105 13.91 4.97 -27.10
CA VAL A 1105 14.36 4.55 -28.42
C VAL A 1105 15.42 5.51 -28.97
N TRP A 1106 15.26 6.81 -28.72
CA TRP A 1106 16.30 7.77 -29.10
C TRP A 1106 17.59 7.53 -28.35
N LYS A 1107 17.51 7.24 -27.04
CA LYS A 1107 18.70 6.92 -26.28
C LYS A 1107 19.35 5.62 -26.75
N PHE A 1108 18.56 4.68 -27.25
CA PHE A 1108 19.13 3.48 -27.84
C PHE A 1108 19.82 3.78 -29.17
N GLN A 1109 19.22 4.65 -29.99
CA GLN A 1109 19.74 4.90 -31.33
C GLN A 1109 20.88 5.91 -31.36
N ARG A 1110 21.19 6.51 -30.20
CA ARG A 1110 22.43 7.29 -30.08
C ARG A 1110 23.66 6.47 -30.46
N TYR A 1111 23.70 5.18 -30.09
CA TYR A 1111 24.83 4.33 -30.45
C TYR A 1111 24.94 4.14 -31.95
N GLN A 1112 23.82 3.91 -32.63
CA GLN A 1112 23.85 3.74 -34.07
C GLN A 1112 24.32 5.01 -34.76
N LEU A 1113 23.87 6.17 -34.26
CA LEU A 1113 24.34 7.45 -34.78
C LEU A 1113 25.84 7.63 -34.57
N ILE A 1114 26.34 7.27 -33.38
CA ILE A 1114 27.74 7.49 -33.06
C ILE A 1114 28.65 6.57 -33.86
N MET A 1115 28.27 5.29 -33.98
CA MET A 1115 29.07 4.35 -34.77
C MET A 1115 29.05 4.69 -36.25
N THR A 1116 27.88 5.14 -36.76
CA THR A 1116 27.82 5.55 -38.16
C THR A 1116 28.69 6.76 -38.43
N PHE A 1117 28.65 7.77 -37.58
CA PHE A 1117 29.43 8.97 -37.84
C PHE A 1117 30.89 8.82 -37.44
N HIS A 1118 31.25 7.74 -36.74
CA HIS A 1118 32.66 7.45 -36.56
C HIS A 1118 33.20 6.63 -37.73
N GLU A 1119 32.37 5.81 -38.36
CA GLU A 1119 32.80 5.10 -39.56
C GLU A 1119 32.77 5.95 -40.81
N ARG A 1120 32.25 7.18 -40.73
CA ARG A 1120 32.13 8.03 -41.90
C ARG A 1120 33.50 8.59 -42.31
N PRO A 1121 33.67 8.97 -43.58
CA PRO A 1121 34.87 9.72 -43.96
C PRO A 1121 34.91 11.09 -43.31
N VAL A 1122 36.11 11.64 -43.20
CA VAL A 1122 36.32 12.92 -42.54
C VAL A 1122 35.68 14.05 -43.34
N LEU A 1123 35.91 14.05 -44.66
CA LEU A 1123 35.44 15.13 -45.51
C LEU A 1123 33.93 15.06 -45.71
N PRO A 1124 33.27 16.20 -45.84
CA PRO A 1124 31.82 16.22 -46.09
C PRO A 1124 31.51 15.75 -47.50
N PRO A 1125 30.24 15.45 -47.81
CA PRO A 1125 29.88 14.86 -49.14
C PRO A 1125 30.33 15.62 -50.37
N PRO A 1126 30.29 16.97 -50.45
CA PRO A 1126 30.76 17.60 -51.70
C PRO A 1126 32.26 17.47 -51.95
N LEU A 1127 33.06 17.18 -50.94
CA LEU A 1127 34.48 16.90 -51.09
C LEU A 1127 34.83 15.45 -50.79
N ILE A 1128 33.82 14.58 -50.71
CA ILE A 1128 34.07 13.20 -50.30
C ILE A 1128 34.67 12.35 -51.41
N ILE A 1129 34.72 12.87 -52.64
CA ILE A 1129 35.31 12.12 -53.74
C ILE A 1129 36.82 11.98 -53.56
N PHE A 1130 37.47 12.94 -52.88
CA PHE A 1130 38.89 12.83 -52.58
C PHE A 1130 39.16 11.70 -51.59
N SER A 1131 38.34 11.61 -50.53
CA SER A 1131 38.48 10.51 -49.59
C SER A 1131 38.10 9.17 -50.21
N HIS A 1132 37.16 9.18 -51.16
CA HIS A 1132 36.79 7.94 -51.84
C HIS A 1132 37.92 7.44 -52.74
N MET A 1133 38.59 8.36 -53.45
CA MET A 1133 39.78 7.97 -54.21
C MET A 1133 40.92 7.56 -53.30
N THR A 1134 41.00 8.16 -52.10
CA THR A 1134 41.98 7.73 -51.11
C THR A 1134 41.75 6.28 -50.67
N MET A 1135 40.49 5.93 -50.38
CA MET A 1135 40.19 4.55 -50.02
C MET A 1135 40.38 3.59 -51.18
N ILE A 1136 40.10 4.03 -52.41
CA ILE A 1136 40.34 3.18 -53.57
C ILE A 1136 41.83 2.92 -53.77
N PHE A 1137 42.65 3.97 -53.62
CA PHE A 1137 44.10 3.81 -53.76
C PHE A 1137 44.69 2.96 -52.64
N GLN A 1138 44.19 3.12 -51.41
CA GLN A 1138 44.66 2.30 -50.30
C GLN A 1138 44.25 0.85 -50.47
N HIS A 1139 43.04 0.60 -50.97
CA HIS A 1139 42.58 -0.77 -51.21
C HIS A 1139 43.39 -1.42 -52.33
N LEU A 1140 43.72 -0.66 -53.37
CA LEU A 1140 44.54 -1.21 -54.45
C LEU A 1140 45.97 -1.47 -54.00
N CYS A 1141 46.50 -0.59 -53.13
CA CYS A 1141 47.84 -0.81 -52.59
C CYS A 1141 47.89 -2.02 -51.66
N CYS A 1142 46.85 -2.22 -50.85
CA CYS A 1142 46.80 -3.38 -49.98
C CYS A 1142 46.58 -4.67 -50.76
N ARG A 1143 45.81 -4.60 -51.86
CA ARG A 1143 45.63 -5.78 -52.70
C ARG A 1143 46.89 -6.10 -53.50
N TRP A 1144 47.66 -5.09 -53.88
CA TRP A 1144 48.90 -5.31 -54.60
C TRP A 1144 50.06 -5.75 -53.71
N ARG A 1145 49.90 -5.66 -52.40
CA ARG A 1145 50.96 -6.06 -51.47
C ARG A 1145 50.38 -6.94 -50.36
N ASP A 1155 35.72 -6.14 -37.81
CA ASP A 1155 36.25 -5.39 -36.67
C ASP A 1155 35.65 -3.99 -36.62
N TYR A 1156 34.33 -3.92 -36.68
CA TYR A 1156 33.62 -2.64 -36.67
C TYR A 1156 33.16 -2.36 -35.23
N GLY A 1157 33.85 -1.45 -34.56
CA GLY A 1157 33.49 -1.09 -33.21
C GLY A 1157 34.54 -0.18 -32.60
N LEU A 1158 34.34 0.10 -31.31
CA LEU A 1158 35.24 0.96 -30.54
C LEU A 1158 35.54 0.26 -29.21
N LYS A 1159 36.61 -0.51 -29.18
CA LYS A 1159 37.02 -1.25 -28.00
C LYS A 1159 38.06 -0.44 -27.24
N LEU A 1160 38.67 -1.04 -26.22
CA LEU A 1160 39.66 -0.35 -25.40
C LEU A 1160 41.03 -0.99 -25.43
N PHE A 1161 41.10 -2.33 -25.48
CA PHE A 1161 42.34 -3.11 -25.53
C PHE A 1161 43.23 -2.83 -24.32
N ILE A 1162 42.71 -3.14 -23.14
CA ILE A 1162 43.42 -2.89 -21.90
C ILE A 1162 44.50 -3.95 -21.68
N THR A 1163 45.41 -3.66 -20.76
CA THR A 1163 46.52 -4.56 -20.45
C THR A 1163 46.05 -5.65 -19.48
N ASP A 1164 46.98 -6.46 -18.98
CA ASP A 1164 46.61 -7.61 -18.16
C ASP A 1164 46.32 -7.21 -16.72
N ASP A 1165 47.11 -6.29 -16.16
CA ASP A 1165 46.84 -5.81 -14.80
C ASP A 1165 45.54 -5.03 -14.74
N GLU A 1166 45.28 -4.23 -15.77
CA GLU A 1166 43.99 -3.54 -15.86
C GLU A 1166 42.85 -4.52 -16.05
N LEU A 1167 43.09 -5.62 -16.77
CA LEU A 1167 42.08 -6.67 -16.91
C LEU A 1167 41.77 -7.34 -15.58
N LYS A 1168 42.82 -7.61 -14.79
CA LYS A 1168 42.61 -8.20 -13.47
C LYS A 1168 41.88 -7.26 -12.53
N LYS A 1169 42.21 -5.95 -12.61
CA LYS A 1169 41.49 -4.96 -11.80
C LYS A 1169 40.03 -4.87 -12.19
N VAL A 1170 39.74 -4.91 -13.50
CA VAL A 1170 38.37 -4.89 -13.99
C VAL A 1170 37.61 -6.13 -13.55
N HIS A 1171 38.26 -7.30 -13.61
CA HIS A 1171 37.61 -8.54 -13.19
C HIS A 1171 37.32 -8.55 -11.69
N ASP A 1172 38.25 -8.06 -10.88
CA ASP A 1172 38.02 -7.99 -9.44
C ASP A 1172 36.91 -7.01 -9.10
N PHE A 1173 36.84 -5.89 -9.83
CA PHE A 1173 35.73 -4.95 -9.69
C PHE A 1173 34.40 -5.61 -10.05
N GLU A 1174 34.40 -6.46 -11.07
CA GLU A 1174 33.18 -7.15 -11.48
C GLU A 1174 32.73 -8.17 -10.43
N GLU A 1175 33.67 -8.89 -9.82
CA GLU A 1175 33.30 -9.82 -8.75
C GLU A 1175 32.76 -9.10 -7.52
N GLN A 1176 33.37 -7.95 -7.18
CA GLN A 1176 32.87 -7.14 -6.07
C GLN A 1176 31.45 -6.66 -6.35
N CYS A 1177 31.19 -6.22 -7.58
CA CYS A 1177 29.86 -5.76 -7.97
C CYS A 1177 28.84 -6.90 -7.94
N ILE A 1178 29.25 -8.10 -8.37
CA ILE A 1178 28.33 -9.25 -8.38
C ILE A 1178 27.95 -9.64 -6.95
N GLU A 1179 28.94 -9.70 -6.05
CA GLU A 1179 28.66 -10.05 -4.66
C GLU A 1179 27.76 -9.02 -4.01
N GLU A 1180 28.05 -7.72 -4.26
CA GLU A 1180 27.25 -6.63 -3.74
C GLU A 1180 25.81 -6.73 -4.24
N TYR A 1181 25.61 -6.96 -5.53
CA TYR A 1181 24.26 -6.99 -6.09
C TYR A 1181 23.45 -8.16 -5.55
N PHE A 1182 24.05 -9.35 -5.57
CA PHE A 1182 23.36 -10.57 -5.05
C PHE A 1182 23.04 -10.42 -3.58
N ARG A 1183 24.06 -10.08 -2.78
CA ARG A 1183 23.88 -9.98 -1.30
C ARG A 1183 22.88 -8.85 -0.97
N GLU A 1184 23.04 -7.68 -1.60
CA GLU A 1184 22.08 -6.59 -1.35
C GLU A 1184 20.67 -7.14 -1.60
N LYS A 1185 20.51 -7.92 -2.66
CA LYS A 1185 19.20 -8.50 -2.97
C LYS A 1185 18.75 -9.45 -1.88
N ASP A 1186 19.68 -10.25 -1.33
CA ASP A 1186 19.37 -11.08 -0.16
C ASP A 1186 19.00 -10.24 1.06
N ASP A 1187 19.71 -9.12 1.29
CA ASP A 1187 19.37 -8.25 2.42
C ASP A 1187 18.02 -7.57 2.24
N ARG A 1188 17.70 -7.17 1.01
CA ARG A 1188 16.40 -6.56 0.73
C ARG A 1188 15.27 -7.57 0.87
N PHE A 1189 15.51 -8.81 0.47
CA PHE A 1189 14.52 -9.85 0.64
C PHE A 1189 14.30 -10.18 2.11
N ASN A 1190 15.37 -10.24 2.89
CA ASN A 1190 15.24 -10.61 4.30
C ASN A 1190 14.66 -9.48 5.14
N SER A 1191 14.73 -8.23 4.69
CA SER A 1191 14.22 -7.10 5.43
C SER A 1191 12.86 -6.62 4.93
N SER A 1192 12.25 -7.34 3.98
CA SER A 1192 10.92 -6.97 3.52
C SER A 1192 9.89 -7.29 4.59
N ASN A 1193 8.72 -6.66 4.46
CA ASN A 1193 7.65 -6.92 5.41
C ASN A 1193 7.08 -8.31 5.26
N ASP A 1194 6.97 -8.80 4.01
CA ASP A 1194 6.34 -10.08 3.75
C ASP A 1194 7.18 -11.24 4.30
N GLU A 1195 8.49 -11.20 4.08
CA GLU A 1195 9.35 -12.26 4.57
C GLU A 1195 9.44 -12.24 6.10
N ARG A 1196 9.46 -11.05 6.69
CA ARG A 1196 9.47 -10.93 8.15
C ARG A 1196 8.18 -11.47 8.76
N ILE A 1197 7.04 -11.15 8.13
CA ILE A 1197 5.75 -11.63 8.62
C ILE A 1197 5.66 -13.14 8.49
N ARG A 1198 6.16 -13.70 7.39
CA ARG A 1198 6.15 -15.14 7.20
C ARG A 1198 7.03 -15.86 8.21
N VAL A 1199 8.23 -15.31 8.46
CA VAL A 1199 9.15 -15.91 9.42
C VAL A 1199 8.57 -15.84 10.84
N THR A 1200 7.95 -14.71 11.19
CA THR A 1200 7.31 -14.56 12.50
C THR A 1200 6.15 -15.55 12.67
N SER A 1201 5.34 -15.73 11.62
CA SER A 1201 4.21 -16.65 11.72
C SER A 1201 4.66 -18.10 11.85
N GLU A 1202 5.70 -18.51 11.11
CA GLU A 1202 6.20 -19.88 11.22
C GLU A 1202 6.84 -20.13 12.58
N ARG A 1203 7.61 -19.17 13.09
CA ARG A 1203 8.24 -19.32 14.40
C ARG A 1203 7.20 -19.37 15.50
N VAL A 1204 6.15 -18.55 15.38
CA VAL A 1204 5.08 -18.54 16.38
C VAL A 1204 4.31 -19.85 16.37
N GLU A 1205 4.09 -20.43 15.18
CA GLU A 1205 3.39 -21.72 15.08
C GLU A 1205 4.20 -22.84 15.73
N ASN A 1206 5.50 -22.93 15.39
CA ASN A 1206 6.38 -23.96 15.97
C ASN A 1206 6.49 -23.77 17.47
N MET A 1207 6.55 -22.52 17.90
CA MET A 1207 6.64 -22.20 19.32
C MET A 1207 5.37 -22.58 20.07
N SER A 1208 4.19 -22.33 19.49
CA SER A 1208 2.94 -22.74 20.13
C SER A 1208 2.85 -24.25 20.27
N MET A 1209 3.25 -25.01 19.25
CA MET A 1209 2.99 -26.45 19.35
C MET A 1209 4.04 -27.14 20.23
N ARG A 1210 5.30 -26.76 20.12
CA ARG A 1210 6.30 -27.31 21.03
C ARG A 1210 6.11 -26.77 22.46
N LEU A 1211 5.61 -25.55 22.58
CA LEU A 1211 5.31 -24.97 23.87
C LEU A 1211 4.18 -25.73 24.54
N GLU A 1212 3.17 -26.17 23.78
CA GLU A 1212 2.14 -27.03 24.31
C GLU A 1212 2.70 -28.35 24.83
N GLU A 1213 3.73 -28.88 24.15
CA GLU A 1213 4.46 -30.03 24.71
C GLU A 1213 5.14 -29.67 26.05
N VAL A 1214 5.69 -28.44 26.17
CA VAL A 1214 6.29 -27.97 27.43
C VAL A 1214 5.24 -27.94 28.54
N ASN A 1215 4.02 -27.51 28.20
CA ASN A 1215 2.91 -27.52 29.15
C ASN A 1215 2.55 -28.93 29.62
N GLU A 1216 2.52 -29.89 28.70
CA GLU A 1216 2.25 -31.27 29.09
C GLU A 1216 3.32 -31.79 30.05
N ARG A 1217 4.58 -31.48 29.76
CA ARG A 1217 5.66 -31.86 30.66
C ARG A 1217 5.62 -31.11 32.00
N GLU A 1218 5.11 -29.88 32.01
CA GLU A 1218 4.98 -29.14 33.26
C GLU A 1218 3.88 -29.73 34.14
N HIS A 1219 2.79 -30.19 33.52
CA HIS A 1219 1.75 -30.88 34.26
C HIS A 1219 2.26 -32.20 34.83
N SER A 1220 3.06 -32.93 34.03
CA SER A 1220 3.66 -34.17 34.51
C SER A 1220 4.64 -33.93 35.65
N MET A 1221 5.44 -32.86 35.56
CA MET A 1221 6.40 -32.54 36.62
C MET A 1221 5.68 -32.08 37.88
N LYS A 1222 4.57 -31.35 37.75
CA LYS A 1222 3.79 -30.96 38.92
C LYS A 1222 3.15 -32.18 39.58
N ALA A 1223 2.68 -33.15 38.79
CA ALA A 1223 2.15 -34.38 39.36
C ALA A 1223 3.24 -35.19 40.07
N SER A 1224 4.44 -35.24 39.49
CA SER A 1224 5.54 -35.95 40.12
C SER A 1224 5.99 -35.26 41.41
N LEU A 1225 6.00 -33.92 41.42
CA LEU A 1225 6.36 -33.19 42.62
C LEU A 1225 5.31 -33.36 43.71
N GLN A 1226 4.02 -33.40 43.32
CA GLN A 1226 2.96 -33.66 44.29
C GLN A 1226 3.07 -35.06 44.88
N THR A 1227 3.40 -36.05 44.05
CA THR A 1227 3.59 -37.42 44.55
C THR A 1227 4.81 -37.53 45.46
N VAL A 1228 5.88 -36.80 45.13
CA VAL A 1228 7.08 -36.82 45.96
C VAL A 1228 6.83 -36.12 47.29
N ASP A 1229 6.04 -35.04 47.28
CA ASP A 1229 5.68 -34.37 48.52
C ASP A 1229 4.74 -35.23 49.37
N ILE A 1230 3.85 -35.99 48.72
CA ILE A 1230 2.97 -36.89 49.45
C ILE A 1230 3.77 -38.05 50.07
N ARG A 1231 4.78 -38.54 49.36
CA ARG A 1231 5.59 -39.63 49.87
C ARG A 1231 6.44 -39.19 51.06
N LEU A 1232 6.97 -37.97 51.02
CA LEU A 1232 7.78 -37.45 52.12
C LEU A 1232 7.05 -36.34 52.87
N SER B 30 60.00 -7.60 -6.51
CA SER B 30 61.40 -7.97 -6.53
C SER B 30 62.05 -7.66 -5.18
N TRP B 31 61.40 -6.80 -4.39
CA TRP B 31 61.91 -6.50 -3.03
C TRP B 31 61.75 -7.73 -2.17
N ILE B 32 60.66 -8.46 -2.38
CA ILE B 32 60.37 -9.59 -1.51
C ILE B 32 61.46 -10.64 -1.61
N GLU B 33 61.95 -10.90 -2.83
CA GLU B 33 63.04 -11.86 -3.00
C GLU B 33 64.35 -11.31 -2.45
N ARG B 34 64.58 -10.00 -2.61
CA ARG B 34 65.84 -9.40 -2.17
C ARG B 34 65.88 -9.13 -0.67
N ALA B 35 64.74 -9.16 0.01
CA ALA B 35 64.68 -8.91 1.45
C ALA B 35 64.45 -10.17 2.27
N PHE B 36 63.68 -11.11 1.76
CA PHE B 36 63.37 -12.35 2.47
C PHE B 36 64.23 -13.49 1.96
N TYR B 37 64.52 -14.42 2.85
CA TYR B 37 65.37 -15.54 2.55
C TYR B 37 64.62 -16.84 2.84
N LYS B 38 65.21 -17.95 2.44
CA LYS B 38 64.59 -19.26 2.56
C LYS B 38 65.69 -20.29 2.68
N ARG B 39 65.33 -21.48 3.17
CA ARG B 39 66.30 -22.52 3.44
C ARG B 39 65.81 -23.83 2.87
N GLU B 40 66.76 -24.63 2.36
CA GLU B 40 66.44 -25.88 1.68
C GLU B 40 67.34 -27.00 2.19
N CYS B 41 66.83 -28.22 2.09
CA CYS B 41 67.44 -29.37 2.76
C CYS B 41 68.63 -29.91 1.94
N VAL B 42 69.83 -29.60 2.41
CA VAL B 42 71.06 -30.18 1.87
C VAL B 42 71.81 -30.83 3.05
N HIS B 43 71.54 -32.11 3.26
CA HIS B 43 72.03 -32.84 4.42
C HIS B 43 72.82 -34.09 4.00
N ILE B 44 73.20 -34.88 5.01
CA ILE B 44 73.88 -36.15 4.78
C ILE B 44 72.89 -37.30 4.59
N ILE B 45 71.59 -37.00 4.58
CA ILE B 45 70.46 -37.93 4.45
C ILE B 45 70.54 -39.00 5.53
N PRO B 46 70.23 -38.68 6.79
CA PRO B 46 70.15 -39.73 7.83
C PRO B 46 68.84 -40.49 7.71
N SER B 47 68.93 -41.82 7.66
CA SER B 47 67.75 -42.63 7.41
C SER B 47 66.83 -42.70 8.62
N THR B 48 67.41 -42.88 9.81
CA THR B 48 66.70 -43.19 11.07
C THR B 48 65.81 -44.41 10.88
N LYS B 49 64.50 -44.22 10.87
CA LYS B 49 63.59 -45.35 10.72
C LYS B 49 63.50 -45.81 9.27
N ASP B 50 62.99 -44.94 8.38
CA ASP B 50 62.77 -45.32 6.98
C ASP B 50 63.91 -44.82 6.12
N PRO B 51 64.49 -45.68 5.26
CA PRO B 51 65.62 -45.24 4.42
C PRO B 51 65.30 -44.12 3.44
N HIS B 52 64.06 -44.05 2.96
CA HIS B 52 63.69 -42.94 2.08
C HIS B 52 63.53 -41.64 2.86
N ARG B 53 62.98 -41.72 4.07
CA ARG B 53 62.74 -40.53 4.87
C ARG B 53 64.04 -40.04 5.50
N CYS B 54 64.41 -38.80 5.22
CA CYS B 54 65.61 -38.22 5.78
C CYS B 54 65.30 -37.58 7.13
N CYS B 55 66.22 -36.75 7.64
CA CYS B 55 65.93 -35.97 8.84
C CYS B 55 64.82 -34.96 8.57
N CYS B 56 64.78 -34.39 7.38
CA CYS B 56 63.70 -33.50 6.99
C CYS B 56 62.45 -34.22 6.55
N GLY B 57 62.47 -35.55 6.43
CA GLY B 57 61.29 -36.31 6.13
C GLY B 57 60.96 -36.48 4.66
N ARG B 58 61.66 -35.78 3.77
CA ARG B 58 61.39 -35.88 2.35
C ARG B 58 61.95 -37.19 1.79
N LEU B 59 61.65 -37.43 0.50
CA LEU B 59 62.15 -38.60 -0.19
C LEU B 59 63.66 -38.50 -0.39
N ILE B 60 64.31 -39.66 -0.48
CA ILE B 60 65.77 -39.75 -0.48
C ILE B 60 66.37 -39.14 -1.75
N GLY B 61 65.63 -39.18 -2.86
CA GLY B 61 66.06 -38.55 -4.09
C GLY B 61 65.48 -37.18 -4.35
N GLN B 62 64.61 -36.69 -3.46
CA GLN B 62 63.91 -35.42 -3.69
C GLN B 62 64.70 -34.20 -3.22
N HIS B 63 65.86 -34.38 -2.60
CA HIS B 63 66.63 -33.23 -2.12
C HIS B 63 67.31 -32.54 -3.28
N VAL B 64 66.97 -31.26 -3.48
CA VAL B 64 67.50 -30.37 -4.52
C VAL B 64 67.34 -30.95 -5.92
N TRP B 92 67.67 -25.56 10.60
CA TRP B 92 68.93 -25.35 11.29
C TRP B 92 70.04 -26.15 10.64
N SER B 93 71.29 -25.75 10.90
CA SER B 93 72.44 -26.45 10.35
C SER B 93 72.76 -27.73 11.10
N ILE B 94 72.14 -27.96 12.25
CA ILE B 94 72.40 -29.16 13.04
C ILE B 94 71.59 -30.31 12.46
N SER B 95 72.30 -31.29 11.88
CA SER B 95 71.87 -32.55 11.27
C SER B 95 71.15 -32.33 9.92
N LYS B 96 70.76 -31.10 9.58
CA LYS B 96 70.17 -30.78 8.28
C LYS B 96 71.10 -30.00 7.38
N HIS B 97 72.03 -29.22 7.96
CA HIS B 97 73.12 -28.53 7.25
C HIS B 97 72.58 -27.60 6.16
N THR B 98 71.48 -26.91 6.47
CA THR B 98 70.71 -26.20 5.46
C THR B 98 71.44 -24.95 4.97
N GLN B 99 71.19 -24.60 3.72
CA GLN B 99 71.80 -23.44 3.07
C GLN B 99 70.74 -22.39 2.80
N LEU B 100 71.18 -21.13 2.76
CA LEU B 100 70.28 -19.99 2.68
C LEU B 100 70.30 -19.43 1.26
N SER B 101 69.13 -18.98 0.78
CA SER B 101 68.96 -18.61 -0.61
C SER B 101 67.82 -17.61 -0.70
N PRO B 102 67.72 -16.85 -1.79
CA PRO B 102 66.51 -16.05 -2.02
C PRO B 102 65.29 -16.92 -2.25
N THR B 103 64.13 -16.39 -1.85
CA THR B 103 62.88 -17.14 -1.92
C THR B 103 62.40 -17.28 -3.36
N ASP B 104 61.60 -18.34 -3.58
CA ASP B 104 61.05 -18.63 -4.90
C ASP B 104 59.56 -18.95 -4.86
N ALA B 105 58.91 -18.74 -3.72
CA ALA B 105 57.51 -19.15 -3.53
C ALA B 105 56.78 -18.02 -2.82
N PHE B 106 56.27 -17.07 -3.61
CA PHE B 106 55.56 -15.91 -3.08
C PHE B 106 54.75 -15.27 -4.20
N GLY B 107 53.66 -14.61 -3.82
CA GLY B 107 52.76 -14.01 -4.79
C GLY B 107 51.32 -14.00 -4.32
N THR B 108 50.43 -14.57 -5.12
CA THR B 108 49.00 -14.63 -4.80
C THR B 108 48.50 -16.04 -5.09
N ILE B 109 47.53 -16.48 -4.30
CA ILE B 109 46.94 -17.81 -4.42
C ILE B 109 45.48 -17.64 -4.80
N GLU B 110 45.07 -18.28 -5.89
CA GLU B 110 43.67 -18.30 -6.31
C GLU B 110 43.06 -19.63 -5.85
N PHE B 111 42.24 -19.56 -4.82
CA PHE B 111 41.63 -20.74 -4.22
C PHE B 111 40.52 -21.25 -5.13
N GLN B 112 40.82 -22.30 -5.90
CA GLN B 112 39.86 -22.92 -6.80
C GLN B 112 39.04 -23.93 -6.03
N GLY B 113 37.72 -23.86 -6.20
CA GLY B 113 36.82 -24.73 -5.47
C GLY B 113 36.51 -24.21 -4.08
N GLY B 114 35.78 -25.03 -3.33
CA GLY B 114 35.36 -24.64 -2.00
C GLY B 114 34.37 -23.50 -1.96
N GLY B 115 33.48 -23.42 -2.93
CA GLY B 115 32.44 -22.42 -2.93
C GLY B 115 32.91 -21.04 -3.39
N HIS B 116 33.02 -20.12 -2.45
CA HIS B 116 33.41 -18.75 -2.78
C HIS B 116 34.88 -18.68 -3.18
N SER B 117 35.15 -17.90 -4.22
CA SER B 117 36.52 -17.71 -4.69
C SER B 117 37.16 -16.57 -3.91
N ASN B 118 38.32 -16.84 -3.32
CA ASN B 118 39.01 -15.86 -2.48
C ASN B 118 40.48 -15.89 -2.81
N LYS B 119 41.08 -14.73 -2.95
CA LYS B 119 42.51 -14.60 -3.27
C LYS B 119 43.28 -14.25 -2.00
N ALA B 120 44.34 -15.01 -1.74
CA ALA B 120 45.14 -14.83 -0.53
C ALA B 120 46.60 -14.67 -0.90
N MET B 121 47.21 -13.57 -0.44
CA MET B 121 48.64 -13.37 -0.63
C MET B 121 49.42 -14.37 0.23
N TYR B 122 50.65 -14.66 -0.19
CA TYR B 122 51.47 -15.63 0.53
C TYR B 122 52.94 -15.34 0.27
N VAL B 123 53.77 -15.60 1.28
CA VAL B 123 55.22 -15.60 1.15
C VAL B 123 55.76 -16.82 1.89
N ARG B 124 56.81 -17.41 1.34
CA ARG B 124 57.63 -18.36 2.08
C ARG B 124 58.82 -17.61 2.67
N VAL B 125 58.99 -17.72 3.98
CA VAL B 125 60.04 -17.01 4.70
C VAL B 125 60.83 -18.01 5.53
N SER B 126 62.03 -17.60 5.91
CA SER B 126 62.82 -18.38 6.86
C SER B 126 62.26 -18.22 8.27
N PHE B 127 62.46 -19.25 9.09
CA PHE B 127 61.94 -19.22 10.46
C PHE B 127 62.73 -18.29 11.37
N ASP B 128 63.93 -17.88 10.97
CA ASP B 128 64.81 -17.06 11.79
C ASP B 128 64.83 -15.60 11.37
N THR B 129 63.89 -15.17 10.53
CA THR B 129 63.86 -13.80 10.04
C THR B 129 63.42 -12.84 11.14
N LYS B 130 63.95 -11.61 11.08
CA LYS B 130 63.57 -10.59 12.03
C LYS B 130 62.14 -10.13 11.78
N PRO B 131 61.33 -9.97 12.82
CA PRO B 131 59.92 -9.64 12.63
C PRO B 131 59.67 -8.21 12.16
N ASP B 132 60.64 -7.30 12.31
CA ASP B 132 60.46 -5.93 11.85
C ASP B 132 60.33 -5.86 10.33
N LEU B 133 61.14 -6.67 9.65
CA LEU B 133 61.10 -6.71 8.16
C LEU B 133 59.72 -7.23 7.72
N LEU B 134 59.26 -8.32 8.33
CA LEU B 134 57.93 -8.84 8.00
C LEU B 134 56.84 -7.83 8.29
N LEU B 135 56.97 -7.08 9.40
CA LEU B 135 55.98 -6.06 9.72
C LEU B 135 55.99 -4.96 8.66
N HIS B 136 57.17 -4.62 8.15
CA HIS B 136 57.27 -3.70 7.02
C HIS B 136 56.64 -4.28 5.77
N LEU B 137 56.71 -5.61 5.58
CA LEU B 137 56.06 -6.25 4.44
C LEU B 137 54.54 -6.09 4.49
N MET B 138 53.96 -6.41 5.64
CA MET B 138 52.49 -6.26 5.80
C MET B 138 52.09 -4.79 5.67
N THR B 139 52.90 -3.87 6.22
CA THR B 139 52.47 -2.47 6.19
C THR B 139 52.64 -1.84 4.81
N LYS B 140 53.65 -2.23 4.04
CA LYS B 140 53.94 -1.59 2.77
C LYS B 140 53.45 -2.40 1.57
N GLU B 141 53.94 -3.63 1.42
CA GLU B 141 53.70 -4.37 0.18
C GLU B 141 52.28 -4.91 0.10
N TRP B 142 51.72 -5.36 1.22
CA TRP B 142 50.35 -5.85 1.26
C TRP B 142 49.32 -4.77 1.54
N GLN B 143 49.78 -3.53 1.81
CA GLN B 143 48.92 -2.35 2.00
C GLN B 143 47.92 -2.53 3.15
N LEU B 144 48.39 -3.14 4.24
CA LEU B 144 47.57 -3.38 5.40
C LEU B 144 47.90 -2.33 6.46
N GLU B 145 46.88 -1.64 6.95
CA GLU B 145 47.07 -0.68 8.02
C GLU B 145 47.40 -1.39 9.33
N LEU B 146 47.98 -0.65 10.25
CA LEU B 146 48.30 -1.20 11.56
C LEU B 146 47.00 -1.48 12.32
N PRO B 147 46.78 -2.70 12.78
CA PRO B 147 45.50 -3.03 13.41
C PRO B 147 45.35 -2.41 14.78
N LYS B 148 44.11 -2.17 15.17
CA LYS B 148 43.82 -1.67 16.50
C LYS B 148 43.74 -2.79 17.53
N LEU B 149 43.84 -4.05 17.10
CA LEU B 149 43.71 -5.19 17.99
C LEU B 149 44.36 -6.39 17.30
N LEU B 150 45.06 -7.21 18.09
CA LEU B 150 45.65 -8.44 17.61
C LEU B 150 45.04 -9.62 18.35
N ILE B 151 44.61 -10.63 17.61
CA ILE B 151 44.00 -11.83 18.17
C ILE B 151 44.87 -13.02 17.80
N SER B 152 45.26 -13.82 18.78
CA SER B 152 46.09 -15.00 18.56
C SER B 152 45.26 -16.23 18.92
N VAL B 153 44.81 -16.95 17.90
CA VAL B 153 43.97 -18.13 18.09
C VAL B 153 44.86 -19.36 18.13
N HIS B 154 44.81 -20.08 19.23
CA HIS B 154 45.59 -21.30 19.42
C HIS B 154 44.66 -22.44 19.78
N GLY B 155 45.06 -23.66 19.43
CA GLY B 155 44.24 -24.81 19.73
C GLY B 155 44.90 -26.08 19.28
N GLY B 156 44.13 -27.17 19.30
CA GLY B 156 44.65 -28.47 18.96
C GLY B 156 44.83 -28.63 17.47
N LEU B 157 45.96 -29.24 17.10
CA LEU B 157 46.23 -29.49 15.68
C LEU B 157 45.36 -30.62 15.14
N GLN B 158 44.91 -31.52 16.01
CA GLN B 158 43.99 -32.57 15.58
C GLN B 158 42.60 -31.98 15.32
N ASN B 159 41.91 -32.56 14.35
CA ASN B 159 40.56 -32.14 14.05
C ASN B 159 39.60 -32.55 15.15
N PHE B 160 38.64 -31.68 15.44
CA PHE B 160 37.64 -31.95 16.46
C PHE B 160 36.33 -31.30 16.06
N GLU B 161 35.26 -31.75 16.69
CA GLU B 161 33.93 -31.19 16.48
C GLU B 161 33.39 -30.71 17.82
N LEU B 162 32.74 -29.54 17.80
CA LEU B 162 32.17 -28.93 18.99
C LEU B 162 30.65 -28.98 18.90
N GLN B 163 30.01 -28.44 19.94
CA GLN B 163 28.56 -28.30 19.94
C GLN B 163 28.14 -27.28 18.89
N PRO B 164 26.94 -27.43 18.30
CA PRO B 164 26.54 -26.48 17.25
C PRO B 164 26.27 -25.08 17.74
N LYS B 165 25.63 -24.94 18.91
CA LYS B 165 25.36 -23.62 19.47
C LYS B 165 26.66 -22.94 19.89
N LEU B 166 27.58 -23.70 20.49
CA LEU B 166 28.88 -23.15 20.87
C LEU B 166 29.68 -22.71 19.66
N LYS B 167 29.66 -23.52 18.60
CA LYS B 167 30.37 -23.17 17.37
C LYS B 167 29.76 -21.93 16.71
N GLN B 168 28.42 -21.83 16.69
CA GLN B 168 27.77 -20.67 16.11
C GLN B 168 28.06 -19.40 16.90
N VAL B 169 28.01 -19.49 18.23
CA VAL B 169 28.27 -18.32 19.07
C VAL B 169 29.73 -17.90 18.96
N PHE B 170 30.66 -18.87 18.97
CA PHE B 170 32.08 -18.57 18.83
C PHE B 170 32.39 -17.97 17.47
N GLY B 171 31.77 -18.49 16.41
CA GLY B 171 32.00 -17.94 15.08
C GLY B 171 31.47 -16.53 14.92
N LYS B 172 30.24 -16.28 15.39
CA LYS B 172 29.67 -14.94 15.32
C LYS B 172 30.45 -13.95 16.17
N GLY B 173 30.93 -14.40 17.33
CA GLY B 173 31.76 -13.54 18.16
C GLY B 173 33.10 -13.20 17.51
N LEU B 174 33.79 -14.20 16.97
CA LEU B 174 35.09 -13.94 16.35
C LEU B 174 34.96 -13.05 15.12
N ILE B 175 33.90 -13.24 14.35
CA ILE B 175 33.64 -12.39 13.19
C ILE B 175 33.36 -10.95 13.62
N LYS B 176 32.48 -10.76 14.62
CA LYS B 176 32.14 -9.40 15.04
C LYS B 176 33.29 -8.70 15.73
N ALA B 177 34.12 -9.45 16.45
CA ALA B 177 35.30 -8.87 17.10
C ALA B 177 36.36 -8.48 16.08
N ALA B 178 36.53 -9.28 15.02
CA ALA B 178 37.42 -8.86 13.95
C ALA B 178 36.84 -7.75 13.11
N MET B 179 35.52 -7.58 13.18
CA MET B 179 34.87 -6.59 12.28
C MET B 179 34.79 -5.18 12.91
N THR B 180 34.37 -5.08 14.16
CA THR B 180 34.14 -3.76 14.75
C THR B 180 35.45 -3.07 15.11
N THR B 181 36.40 -3.81 15.65
CA THR B 181 37.69 -3.24 16.00
C THR B 181 38.68 -3.20 14.85
N GLY B 182 38.38 -3.87 13.74
CA GLY B 182 39.32 -3.95 12.63
C GLY B 182 40.58 -4.72 12.97
N ALA B 183 40.42 -5.88 13.60
CA ALA B 183 41.55 -6.62 14.16
C ALA B 183 42.21 -7.52 13.12
N TRP B 184 43.32 -8.12 13.54
CA TRP B 184 44.01 -9.15 12.77
C TRP B 184 43.86 -10.49 13.49
N ILE B 185 43.55 -11.53 12.75
CA ILE B 185 43.41 -12.87 13.29
C ILE B 185 44.64 -13.69 12.91
N PHE B 186 45.26 -14.30 13.90
CA PHE B 186 46.47 -15.10 13.71
C PHE B 186 46.13 -16.55 14.00
N THR B 187 46.20 -17.41 12.99
CA THR B 187 45.84 -18.81 13.15
C THR B 187 47.05 -19.69 12.85
N GLY B 188 46.82 -21.00 12.85
CA GLY B 188 47.84 -21.96 12.46
C GLY B 188 47.98 -22.17 10.98
N GLY B 189 47.14 -21.51 10.17
CA GLY B 189 47.30 -21.55 8.73
C GLY B 189 46.59 -22.70 8.04
N VAL B 190 47.00 -23.93 8.35
CA VAL B 190 46.46 -25.10 7.67
C VAL B 190 45.02 -25.37 8.14
N ASN B 191 44.30 -26.15 7.35
CA ASN B 191 42.87 -26.37 7.56
C ASN B 191 42.67 -27.58 8.48
N THR B 192 43.12 -27.44 9.72
CA THR B 192 42.95 -28.44 10.75
C THR B 192 42.31 -27.80 11.98
N GLY B 193 41.32 -28.49 12.54
CA GLY B 193 40.79 -28.21 13.87
C GLY B 193 40.20 -26.83 14.14
N VAL B 194 40.86 -26.09 15.03
CA VAL B 194 40.40 -24.77 15.42
C VAL B 194 40.50 -23.79 14.24
N ILE B 195 41.52 -23.95 13.39
CA ILE B 195 41.62 -23.13 12.19
C ILE B 195 40.52 -23.50 11.20
N ARG B 196 40.10 -24.77 11.19
CA ARG B 196 38.96 -25.15 10.36
C ARG B 196 37.67 -24.53 10.89
N HIS B 197 37.52 -24.43 12.21
CA HIS B 197 36.37 -23.73 12.78
C HIS B 197 36.40 -22.23 12.46
N VAL B 198 37.60 -21.64 12.50
CA VAL B 198 37.76 -20.23 12.11
C VAL B 198 37.43 -20.05 10.64
N GLY B 199 37.80 -21.02 9.80
CA GLY B 199 37.45 -20.96 8.39
C GLY B 199 35.96 -21.09 8.12
N ASP B 200 35.29 -21.96 8.89
CA ASP B 200 33.84 -22.05 8.78
C ASP B 200 33.16 -20.76 9.24
N ALA B 201 33.71 -20.14 10.29
CA ALA B 201 33.23 -18.84 10.75
C ALA B 201 33.43 -17.77 9.69
N LEU B 202 34.57 -17.77 9.02
CA LEU B 202 34.79 -16.83 7.93
C LEU B 202 33.92 -17.13 6.72
N LYS B 203 33.55 -18.40 6.50
CA LYS B 203 32.60 -18.73 5.43
C LYS B 203 31.24 -18.13 5.72
N ASP B 204 30.79 -18.26 6.97
CA ASP B 204 29.56 -17.58 7.40
C ASP B 204 29.70 -16.06 7.32
N HIS B 205 30.89 -15.54 7.60
CA HIS B 205 31.15 -14.10 7.50
C HIS B 205 31.04 -13.60 6.07
N ALA B 206 31.57 -14.36 5.12
CA ALA B 206 31.41 -14.01 3.72
C ALA B 206 30.01 -14.35 3.22
N SER B 207 29.20 -15.06 4.02
CA SER B 207 27.80 -15.23 3.66
C SER B 207 26.86 -14.17 4.23
N LYS B 208 27.19 -13.46 5.33
CA LYS B 208 26.28 -12.35 5.65
C LYS B 208 26.95 -11.02 6.02
N SER B 209 28.22 -10.75 5.66
CA SER B 209 28.76 -9.43 6.00
C SER B 209 29.80 -8.95 4.97
N ARG B 210 29.84 -7.64 4.74
CA ARG B 210 30.75 -7.09 3.69
C ARG B 210 32.16 -6.83 4.25
N GLY B 211 32.60 -7.57 5.28
CA GLY B 211 33.92 -7.42 5.78
C GLY B 211 34.95 -8.14 4.95
N LYS B 212 36.14 -7.56 4.91
CA LYS B 212 37.34 -8.27 4.48
C LYS B 212 38.18 -8.43 5.75
N ILE B 213 37.87 -9.49 6.50
CA ILE B 213 38.52 -9.69 7.80
C ILE B 213 39.95 -10.17 7.56
N CYS B 214 40.90 -9.43 8.11
CA CYS B 214 42.31 -9.74 7.90
C CYS B 214 42.68 -10.88 8.83
N THR B 215 42.99 -12.04 8.25
CA THR B 215 43.08 -13.32 8.96
C THR B 215 44.39 -14.02 8.57
N ILE B 216 45.51 -13.31 8.76
CA ILE B 216 46.84 -13.82 8.43
C ILE B 216 47.13 -15.08 9.23
N GLY B 217 47.26 -16.20 8.53
CA GLY B 217 47.58 -17.48 9.15
C GLY B 217 49.04 -17.82 8.92
N ILE B 218 49.66 -18.41 9.95
CA ILE B 218 51.07 -18.78 9.91
C ILE B 218 51.17 -20.29 10.05
N ALA B 219 51.68 -20.94 9.02
CA ALA B 219 51.72 -22.38 8.90
C ALA B 219 53.13 -22.82 8.53
N PRO B 220 53.51 -24.06 8.82
CA PRO B 220 54.78 -24.58 8.29
C PRO B 220 54.71 -24.76 6.78
N TRP B 221 55.79 -24.36 6.11
CA TRP B 221 55.85 -24.52 4.65
C TRP B 221 56.00 -25.99 4.26
N GLY B 222 56.64 -26.79 5.10
CA GLY B 222 56.85 -28.17 4.73
C GLY B 222 55.66 -29.08 4.89
N ILE B 223 54.59 -28.63 5.51
CA ILE B 223 53.45 -29.50 5.83
C ILE B 223 52.24 -29.22 4.96
N VAL B 224 52.27 -28.18 4.13
CA VAL B 224 51.14 -27.87 3.28
C VAL B 224 51.21 -28.74 2.02
N GLU B 225 50.07 -29.34 1.67
CA GLU B 225 49.95 -30.14 0.47
C GLU B 225 50.17 -29.28 -0.77
N ASN B 226 50.72 -29.92 -1.81
CA ASN B 226 51.01 -29.33 -3.12
C ASN B 226 51.96 -28.13 -2.99
N GLN B 227 53.15 -28.41 -2.48
CA GLN B 227 54.17 -27.37 -2.32
C GLN B 227 54.67 -26.87 -3.66
N GLU B 228 54.68 -27.73 -4.69
CA GLU B 228 55.10 -27.30 -6.01
C GLU B 228 54.08 -26.41 -6.69
N ASP B 229 52.82 -26.46 -6.26
CA ASP B 229 51.79 -25.61 -6.85
C ASP B 229 51.95 -24.16 -6.47
N LEU B 230 52.62 -23.86 -5.35
CA LEU B 230 52.76 -22.49 -4.86
C LEU B 230 54.14 -21.91 -5.14
N ILE B 231 54.76 -22.29 -6.26
CA ILE B 231 56.08 -21.81 -6.62
C ILE B 231 55.93 -20.71 -7.66
N GLY B 232 56.41 -19.52 -7.34
CA GLY B 232 56.32 -18.40 -8.27
C GLY B 232 56.89 -17.16 -7.63
N ARG B 233 56.99 -16.10 -8.44
CA ARG B 233 57.49 -14.80 -8.00
C ARG B 233 56.53 -13.75 -8.53
N ASP B 234 55.66 -13.23 -7.65
CA ASP B 234 54.54 -12.33 -8.00
C ASP B 234 53.66 -12.95 -9.07
N VAL B 235 53.39 -14.24 -8.94
CA VAL B 235 52.62 -14.99 -9.94
C VAL B 235 51.39 -15.58 -9.25
N VAL B 236 50.22 -15.38 -9.85
CA VAL B 236 48.99 -15.94 -9.32
C VAL B 236 48.98 -17.45 -9.58
N ARG B 237 49.03 -18.23 -8.51
CA ARG B 237 49.10 -19.68 -8.61
C ARG B 237 47.77 -20.27 -8.14
N PRO B 238 47.09 -21.06 -8.97
CA PRO B 238 45.87 -21.72 -8.51
C PRO B 238 46.17 -22.80 -7.48
N TYR B 239 45.22 -23.01 -6.57
CA TYR B 239 45.33 -23.97 -5.50
C TYR B 239 44.09 -24.82 -5.44
N GLN B 240 44.25 -26.07 -5.01
CA GLN B 240 43.15 -27.01 -4.92
C GLN B 240 42.72 -27.16 -3.46
N THR B 241 41.44 -26.94 -3.19
CA THR B 241 40.90 -27.11 -1.85
C THR B 241 40.64 -28.56 -1.49
N MET B 242 40.73 -29.48 -2.45
CA MET B 242 40.59 -30.89 -2.16
C MET B 242 41.80 -31.39 -1.38
N SER B 243 41.54 -32.21 -0.36
CA SER B 243 42.58 -32.79 0.47
C SER B 243 42.50 -34.31 0.38
N ASN B 244 43.62 -34.94 0.06
CA ASN B 244 43.67 -36.39 0.02
C ASN B 244 43.74 -36.94 1.44
N PRO B 245 42.80 -37.81 1.85
CA PRO B 245 42.86 -38.37 3.20
C PRO B 245 44.03 -39.32 3.42
N MET B 246 44.60 -39.89 2.36
CA MET B 246 45.75 -40.78 2.52
C MET B 246 47.01 -39.99 2.89
N SER B 247 47.18 -38.80 2.32
CA SER B 247 48.36 -38.01 2.60
C SER B 247 48.29 -37.40 3.99
N LYS B 248 49.42 -37.45 4.71
CA LYS B 248 49.48 -36.86 6.04
C LYS B 248 49.53 -35.34 5.97
N LEU B 249 50.00 -34.79 4.86
CA LEU B 249 50.02 -33.33 4.68
C LEU B 249 48.60 -32.81 4.51
N THR B 250 48.36 -31.61 5.05
CA THR B 250 47.06 -30.98 5.00
C THR B 250 47.11 -29.73 4.14
N VAL B 251 45.99 -29.41 3.51
CA VAL B 251 45.91 -28.22 2.68
C VAL B 251 45.75 -26.98 3.55
N LEU B 252 46.00 -25.82 2.97
CA LEU B 252 45.74 -24.57 3.66
C LEU B 252 44.25 -24.31 3.75
N ASN B 253 43.87 -23.46 4.70
CA ASN B 253 42.48 -23.05 4.82
C ASN B 253 42.09 -22.19 3.63
N SER B 254 40.87 -22.37 3.15
CA SER B 254 40.50 -21.84 1.84
C SER B 254 40.28 -20.33 1.87
N MET B 255 39.72 -19.81 2.96
CA MET B 255 39.35 -18.39 2.99
C MET B 255 40.16 -17.59 4.01
N HIS B 256 41.45 -17.84 4.11
CA HIS B 256 42.31 -16.91 4.83
C HIS B 256 42.76 -15.81 3.87
N SER B 257 43.27 -14.74 4.43
CA SER B 257 43.60 -13.57 3.62
C SER B 257 45.08 -13.46 3.29
N HIS B 258 45.97 -13.82 4.22
CA HIS B 258 47.40 -13.75 3.98
C HIS B 258 48.06 -14.95 4.63
N PHE B 259 49.27 -15.27 4.18
CA PHE B 259 49.99 -16.43 4.68
C PHE B 259 51.45 -16.08 4.92
N ILE B 260 51.95 -16.47 6.10
CA ILE B 260 53.39 -16.22 6.47
C ILE B 260 54.06 -17.60 6.57
N LEU B 261 53.71 -18.50 5.66
CA LEU B 261 54.27 -19.85 5.61
C LEU B 261 55.78 -19.88 5.82
N ALA B 262 56.22 -20.54 6.89
CA ALA B 262 57.60 -20.45 7.36
C ALA B 262 58.29 -21.80 7.20
N ASP B 263 59.47 -21.77 6.59
CA ASP B 263 60.27 -22.96 6.34
C ASP B 263 61.48 -22.97 7.27
N ASN B 264 61.60 -24.03 8.06
CA ASN B 264 62.84 -24.32 8.75
C ASN B 264 63.72 -25.29 7.98
N GLY B 265 63.29 -25.70 6.79
CA GLY B 265 63.99 -26.68 6.01
C GLY B 265 63.29 -28.02 5.98
N THR B 266 62.73 -28.44 7.11
CA THR B 266 62.08 -29.74 7.20
C THR B 266 60.70 -29.70 6.55
N THR B 267 60.21 -30.90 6.22
CA THR B 267 58.89 -31.08 5.65
C THR B 267 58.12 -32.10 6.47
N GLY B 268 56.81 -31.88 6.60
CA GLY B 268 55.97 -32.79 7.34
C GLY B 268 56.08 -32.70 8.85
N LYS B 269 56.75 -31.68 9.37
CA LYS B 269 56.93 -31.53 10.80
C LYS B 269 56.56 -30.10 11.22
N TYR B 270 56.03 -29.98 12.43
CA TYR B 270 55.61 -28.71 12.98
C TYR B 270 56.80 -28.05 13.69
N GLY B 271 56.53 -26.99 14.44
CA GLY B 271 57.55 -26.31 15.21
C GLY B 271 58.37 -25.31 14.44
N ALA B 272 58.09 -25.10 13.17
CA ALA B 272 58.83 -24.16 12.34
C ALA B 272 58.23 -22.77 12.36
N GLU B 273 57.17 -22.56 13.13
CA GLU B 273 56.43 -21.30 13.06
C GLU B 273 56.10 -20.70 14.42
N VAL B 274 56.27 -21.42 15.53
CA VAL B 274 55.82 -20.93 16.84
C VAL B 274 56.67 -19.75 17.31
N LYS B 275 58.00 -19.89 17.19
CA LYS B 275 58.90 -18.83 17.65
C LYS B 275 58.78 -17.59 16.78
N LEU B 276 58.64 -17.76 15.47
CA LEU B 276 58.47 -16.63 14.57
C LEU B 276 57.15 -15.91 14.81
N ARG B 277 56.07 -16.67 15.05
CA ARG B 277 54.78 -16.05 15.33
C ARG B 277 54.79 -15.31 16.66
N ARG B 278 55.42 -15.89 17.68
CA ARG B 278 55.49 -15.22 18.98
C ARG B 278 56.35 -13.96 18.91
N GLN B 279 57.46 -14.00 18.17
CA GLN B 279 58.28 -12.80 18.01
C GLN B 279 57.58 -11.73 17.20
N LEU B 280 56.79 -12.13 16.20
CA LEU B 280 56.05 -11.15 15.41
C LEU B 280 54.92 -10.53 16.22
N GLU B 281 54.27 -11.32 17.09
CA GLU B 281 53.24 -10.77 17.97
C GLU B 281 53.84 -9.81 18.98
N LYS B 282 55.01 -10.14 19.52
CA LYS B 282 55.70 -9.22 20.43
C LYS B 282 56.11 -7.93 19.72
N HIS B 283 56.62 -8.06 18.49
CA HIS B 283 57.04 -6.88 17.74
C HIS B 283 55.86 -6.00 17.33
N ILE B 284 54.70 -6.61 17.06
CA ILE B 284 53.50 -5.83 16.80
C ILE B 284 53.03 -5.13 18.07
N SER B 285 53.08 -5.83 19.21
CA SER B 285 52.62 -5.24 20.48
C SER B 285 53.54 -4.12 20.96
N LEU B 286 54.82 -4.13 20.57
CA LEU B 286 55.67 -3.00 20.89
C LEU B 286 55.36 -1.75 20.07
N GLN B 287 54.69 -1.89 18.92
CA GLN B 287 54.31 -0.74 18.13
C GLN B 287 53.21 0.07 18.81
N LYS B 288 53.37 1.39 18.80
CA LYS B 288 52.40 2.27 19.44
C LYS B 288 51.15 2.41 18.59
N ILE B 289 50.00 2.48 19.26
CA ILE B 289 48.72 2.63 18.59
C ILE B 289 48.57 4.10 18.18
N ASN B 290 47.62 4.39 17.30
CA ASN B 290 47.49 5.73 16.71
C ASN B 290 46.94 6.78 17.67
N THR B 291 46.44 6.39 18.85
CA THR B 291 45.94 7.37 19.79
C THR B 291 47.06 8.20 20.41
N ARG B 292 48.27 7.62 20.49
CA ARG B 292 49.49 8.29 20.97
C ARG B 292 49.35 8.79 22.41
N ILE B 293 48.57 8.09 23.23
CA ILE B 293 48.45 8.43 24.64
C ILE B 293 49.51 7.71 25.47
N GLY B 294 50.20 6.74 24.89
CA GLY B 294 51.26 6.04 25.59
C GLY B 294 51.05 4.55 25.73
N GLN B 295 50.33 3.95 24.78
CA GLN B 295 50.04 2.53 24.83
C GLN B 295 50.27 1.90 23.47
N GLY B 296 50.69 0.63 23.48
CA GLY B 296 50.78 -0.15 22.27
C GLY B 296 49.45 -0.78 21.90
N VAL B 297 49.46 -1.59 20.86
CA VAL B 297 48.23 -2.26 20.46
C VAL B 297 47.94 -3.41 21.44
N PRO B 298 46.68 -3.67 21.76
CA PRO B 298 46.38 -4.78 22.67
C PRO B 298 46.43 -6.12 21.94
N VAL B 299 46.81 -7.15 22.69
CA VAL B 299 46.92 -8.50 22.18
C VAL B 299 46.09 -9.42 23.08
N VAL B 300 45.18 -10.18 22.47
CA VAL B 300 44.41 -11.18 23.19
C VAL B 300 44.81 -12.55 22.63
N ALA B 301 44.52 -13.60 23.41
CA ALA B 301 44.88 -14.97 23.04
C ALA B 301 43.66 -15.84 23.24
N LEU B 302 42.95 -16.15 22.15
CA LEU B 302 41.79 -17.01 22.20
C LEU B 302 42.22 -18.47 22.11
N ILE B 303 41.74 -19.29 23.04
CA ILE B 303 42.09 -20.70 23.12
C ILE B 303 40.83 -21.52 22.99
N VAL B 304 40.81 -22.43 22.01
CA VAL B 304 39.72 -23.38 21.83
C VAL B 304 40.33 -24.78 21.83
N GLU B 305 39.83 -25.64 22.73
CA GLU B 305 40.32 -27.00 22.97
C GLU B 305 41.80 -26.97 23.34
N GLY B 306 42.68 -27.37 22.43
CA GLY B 306 44.10 -27.41 22.70
C GLY B 306 44.54 -28.73 23.31
N GLY B 307 45.86 -28.86 23.43
CA GLY B 307 46.45 -30.04 24.00
C GLY B 307 47.44 -29.71 25.11
N PRO B 308 48.57 -30.43 25.14
CA PRO B 308 49.59 -30.12 26.15
C PRO B 308 50.27 -28.79 25.93
N ASN B 309 50.52 -28.44 24.67
CA ASN B 309 51.39 -27.30 24.39
C ASN B 309 50.69 -25.97 24.66
N VAL B 310 49.36 -25.95 24.58
CA VAL B 310 48.64 -24.70 24.78
C VAL B 310 48.69 -24.24 26.23
N ILE B 311 48.91 -25.15 27.18
CA ILE B 311 49.13 -24.75 28.56
C ILE B 311 50.47 -24.03 28.71
N SER B 312 51.49 -24.52 28.01
CA SER B 312 52.78 -23.83 27.99
C SER B 312 52.69 -22.49 27.27
N ILE B 313 51.84 -22.41 26.22
CA ILE B 313 51.62 -21.14 25.54
C ILE B 313 50.90 -20.15 26.45
N VAL B 314 49.95 -20.63 27.24
CA VAL B 314 49.27 -19.78 28.22
C VAL B 314 50.24 -19.32 29.30
N LEU B 315 51.14 -20.21 29.74
CA LEU B 315 52.18 -19.82 30.70
C LEU B 315 53.13 -18.79 30.10
N GLU B 316 53.47 -18.92 28.82
CA GLU B 316 54.33 -17.93 28.17
C GLU B 316 53.61 -16.60 28.00
N TYR B 317 52.29 -16.63 27.79
CA TYR B 317 51.54 -15.40 27.60
C TYR B 317 51.35 -14.66 28.93
N LEU B 318 51.00 -15.40 29.99
CA LEU B 318 50.73 -14.77 31.28
C LEU B 318 52.01 -14.27 31.93
N ARG B 319 53.08 -15.07 31.89
CA ARG B 319 54.37 -14.67 32.44
C ARG B 319 55.19 -13.92 31.39
N ASP B 320 54.67 -12.76 31.01
CA ASP B 320 55.29 -11.93 29.99
C ASP B 320 55.19 -10.46 30.40
N THR B 321 56.15 -9.67 29.94
CA THR B 321 56.14 -8.22 30.13
C THR B 321 56.05 -7.54 28.78
N PRO B 322 54.91 -6.91 28.43
CA PRO B 322 53.66 -6.78 29.18
C PRO B 322 52.80 -8.05 29.13
N PRO B 323 51.98 -8.27 30.16
CA PRO B 323 51.13 -9.47 30.17
C PRO B 323 50.06 -9.43 29.09
N VAL B 324 49.68 -10.62 28.63
CA VAL B 324 48.71 -10.79 27.56
C VAL B 324 47.52 -11.55 28.12
N PRO B 325 46.30 -10.99 28.06
CA PRO B 325 45.13 -11.73 28.54
C PRO B 325 44.80 -12.91 27.64
N VAL B 326 44.21 -13.93 28.26
CA VAL B 326 43.87 -15.18 27.59
C VAL B 326 42.39 -15.44 27.80
N VAL B 327 41.66 -15.63 26.70
CA VAL B 327 40.24 -15.94 26.73
C VAL B 327 40.06 -17.37 26.28
N VAL B 328 39.43 -18.20 27.11
CA VAL B 328 39.20 -19.59 26.77
C VAL B 328 37.70 -19.82 26.58
N CYS B 329 37.37 -20.93 25.95
CA CYS B 329 36.00 -21.31 25.67
C CYS B 329 35.69 -22.65 26.30
N ASP B 330 34.45 -22.83 26.73
CA ASP B 330 34.02 -24.04 27.43
C ASP B 330 33.09 -24.85 26.55
N GLY B 331 33.22 -26.18 26.64
CA GLY B 331 32.44 -27.10 25.87
C GLY B 331 33.17 -27.75 24.73
N SER B 332 34.32 -27.21 24.32
CA SER B 332 35.10 -27.86 23.27
C SER B 332 35.81 -29.09 23.80
N GLY B 333 36.38 -29.01 24.99
CA GLY B 333 37.01 -30.15 25.63
C GLY B 333 38.52 -30.00 25.71
N ARG B 334 39.13 -31.07 26.23
CA ARG B 334 40.59 -31.27 26.34
C ARG B 334 41.16 -30.19 27.26
N ALA B 335 42.13 -29.37 26.82
CA ALA B 335 42.83 -28.48 27.73
C ALA B 335 41.96 -27.31 28.18
N SER B 336 41.02 -26.88 27.32
CA SER B 336 40.14 -25.79 27.70
C SER B 336 39.18 -26.20 28.81
N ASP B 337 38.72 -27.45 28.80
CA ASP B 337 37.80 -27.90 29.84
C ASP B 337 38.53 -28.10 31.18
N ILE B 338 39.77 -28.58 31.15
CA ILE B 338 40.52 -28.70 32.40
C ILE B 338 40.90 -27.32 32.92
N LEU B 339 41.14 -26.36 32.03
CA LEU B 339 41.37 -24.97 32.46
C LEU B 339 40.12 -24.38 33.10
N ALA B 340 38.94 -24.67 32.53
CA ALA B 340 37.69 -24.18 33.11
C ALA B 340 37.38 -24.84 34.45
N PHE B 341 37.62 -26.15 34.55
CA PHE B 341 37.40 -26.87 35.81
C PHE B 341 38.38 -26.43 36.88
N GLY B 342 39.59 -26.05 36.49
CA GLY B 342 40.48 -25.40 37.44
C GLY B 342 40.01 -24.01 37.83
N HIS B 343 39.47 -23.25 36.88
CA HIS B 343 39.15 -21.85 37.12
C HIS B 343 37.93 -21.69 38.02
N LYS B 344 36.92 -22.53 37.82
CA LYS B 344 35.78 -22.50 38.71
C LYS B 344 36.17 -23.02 40.10
N TYR B 345 36.97 -24.08 40.16
CA TYR B 345 37.37 -24.69 41.41
C TYR B 345 38.80 -24.27 41.76
N SER B 346 38.93 -23.02 42.21
CA SER B 346 40.26 -22.45 42.44
C SER B 346 40.45 -21.78 43.78
N GLU B 347 39.40 -21.26 44.40
CA GLU B 347 39.43 -20.46 45.65
C GLU B 347 40.35 -19.27 45.42
N GLU B 348 41.46 -19.14 46.14
CA GLU B 348 42.33 -17.97 46.03
C GLU B 348 43.52 -18.26 45.12
N GLY B 349 43.23 -18.50 43.84
CA GLY B 349 44.26 -18.73 42.85
C GLY B 349 44.98 -20.05 43.02
N GLY B 350 46.23 -19.99 43.47
CA GLY B 350 47.03 -21.19 43.66
C GLY B 350 46.69 -22.00 44.88
N LEU B 351 45.80 -21.50 45.75
CA LEU B 351 45.36 -22.22 46.94
C LEU B 351 44.29 -23.22 46.51
N ILE B 352 44.74 -24.41 46.11
CA ILE B 352 43.86 -25.49 45.70
C ILE B 352 44.03 -26.64 46.68
N ASN B 353 42.92 -27.15 47.21
CA ASN B 353 42.98 -28.22 48.18
C ASN B 353 43.22 -29.55 47.48
N GLU B 354 43.26 -30.63 48.27
CA GLU B 354 43.73 -31.92 47.78
C GLU B 354 42.73 -32.64 46.89
N SER B 355 41.43 -32.53 47.18
CA SER B 355 40.43 -33.34 46.48
C SER B 355 40.25 -32.90 45.03
N LEU B 356 40.11 -31.60 44.79
CA LEU B 356 40.07 -31.11 43.42
C LEU B 356 41.43 -31.21 42.73
N ARG B 357 42.53 -31.24 43.49
CA ARG B 357 43.84 -31.50 42.89
C ARG B 357 43.89 -32.92 42.32
N ASP B 358 43.40 -33.90 43.08
CA ASP B 358 43.36 -35.27 42.58
C ASP B 358 42.33 -35.43 41.47
N GLN B 359 41.23 -34.67 41.53
CA GLN B 359 40.27 -34.68 40.42
C GLN B 359 40.88 -34.12 39.14
N LEU B 360 41.66 -33.05 39.25
CA LEU B 360 42.35 -32.49 38.10
C LEU B 360 43.40 -33.46 37.57
N LEU B 361 44.11 -34.14 38.47
CA LEU B 361 45.11 -35.13 38.05
C LEU B 361 44.47 -36.31 37.32
N VAL B 362 43.34 -36.82 37.82
CA VAL B 362 42.71 -37.96 37.17
C VAL B 362 42.04 -37.54 35.86
N THR B 363 41.53 -36.30 35.76
CA THR B 363 40.98 -35.86 34.48
C THR B 363 42.07 -35.59 33.46
N ILE B 364 43.25 -35.12 33.89
CA ILE B 364 44.38 -35.00 32.97
C ILE B 364 44.86 -36.37 32.51
N GLN B 365 44.95 -37.33 33.44
CA GLN B 365 45.41 -38.68 33.08
C GLN B 365 44.37 -39.42 32.26
N LYS B 366 43.10 -39.04 32.35
CA LYS B 366 42.04 -39.72 31.60
C LYS B 366 41.81 -39.10 30.23
N THR B 367 41.63 -37.78 30.17
CA THR B 367 41.29 -37.13 28.89
C THR B 367 42.51 -37.06 27.97
N PHE B 368 43.69 -36.84 28.54
CA PHE B 368 44.89 -36.73 27.72
C PHE B 368 45.66 -38.04 27.60
N THR B 369 45.34 -39.03 28.43
CA THR B 369 46.00 -40.35 28.54
C THR B 369 47.52 -40.24 28.74
N TYR B 370 47.88 -39.63 29.88
CA TYR B 370 49.26 -39.56 30.37
C TYR B 370 49.44 -40.37 31.65
N THR B 371 50.70 -40.48 32.06
CA THR B 371 51.08 -41.20 33.25
C THR B 371 50.86 -40.35 34.50
N ARG B 372 51.33 -40.84 35.64
CA ARG B 372 51.18 -40.11 36.89
C ARG B 372 52.12 -38.91 36.94
N THR B 373 53.38 -39.11 36.53
CA THR B 373 54.35 -38.02 36.59
C THR B 373 54.08 -36.96 35.53
N GLN B 374 53.58 -37.36 34.35
CA GLN B 374 53.23 -36.38 33.32
C GLN B 374 52.02 -35.56 33.74
N ALA B 375 51.03 -36.20 34.38
CA ALA B 375 49.89 -35.47 34.92
C ALA B 375 50.30 -34.55 36.06
N GLN B 376 51.24 -34.98 36.89
CA GLN B 376 51.75 -34.12 37.97
C GLN B 376 52.49 -32.91 37.41
N HIS B 377 53.30 -33.11 36.36
CA HIS B 377 53.99 -32.00 35.73
C HIS B 377 53.01 -31.03 35.05
N LEU B 378 51.97 -31.57 34.41
CA LEU B 378 50.96 -30.72 33.80
C LEU B 378 50.16 -29.96 34.85
N PHE B 379 49.94 -30.57 36.02
CA PHE B 379 49.27 -29.86 37.10
C PHE B 379 50.17 -28.78 37.71
N ILE B 380 51.49 -29.02 37.72
CA ILE B 380 52.43 -27.99 38.16
C ILE B 380 52.41 -26.80 37.21
N ILE B 381 52.40 -27.07 35.89
CA ILE B 381 52.31 -26.00 34.90
C ILE B 381 50.95 -25.29 35.00
N LEU B 382 49.88 -26.04 35.31
CA LEU B 382 48.58 -25.45 35.54
C LEU B 382 48.56 -24.51 36.74
N MET B 383 49.20 -24.90 37.84
CA MET B 383 49.25 -24.03 39.02
C MET B 383 50.12 -22.80 38.76
N GLU B 384 51.20 -22.97 37.99
CA GLU B 384 52.03 -21.83 37.60
C GLU B 384 51.26 -20.86 36.71
N CYS B 385 50.37 -21.39 35.86
CA CYS B 385 49.45 -20.54 35.12
C CYS B 385 48.44 -19.88 36.05
N MET B 386 47.98 -20.61 37.06
CA MET B 386 46.83 -20.21 37.85
C MET B 386 47.21 -19.21 38.93
N LYS B 387 48.52 -19.04 39.17
CA LYS B 387 49.02 -17.93 39.98
C LYS B 387 48.54 -16.58 39.42
N LYS B 388 48.53 -16.45 38.11
CA LYS B 388 47.95 -15.27 37.44
C LYS B 388 46.51 -15.56 37.00
N LYS B 389 45.63 -15.76 37.98
CA LYS B 389 44.25 -16.12 37.68
C LYS B 389 43.43 -14.95 37.17
N GLU B 390 43.86 -13.71 37.43
CA GLU B 390 43.04 -12.55 37.08
C GLU B 390 43.01 -12.30 35.58
N LEU B 391 44.06 -12.70 34.87
CA LEU B 391 44.13 -12.43 33.43
C LEU B 391 43.25 -13.37 32.62
N ILE B 392 43.09 -14.60 33.09
CA ILE B 392 42.35 -15.62 32.33
C ILE B 392 40.86 -15.34 32.45
N THR B 393 40.22 -15.11 31.31
CA THR B 393 38.78 -14.91 31.23
C THR B 393 38.17 -16.17 30.62
N VAL B 394 37.23 -16.78 31.32
CA VAL B 394 36.63 -18.04 30.91
C VAL B 394 35.22 -17.76 30.41
N PHE B 395 34.95 -18.12 29.17
CA PHE B 395 33.63 -18.01 28.58
C PHE B 395 32.90 -19.34 28.75
N ARG B 396 31.68 -19.28 29.27
CA ARG B 396 30.86 -20.46 29.48
C ARG B 396 29.62 -20.37 28.62
N MET B 397 29.33 -21.44 27.90
CA MET B 397 28.14 -21.52 27.05
C MET B 397 26.87 -21.44 27.90
N GLY B 398 25.95 -20.59 27.48
CA GLY B 398 24.79 -20.33 28.32
C GLY B 398 25.20 -19.56 29.57
N SER B 399 24.42 -19.79 30.64
CA SER B 399 24.62 -19.25 31.98
C SER B 399 24.81 -17.74 32.02
N GLU B 400 25.67 -17.25 32.91
CA GLU B 400 25.97 -15.83 33.04
C GLU B 400 27.38 -15.52 32.54
N GLY B 401 27.85 -16.25 31.53
CA GLY B 401 29.17 -16.02 30.97
C GLY B 401 29.18 -15.00 29.86
N HIS B 402 28.63 -13.81 30.15
CA HIS B 402 28.44 -12.65 29.28
C HIS B 402 27.54 -12.90 28.06
N GLN B 403 27.05 -14.13 27.87
CA GLN B 403 26.19 -14.58 26.77
C GLN B 403 26.75 -14.27 25.38
N ASP B 404 28.07 -14.06 25.26
CA ASP B 404 28.69 -13.56 24.05
C ASP B 404 30.21 -13.68 24.15
N ILE B 405 30.87 -13.90 23.02
CA ILE B 405 32.33 -13.97 23.00
C ILE B 405 32.94 -12.59 23.20
N ASP B 406 32.33 -11.57 22.60
CA ASP B 406 33.01 -10.29 22.41
C ASP B 406 33.02 -9.42 23.65
N LEU B 407 31.97 -9.49 24.46
CA LEU B 407 32.01 -8.81 25.75
C LEU B 407 33.12 -9.38 26.62
N ALA B 408 33.28 -10.71 26.60
CA ALA B 408 34.37 -11.36 27.31
C ALA B 408 35.73 -10.93 26.76
N ILE B 409 35.87 -10.87 25.44
CA ILE B 409 37.15 -10.52 24.82
C ILE B 409 37.54 -9.07 25.14
N LEU B 410 36.59 -8.15 24.95
CA LEU B 410 36.91 -6.74 25.13
C LEU B 410 37.06 -6.38 26.61
N THR B 411 36.27 -7.01 27.49
CA THR B 411 36.47 -6.82 28.92
C THR B 411 37.81 -7.37 29.38
N ALA B 412 38.22 -8.52 28.82
CA ALA B 412 39.53 -9.09 29.13
C ALA B 412 40.65 -8.18 28.66
N LEU B 413 40.48 -7.57 27.49
CA LEU B 413 41.48 -6.60 27.01
C LEU B 413 41.53 -5.36 27.91
N LEU B 414 40.37 -4.89 28.38
CA LEU B 414 40.33 -3.69 29.20
C LEU B 414 40.98 -3.91 30.56
N LYS B 415 40.73 -5.05 31.21
CA LYS B 415 41.41 -5.28 32.48
C LYS B 415 42.74 -6.01 32.33
N GLY B 416 43.15 -6.35 31.11
CA GLY B 416 44.49 -6.86 30.89
C GLY B 416 45.42 -5.70 30.60
N ALA B 417 44.88 -4.62 30.05
CA ALA B 417 45.62 -3.37 30.00
C ALA B 417 45.87 -2.85 31.41
N ASN B 418 44.82 -2.88 32.25
CA ASN B 418 44.85 -2.53 33.68
C ASN B 418 45.31 -1.10 33.93
N ALA B 419 45.11 -0.23 32.95
CA ALA B 419 45.56 1.14 33.01
C ALA B 419 44.42 2.04 33.48
N SER B 420 44.63 3.35 33.37
CA SER B 420 43.61 4.32 33.75
C SER B 420 42.45 4.31 32.77
N ALA B 421 41.33 4.86 33.21
CA ALA B 421 40.16 5.00 32.35
C ALA B 421 40.36 5.91 31.12
N PRO B 422 41.24 6.93 31.11
CA PRO B 422 41.60 7.53 29.80
C PRO B 422 42.16 6.55 28.79
N ASP B 423 42.99 5.60 29.24
CA ASP B 423 43.57 4.62 28.32
C ASP B 423 42.51 3.66 27.78
N GLN B 424 41.59 3.22 28.65
CA GLN B 424 40.50 2.38 28.20
C GLN B 424 39.56 3.13 27.27
N LEU B 425 39.34 4.42 27.54
CA LEU B 425 38.50 5.24 26.66
C LEU B 425 39.14 5.45 25.31
N SER B 426 40.46 5.64 25.26
CA SER B 426 41.13 5.79 23.98
C SER B 426 41.15 4.48 23.21
N LEU B 427 41.25 3.34 23.92
CA LEU B 427 41.15 2.04 23.25
C LEU B 427 39.75 1.82 22.67
N ALA B 428 38.71 2.17 23.43
CA ALA B 428 37.34 2.02 22.92
C ALA B 428 37.07 2.99 21.77
N LEU B 429 37.69 4.17 21.81
CA LEU B 429 37.58 5.12 20.71
C LEU B 429 38.26 4.59 19.45
N ALA B 430 39.42 3.94 19.61
CA ALA B 430 40.10 3.35 18.47
C ALA B 430 39.32 2.19 17.90
N TRP B 431 38.69 1.39 18.76
CA TRP B 431 37.89 0.26 18.28
C TRP B 431 36.52 0.66 17.77
N ASN B 432 36.12 1.93 17.96
CA ASN B 432 34.79 2.44 17.61
C ASN B 432 33.68 1.64 18.29
N ARG B 433 33.85 1.41 19.59
CA ARG B 433 32.90 0.64 20.39
C ARG B 433 32.36 1.55 21.48
N VAL B 434 31.27 2.26 21.17
CA VAL B 434 30.63 3.12 22.15
C VAL B 434 29.93 2.28 23.22
N ASP B 435 29.43 1.10 22.84
CA ASP B 435 28.63 0.29 23.75
C ASP B 435 29.45 -0.26 24.90
N ILE B 436 30.64 -0.80 24.59
CA ILE B 436 31.50 -1.33 25.64
C ILE B 436 32.03 -0.21 26.52
N ALA B 437 32.23 0.99 25.95
CA ALA B 437 32.66 2.13 26.75
C ALA B 437 31.57 2.55 27.75
N ARG B 438 30.31 2.56 27.28
CA ARG B 438 29.19 2.89 28.15
C ARG B 438 28.99 1.84 29.23
N SER B 439 29.12 0.56 28.89
CA SER B 439 28.81 -0.49 29.87
C SER B 439 29.99 -0.87 30.77
N GLN B 440 31.23 -0.48 30.44
CA GLN B 440 32.35 -0.74 31.33
C GLN B 440 33.06 0.51 31.83
N ILE B 441 33.47 1.40 30.91
CA ILE B 441 34.33 2.51 31.31
C ILE B 441 33.55 3.55 32.09
N PHE B 442 32.29 3.77 31.74
CA PHE B 442 31.46 4.79 32.36
C PHE B 442 30.52 4.20 33.40
N ILE B 443 31.00 3.19 34.15
CA ILE B 443 30.22 2.59 35.23
C ILE B 443 30.21 3.53 36.42
N TYR B 444 29.34 3.26 37.39
CA TYR B 444 29.18 4.12 38.55
C TYR B 444 30.41 4.05 39.46
N GLY B 445 30.80 5.20 40.00
CA GLY B 445 31.96 5.27 40.85
C GLY B 445 33.28 5.31 40.14
N GLN B 446 33.28 5.50 38.83
CA GLN B 446 34.53 5.51 38.05
C GLN B 446 35.26 6.82 38.28
N GLN B 447 36.50 6.74 38.76
CA GLN B 447 37.30 7.93 38.99
C GLN B 447 37.83 8.48 37.66
N TRP B 448 37.80 9.81 37.53
CA TRP B 448 38.23 10.46 36.30
C TRP B 448 39.27 11.53 36.59
N PRO B 449 40.40 11.52 35.89
CA PRO B 449 41.38 12.60 36.04
C PRO B 449 40.85 13.92 35.50
N VAL B 450 41.36 15.01 36.06
CA VAL B 450 40.94 16.34 35.65
C VAL B 450 41.58 16.67 34.31
N GLY B 451 40.75 17.02 33.33
CA GLY B 451 41.22 17.38 32.01
C GLY B 451 41.34 16.22 31.04
N SER B 452 41.16 14.98 31.50
CA SER B 452 41.26 13.84 30.60
C SER B 452 40.01 13.69 29.73
N LEU B 453 38.84 14.04 30.27
CA LEU B 453 37.60 13.90 29.53
C LEU B 453 37.54 14.87 28.35
N GLU B 454 38.09 16.08 28.53
CA GLU B 454 38.12 17.04 27.44
C GLU B 454 39.11 16.62 26.35
N GLN B 455 40.22 15.99 26.74
CA GLN B 455 41.15 15.44 25.77
C GLN B 455 40.51 14.29 24.98
N ALA B 456 39.74 13.45 25.67
CA ALA B 456 39.00 12.40 24.98
C ALA B 456 37.92 12.97 24.06
N MET B 457 37.32 14.10 24.46
CA MET B 457 36.35 14.79 23.61
C MET B 457 37.00 15.29 22.33
N LEU B 458 38.20 15.87 22.46
CA LEU B 458 38.95 16.33 21.29
C LEU B 458 39.32 15.17 20.38
N ASP B 459 39.76 14.05 20.96
CA ASP B 459 40.13 12.88 20.18
C ASP B 459 38.91 12.26 19.49
N ALA B 460 37.76 12.28 20.15
CA ALA B 460 36.54 11.79 19.50
C ALA B 460 36.08 12.71 18.39
N LEU B 461 36.28 14.01 18.56
CA LEU B 461 35.85 14.97 17.53
C LEU B 461 36.72 14.87 16.28
N VAL B 462 38.04 14.72 16.45
CA VAL B 462 38.90 14.68 15.28
C VAL B 462 38.77 13.37 14.50
N LEU B 463 38.27 12.31 15.13
CA LEU B 463 38.15 11.01 14.48
C LEU B 463 36.76 10.73 13.94
N ASP B 464 35.83 11.70 14.06
CA ASP B 464 34.46 11.62 13.57
C ASP B 464 33.70 10.45 14.21
N ARG B 465 33.55 10.52 15.53
CA ARG B 465 32.82 9.51 16.29
C ARG B 465 31.62 10.20 16.93
N VAL B 466 30.44 10.01 16.33
CA VAL B 466 29.23 10.69 16.77
C VAL B 466 28.79 10.19 18.14
N ASP B 467 28.76 8.87 18.32
CA ASP B 467 28.22 8.29 19.54
C ASP B 467 29.13 8.51 20.72
N PHE B 468 30.45 8.62 20.48
CA PHE B 468 31.35 8.93 21.58
C PHE B 468 31.20 10.37 22.04
N VAL B 469 30.94 11.29 21.12
CA VAL B 469 30.64 12.67 21.50
C VAL B 469 29.33 12.73 22.28
N LYS B 470 28.32 11.96 21.85
CA LYS B 470 27.06 11.87 22.60
C LYS B 470 27.28 11.32 24.00
N LEU B 471 28.09 10.28 24.12
CA LEU B 471 28.36 9.65 25.42
C LEU B 471 29.13 10.58 26.34
N LEU B 472 30.12 11.29 25.79
CA LEU B 472 30.91 12.21 26.61
C LEU B 472 30.08 13.42 27.03
N ILE B 473 29.19 13.90 26.17
CA ILE B 473 28.33 15.02 26.52
C ILE B 473 27.32 14.60 27.59
N GLU B 474 26.76 13.38 27.45
CA GLU B 474 25.86 12.85 28.47
C GLU B 474 26.59 12.51 29.76
N ASN B 475 27.90 12.33 29.72
CA ASN B 475 28.68 12.02 30.92
C ASN B 475 29.48 13.22 31.43
N GLY B 476 28.92 14.43 31.34
CA GLY B 476 29.39 15.58 32.09
C GLY B 476 30.20 16.58 31.31
N VAL B 477 30.72 16.24 30.13
CA VAL B 477 31.52 17.19 29.37
C VAL B 477 30.61 18.22 28.72
N SER B 478 30.89 19.50 28.96
CA SER B 478 30.10 20.60 28.45
C SER B 478 30.87 21.32 27.36
N MET B 479 30.14 21.75 26.32
CA MET B 479 30.78 22.38 25.17
C MET B 479 31.28 23.78 25.49
N HIS B 480 30.63 24.47 26.43
CA HIS B 480 30.98 25.85 26.71
C HIS B 480 32.33 25.93 27.45
N ARG B 481 32.57 25.01 28.37
CA ARG B 481 33.85 24.97 29.08
C ARG B 481 34.94 24.29 28.27
N PHE B 482 34.61 23.59 27.19
CA PHE B 482 35.62 22.87 26.42
C PHE B 482 36.14 23.67 25.24
N LEU B 483 35.25 24.14 24.38
CA LEU B 483 35.67 24.71 23.10
C LEU B 483 36.34 26.07 23.29
N THR B 484 37.60 26.15 22.88
CA THR B 484 38.37 27.37 22.91
C THR B 484 38.76 27.72 21.48
N ILE B 485 39.50 28.83 21.34
CA ILE B 485 39.97 29.23 20.02
C ILE B 485 41.05 28.29 19.52
N SER B 486 41.98 27.90 20.39
CA SER B 486 43.08 27.02 20.01
C SER B 486 42.57 25.61 19.70
N ARG B 487 41.61 25.12 20.48
CA ARG B 487 41.03 23.81 20.20
C ARG B 487 40.25 23.80 18.90
N LEU B 488 39.54 24.90 18.60
CA LEU B 488 38.82 24.99 17.33
C LEU B 488 39.79 25.09 16.16
N GLU B 489 40.92 25.78 16.35
CA GLU B 489 41.93 25.85 15.31
C GLU B 489 42.58 24.49 15.08
N GLU B 490 42.78 23.72 16.16
CA GLU B 490 43.30 22.36 16.02
C GLU B 490 42.28 21.45 15.33
N LEU B 491 40.99 21.67 15.59
CA LEU B 491 39.95 20.94 14.89
C LEU B 491 39.93 21.28 13.40
N TYR B 492 40.16 22.55 13.08
CA TYR B 492 40.22 22.98 11.69
C TYR B 492 41.50 22.56 10.99
N ASN B 493 42.49 22.08 11.73
CA ASN B 493 43.74 21.64 11.13
C ASN B 493 43.97 20.15 11.30
N THR B 494 42.92 19.39 11.63
CA THR B 494 43.08 17.96 11.79
C THR B 494 43.23 17.27 10.43
N ARG B 495 43.74 16.05 10.48
CA ARG B 495 43.95 15.26 9.27
C ARG B 495 43.30 13.89 9.32
N HIS B 496 42.77 13.47 10.47
CA HIS B 496 42.05 12.21 10.57
C HIS B 496 40.64 12.37 10.02
N GLY B 497 39.86 11.29 10.11
CA GLY B 497 38.49 11.32 9.65
C GLY B 497 38.38 11.35 8.14
N PRO B 498 37.20 11.66 7.62
CA PRO B 498 36.99 11.65 6.17
C PRO B 498 37.67 12.82 5.49
N SER B 499 37.68 12.76 4.16
CA SER B 499 38.28 13.79 3.34
C SER B 499 37.37 15.01 3.27
N ASN B 500 37.94 16.13 2.80
CA ASN B 500 37.21 17.38 2.74
C ASN B 500 37.82 18.25 1.64
N THR B 501 37.06 19.27 1.24
CA THR B 501 37.50 20.24 0.25
C THR B 501 37.83 21.59 0.87
N LEU B 502 38.13 21.62 2.17
CA LEU B 502 38.40 22.88 2.84
C LEU B 502 39.73 23.49 2.40
N TYR B 503 40.72 22.65 2.10
CA TYR B 503 42.04 23.16 1.72
C TYR B 503 42.00 23.86 0.37
N HIS B 504 41.15 23.38 -0.54
CA HIS B 504 40.95 24.08 -1.81
C HIS B 504 40.33 25.45 -1.60
N LEU B 505 39.36 25.54 -0.69
CA LEU B 505 38.72 26.82 -0.39
C LEU B 505 39.69 27.80 0.25
N VAL B 506 40.52 27.32 1.17
CA VAL B 506 41.52 28.16 1.81
C VAL B 506 42.55 28.64 0.80
N ARG B 507 42.95 27.76 -0.13
CA ARG B 507 43.88 28.14 -1.19
C ARG B 507 43.27 29.17 -2.12
N ASP B 508 41.98 29.02 -2.46
CA ASP B 508 41.32 29.97 -3.34
C ASP B 508 41.15 31.34 -2.70
N VAL B 509 40.76 31.38 -1.42
CA VAL B 509 40.59 32.68 -0.78
C VAL B 509 41.94 33.32 -0.48
N LYS B 510 43.00 32.51 -0.30
CA LYS B 510 44.33 33.09 -0.15
C LYS B 510 44.85 33.63 -1.48
N LYS B 511 44.50 32.98 -2.58
CA LYS B 511 44.86 33.48 -3.90
C LYS B 511 44.09 34.75 -4.23
N ARG B 512 42.82 34.81 -3.84
CA ARG B 512 42.02 36.01 -4.11
C ARG B 512 42.44 37.17 -3.22
N GLU B 513 42.79 36.88 -1.96
CA GLU B 513 43.17 37.95 -1.04
C GLU B 513 44.55 38.51 -1.36
N TYR B 514 45.51 37.64 -1.66
CA TYR B 514 46.89 38.03 -1.95
C TYR B 514 47.32 37.42 -3.27
N PRO B 515 46.99 38.06 -4.40
CA PRO B 515 47.36 37.54 -5.72
C PRO B 515 48.86 37.63 -5.99
N LYS B 523 52.97 33.14 -2.88
CA LYS B 523 51.51 33.07 -2.96
C LYS B 523 51.07 31.85 -3.77
N GLY B 524 49.81 31.86 -4.21
CA GLY B 524 49.28 30.75 -4.97
C GLY B 524 48.98 29.54 -4.12
N ASN B 525 49.73 28.46 -4.34
CA ASN B 525 49.55 27.25 -3.56
C ASN B 525 50.06 27.43 -2.14
N LEU B 526 49.31 26.89 -1.18
CA LEU B 526 49.70 26.97 0.21
C LEU B 526 50.88 26.04 0.48
N PRO B 527 51.72 26.36 1.47
CA PRO B 527 52.74 25.41 1.91
C PRO B 527 52.09 24.19 2.54
N PRO B 528 52.73 23.02 2.48
CA PRO B 528 52.18 21.83 3.14
C PRO B 528 52.07 21.95 4.65
N ASP B 529 53.01 22.65 5.29
CA ASP B 529 52.97 22.86 6.73
C ASP B 529 52.28 24.18 7.09
N TYR B 530 51.08 24.38 6.56
CA TYR B 530 50.31 25.60 6.78
C TYR B 530 49.26 25.35 7.85
N ARG B 531 49.28 26.18 8.89
CA ARG B 531 48.26 26.14 9.94
C ARG B 531 47.16 27.10 9.54
N ILE B 532 45.97 26.57 9.26
CA ILE B 532 44.85 27.39 8.82
C ILE B 532 44.30 28.14 10.02
N SER B 533 44.42 29.46 10.00
CA SER B 533 43.89 30.28 11.08
C SER B 533 42.37 30.41 10.95
N LEU B 534 41.75 30.88 12.02
CA LEU B 534 40.31 31.09 12.01
C LEU B 534 39.92 32.25 11.12
N ILE B 535 40.84 33.18 10.87
CA ILE B 535 40.57 34.30 9.97
C ILE B 535 40.40 33.81 8.54
N ASP B 536 41.21 32.83 8.13
CA ASP B 536 41.06 32.25 6.80
C ASP B 536 39.74 31.49 6.68
N ILE B 537 39.32 30.84 7.77
CA ILE B 537 38.02 30.18 7.80
C ILE B 537 36.91 31.20 7.67
N GLY B 538 37.06 32.35 8.33
CA GLY B 538 36.07 33.42 8.17
C GLY B 538 36.01 33.98 6.77
N LEU B 539 37.16 34.08 6.10
CA LEU B 539 37.17 34.47 4.68
C LEU B 539 36.48 33.44 3.81
N VAL B 540 36.66 32.15 4.13
CA VAL B 540 35.97 31.08 3.41
C VAL B 540 34.46 31.20 3.59
N ILE B 541 34.00 31.47 4.81
CA ILE B 541 32.57 31.61 5.06
C ILE B 541 32.01 32.86 4.38
N GLU B 542 32.77 33.95 4.36
CA GLU B 542 32.35 35.16 3.65
C GLU B 542 32.26 34.92 2.15
N TYR B 543 33.19 34.13 1.59
CA TYR B 543 33.13 33.86 0.16
C TYR B 543 31.99 32.92 -0.19
N LEU B 544 31.76 31.89 0.62
CA LEU B 544 30.72 30.90 0.30
C LEU B 544 29.33 31.47 0.54
N MET B 545 29.18 32.26 1.61
CA MET B 545 27.85 32.83 1.94
C MET B 545 27.43 33.81 0.83
N GLY B 546 28.37 34.64 0.35
CA GLY B 546 28.07 35.58 -0.71
C GLY B 546 27.33 36.81 -0.21
N GLY B 547 27.14 37.75 -1.13
CA GLY B 547 26.44 38.97 -0.81
C GLY B 547 27.25 39.86 0.11
N ALA B 548 26.57 40.48 1.07
CA ALA B 548 27.19 41.34 2.06
C ALA B 548 27.38 40.63 3.39
N TYR B 549 27.62 39.31 3.36
CA TYR B 549 27.82 38.56 4.59
C TYR B 549 29.19 38.89 5.17
N ARG B 550 29.22 38.97 6.50
CA ARG B 550 30.45 39.28 7.23
C ARG B 550 30.52 38.34 8.42
N CYS B 551 31.42 37.35 8.35
CA CYS B 551 31.58 36.39 9.43
C CYS B 551 32.17 37.07 10.65
N ASN B 552 31.85 36.51 11.83
CA ASN B 552 32.34 37.06 13.09
C ASN B 552 33.85 36.92 13.24
N TYR B 553 34.46 36.00 12.50
CA TYR B 553 35.91 35.82 12.57
C TYR B 553 36.65 37.03 12.00
N THR B 554 36.14 37.59 10.91
CA THR B 554 36.82 38.66 10.21
C THR B 554 36.54 40.04 10.80
N ARG B 555 35.67 40.14 11.81
CA ARG B 555 35.41 41.43 12.43
C ARG B 555 36.61 41.85 13.30
N LYS B 556 36.65 43.14 13.63
CA LYS B 556 37.83 43.71 14.27
C LYS B 556 38.00 43.21 15.71
N ARG B 557 36.90 42.87 16.38
CA ARG B 557 36.99 42.32 17.73
C ARG B 557 37.70 40.98 17.74
N PHE B 558 37.36 40.11 16.78
CA PHE B 558 37.98 38.79 16.73
C PHE B 558 39.42 38.86 16.28
N ARG B 559 39.74 39.78 15.35
CA ARG B 559 41.13 39.94 14.93
C ARG B 559 41.98 40.53 16.05
N THR B 560 41.40 41.43 16.84
CA THR B 560 42.10 41.96 18.00
C THR B 560 42.34 40.87 19.05
N LEU B 561 41.34 40.02 19.27
CA LEU B 561 41.52 38.89 20.20
C LEU B 561 42.51 37.87 19.67
N TYR B 562 42.57 37.71 18.35
CA TYR B 562 43.52 36.77 17.75
C TYR B 562 44.95 37.28 17.85
N HIS B 563 45.15 38.59 17.64
CA HIS B 563 46.50 39.15 17.73
C HIS B 563 46.98 39.21 19.17
N ASN B 564 46.07 39.41 20.12
CA ASN B 564 46.43 39.54 21.53
C ASN B 564 46.53 38.22 22.26
N LEU B 565 46.24 37.10 21.59
CA LEU B 565 46.32 35.79 22.22
C LEU B 565 47.05 34.76 21.38
N PHE B 566 47.53 35.12 20.20
CA PHE B 566 48.25 34.18 19.34
C PHE B 566 49.25 34.90 18.46
N GLU B 607 37.47 33.79 30.54
CA GLU B 607 36.49 33.23 29.62
C GLU B 607 36.42 34.04 28.33
N ILE B 608 37.46 34.83 28.08
CA ILE B 608 37.50 35.65 26.87
C ILE B 608 37.67 34.78 25.63
N ASN B 609 38.49 33.72 25.75
CA ASN B 609 38.76 32.84 24.62
C ASN B 609 37.67 31.79 24.40
N HIS B 610 36.69 31.70 25.28
CA HIS B 610 35.61 30.75 25.11
C HIS B 610 34.53 31.35 24.21
N PHE B 611 33.86 30.48 23.46
CA PHE B 611 32.80 30.91 22.56
C PHE B 611 31.46 30.96 23.30
N PRO B 612 30.69 32.04 23.14
CA PRO B 612 29.36 32.09 23.78
C PRO B 612 28.38 31.09 23.20
N PHE B 613 28.50 30.77 21.92
CA PHE B 613 27.63 29.80 21.24
C PHE B 613 28.52 28.79 20.56
N PRO B 614 29.07 27.82 21.30
CA PRO B 614 30.07 26.91 20.71
C PRO B 614 29.48 25.96 19.68
N PHE B 615 28.19 25.66 19.77
CA PHE B 615 27.57 24.78 18.81
C PHE B 615 27.42 25.43 17.44
N HIS B 616 27.40 26.76 17.37
CA HIS B 616 27.45 27.46 16.08
C HIS B 616 28.75 27.18 15.36
N GLU B 617 29.87 27.34 16.06
CA GLU B 617 31.18 27.11 15.48
C GLU B 617 31.37 25.64 15.13
N LEU B 618 30.86 24.74 15.98
CA LEU B 618 30.97 23.32 15.70
C LEU B 618 30.11 22.91 14.51
N MET B 619 28.93 23.54 14.35
CA MET B 619 28.10 23.33 13.18
C MET B 619 28.79 23.78 11.90
N VAL B 620 29.41 24.96 11.93
CA VAL B 620 30.10 25.47 10.75
C VAL B 620 31.30 24.60 10.41
N TRP B 621 32.05 24.18 11.42
CA TRP B 621 33.22 23.33 11.20
C TRP B 621 32.83 21.94 10.70
N ALA B 622 31.72 21.40 11.19
CA ALA B 622 31.25 20.10 10.71
C ALA B 622 30.72 20.18 9.29
N VAL B 623 30.09 21.31 8.92
CA VAL B 623 29.63 21.47 7.55
C VAL B 623 30.79 21.65 6.59
N LEU B 624 31.82 22.39 7.01
CA LEU B 624 32.95 22.70 6.13
C LEU B 624 33.77 21.47 5.76
N MET B 625 34.03 20.58 6.73
CA MET B 625 34.74 19.35 6.45
C MET B 625 33.84 18.16 6.17
N LYS B 626 32.59 18.40 5.77
CA LYS B 626 31.73 17.39 5.13
C LYS B 626 31.41 16.20 6.06
N ARG B 627 31.30 16.47 7.35
CA ARG B 627 30.96 15.45 8.34
C ARG B 627 29.47 15.62 8.63
N GLN B 628 28.64 14.87 7.90
CA GLN B 628 27.21 15.15 7.91
C GLN B 628 26.55 14.72 9.21
N LYS B 629 26.90 13.55 9.74
CA LYS B 629 26.25 13.06 10.95
C LYS B 629 26.60 13.91 12.15
N MET B 630 27.84 14.38 12.23
CA MET B 630 28.24 15.29 13.30
C MET B 630 27.57 16.66 13.14
N ALA B 631 27.35 17.10 11.90
CA ALA B 631 26.60 18.33 11.67
C ALA B 631 25.15 18.19 12.11
N LEU B 632 24.52 17.05 11.83
CA LEU B 632 23.15 16.83 12.26
C LEU B 632 23.05 16.69 13.77
N PHE B 633 24.09 16.15 14.41
CA PHE B 633 24.10 16.14 15.87
C PHE B 633 24.24 17.54 16.43
N PHE B 634 25.12 18.35 15.86
CA PHE B 634 25.33 19.70 16.35
C PHE B 634 24.17 20.63 16.02
N TRP B 635 23.33 20.26 15.05
CA TRP B 635 22.14 21.06 14.78
C TRP B 635 21.14 20.93 15.92
N GLN B 636 21.08 19.76 16.54
CA GLN B 636 20.09 19.52 17.58
C GLN B 636 20.40 20.28 18.85
N HIS B 637 21.67 20.39 19.20
CA HIS B 637 22.09 20.98 20.46
C HIS B 637 22.47 22.43 20.22
N GLY B 638 21.93 23.32 21.05
CA GLY B 638 22.17 24.73 20.93
C GLY B 638 20.95 25.48 20.43
N GLU B 639 21.04 26.80 20.49
CA GLU B 639 19.96 27.67 20.05
C GLU B 639 20.21 28.15 18.63
N GLU B 640 19.21 28.90 18.11
CA GLU B 640 19.17 29.41 16.73
C GLU B 640 19.28 28.28 15.72
N ALA B 641 18.36 27.32 15.85
CA ALA B 641 18.42 26.11 15.06
C ALA B 641 18.08 26.37 13.59
N MET B 642 17.03 27.18 13.34
CA MET B 642 16.61 27.40 11.95
C MET B 642 17.63 28.23 11.20
N ALA B 643 18.26 29.21 11.87
CA ALA B 643 19.33 29.96 11.24
C ALA B 643 20.52 29.07 10.93
N LYS B 644 20.84 28.14 11.83
CA LYS B 644 21.92 27.18 11.59
C LYS B 644 21.60 26.27 10.41
N ALA B 645 20.34 25.84 10.29
CA ALA B 645 19.94 24.97 9.19
C ALA B 645 20.01 25.70 7.86
N LEU B 646 19.56 26.95 7.81
CA LEU B 646 19.60 27.69 6.55
C LEU B 646 21.02 28.07 6.16
N VAL B 647 21.86 28.41 7.14
CA VAL B 647 23.27 28.70 6.87
C VAL B 647 23.97 27.45 6.37
N ALA B 648 23.67 26.29 6.97
CA ALA B 648 24.27 25.04 6.52
C ALA B 648 23.80 24.66 5.13
N CYS B 649 22.54 24.94 4.80
CA CYS B 649 22.02 24.68 3.46
C CYS B 649 22.73 25.52 2.42
N LYS B 650 22.90 26.81 2.69
CA LYS B 650 23.59 27.68 1.74
C LYS B 650 25.06 27.33 1.62
N LEU B 651 25.71 26.98 2.75
CA LEU B 651 27.11 26.60 2.71
C LEU B 651 27.33 25.31 1.94
N CYS B 652 26.44 24.33 2.11
CA CYS B 652 26.58 23.07 1.38
C CYS B 652 26.32 23.27 -0.10
N LYS B 653 25.35 24.12 -0.46
CA LYS B 653 25.10 24.41 -1.87
C LYS B 653 26.28 25.14 -2.51
N ALA B 654 26.86 26.11 -1.78
CA ALA B 654 27.99 26.85 -2.32
C ALA B 654 29.23 25.97 -2.44
N MET B 655 29.45 25.07 -1.49
CA MET B 655 30.58 24.15 -1.60
C MET B 655 30.37 23.14 -2.72
N ALA B 656 29.12 22.73 -2.96
CA ALA B 656 28.82 21.87 -4.11
C ALA B 656 29.10 22.59 -5.43
N HIS B 657 28.72 23.86 -5.52
CA HIS B 657 28.98 24.63 -6.72
C HIS B 657 30.46 24.86 -6.95
N GLU B 658 31.21 25.11 -5.86
CA GLU B 658 32.66 25.29 -5.98
C GLU B 658 33.36 23.98 -6.33
N ALA B 659 32.87 22.86 -5.82
CA ALA B 659 33.45 21.56 -6.15
C ALA B 659 33.17 21.20 -7.60
N SER B 660 31.99 21.54 -8.10
CA SER B 660 31.70 21.33 -9.52
C SER B 660 32.51 22.27 -10.40
N GLU B 661 32.78 23.49 -9.93
CA GLU B 661 33.52 24.46 -10.74
C GLU B 661 35.00 24.15 -10.82
N ASN B 662 35.57 23.55 -9.77
CA ASN B 662 37.00 23.27 -9.73
C ASN B 662 37.35 21.91 -10.30
N ASP B 663 36.40 21.24 -10.98
CA ASP B 663 36.58 19.96 -11.65
C ASP B 663 37.05 18.86 -10.69
N MET B 664 36.46 18.85 -9.49
CA MET B 664 36.75 17.83 -8.49
C MET B 664 35.93 16.58 -8.78
N VAL B 665 35.89 15.66 -7.81
CA VAL B 665 35.08 14.46 -7.96
C VAL B 665 33.60 14.82 -7.89
N ASP B 666 32.82 14.29 -8.84
CA ASP B 666 31.41 14.65 -8.92
C ASP B 666 30.59 14.05 -7.77
N ASP B 667 31.07 12.95 -7.19
CA ASP B 667 30.40 12.35 -6.04
C ASP B 667 30.44 13.28 -4.83
N ILE B 668 31.51 14.07 -4.70
CA ILE B 668 31.58 15.09 -3.65
C ILE B 668 30.50 16.13 -3.85
N SER B 669 30.30 16.57 -5.10
CA SER B 669 29.27 17.57 -5.38
C SER B 669 27.87 17.02 -5.15
N GLN B 670 27.64 15.75 -5.52
CA GLN B 670 26.35 15.13 -5.27
C GLN B 670 26.07 14.98 -3.79
N GLU B 671 27.07 14.56 -3.01
CA GLU B 671 26.88 14.40 -1.57
C GLU B 671 26.68 15.76 -0.88
N LEU B 672 27.37 16.79 -1.36
CA LEU B 672 27.15 18.14 -0.81
C LEU B 672 25.76 18.67 -1.15
N ASN B 673 25.26 18.37 -2.35
CA ASN B 673 23.90 18.75 -2.70
C ASN B 673 22.88 17.97 -1.86
N HIS B 674 23.18 16.71 -1.56
N HIS B 674 23.17 16.70 -1.56
CA HIS B 674 22.31 15.92 -0.69
CA HIS B 674 22.29 15.93 -0.68
C HIS B 674 22.29 16.48 0.74
C HIS B 674 22.29 16.49 0.74
N ASN B 675 23.45 16.93 1.23
CA ASN B 675 23.53 17.55 2.54
C ASN B 675 22.76 18.87 2.58
N SER B 676 22.85 19.64 1.50
CA SER B 676 22.09 20.89 1.38
C SER B 676 20.59 20.62 1.38
N ARG B 677 20.15 19.58 0.67
CA ARG B 677 18.73 19.27 0.66
C ARG B 677 18.25 18.73 2.00
N ASP B 678 19.09 17.97 2.71
CA ASP B 678 18.72 17.51 4.05
C ASP B 678 18.58 18.67 5.03
N PHE B 679 19.49 19.64 4.98
CA PHE B 679 19.39 20.79 5.85
C PHE B 679 18.19 21.68 5.49
N GLY B 680 17.89 21.79 4.20
CA GLY B 680 16.69 22.52 3.79
C GLY B 680 15.41 21.85 4.26
N GLN B 681 15.36 20.51 4.19
CA GLN B 681 14.21 19.78 4.69
C GLN B 681 14.07 19.92 6.21
N LEU B 682 15.21 19.98 6.91
CA LEU B 682 15.19 20.22 8.35
C LEU B 682 14.63 21.59 8.70
N ALA B 683 15.03 22.61 7.94
CA ALA B 683 14.52 23.95 8.16
C ALA B 683 13.02 24.04 7.86
N VAL B 684 12.57 23.34 6.81
CA VAL B 684 11.15 23.33 6.46
C VAL B 684 10.34 22.64 7.56
N GLU B 685 10.84 21.51 8.08
CA GLU B 685 10.09 20.80 9.12
C GLU B 685 10.08 21.58 10.43
N LEU B 686 11.17 22.28 10.74
CA LEU B 686 11.17 23.15 11.91
C LEU B 686 10.19 24.30 11.75
N LEU B 687 10.06 24.84 10.53
CA LEU B 687 9.06 25.86 10.26
C LEU B 687 7.65 25.31 10.41
N ASP B 688 7.43 24.06 9.99
CA ASP B 688 6.14 23.41 10.17
C ASP B 688 5.79 23.27 11.64
N GLN B 689 6.76 22.86 12.46
CA GLN B 689 6.51 22.71 13.89
C GLN B 689 6.24 24.06 14.56
N SER B 690 7.00 25.10 14.17
CA SER B 690 6.79 26.42 14.76
C SER B 690 5.45 27.01 14.33
N TYR B 691 5.01 26.75 13.09
CA TYR B 691 3.71 27.20 12.66
C TYR B 691 2.59 26.44 13.36
N LYS B 692 2.82 25.16 13.67
CA LYS B 692 1.81 24.38 14.38
C LYS B 692 1.66 24.84 15.82
N GLN B 693 2.77 25.21 16.48
CA GLN B 693 2.68 25.60 17.88
C GLN B 693 2.09 26.99 18.05
N ASP B 694 2.76 28.01 17.53
CA ASP B 694 2.34 29.40 17.74
C ASP B 694 2.68 30.20 16.49
N GLU B 695 1.68 30.87 15.92
CA GLU B 695 1.91 31.59 14.68
C GLU B 695 2.76 32.84 14.90
N GLN B 696 2.44 33.65 15.90
CA GLN B 696 3.12 34.93 16.10
C GLN B 696 4.57 34.73 16.52
N LEU B 697 4.82 33.72 17.36
CA LEU B 697 6.19 33.41 17.73
C LEU B 697 6.97 32.84 16.55
N ALA B 698 6.27 32.17 15.61
CA ALA B 698 6.94 31.75 14.38
C ALA B 698 7.32 32.93 13.51
N MET B 699 6.47 33.97 13.45
CA MET B 699 6.85 35.20 12.72
C MET B 699 8.04 35.85 13.37
N LYS B 700 8.04 35.92 14.70
CA LYS B 700 9.15 36.52 15.44
C LYS B 700 10.42 35.73 15.28
N LEU B 701 10.31 34.40 15.16
CA LEU B 701 11.46 33.58 14.81
C LEU B 701 11.96 33.86 13.40
N LEU B 702 11.04 34.07 12.47
CA LEU B 702 11.43 34.29 11.09
C LEU B 702 12.04 35.67 10.85
N THR B 703 11.71 36.67 11.66
CA THR B 703 12.10 38.03 11.32
C THR B 703 13.20 38.63 12.18
N TYR B 704 13.50 38.06 13.35
CA TYR B 704 14.39 38.71 14.29
C TYR B 704 15.82 38.69 13.78
N GLU B 705 16.55 39.76 14.10
CA GLU B 705 17.91 39.93 13.59
C GLU B 705 18.86 38.95 14.28
N LEU B 706 19.63 38.23 13.48
CA LEU B 706 20.56 37.22 13.97
C LEU B 706 21.92 37.86 14.11
N LYS B 707 22.27 38.24 15.35
CA LYS B 707 23.53 38.94 15.60
C LYS B 707 24.74 38.06 15.33
N ASN B 708 24.58 36.75 15.44
CA ASN B 708 25.66 35.79 15.21
C ASN B 708 25.81 35.39 13.76
N TRP B 709 24.95 35.90 12.88
CA TRP B 709 24.97 35.54 11.46
C TRP B 709 24.93 36.80 10.60
N SER B 710 25.79 37.76 10.95
CA SER B 710 26.01 39.01 10.21
C SER B 710 24.75 39.88 10.12
N ASN B 711 24.00 39.94 11.22
CA ASN B 711 22.81 40.78 11.38
C ASN B 711 21.74 40.47 10.34
N ALA B 712 21.67 39.22 9.91
CA ALA B 712 20.76 38.83 8.84
C ALA B 712 19.41 38.44 9.43
N THR B 713 18.58 37.83 8.61
CA THR B 713 17.24 37.41 8.96
C THR B 713 17.08 36.01 8.43
N CYS B 714 16.25 35.19 9.09
CA CYS B 714 16.00 33.83 8.62
C CYS B 714 15.35 33.82 7.24
N LEU B 715 14.48 34.80 6.97
CA LEU B 715 13.90 34.94 5.64
C LEU B 715 14.95 35.30 4.60
N GLN B 716 15.87 36.20 4.95
CA GLN B 716 16.94 36.58 4.01
C GLN B 716 17.87 35.41 3.75
N LEU B 717 18.13 34.60 4.78
CA LEU B 717 19.00 33.44 4.61
C LEU B 717 18.33 32.38 3.76
N ALA B 718 17.02 32.22 3.90
CA ALA B 718 16.30 31.26 3.07
C ALA B 718 16.23 31.74 1.62
N VAL B 719 16.05 33.03 1.40
CA VAL B 719 16.00 33.56 0.04
C VAL B 719 17.37 33.50 -0.62
N ALA B 720 18.43 33.81 0.13
CA ALA B 720 19.79 33.74 -0.38
C ALA B 720 20.22 32.32 -0.71
N ALA B 721 19.54 31.31 -0.16
CA ALA B 721 19.83 29.91 -0.46
C ALA B 721 18.88 29.34 -1.51
N LYS B 722 18.07 30.20 -2.15
CA LYS B 722 17.02 29.85 -3.12
C LYS B 722 16.10 28.74 -2.62
N HIS B 723 15.80 28.76 -1.32
CA HIS B 723 14.98 27.73 -0.72
C HIS B 723 13.53 28.03 -1.07
N ARG B 724 13.03 27.35 -2.11
CA ARG B 724 11.70 27.62 -2.61
C ARG B 724 10.61 27.11 -1.67
N ASP B 725 10.85 25.95 -1.03
CA ASP B 725 9.84 25.38 -0.16
C ASP B 725 9.70 26.13 1.16
N PHE B 726 10.74 26.85 1.59
CA PHE B 726 10.66 27.62 2.82
C PHE B 726 9.76 28.84 2.65
N ILE B 727 9.94 29.58 1.56
CA ILE B 727 9.15 30.79 1.37
C ILE B 727 7.74 30.45 0.94
N ALA B 728 7.55 29.34 0.23
CA ALA B 728 6.21 28.92 -0.19
C ALA B 728 5.39 28.32 0.94
N HIS B 729 6.01 28.09 2.10
CA HIS B 729 5.26 27.67 3.28
C HIS B 729 4.30 28.76 3.73
N THR B 730 3.20 28.35 4.37
CA THR B 730 2.11 29.25 4.70
C THR B 730 2.53 30.32 5.71
N CYS B 731 3.41 29.98 6.64
CA CYS B 731 3.88 30.97 7.62
C CYS B 731 4.68 32.08 6.95
N SER B 732 5.59 31.73 6.04
CA SER B 732 6.36 32.73 5.32
C SER B 732 5.49 33.54 4.37
N GLN B 733 4.49 32.89 3.76
CA GLN B 733 3.57 33.61 2.88
C GLN B 733 2.73 34.63 3.62
N MET B 734 2.18 34.26 4.77
CA MET B 734 1.37 35.25 5.48
C MET B 734 2.25 36.26 6.21
N LEU B 735 3.50 35.91 6.51
CA LEU B 735 4.47 36.90 6.96
C LEU B 735 4.77 37.92 5.87
N LEU B 736 4.94 37.46 4.64
CA LEU B 736 5.16 38.36 3.52
C LEU B 736 3.92 39.20 3.24
N THR B 737 2.74 38.64 3.47
CA THR B 737 1.51 39.41 3.40
C THR B 737 1.47 40.52 4.44
N ASP B 738 1.92 40.21 5.67
CA ASP B 738 1.98 41.24 6.70
C ASP B 738 3.03 42.30 6.39
N MET B 739 4.14 41.91 5.76
CA MET B 739 5.12 42.88 5.29
C MET B 739 4.56 43.72 4.14
N TRP B 740 3.65 43.14 3.36
CA TRP B 740 3.09 43.81 2.20
C TRP B 740 2.20 44.97 2.58
N MET B 741 1.37 44.80 3.60
CA MET B 741 0.44 45.86 3.99
C MET B 741 1.10 46.99 4.75
N GLY B 742 2.32 46.81 5.24
CA GLY B 742 2.97 47.89 5.98
C GLY B 742 2.33 48.07 7.34
N ARG B 743 2.10 49.33 7.70
CA ARG B 743 1.46 49.67 8.97
C ARG B 743 -0.04 49.88 8.79
N LEU B 744 -0.70 48.85 8.29
CA LEU B 744 -2.14 48.91 8.01
C LEU B 744 -2.78 47.59 8.40
N ARG B 745 -3.89 47.66 9.13
CA ARG B 745 -4.59 46.43 9.48
C ARG B 745 -5.35 45.91 8.26
N MET B 746 -6.40 46.64 7.87
CA MET B 746 -7.16 46.51 6.63
C MET B 746 -7.63 45.08 6.39
N ARG B 747 -6.95 44.38 5.46
CA ARG B 747 -7.06 42.94 5.24
C ARG B 747 -8.48 42.49 4.87
N LYS B 748 -9.24 43.36 4.20
CA LYS B 748 -10.60 43.04 3.80
C LYS B 748 -10.94 43.87 2.57
N ASN B 749 -11.25 43.17 1.47
CA ASN B 749 -11.50 43.76 0.14
C ASN B 749 -10.30 44.58 -0.32
N SER B 750 -9.20 43.87 -0.56
CA SER B 750 -7.92 44.49 -0.89
C SER B 750 -7.95 45.12 -2.27
N GLY B 751 -7.03 46.07 -2.48
CA GLY B 751 -6.95 46.78 -3.72
C GLY B 751 -7.83 48.01 -3.78
N LEU B 752 -9.13 47.83 -3.54
CA LEU B 752 -10.08 48.93 -3.68
C LEU B 752 -9.87 49.99 -2.60
N LYS B 753 -9.57 49.58 -1.36
CA LYS B 753 -9.38 50.55 -0.29
C LYS B 753 -8.11 51.38 -0.50
N VAL B 754 -7.03 50.75 -0.93
CA VAL B 754 -5.80 51.52 -1.17
C VAL B 754 -5.92 52.36 -2.44
N ILE B 755 -6.73 51.92 -3.41
CA ILE B 755 -6.99 52.75 -4.58
C ILE B 755 -7.83 53.97 -4.21
N LEU B 756 -8.82 53.78 -3.32
CA LEU B 756 -9.59 54.91 -2.80
C LEU B 756 -8.71 55.85 -1.98
N GLY B 757 -7.76 55.30 -1.23
CA GLY B 757 -6.80 56.12 -0.52
C GLY B 757 -5.92 56.94 -1.44
N ILE B 758 -5.47 56.34 -2.55
CA ILE B 758 -4.59 57.05 -3.48
C ILE B 758 -5.37 58.14 -4.22
N LEU B 759 -6.56 57.81 -4.72
CA LEU B 759 -7.31 58.74 -5.56
C LEU B 759 -7.99 59.83 -4.74
N LEU B 760 -8.64 59.46 -3.63
CA LEU B 760 -9.31 60.37 -2.71
C LEU B 760 -8.61 60.32 -1.36
N PRO B 761 -7.64 61.20 -1.11
CA PRO B 761 -6.83 61.14 0.13
C PRO B 761 -7.59 61.31 1.45
N PRO B 762 -8.76 61.97 1.53
CA PRO B 762 -9.53 61.88 2.79
C PRO B 762 -10.00 60.48 3.18
N SER B 763 -10.00 59.50 2.27
CA SER B 763 -10.37 58.13 2.63
C SER B 763 -9.32 57.47 3.52
N ILE B 764 -8.09 57.99 3.55
CA ILE B 764 -7.01 57.42 4.36
C ILE B 764 -7.34 57.51 5.85
N LEU B 765 -7.98 58.61 6.27
CA LEU B 765 -8.28 58.83 7.68
C LEU B 765 -9.27 57.83 8.24
N SER B 766 -10.13 57.27 7.40
CA SER B 766 -11.08 56.25 7.86
C SER B 766 -10.50 54.84 7.87
N LEU B 767 -9.26 54.66 7.43
CA LEU B 767 -8.66 53.33 7.37
C LEU B 767 -8.13 52.93 8.73
N GLU B 768 -8.33 51.66 9.10
CA GLU B 768 -7.86 51.14 10.38
C GLU B 768 -6.36 50.86 10.30
N PHE B 769 -5.58 51.66 11.03
CA PHE B 769 -4.13 51.50 11.03
C PHE B 769 -3.69 50.55 12.15
N LYS B 770 -2.49 50.01 11.99
CA LYS B 770 -1.96 49.07 12.96
C LYS B 770 -1.37 49.82 14.15
N ASN B 771 -1.04 49.06 15.19
CA ASN B 771 -0.49 49.63 16.41
C ASN B 771 0.94 50.10 16.20
N LYS B 772 1.44 50.86 17.16
CA LYS B 772 2.80 51.40 17.07
C LYS B 772 3.86 50.32 17.21
N ASP B 773 3.57 49.26 17.95
CA ASP B 773 4.53 48.18 18.18
C ASP B 773 3.85 46.83 18.01
N ASP B 774 3.05 46.67 16.96
CA ASP B 774 2.42 45.38 16.69
C ASP B 774 3.39 44.43 16.01
N MET B 775 4.05 44.89 14.93
CA MET B 775 5.06 44.13 14.22
C MET B 775 5.94 45.09 13.43
N PRO B 776 6.89 45.78 14.08
CA PRO B 776 7.65 46.85 13.39
C PRO B 776 8.83 46.34 12.54
N TYR B 777 8.52 45.98 11.29
CA TYR B 777 9.56 45.61 10.35
C TYR B 777 10.27 46.86 9.86
N MET B 778 11.52 47.04 10.29
CA MET B 778 12.30 48.22 9.96
C MET B 778 13.61 47.81 9.32
N THR B 779 14.23 48.75 8.61
CA THR B 779 15.50 48.48 7.95
C THR B 779 16.69 48.83 8.82
N GLN B 780 16.73 50.04 9.37
CA GLN B 780 17.81 50.49 10.23
C GLN B 780 17.22 51.16 11.45
N ALA B 781 17.55 50.65 12.63
CA ALA B 781 17.07 51.22 13.88
C ALA B 781 17.91 52.41 14.30
N LEU B 834 -3.02 67.13 14.83
CA LEU B 834 -2.48 67.15 13.48
C LEU B 834 -1.33 66.17 13.34
N ILE B 835 -0.62 65.93 14.45
CA ILE B 835 0.46 64.94 14.45
C ILE B 835 -0.02 63.50 14.19
N PRO B 836 -1.13 63.02 14.79
CA PRO B 836 -1.63 61.70 14.35
C PRO B 836 -2.07 61.64 12.90
N LEU B 837 -2.61 62.74 12.35
CA LEU B 837 -2.98 62.76 10.94
C LEU B 837 -1.76 62.66 10.03
N GLY B 838 -0.70 63.40 10.35
CA GLY B 838 0.53 63.30 9.59
C GLY B 838 1.20 61.95 9.74
N ARG B 839 1.11 61.36 10.93
CA ARG B 839 1.62 60.01 11.13
C ARG B 839 0.84 58.99 10.31
N LYS B 840 -0.49 59.15 10.22
CA LYS B 840 -1.29 58.26 9.38
C LYS B 840 -0.97 58.42 7.91
N ILE B 841 -0.75 59.66 7.46
CA ILE B 841 -0.41 59.90 6.06
C ILE B 841 0.95 59.31 5.72
N TYR B 842 1.93 59.48 6.61
CA TYR B 842 3.26 58.93 6.38
C TYR B 842 3.26 57.42 6.46
N GLU B 843 2.45 56.84 7.35
CA GLU B 843 2.37 55.39 7.46
C GLU B 843 1.64 54.78 6.28
N PHE B 844 0.64 55.48 5.74
CA PHE B 844 -0.07 54.99 4.57
C PHE B 844 0.79 55.06 3.33
N TYR B 845 1.43 56.20 3.09
CA TYR B 845 2.13 56.40 1.84
C TYR B 845 3.46 55.65 1.76
N ASN B 846 3.95 55.11 2.86
CA ASN B 846 5.15 54.30 2.85
C ASN B 846 4.86 52.81 2.89
N ALA B 847 3.59 52.41 2.87
CA ALA B 847 3.25 51.00 2.79
C ALA B 847 3.62 50.44 1.42
N PRO B 848 4.10 49.20 1.35
CA PRO B 848 4.46 48.63 0.04
C PRO B 848 3.27 48.41 -0.89
N ILE B 849 2.10 48.08 -0.36
CA ILE B 849 0.93 47.88 -1.22
C ILE B 849 0.47 49.22 -1.79
N VAL B 850 0.54 50.28 -0.98
CA VAL B 850 0.16 51.61 -1.42
C VAL B 850 1.14 52.13 -2.48
N LYS B 851 2.44 51.89 -2.27
CA LYS B 851 3.44 52.27 -3.26
C LYS B 851 3.26 51.49 -4.56
N PHE B 852 2.92 50.20 -4.46
CA PHE B 852 2.73 49.41 -5.66
C PHE B 852 1.49 49.87 -6.43
N TRP B 853 0.40 50.16 -5.73
CA TRP B 853 -0.80 50.60 -6.43
C TRP B 853 -0.66 52.02 -6.95
N PHE B 854 0.15 52.86 -6.29
CA PHE B 854 0.44 54.18 -6.82
C PHE B 854 1.28 54.09 -8.09
N TYR B 855 2.28 53.21 -8.10
CA TYR B 855 3.10 53.00 -9.28
C TYR B 855 2.29 52.37 -10.41
N THR B 856 1.35 51.48 -10.07
CA THR B 856 0.51 50.84 -11.06
C THR B 856 -0.49 51.82 -11.67
N LEU B 857 -1.12 52.66 -10.84
CA LEU B 857 -2.05 53.65 -11.36
C LEU B 857 -1.34 54.78 -12.09
N ALA B 858 -0.06 55.00 -11.82
CA ALA B 858 0.71 55.88 -12.68
C ALA B 858 1.10 55.22 -13.99
N TYR B 859 1.38 53.93 -13.97
CA TYR B 859 1.66 53.20 -15.19
C TYR B 859 0.45 53.16 -16.13
N ILE B 860 -0.75 52.94 -15.56
CA ILE B 860 -1.96 52.84 -16.36
C ILE B 860 -2.48 54.23 -16.75
N GLY B 861 -1.84 55.29 -16.27
CA GLY B 861 -2.15 56.59 -16.80
C GLY B 861 -1.05 57.09 -17.71
N TYR B 862 0.10 56.41 -17.67
CA TYR B 862 1.16 56.66 -18.65
C TYR B 862 0.86 55.95 -19.97
N LEU B 863 0.36 54.72 -19.87
CA LEU B 863 0.11 53.92 -21.06
C LEU B 863 -0.97 54.54 -21.94
N MET B 864 -2.01 55.12 -21.32
CA MET B 864 -3.03 55.83 -22.08
C MET B 864 -2.47 57.06 -22.77
N LEU B 865 -1.54 57.77 -22.12
CA LEU B 865 -0.93 58.93 -22.75
C LEU B 865 -0.06 58.54 -23.93
N PHE B 866 0.66 57.42 -23.78
CA PHE B 866 1.42 56.87 -24.90
C PHE B 866 0.50 56.45 -26.04
N ASN B 867 -0.66 55.85 -25.71
CA ASN B 867 -1.62 55.50 -26.74
C ASN B 867 -2.15 56.73 -27.46
N TYR B 868 -2.44 57.79 -26.72
CA TYR B 868 -2.92 59.02 -27.33
C TYR B 868 -1.87 59.65 -28.23
N ILE B 869 -0.60 59.64 -27.83
CA ILE B 869 0.39 60.28 -28.69
C ILE B 869 0.76 59.40 -29.88
N VAL B 870 0.52 58.10 -29.84
CA VAL B 870 0.78 57.32 -31.05
C VAL B 870 -0.43 57.26 -31.98
N LEU B 871 -1.65 57.42 -31.47
CA LEU B 871 -2.80 57.36 -32.37
C LEU B 871 -3.00 58.67 -33.12
N VAL B 872 -3.00 59.78 -32.40
CA VAL B 872 -3.15 61.10 -33.00
C VAL B 872 -1.85 61.51 -33.67
N LYS B 873 -1.96 62.32 -34.72
CA LYS B 873 -0.80 62.86 -35.42
C LYS B 873 0.00 63.80 -34.51
N MET B 874 1.28 63.93 -34.82
CA MET B 874 2.15 64.85 -34.11
C MET B 874 2.61 65.97 -35.04
N GLU B 875 2.78 67.15 -34.46
CA GLU B 875 3.30 68.31 -35.17
C GLU B 875 4.83 68.27 -35.15
N ARG B 876 5.45 69.41 -35.53
CA ARG B 876 6.91 69.49 -35.52
C ARG B 876 7.46 69.38 -34.11
N TRP B 877 6.79 69.99 -33.14
CA TRP B 877 7.20 69.88 -31.76
C TRP B 877 6.21 69.00 -31.00
N PRO B 878 6.67 68.29 -29.97
CA PRO B 878 5.77 67.40 -29.24
C PRO B 878 4.70 68.14 -28.46
N SER B 879 3.58 67.46 -28.25
CA SER B 879 2.46 68.04 -27.53
C SER B 879 2.69 67.88 -26.03
N THR B 880 1.68 68.25 -25.23
CA THR B 880 1.79 68.16 -23.78
C THR B 880 1.88 66.70 -23.32
N GLN B 881 1.04 65.85 -23.90
CA GLN B 881 1.01 64.44 -23.53
C GLN B 881 2.30 63.73 -23.93
N GLU B 882 2.88 64.11 -25.06
CA GLU B 882 4.18 63.55 -25.43
C GLU B 882 5.28 64.03 -24.50
N TRP B 883 5.18 65.27 -24.00
CA TRP B 883 6.17 65.73 -23.03
C TRP B 883 6.04 64.96 -21.71
N ILE B 884 4.81 64.63 -21.32
CA ILE B 884 4.61 63.82 -20.12
C ILE B 884 5.18 62.41 -20.32
N VAL B 885 4.99 61.83 -21.51
CA VAL B 885 5.52 60.49 -21.79
C VAL B 885 7.05 60.51 -21.81
N ILE B 886 7.65 61.56 -22.40
CA ILE B 886 9.10 61.70 -22.44
C ILE B 886 9.66 61.87 -21.03
N SER B 887 8.97 62.67 -20.19
CA SER B 887 9.39 62.84 -18.81
C SER B 887 9.31 61.53 -18.03
N TYR B 888 8.26 60.73 -18.29
CA TYR B 888 8.13 59.42 -17.64
C TYR B 888 9.28 58.50 -18.04
N ILE B 889 9.64 58.49 -19.33
CA ILE B 889 10.71 57.61 -19.79
C ILE B 889 12.06 58.03 -19.19
N PHE B 890 12.34 59.34 -19.17
CA PHE B 890 13.62 59.81 -18.61
C PHE B 890 13.72 59.57 -17.11
N THR B 891 12.64 59.82 -16.36
CA THR B 891 12.71 59.58 -14.92
C THR B 891 12.75 58.10 -14.61
N LEU B 892 12.12 57.26 -15.42
CA LEU B 892 12.26 55.83 -15.23
C LEU B 892 13.67 55.34 -15.54
N GLY B 893 14.31 55.91 -16.57
CA GLY B 893 15.69 55.56 -16.84
C GLY B 893 16.63 55.98 -15.72
N ILE B 894 16.39 57.16 -15.13
CA ILE B 894 17.16 57.60 -13.98
C ILE B 894 16.92 56.68 -12.78
N GLU B 895 15.68 56.20 -12.63
CA GLU B 895 15.36 55.24 -11.58
C GLU B 895 16.07 53.91 -11.78
N LYS B 896 16.20 53.45 -13.03
CA LYS B 896 16.90 52.19 -13.28
C LYS B 896 18.40 52.32 -13.07
N MET B 897 18.99 53.46 -13.43
CA MET B 897 20.39 53.70 -13.06
C MET B 897 20.55 53.78 -11.54
N ARG B 898 19.55 54.32 -10.85
CA ARG B 898 19.63 54.37 -9.40
C ARG B 898 19.49 53.00 -8.77
N GLU B 899 18.76 52.09 -9.42
CA GLU B 899 18.73 50.71 -8.94
C GLU B 899 20.03 49.99 -9.26
N ILE B 900 20.70 50.37 -10.34
CA ILE B 900 22.04 49.85 -10.60
C ILE B 900 23.02 50.30 -9.52
N LEU B 901 22.96 51.57 -9.10
CA LEU B 901 23.88 52.08 -8.10
C LEU B 901 23.58 51.53 -6.71
N MET B 902 22.34 51.65 -6.25
CA MET B 902 21.97 51.20 -4.91
C MET B 902 21.60 49.71 -4.90
N SER B 903 22.58 48.89 -5.26
CA SER B 903 22.42 47.45 -5.27
C SER B 903 23.16 46.82 -4.07
N GLU B 904 23.27 45.49 -4.09
CA GLU B 904 23.94 44.79 -2.99
C GLU B 904 25.48 44.73 -3.13
N PRO B 905 26.10 44.45 -4.34
CA PRO B 905 27.58 44.41 -4.37
C PRO B 905 28.28 45.75 -4.20
N GLY B 906 29.60 45.76 -4.41
CA GLY B 906 30.36 46.98 -4.23
C GLY B 906 31.12 47.45 -5.46
N LYS B 907 31.40 46.54 -6.39
CA LYS B 907 32.11 46.86 -7.62
C LYS B 907 31.13 46.85 -8.77
N LEU B 908 31.26 47.84 -9.67
CA LEU B 908 30.21 48.23 -10.62
C LEU B 908 29.76 47.09 -11.54
N LEU B 909 30.73 46.30 -12.02
CA LEU B 909 30.40 45.18 -12.90
C LEU B 909 29.57 44.12 -12.18
N GLN B 910 29.85 43.89 -10.89
CA GLN B 910 29.02 42.97 -10.10
C GLN B 910 27.63 43.54 -9.87
N LYS B 911 27.51 44.87 -9.70
CA LYS B 911 26.20 45.51 -9.57
C LYS B 911 25.36 45.32 -10.84
N VAL B 912 25.99 45.52 -12.00
CA VAL B 912 25.31 45.32 -13.28
C VAL B 912 24.95 43.85 -13.48
N LYS B 913 25.85 42.94 -13.08
CA LYS B 913 25.59 41.52 -13.25
C LYS B 913 24.48 41.02 -12.34
N VAL B 914 24.37 41.57 -11.13
CA VAL B 914 23.25 41.24 -10.26
C VAL B 914 21.96 41.82 -10.82
N TRP B 915 22.01 43.06 -11.34
CA TRP B 915 20.81 43.70 -11.88
C TRP B 915 20.30 43.02 -13.14
N LEU B 916 21.18 42.43 -13.94
CA LEU B 916 20.76 41.78 -15.18
C LEU B 916 20.14 40.41 -14.96
N GLN B 917 20.05 39.91 -13.73
CA GLN B 917 19.35 38.66 -13.52
C GLN B 917 17.84 38.84 -13.65
N GLU B 918 17.32 39.98 -13.19
CA GLU B 918 15.92 40.33 -13.42
C GLU B 918 15.78 40.77 -14.87
N TYR B 919 15.19 39.91 -15.71
CA TYR B 919 15.15 40.15 -17.15
C TYR B 919 14.20 41.30 -17.49
N TRP B 920 13.21 41.55 -16.63
CA TRP B 920 12.26 42.63 -16.86
C TRP B 920 12.89 44.00 -16.65
N ASN B 921 14.08 44.07 -16.09
CA ASN B 921 14.79 45.33 -15.94
C ASN B 921 15.73 45.60 -17.10
N VAL B 922 16.37 44.57 -17.66
CA VAL B 922 17.23 44.81 -18.82
C VAL B 922 16.38 45.03 -20.06
N THR B 923 15.21 44.38 -20.17
CA THR B 923 14.30 44.72 -21.26
C THR B 923 13.76 46.14 -21.12
N ASP B 924 13.55 46.57 -19.87
CA ASP B 924 13.14 47.95 -19.61
C ASP B 924 14.20 48.93 -20.09
N LEU B 925 15.46 48.68 -19.76
CA LEU B 925 16.51 49.63 -20.16
C LEU B 925 16.75 49.61 -21.66
N ILE B 926 16.62 48.44 -22.30
CA ILE B 926 16.67 48.37 -23.76
C ILE B 926 15.55 49.19 -24.39
N ALA B 927 14.34 49.12 -23.83
CA ALA B 927 13.25 49.90 -24.41
C ALA B 927 13.25 51.36 -23.99
N ILE B 928 14.13 51.76 -23.08
CA ILE B 928 14.38 53.18 -22.84
C ILE B 928 15.45 53.73 -23.78
N LEU B 929 16.43 52.89 -24.12
CA LEU B 929 17.42 53.31 -25.14
C LEU B 929 16.70 53.44 -26.49
N LEU B 930 15.80 52.50 -26.79
CA LEU B 930 15.04 52.57 -28.03
C LEU B 930 14.16 53.82 -28.08
N PHE B 931 13.57 54.20 -26.95
CA PHE B 931 12.80 55.44 -26.88
C PHE B 931 13.69 56.66 -27.07
N SER B 932 14.91 56.63 -26.54
CA SER B 932 15.84 57.74 -26.74
C SER B 932 16.20 57.89 -28.22
N VAL B 933 16.45 56.76 -28.90
CA VAL B 933 16.74 56.78 -30.33
C VAL B 933 15.53 57.30 -31.10
N GLY B 934 14.33 56.86 -30.72
CA GLY B 934 13.12 57.33 -31.40
C GLY B 934 12.85 58.81 -31.17
N MET B 935 13.13 59.31 -29.96
CA MET B 935 12.94 60.72 -29.68
C MET B 935 13.95 61.58 -30.45
N ILE B 936 15.20 61.13 -30.52
CA ILE B 936 16.22 61.87 -31.24
C ILE B 936 15.90 61.91 -32.73
N LEU B 937 15.39 60.79 -33.27
CA LEU B 937 14.94 60.78 -34.66
C LEU B 937 13.70 61.65 -34.87
N ARG B 938 12.78 61.67 -33.91
CA ARG B 938 11.54 62.42 -34.07
C ARG B 938 11.75 63.91 -33.98
N LEU B 939 12.70 64.37 -33.17
CA LEU B 939 12.90 65.81 -33.00
C LEU B 939 13.56 66.47 -34.21
N GLN B 940 14.10 65.69 -35.15
CA GLN B 940 14.58 66.24 -36.40
C GLN B 940 13.41 66.44 -37.36
N ASP B 941 13.73 66.78 -38.61
CA ASP B 941 12.70 66.97 -39.63
C ASP B 941 12.49 65.67 -40.39
N GLN B 942 11.69 65.73 -41.45
CA GLN B 942 11.40 64.56 -42.27
C GLN B 942 12.66 64.15 -43.05
N PRO B 943 12.84 62.85 -43.33
CA PRO B 943 11.98 61.68 -43.06
C PRO B 943 12.25 60.99 -41.73
N PHE B 944 12.98 61.61 -40.81
CA PHE B 944 13.33 60.94 -39.56
C PHE B 944 12.19 60.91 -38.56
N ARG B 945 11.23 61.84 -38.68
CA ARG B 945 10.12 61.93 -37.73
C ARG B 945 9.22 60.70 -37.80
N SER B 946 8.94 60.22 -39.01
CA SER B 946 8.15 59.01 -39.17
C SER B 946 8.89 57.79 -38.65
N ASP B 947 10.22 57.76 -38.76
CA ASP B 947 11.02 56.69 -38.16
C ASP B 947 10.90 56.69 -36.65
N GLY B 948 10.91 57.87 -36.04
CA GLY B 948 10.70 57.95 -34.60
C GLY B 948 9.30 57.48 -34.19
N ARG B 949 8.30 57.78 -35.02
CA ARG B 949 6.95 57.27 -34.77
C ARG B 949 6.90 55.75 -34.84
N VAL B 950 7.59 55.17 -35.83
CA VAL B 950 7.65 53.73 -35.99
C VAL B 950 8.31 53.07 -34.78
N ILE B 951 9.35 53.72 -34.23
CA ILE B 951 9.97 53.21 -33.00
C ILE B 951 9.01 53.33 -31.81
N TYR B 952 8.19 54.39 -31.78
CA TYR B 952 7.22 54.58 -30.70
C TYR B 952 6.19 53.45 -30.66
N CYS B 953 5.79 52.93 -31.82
CA CYS B 953 4.81 51.83 -31.82
C CYS B 953 5.40 50.52 -31.29
N VAL B 954 6.68 50.23 -31.59
CA VAL B 954 7.29 49.04 -31.01
C VAL B 954 7.45 49.20 -29.50
N ASN B 955 7.66 50.45 -29.05
CA ASN B 955 7.65 50.72 -27.62
C ASN B 955 6.29 50.44 -26.98
N ILE B 956 5.20 50.79 -27.69
CA ILE B 956 3.87 50.50 -27.12
C ILE B 956 3.62 49.00 -27.00
N ILE B 957 4.17 48.21 -27.94
CA ILE B 957 4.08 46.74 -27.79
C ILE B 957 4.80 46.27 -26.53
N TYR B 958 6.01 46.81 -26.29
CA TYR B 958 6.74 46.40 -25.08
C TYR B 958 5.99 46.81 -23.80
N TRP B 959 5.39 48.01 -23.79
CA TRP B 959 4.77 48.45 -22.55
C TRP B 959 3.48 47.70 -22.25
N TYR B 960 2.78 47.18 -23.26
CA TYR B 960 1.69 46.25 -22.94
C TYR B 960 2.21 44.93 -22.34
N ILE B 961 3.34 44.42 -22.83
CA ILE B 961 3.88 43.23 -22.15
C ILE B 961 4.39 43.55 -20.74
N ARG B 962 4.84 44.77 -20.51
CA ARG B 962 5.18 45.18 -19.15
C ARG B 962 3.95 45.24 -18.25
N LEU B 963 2.79 45.60 -18.82
CA LEU B 963 1.53 45.47 -18.09
C LEU B 963 1.23 44.02 -17.73
N LEU B 964 1.60 43.09 -18.61
CA LEU B 964 1.45 41.66 -18.25
C LEU B 964 2.29 41.30 -17.03
N ASP B 965 3.53 41.82 -16.96
CA ASP B 965 4.33 41.57 -15.77
C ASP B 965 3.73 42.23 -14.53
N ILE B 966 3.10 43.40 -14.70
CA ILE B 966 2.41 44.04 -13.58
C ILE B 966 1.22 43.19 -13.11
N PHE B 967 0.51 42.55 -14.05
CA PHE B 967 -0.48 41.52 -13.67
C PHE B 967 0.14 40.36 -12.90
N GLY B 968 1.41 40.09 -13.13
CA GLY B 968 2.16 39.12 -12.33
C GLY B 968 2.09 39.15 -10.81
N VAL B 969 1.67 40.27 -10.22
CA VAL B 969 1.47 40.36 -8.78
C VAL B 969 0.25 39.56 -8.30
N ASN B 970 -0.80 39.47 -9.11
CA ASN B 970 -2.02 38.81 -8.70
C ASN B 970 -1.80 37.29 -8.55
N LYS B 971 -2.48 36.70 -7.56
CA LYS B 971 -2.24 35.31 -7.17
C LYS B 971 -2.63 34.31 -8.26
N TYR B 972 -3.53 34.68 -9.16
CA TYR B 972 -3.86 33.83 -10.29
C TYR B 972 -3.20 34.25 -11.59
N LEU B 973 -3.01 35.55 -11.79
CA LEU B 973 -2.44 36.00 -13.06
C LEU B 973 -0.95 35.75 -13.13
N GLY B 974 -0.26 35.85 -12.00
CA GLY B 974 1.17 35.63 -11.92
C GLY B 974 1.67 34.25 -12.31
N PRO B 975 1.12 33.20 -11.66
CA PRO B 975 1.41 31.83 -12.11
C PRO B 975 0.99 31.57 -13.54
N TYR B 976 -0.07 32.21 -14.02
CA TYR B 976 -0.48 32.10 -15.41
C TYR B 976 0.59 32.66 -16.34
N VAL B 977 1.19 33.79 -15.97
CA VAL B 977 2.23 34.41 -16.79
C VAL B 977 3.49 33.54 -16.82
N MET B 978 3.93 33.02 -15.67
CA MET B 978 5.10 32.14 -15.75
C MET B 978 4.78 30.80 -16.38
N MET B 979 3.52 30.38 -16.36
CA MET B 979 3.11 29.19 -17.09
C MET B 979 3.24 29.40 -18.59
N ILE B 980 2.85 30.59 -19.08
CA ILE B 980 3.04 30.94 -20.49
C ILE B 980 4.53 30.95 -20.84
N GLY B 981 5.34 31.51 -19.94
CA GLY B 981 6.79 31.52 -20.15
C GLY B 981 7.41 30.14 -20.19
N LYS B 982 6.83 29.19 -19.44
CA LYS B 982 7.31 27.82 -19.54
C LYS B 982 6.89 27.16 -20.85
N MET B 983 5.67 27.42 -21.33
CA MET B 983 5.28 26.80 -22.61
C MET B 983 5.89 27.45 -23.84
N MET B 984 6.60 28.58 -23.69
CA MET B 984 7.34 29.13 -24.83
C MET B 984 8.38 28.18 -25.42
N ILE B 985 8.96 27.29 -24.62
CA ILE B 985 9.98 26.37 -25.16
C ILE B 985 9.35 25.33 -26.08
N ASP B 986 8.22 24.75 -25.66
CA ASP B 986 7.47 23.84 -26.51
C ASP B 986 6.93 24.54 -27.74
N MET B 987 6.55 25.82 -27.58
CA MET B 987 6.13 26.63 -28.71
C MET B 987 7.26 26.82 -29.72
N MET B 988 8.49 27.03 -29.23
N MET B 988 8.50 27.01 -29.24
CA MET B 988 9.66 27.18 -30.09
CA MET B 988 9.62 27.20 -30.15
C MET B 988 9.96 25.92 -30.88
C MET B 988 9.99 25.92 -30.89
N TYR B 989 9.82 24.75 -30.25
CA TYR B 989 10.05 23.50 -30.96
C TYR B 989 8.97 23.25 -32.02
N PHE B 990 7.73 23.62 -31.70
CA PHE B 990 6.66 23.58 -32.70
C PHE B 990 6.93 24.56 -33.85
N VAL B 991 7.49 25.73 -33.53
CA VAL B 991 7.86 26.71 -34.54
C VAL B 991 8.96 26.18 -35.45
N ILE B 992 9.91 25.43 -34.89
CA ILE B 992 10.99 24.87 -35.70
C ILE B 992 10.45 23.83 -36.70
N ILE B 993 9.58 22.93 -36.21
CA ILE B 993 9.03 21.89 -37.10
C ILE B 993 8.11 22.50 -38.15
N MET B 994 7.25 23.44 -37.73
CA MET B 994 6.43 24.19 -38.67
C MET B 994 7.26 25.01 -39.65
N LEU B 995 8.42 25.50 -39.24
CA LEU B 995 9.25 26.25 -40.15
C LEU B 995 9.80 25.37 -41.25
N VAL B 996 10.21 24.15 -40.90
CA VAL B 996 10.72 23.22 -41.92
C VAL B 996 9.62 22.87 -42.92
N VAL B 997 8.43 22.51 -42.42
CA VAL B 997 7.34 22.13 -43.31
C VAL B 997 6.86 23.35 -44.12
N LEU B 998 6.89 24.54 -43.51
CA LEU B 998 6.38 25.74 -44.14
C LEU B 998 7.28 26.19 -45.27
N MET B 999 8.60 26.22 -45.06
CA MET B 999 9.47 26.57 -46.18
C MET B 999 9.52 25.49 -47.25
N SER B 1000 9.32 24.21 -46.90
CA SER B 1000 9.28 23.20 -47.94
C SER B 1000 8.08 23.42 -48.88
N PHE B 1001 6.91 23.69 -48.30
CA PHE B 1001 5.74 23.96 -49.14
C PHE B 1001 5.86 25.30 -49.87
N GLY B 1002 6.40 26.32 -49.21
CA GLY B 1002 6.52 27.62 -49.85
C GLY B 1002 7.51 27.63 -51.01
N VAL B 1003 8.65 26.97 -50.83
CA VAL B 1003 9.65 26.91 -51.90
C VAL B 1003 9.12 26.07 -53.05
N ALA B 1004 8.42 24.96 -52.76
CA ALA B 1004 7.86 24.14 -53.82
C ALA B 1004 6.79 24.87 -54.61
N ARG B 1005 5.90 25.60 -53.91
CA ARG B 1005 4.83 26.34 -54.59
C ARG B 1005 5.38 27.48 -55.44
N GLN B 1006 6.30 28.26 -54.87
CA GLN B 1006 6.85 29.40 -55.60
C GLN B 1006 7.72 28.94 -56.77
N ALA B 1007 8.44 27.83 -56.60
CA ALA B 1007 9.28 27.33 -57.66
C ALA B 1007 8.50 26.65 -58.77
N ILE B 1008 7.33 26.09 -58.48
CA ILE B 1008 6.51 25.53 -59.56
C ILE B 1008 5.74 26.63 -60.28
N LEU B 1009 5.06 27.50 -59.55
CA LEU B 1009 4.13 28.43 -60.18
C LEU B 1009 4.82 29.61 -60.84
N PHE B 1010 6.09 29.87 -60.56
CA PHE B 1010 6.83 30.98 -61.15
C PHE B 1010 8.16 30.46 -61.68
N PRO B 1011 8.17 29.92 -62.91
CA PRO B 1011 9.43 29.37 -63.44
C PRO B 1011 10.43 30.43 -63.85
N ASN B 1012 9.99 31.51 -64.51
CA ASN B 1012 10.90 32.51 -65.05
C ASN B 1012 10.91 33.71 -64.11
N GLU B 1013 11.86 33.71 -63.18
CA GLU B 1013 12.01 34.80 -62.22
C GLU B 1013 13.47 35.24 -62.14
N GLU B 1014 13.66 36.55 -62.01
CA GLU B 1014 14.97 37.13 -61.78
C GLU B 1014 15.32 37.06 -60.31
N PRO B 1015 16.61 37.16 -59.95
CA PRO B 1015 16.98 37.23 -58.51
C PRO B 1015 16.45 38.47 -57.82
N SER B 1016 15.54 38.27 -56.88
CA SER B 1016 14.93 39.37 -56.16
C SER B 1016 14.52 38.88 -54.78
N TRP B 1017 14.45 39.81 -53.83
CA TRP B 1017 14.06 39.47 -52.46
C TRP B 1017 12.58 39.16 -52.30
N LYS B 1018 11.77 39.42 -53.32
CA LYS B 1018 10.35 39.07 -53.25
C LYS B 1018 10.12 37.57 -53.29
N LEU B 1019 11.08 36.80 -53.81
CA LEU B 1019 10.96 35.34 -53.78
C LEU B 1019 10.98 34.81 -52.35
N ALA B 1020 11.88 35.36 -51.52
CA ALA B 1020 11.94 34.95 -50.12
C ALA B 1020 10.70 35.38 -49.36
N LYS B 1021 10.12 36.52 -49.72
CA LYS B 1021 8.85 36.92 -49.13
C LYS B 1021 7.72 35.99 -49.55
N ASN B 1022 7.71 35.57 -50.82
CA ASN B 1022 6.66 34.68 -51.31
C ASN B 1022 6.80 33.27 -50.76
N ILE B 1023 8.00 32.89 -50.30
CA ILE B 1023 8.16 31.61 -49.61
C ILE B 1023 7.33 31.59 -48.34
N PHE B 1024 7.37 32.66 -47.55
CA PHE B 1024 6.76 32.69 -46.23
C PHE B 1024 5.37 33.33 -46.19
N TYR B 1025 4.97 34.06 -47.23
CA TYR B 1025 3.73 34.82 -47.15
C TYR B 1025 2.46 33.97 -47.03
N MET B 1026 2.08 33.29 -48.09
CA MET B 1026 0.81 32.59 -48.04
C MET B 1026 0.80 31.28 -47.24
N PRO B 1027 1.85 30.44 -47.25
CA PRO B 1027 1.84 29.28 -46.34
C PRO B 1027 1.74 29.61 -44.86
N TYR B 1028 2.19 30.78 -44.43
CA TYR B 1028 2.02 31.09 -43.01
C TYR B 1028 0.59 31.42 -42.66
N TRP B 1029 -0.10 32.22 -43.47
CA TRP B 1029 -1.50 32.53 -43.19
C TRP B 1029 -2.41 31.35 -43.49
N MET B 1030 -1.89 30.32 -44.17
CA MET B 1030 -2.66 29.12 -44.46
C MET B 1030 -2.98 28.32 -43.19
N ILE B 1031 -2.22 28.54 -42.11
CA ILE B 1031 -2.46 27.85 -40.85
C ILE B 1031 -3.69 28.42 -40.14
N TYR B 1032 -3.98 29.69 -40.32
CA TYR B 1032 -4.99 30.37 -39.50
C TYR B 1032 -6.30 30.55 -40.24
N GLY B 1033 -6.69 29.58 -41.04
CA GLY B 1033 -8.00 29.56 -41.64
C GLY B 1033 -8.16 30.35 -42.91
N GLU B 1034 -7.08 30.81 -43.52
CA GLU B 1034 -7.14 31.52 -44.79
C GLU B 1034 -6.35 30.71 -45.81
N VAL B 1035 -7.06 29.92 -46.62
CA VAL B 1035 -6.38 29.03 -47.56
C VAL B 1035 -6.12 29.67 -48.90
N PHE B 1036 -6.59 30.91 -49.13
CA PHE B 1036 -6.51 31.63 -50.40
C PHE B 1036 -7.15 30.81 -51.52
N ALA B 1037 -8.47 30.66 -51.39
CA ALA B 1037 -9.23 29.76 -52.25
C ALA B 1037 -9.26 30.19 -53.72
N ASP B 1038 -9.07 31.48 -53.99
CA ASP B 1038 -9.01 31.94 -55.37
C ASP B 1038 -7.71 31.55 -56.06
N GLN B 1039 -6.67 31.22 -55.29
CA GLN B 1039 -5.36 30.89 -55.84
C GLN B 1039 -4.94 29.45 -55.58
N ILE B 1040 -5.87 28.60 -55.16
CA ILE B 1040 -5.55 27.18 -54.97
C ILE B 1040 -5.32 26.52 -56.31
N ASP B 1041 -6.26 26.69 -57.24
CA ASP B 1041 -6.17 26.13 -58.57
C ASP B 1041 -7.02 26.98 -59.51
N PRO B 1042 -6.50 28.11 -59.99
CA PRO B 1042 -7.29 28.94 -60.89
C PRO B 1042 -7.43 28.29 -62.25
N PRO B 1043 -8.53 28.53 -62.95
CA PRO B 1043 -8.68 27.99 -64.30
C PRO B 1043 -7.74 28.69 -65.27
N CYS B 1044 -7.06 27.90 -66.09
CA CYS B 1044 -6.10 28.44 -67.03
C CYS B 1044 -5.96 27.51 -68.23
N GLY B 1045 -5.40 28.03 -69.31
CA GLY B 1045 -5.26 27.27 -70.53
C GLY B 1045 -6.54 27.07 -71.31
N GLN B 1046 -7.57 27.85 -71.02
CA GLN B 1046 -8.86 27.75 -71.70
C GLN B 1046 -9.32 29.15 -72.06
N ASN B 1047 -10.51 29.25 -72.64
CA ASN B 1047 -11.15 30.51 -72.94
C ASN B 1047 -12.45 30.59 -72.17
N GLU B 1048 -12.60 31.66 -71.37
CA GLU B 1048 -13.78 31.86 -70.56
C GLU B 1048 -14.33 33.26 -70.83
N ILE B 1056 -12.43 35.92 -73.37
CA ILE B 1056 -11.14 36.23 -72.75
C ILE B 1056 -10.29 34.97 -72.75
N GLN B 1057 -9.05 35.11 -73.21
CA GLN B 1057 -8.12 33.99 -73.27
C GLN B 1057 -7.27 33.96 -72.01
N LEU B 1058 -7.37 32.88 -71.25
CA LEU B 1058 -6.57 32.72 -70.04
C LEU B 1058 -5.11 32.46 -70.41
N PRO B 1059 -4.18 32.78 -69.51
CA PRO B 1059 -2.79 32.43 -69.76
C PRO B 1059 -2.59 30.92 -69.72
N PRO B 1060 -1.59 30.39 -70.42
CA PRO B 1060 -1.43 28.92 -70.51
C PRO B 1060 -1.03 28.30 -69.18
N CYS B 1061 -1.33 27.01 -69.07
CA CYS B 1061 -1.06 26.27 -67.85
C CYS B 1061 0.44 26.11 -67.62
N LYS B 1062 0.89 26.42 -66.41
CA LYS B 1062 2.26 26.12 -66.04
C LYS B 1062 2.43 24.62 -65.88
N THR B 1063 3.62 24.13 -66.21
CA THR B 1063 3.89 22.71 -66.16
C THR B 1063 3.99 22.25 -64.71
N GLY B 1064 3.25 21.20 -64.38
CA GLY B 1064 3.25 20.71 -63.02
C GLY B 1064 2.50 21.59 -62.04
N ALA B 1065 1.62 22.46 -62.52
CA ALA B 1065 0.84 23.31 -61.62
C ALA B 1065 -0.22 22.53 -60.87
N TRP B 1066 -0.55 21.32 -61.32
CA TRP B 1066 -1.48 20.48 -60.58
C TRP B 1066 -0.87 19.90 -59.32
N ILE B 1067 0.46 19.91 -59.20
CA ILE B 1067 1.11 19.40 -58.00
C ILE B 1067 0.86 20.34 -56.81
N VAL B 1068 0.70 21.65 -57.09
CA VAL B 1068 0.55 22.64 -56.02
C VAL B 1068 -0.68 22.42 -55.13
N PRO B 1069 -1.88 22.12 -55.65
CA PRO B 1069 -2.97 21.75 -54.72
C PRO B 1069 -2.74 20.45 -53.97
N ALA B 1070 -2.02 19.48 -54.53
CA ALA B 1070 -1.78 18.22 -53.83
C ALA B 1070 -0.82 18.40 -52.65
N ILE B 1071 0.29 19.10 -52.87
CA ILE B 1071 1.21 19.38 -51.77
C ILE B 1071 0.62 20.41 -50.82
N MET B 1072 -0.29 21.26 -51.30
CA MET B 1072 -1.08 22.11 -50.42
C MET B 1072 -1.94 21.28 -49.48
N ALA B 1073 -2.57 20.23 -50.02
CA ALA B 1073 -3.40 19.35 -49.20
C ALA B 1073 -2.57 18.62 -48.16
N CYS B 1074 -1.41 18.08 -48.56
CA CYS B 1074 -0.54 17.40 -47.62
C CYS B 1074 0.01 18.36 -46.56
N TYR B 1075 0.36 19.58 -46.96
CA TYR B 1075 0.88 20.56 -46.02
C TYR B 1075 -0.17 20.99 -45.01
N LEU B 1076 -1.38 21.28 -45.50
CA LEU B 1076 -2.46 21.73 -44.62
C LEU B 1076 -2.84 20.63 -43.65
N LEU B 1077 -2.88 19.38 -44.13
CA LEU B 1077 -3.18 18.24 -43.26
C LEU B 1077 -2.12 18.10 -42.18
N VAL B 1078 -0.84 18.08 -42.58
CA VAL B 1078 0.25 17.84 -41.63
C VAL B 1078 0.32 18.96 -40.60
N ALA B 1079 0.32 20.22 -41.06
CA ALA B 1079 0.35 21.39 -40.18
C ALA B 1079 -0.86 21.43 -39.25
N ASN B 1080 -2.05 21.70 -39.82
CA ASN B 1080 -3.22 22.02 -39.03
C ASN B 1080 -3.73 20.86 -38.21
N ILE B 1081 -3.57 19.62 -38.68
CA ILE B 1081 -4.09 18.48 -37.95
C ILE B 1081 -3.03 17.82 -37.10
N LEU B 1082 -1.83 17.61 -37.63
CA LEU B 1082 -0.81 16.91 -36.86
C LEU B 1082 -0.14 17.83 -35.84
N LEU B 1083 0.45 18.94 -36.30
CA LEU B 1083 1.40 19.64 -35.44
C LEU B 1083 0.71 20.47 -34.38
N VAL B 1084 -0.44 21.06 -34.71
CA VAL B 1084 -1.19 21.85 -33.75
C VAL B 1084 -1.77 20.96 -32.66
N ASN B 1085 -2.31 19.80 -33.04
CA ASN B 1085 -2.84 18.87 -32.05
C ASN B 1085 -1.74 18.22 -31.23
N LEU B 1086 -0.56 18.02 -31.82
CA LEU B 1086 0.56 17.54 -31.04
C LEU B 1086 1.04 18.57 -30.04
N LEU B 1087 1.03 19.86 -30.41
CA LEU B 1087 1.35 20.90 -29.43
C LEU B 1087 0.28 21.01 -28.36
N ILE B 1088 -0.98 20.72 -28.71
CA ILE B 1088 -2.04 20.63 -27.71
C ILE B 1088 -1.73 19.52 -26.71
N ALA B 1089 -1.31 18.36 -27.20
CA ALA B 1089 -0.94 17.25 -26.33
C ALA B 1089 0.28 17.57 -25.47
N VAL B 1090 1.27 18.26 -26.04
CA VAL B 1090 2.47 18.65 -25.30
C VAL B 1090 2.12 19.64 -24.21
N PHE B 1091 1.24 20.61 -24.52
CA PHE B 1091 0.82 21.60 -23.54
C PHE B 1091 0.00 20.96 -22.44
N ASN B 1092 -0.78 19.94 -22.80
CA ASN B 1092 -1.67 19.30 -21.85
C ASN B 1092 -0.92 18.38 -20.89
N ASN B 1093 -0.02 17.56 -21.41
CA ASN B 1093 0.62 16.56 -20.57
C ASN B 1093 1.76 17.11 -19.73
N THR B 1094 2.22 18.33 -20.00
CA THR B 1094 3.18 19.00 -19.15
C THR B 1094 2.56 20.15 -18.39
N PHE B 1095 1.24 20.17 -18.27
CA PHE B 1095 0.58 21.29 -17.61
C PHE B 1095 0.72 21.22 -16.10
N PHE B 1096 0.65 20.03 -15.52
CA PHE B 1096 0.53 19.90 -14.07
C PHE B 1096 1.85 20.24 -13.38
N GLU B 1097 2.96 19.70 -13.89
CA GLU B 1097 4.28 19.98 -13.32
C GLU B 1097 4.62 21.45 -13.47
N VAL B 1098 4.33 22.02 -14.63
CA VAL B 1098 4.60 23.43 -14.89
C VAL B 1098 3.73 24.32 -14.01
N LYS B 1099 2.48 23.92 -13.77
CA LYS B 1099 1.59 24.69 -12.91
C LYS B 1099 2.06 24.70 -11.46
N SER B 1100 2.46 23.53 -10.94
CA SER B 1100 2.95 23.46 -9.57
C SER B 1100 4.26 24.22 -9.40
N ILE B 1101 5.17 24.09 -10.38
CA ILE B 1101 6.44 24.80 -10.33
C ILE B 1101 6.22 26.30 -10.42
N SER B 1102 5.28 26.74 -11.27
CA SER B 1102 5.01 28.16 -11.43
C SER B 1102 4.36 28.75 -10.19
N ASN B 1103 3.47 28.00 -9.54
CA ASN B 1103 2.89 28.45 -8.27
C ASN B 1103 3.96 28.61 -7.19
N GLN B 1104 4.86 27.62 -7.09
CA GLN B 1104 5.90 27.70 -6.06
C GLN B 1104 6.90 28.81 -6.36
N VAL B 1105 7.22 29.02 -7.65
CA VAL B 1105 8.17 30.07 -8.02
C VAL B 1105 7.56 31.45 -7.81
N TRP B 1106 6.26 31.61 -8.08
CA TRP B 1106 5.59 32.87 -7.78
C TRP B 1106 5.56 33.15 -6.27
N LYS B 1107 5.29 32.12 -5.47
CA LYS B 1107 5.31 32.29 -4.02
C LYS B 1107 6.72 32.61 -3.52
N PHE B 1108 7.75 32.11 -4.20
CA PHE B 1108 9.11 32.48 -3.84
C PHE B 1108 9.41 33.92 -4.22
N GLN B 1109 8.93 34.38 -5.39
CA GLN B 1109 9.27 35.70 -5.89
C GLN B 1109 8.42 36.81 -5.30
N ARG B 1110 7.41 36.44 -4.49
CA ARG B 1110 6.70 37.44 -3.68
C ARG B 1110 7.67 38.24 -2.80
N TYR B 1111 8.69 37.59 -2.23
CA TYR B 1111 9.66 38.30 -1.40
C TYR B 1111 10.45 39.31 -2.20
N GLN B 1112 10.88 38.95 -3.41
CA GLN B 1112 11.64 39.88 -4.24
C GLN B 1112 10.78 41.08 -4.62
N LEU B 1113 9.51 40.83 -4.93
CA LEU B 1113 8.58 41.92 -5.21
C LEU B 1113 8.38 42.83 -3.99
N ILE B 1114 8.25 42.24 -2.80
CA ILE B 1114 7.98 43.03 -1.61
C ILE B 1114 9.19 43.86 -1.21
N MET B 1115 10.39 43.27 -1.24
CA MET B 1115 11.60 44.00 -0.92
C MET B 1115 11.90 45.09 -1.94
N THR B 1116 11.65 44.82 -3.23
CA THR B 1116 11.83 45.85 -4.25
C THR B 1116 10.89 47.02 -4.05
N PHE B 1117 9.61 46.74 -3.79
CA PHE B 1117 8.66 47.84 -3.65
C PHE B 1117 8.70 48.49 -2.29
N HIS B 1118 9.41 47.92 -1.33
CA HIS B 1118 9.68 48.63 -0.09
C HIS B 1118 10.91 49.49 -0.21
N GLU B 1119 11.89 49.08 -1.03
CA GLU B 1119 13.05 49.94 -1.27
C GLU B 1119 12.78 51.05 -2.28
N ARG B 1120 11.60 51.06 -2.92
CA ARG B 1120 11.30 52.05 -3.94
C ARG B 1120 11.02 53.41 -3.30
N PRO B 1121 11.19 54.50 -4.05
CA PRO B 1121 10.72 55.81 -3.56
C PRO B 1121 9.21 55.85 -3.47
N VAL B 1122 8.72 56.75 -2.62
CA VAL B 1122 7.29 56.87 -2.38
C VAL B 1122 6.57 57.37 -3.62
N LEU B 1123 7.11 58.40 -4.26
CA LEU B 1123 6.45 59.02 -5.40
C LEU B 1123 6.52 58.13 -6.64
N PRO B 1124 5.51 58.17 -7.49
CA PRO B 1124 5.53 57.38 -8.72
C PRO B 1124 6.52 57.95 -9.72
N PRO B 1125 6.87 57.23 -10.79
CA PRO B 1125 7.93 57.68 -11.74
C PRO B 1125 7.76 59.06 -12.35
N PRO B 1126 6.56 59.54 -12.76
CA PRO B 1126 6.51 60.90 -13.32
C PRO B 1126 6.82 62.02 -12.33
N LEU B 1127 6.69 61.76 -11.03
CA LEU B 1127 7.07 62.72 -10.01
C LEU B 1127 8.28 62.26 -9.21
N ILE B 1128 9.00 61.25 -9.70
CA ILE B 1128 10.11 60.68 -8.93
C ILE B 1128 11.35 61.54 -8.96
N ILE B 1129 11.39 62.57 -9.81
CA ILE B 1129 12.55 63.45 -9.88
C ILE B 1129 12.67 64.29 -8.60
N PHE B 1130 11.54 64.58 -7.94
CA PHE B 1130 11.59 65.28 -6.65
C PHE B 1130 12.23 64.42 -5.57
N SER B 1131 11.84 63.14 -5.51
CA SER B 1131 12.46 62.24 -4.55
C SER B 1131 13.92 61.96 -4.89
N HIS B 1132 14.26 61.97 -6.18
CA HIS B 1132 15.65 61.77 -6.59
C HIS B 1132 16.52 62.95 -6.18
N MET B 1133 16.01 64.18 -6.34
CA MET B 1133 16.72 65.35 -5.83
C MET B 1133 16.77 65.35 -4.31
N THR B 1134 15.75 64.79 -3.66
CA THR B 1134 15.79 64.65 -2.20
C THR B 1134 16.91 63.72 -1.76
N MET B 1135 17.06 62.57 -2.43
CA MET B 1135 18.15 61.66 -2.10
C MET B 1135 19.51 62.26 -2.44
N ILE B 1136 19.60 63.03 -3.52
CA ILE B 1136 20.86 63.69 -3.86
C ILE B 1136 21.25 64.73 -2.81
N PHE B 1137 20.27 65.53 -2.36
CA PHE B 1137 20.53 66.53 -1.33
C PHE B 1137 20.88 65.88 0.01
N GLN B 1138 20.20 64.78 0.37
CA GLN B 1138 20.52 64.08 1.60
C GLN B 1138 21.90 63.42 1.55
N HIS B 1139 22.27 62.88 0.39
CA HIS B 1139 23.59 62.28 0.23
C HIS B 1139 24.68 63.35 0.29
N LEU B 1140 24.44 64.52 -0.29
CA LEU B 1140 25.41 65.61 -0.21
C LEU B 1140 25.53 66.17 1.20
N CYS B 1141 24.40 66.23 1.93
CA CYS B 1141 24.44 66.68 3.31
C CYS B 1141 25.16 65.69 4.21
N CYS B 1142 24.96 64.39 3.98
CA CYS B 1142 25.66 63.38 4.78
C CYS B 1142 27.15 63.33 4.42
N ARG B 1143 27.50 63.59 3.16
CA ARG B 1143 28.91 63.62 2.78
C ARG B 1143 29.58 64.88 3.31
N TRP B 1144 28.85 65.99 3.41
CA TRP B 1144 29.41 67.23 3.94
C TRP B 1144 29.50 67.26 5.46
N ARG B 1145 28.87 66.30 6.14
CA ARG B 1145 28.91 66.24 7.60
C ARG B 1145 29.22 64.83 8.08
N ASP B 1155 22.72 46.96 4.69
CA ASP B 1155 21.59 46.80 5.61
C ASP B 1155 20.26 46.83 4.86
N TYR B 1156 20.16 46.02 3.82
CA TYR B 1156 18.95 45.96 2.99
C TYR B 1156 18.10 44.80 3.47
N GLY B 1157 17.03 45.11 4.18
CA GLY B 1157 16.13 44.08 4.65
C GLY B 1157 15.09 44.66 5.60
N LEU B 1158 14.31 43.77 6.19
CA LEU B 1158 13.25 44.13 7.13
C LEU B 1158 13.34 43.20 8.34
N LYS B 1159 14.09 43.64 9.35
CA LYS B 1159 14.31 42.87 10.56
C LYS B 1159 13.30 43.32 11.63
N LEU B 1160 13.47 42.83 12.85
CA LEU B 1160 12.54 43.18 13.92
C LEU B 1160 13.20 43.89 15.10
N PHE B 1161 14.44 43.53 15.43
CA PHE B 1161 15.23 44.13 16.52
C PHE B 1161 14.51 44.00 17.87
N ILE B 1162 14.30 42.75 18.29
CA ILE B 1162 13.59 42.49 19.53
C ILE B 1162 14.53 42.69 20.72
N THR B 1163 13.93 42.78 21.90
CA THR B 1163 14.66 43.01 23.14
C THR B 1163 15.24 41.69 23.65
N ASP B 1164 15.82 41.70 24.85
CA ASP B 1164 16.51 40.52 25.35
C ASP B 1164 15.55 39.49 25.94
N ASP B 1165 14.52 39.94 26.65
CA ASP B 1165 13.52 39.02 27.19
C ASP B 1165 12.72 38.38 26.07
N GLU B 1166 12.39 39.15 25.02
CA GLU B 1166 11.74 38.59 23.85
C GLU B 1166 12.67 37.63 23.11
N LEU B 1167 13.97 37.91 23.10
CA LEU B 1167 14.93 36.99 22.52
C LEU B 1167 14.99 35.67 23.28
N LYS B 1168 14.96 35.73 24.61
CA LYS B 1168 14.96 34.52 25.42
C LYS B 1168 13.68 33.73 25.23
N LYS B 1169 12.54 34.43 25.10
CA LYS B 1169 11.26 33.75 24.83
C LYS B 1169 11.28 33.06 23.47
N VAL B 1170 11.84 33.74 22.46
CA VAL B 1170 11.96 33.16 21.12
C VAL B 1170 12.87 31.95 21.12
N HIS B 1171 14.00 32.03 21.85
CA HIS B 1171 14.93 30.91 21.94
C HIS B 1171 14.31 29.71 22.64
N ASP B 1172 13.57 29.94 23.73
CA ASP B 1172 12.91 28.84 24.43
C ASP B 1172 11.82 28.21 23.57
N PHE B 1173 11.10 29.03 22.80
CA PHE B 1173 10.14 28.51 21.83
C PHE B 1173 10.82 27.64 20.78
N GLU B 1174 12.02 28.06 20.35
CA GLU B 1174 12.76 27.29 19.35
C GLU B 1174 13.23 25.94 19.91
N GLU B 1175 13.68 25.92 21.17
CA GLU B 1175 14.09 24.65 21.77
C GLU B 1175 12.90 23.71 21.96
N GLN B 1176 11.74 24.26 22.35
CA GLN B 1176 10.54 23.46 22.47
C GLN B 1176 10.14 22.86 21.11
N CYS B 1177 10.23 23.67 20.05
CA CYS B 1177 9.91 23.20 18.72
C CYS B 1177 10.89 22.12 18.24
N ILE B 1178 12.17 22.27 18.57
CA ILE B 1178 13.18 21.30 18.15
C ILE B 1178 12.95 19.96 18.85
N GLU B 1179 12.68 19.99 20.15
CA GLU B 1179 12.41 18.75 20.89
C GLU B 1179 11.15 18.07 20.38
N GLU B 1180 10.10 18.86 20.13
CA GLU B 1180 8.86 18.34 19.58
C GLU B 1180 9.08 17.68 18.23
N TYR B 1181 9.82 18.35 17.33
CA TYR B 1181 10.01 17.81 15.99
C TYR B 1181 10.81 16.52 15.99
N PHE B 1182 11.94 16.53 16.71
CA PHE B 1182 12.80 15.34 16.81
C PHE B 1182 12.05 14.18 17.45
N ARG B 1183 11.46 14.44 18.63
CA ARG B 1183 10.76 13.35 19.38
C ARG B 1183 9.56 12.85 18.57
N GLU B 1184 8.76 13.76 18.02
CA GLU B 1184 7.61 13.32 17.19
C GLU B 1184 8.15 12.37 16.11
N LYS B 1185 9.29 12.71 15.53
CA LYS B 1185 9.88 11.86 14.50
C LYS B 1185 10.28 10.51 15.07
N ASP B 1186 10.82 10.50 16.29
CA ASP B 1186 11.09 9.23 16.98
C ASP B 1186 9.80 8.45 17.26
N ASP B 1187 8.73 9.13 17.67
CA ASP B 1187 7.46 8.44 17.90
C ASP B 1187 6.85 7.90 16.62
N ARG B 1188 6.98 8.64 15.51
CA ARG B 1188 6.47 8.17 14.23
C ARG B 1188 7.28 7.00 13.71
N PHE B 1189 8.59 7.01 13.96
CA PHE B 1189 9.43 5.89 13.56
C PHE B 1189 9.12 4.65 14.38
N ASN B 1190 8.90 4.81 15.69
CA ASN B 1190 8.65 3.67 16.54
C ASN B 1190 7.25 3.08 16.36
N SER B 1191 6.31 3.86 15.84
CA SER B 1191 4.95 3.40 15.64
C SER B 1191 4.66 2.99 14.21
N SER B 1192 5.67 2.98 13.34
CA SER B 1192 5.46 2.54 11.97
C SER B 1192 5.27 1.03 11.93
N ASN B 1193 4.69 0.54 10.83
CA ASN B 1193 4.48 -0.89 10.68
C ASN B 1193 5.80 -1.63 10.49
N ASP B 1194 6.75 -1.01 9.76
CA ASP B 1194 8.00 -1.69 9.44
C ASP B 1194 8.86 -1.89 10.67
N GLU B 1195 8.98 -0.86 11.51
CA GLU B 1195 9.79 -0.97 12.72
C GLU B 1195 9.14 -1.93 13.72
N ARG B 1196 7.82 -1.91 13.82
CA ARG B 1196 7.11 -2.84 14.70
C ARG B 1196 7.29 -4.28 14.24
N ILE B 1197 7.21 -4.53 12.93
CA ILE B 1197 7.38 -5.87 12.38
C ILE B 1197 8.82 -6.35 12.59
N ARG B 1198 9.80 -5.46 12.42
CA ARG B 1198 11.20 -5.81 12.65
C ARG B 1198 11.48 -6.14 14.11
N VAL B 1199 10.93 -5.35 15.03
CA VAL B 1199 11.12 -5.58 16.46
C VAL B 1199 10.46 -6.88 16.88
N THR B 1200 9.25 -7.16 16.37
CA THR B 1200 8.56 -8.41 16.65
C THR B 1200 9.33 -9.62 16.13
N SER B 1201 9.89 -9.51 14.92
CA SER B 1201 10.64 -10.63 14.35
C SER B 1201 11.93 -10.90 15.13
N GLU B 1202 12.64 -9.85 15.54
CA GLU B 1202 13.86 -10.06 16.31
C GLU B 1202 13.58 -10.63 17.70
N ARG B 1203 12.52 -10.13 18.35
CA ARG B 1203 12.15 -10.65 19.67
C ARG B 1203 11.70 -12.09 19.58
N VAL B 1204 10.96 -12.44 18.54
CA VAL B 1204 10.50 -13.81 18.36
C VAL B 1204 11.66 -14.75 18.08
N GLU B 1205 12.67 -14.29 17.31
CA GLU B 1205 13.85 -15.12 17.05
C GLU B 1205 14.64 -15.40 18.33
N ASN B 1206 14.92 -14.34 19.11
CA ASN B 1206 15.66 -14.48 20.37
C ASN B 1206 14.89 -15.35 21.34
N MET B 1207 13.56 -15.19 21.35
CA MET B 1207 12.69 -15.96 22.21
C MET B 1207 12.69 -17.43 21.82
N SER B 1208 12.64 -17.75 20.51
CA SER B 1208 12.68 -19.14 20.07
C SER B 1208 14.00 -19.81 20.47
N MET B 1209 15.13 -19.11 20.31
CA MET B 1209 16.40 -19.82 20.53
C MET B 1209 16.71 -19.95 22.02
N ARG B 1210 16.46 -18.91 22.80
CA ARG B 1210 16.64 -19.05 24.25
C ARG B 1210 15.56 -19.95 24.86
N LEU B 1211 14.37 -19.96 24.26
CA LEU B 1211 13.30 -20.83 24.70
C LEU B 1211 13.67 -22.28 24.46
N GLU B 1212 14.33 -22.58 23.34
CA GLU B 1212 14.87 -23.92 23.10
C GLU B 1212 15.87 -24.32 24.17
N GLU B 1213 16.67 -23.37 24.64
CA GLU B 1213 17.53 -23.64 25.81
C GLU B 1213 16.70 -23.96 27.06
N VAL B 1214 15.55 -23.28 27.23
CA VAL B 1214 14.64 -23.56 28.37
C VAL B 1214 14.10 -24.99 28.26
N ASN B 1215 13.79 -25.42 27.04
CA ASN B 1215 13.36 -26.82 26.81
C ASN B 1215 14.43 -27.83 27.16
N GLU B 1216 15.70 -27.55 26.80
CA GLU B 1216 16.77 -28.46 27.17
C GLU B 1216 16.92 -28.56 28.69
N ARG B 1217 16.79 -27.43 29.38
CA ARG B 1217 16.83 -27.43 30.83
C ARG B 1217 15.60 -28.11 31.44
N GLU B 1218 14.45 -28.04 30.78
CA GLU B 1218 13.26 -28.73 31.28
C GLU B 1218 13.39 -30.23 31.15
N HIS B 1219 14.00 -30.70 30.05
CA HIS B 1219 14.29 -32.13 29.90
C HIS B 1219 15.28 -32.60 30.95
N SER B 1220 16.31 -31.78 31.23
CA SER B 1220 17.28 -32.12 32.28
C SER B 1220 16.62 -32.16 33.66
N MET B 1221 15.72 -31.21 33.94
CA MET B 1221 15.04 -31.17 35.23
C MET B 1221 14.08 -32.35 35.38
N LYS B 1222 13.41 -32.74 34.29
CA LYS B 1222 12.55 -33.92 34.33
C LYS B 1222 13.36 -35.19 34.56
N ALA B 1223 14.55 -35.29 33.95
CA ALA B 1223 15.42 -36.44 34.21
C ALA B 1223 15.90 -36.46 35.66
N SER B 1224 16.25 -35.29 36.21
CA SER B 1224 16.69 -35.22 37.60
C SER B 1224 15.55 -35.56 38.56
N LEU B 1225 14.33 -35.11 38.26
CA LEU B 1225 13.18 -35.44 39.09
C LEU B 1225 12.84 -36.92 39.02
N GLN B 1226 12.99 -37.53 37.82
CA GLN B 1226 12.78 -38.96 37.69
C GLN B 1226 13.82 -39.76 38.47
N THR B 1227 15.08 -39.32 38.45
CA THR B 1227 16.13 -39.98 39.21
C THR B 1227 15.90 -39.81 40.72
N VAL B 1228 15.43 -38.64 41.15
CA VAL B 1228 15.16 -38.40 42.57
C VAL B 1228 13.97 -39.23 43.03
N ASP B 1229 12.96 -39.40 42.17
CA ASP B 1229 11.82 -40.24 42.51
C ASP B 1229 12.21 -41.72 42.54
N ILE B 1230 13.14 -42.12 41.67
CA ILE B 1230 13.62 -43.50 41.68
C ILE B 1230 14.45 -43.77 42.92
N ARG B 1231 15.24 -42.79 43.36
CA ARG B 1231 16.06 -42.95 44.55
C ARG B 1231 15.21 -43.04 45.82
N LEU B 1232 14.14 -42.26 45.88
CA LEU B 1232 13.26 -42.29 47.05
C LEU B 1232 11.90 -42.90 46.70
N SER C 30 -54.61 -6.34 25.73
CA SER C 30 -55.81 -6.54 26.53
C SER C 30 -56.02 -8.03 26.78
N TRP C 31 -55.38 -8.87 25.97
CA TRP C 31 -55.48 -10.33 26.18
C TRP C 31 -54.74 -10.69 27.46
N ILE C 32 -53.63 -9.99 27.69
CA ILE C 32 -52.78 -10.35 28.83
C ILE C 32 -53.53 -10.17 30.14
N GLU C 33 -54.32 -9.10 30.26
CA GLU C 33 -55.13 -8.90 31.46
C GLU C 33 -56.28 -9.90 31.53
N ARG C 34 -56.87 -10.23 30.39
CA ARG C 34 -58.02 -11.13 30.38
C ARG C 34 -57.63 -12.61 30.49
N ALA C 35 -56.36 -12.93 30.29
CA ALA C 35 -55.90 -14.32 30.38
C ALA C 35 -55.10 -14.61 31.64
N PHE C 36 -54.32 -13.64 32.11
CA PHE C 36 -53.50 -13.82 33.29
C PHE C 36 -54.15 -13.19 34.50
N TYR C 37 -53.87 -13.77 35.67
CA TYR C 37 -54.46 -13.33 36.91
C TYR C 37 -53.36 -12.99 37.90
N LYS C 38 -53.75 -12.40 39.02
CA LYS C 38 -52.81 -11.94 40.03
C LYS C 38 -53.51 -11.99 41.38
N ARG C 39 -52.71 -11.96 42.44
CA ARG C 39 -53.24 -12.10 43.79
C ARG C 39 -52.65 -11.04 44.69
N GLU C 40 -53.48 -10.53 45.62
CA GLU C 40 -53.09 -9.43 46.48
C GLU C 40 -53.46 -9.75 47.93
N CYS C 41 -52.72 -9.14 48.85
CA CYS C 41 -52.76 -9.53 50.26
C CYS C 41 -53.96 -8.90 50.95
N VAL C 42 -54.99 -9.71 51.19
CA VAL C 42 -56.14 -9.33 52.02
C VAL C 42 -56.25 -10.37 53.14
N HIS C 43 -55.62 -10.08 54.27
CA HIS C 43 -55.49 -11.03 55.37
C HIS C 43 -56.03 -10.43 56.66
N ILE C 44 -55.84 -11.18 57.75
CA ILE C 44 -56.21 -10.72 59.09
C ILE C 44 -55.08 -9.94 59.75
N ILE C 45 -53.98 -9.71 59.04
CA ILE C 45 -52.76 -9.02 59.47
C ILE C 45 -52.20 -9.68 60.73
N PRO C 46 -51.58 -10.85 60.62
CA PRO C 46 -50.91 -11.43 61.79
C PRO C 46 -49.56 -10.77 62.01
N SER C 47 -49.32 -10.32 63.24
CA SER C 47 -48.12 -9.54 63.52
C SER C 47 -46.87 -10.40 63.55
N THR C 48 -46.95 -11.58 64.19
CA THR C 48 -45.82 -12.45 64.53
C THR C 48 -44.77 -11.66 65.30
N LYS C 49 -43.61 -11.41 64.67
CA LYS C 49 -42.55 -10.67 65.36
C LYS C 49 -42.84 -9.17 65.41
N ASP C 50 -42.89 -8.52 64.23
CA ASP C 50 -43.06 -7.06 64.17
C ASP C 50 -44.51 -6.71 63.90
N PRO C 51 -45.10 -5.79 64.69
CA PRO C 51 -46.52 -5.44 64.48
C PRO C 51 -46.83 -4.83 63.12
N HIS C 52 -45.89 -4.11 62.52
CA HIS C 52 -46.13 -3.57 61.17
C HIS C 52 -46.05 -4.67 60.12
N ARG C 53 -45.13 -5.62 60.29
CA ARG C 53 -44.95 -6.69 59.32
C ARG C 53 -46.04 -7.73 59.46
N CYS C 54 -46.78 -7.98 58.39
CA CYS C 54 -47.84 -8.97 58.39
C CYS C 54 -47.27 -10.33 58.02
N CYS C 55 -48.15 -11.29 57.71
CA CYS C 55 -47.69 -12.57 57.17
C CYS C 55 -47.03 -12.40 55.81
N CYS C 56 -47.53 -11.47 55.00
CA CYS C 56 -46.91 -11.15 53.73
C CYS C 56 -45.73 -10.19 53.85
N GLY C 57 -45.46 -9.67 55.04
CA GLY C 57 -44.28 -8.86 55.26
C GLY C 57 -44.43 -7.38 54.96
N ARG C 58 -45.55 -6.97 54.36
CA ARG C 58 -45.73 -5.56 54.03
C ARG C 58 -46.11 -4.76 55.27
N LEU C 59 -46.20 -3.44 55.09
CA LEU C 59 -46.58 -2.55 56.17
C LEU C 59 -48.05 -2.76 56.54
N ILE C 60 -48.36 -2.45 57.80
CA ILE C 60 -49.68 -2.78 58.37
C ILE C 60 -50.79 -1.96 57.72
N GLY C 61 -50.48 -0.76 57.26
CA GLY C 61 -51.43 0.06 56.54
C GLY C 61 -51.34 -0.02 55.03
N GLN C 62 -50.39 -0.77 54.49
CA GLN C 62 -50.15 -0.81 53.05
C GLN C 62 -51.01 -1.82 52.32
N HIS C 63 -51.82 -2.61 53.02
CA HIS C 63 -52.65 -3.61 52.37
C HIS C 63 -53.84 -2.94 51.68
N VAL C 64 -53.91 -3.10 50.35
CA VAL C 64 -54.96 -2.56 49.48
C VAL C 64 -55.14 -1.05 49.62
N TRP C 92 -51.34 -17.99 48.69
CA TRP C 92 -52.31 -19.00 49.09
C TRP C 92 -53.33 -18.41 50.05
N SER C 93 -54.48 -19.07 50.17
CA SER C 93 -55.53 -18.62 51.07
C SER C 93 -55.25 -18.97 52.53
N ILE C 94 -54.24 -19.80 52.80
CA ILE C 94 -53.91 -20.20 54.16
C ILE C 94 -53.08 -19.09 54.80
N SER C 95 -53.66 -18.41 55.78
CA SER C 95 -53.15 -17.34 56.64
C SER C 95 -53.00 -16.01 55.88
N LYS C 96 -53.07 -16.00 54.55
CA LYS C 96 -53.05 -14.78 53.76
C LYS C 96 -54.40 -14.43 53.15
N HIS C 97 -55.24 -15.45 52.90
CA HIS C 97 -56.65 -15.28 52.47
C HIS C 97 -56.76 -14.45 51.18
N THR C 98 -55.82 -14.70 50.26
CA THR C 98 -55.65 -13.82 49.11
C THR C 98 -56.78 -13.97 48.11
N GLN C 99 -57.07 -12.86 47.41
CA GLN C 99 -58.12 -12.81 46.42
C GLN C 99 -57.52 -12.63 45.03
N LEU C 100 -58.25 -13.12 44.03
CA LEU C 100 -57.74 -13.19 42.66
C LEU C 100 -58.38 -12.08 41.83
N SER C 101 -57.59 -11.52 40.91
CA SER C 101 -58.00 -10.31 40.19
C SER C 101 -57.23 -10.28 38.87
N PRO C 102 -57.71 -9.51 37.88
CA PRO C 102 -56.89 -9.27 36.68
C PRO C 102 -55.63 -8.48 37.01
N THR C 103 -54.58 -8.73 36.24
CA THR C 103 -53.29 -8.13 36.47
C THR C 103 -53.29 -6.65 36.10
N ASP C 104 -52.37 -5.91 36.73
CA ASP C 104 -52.24 -4.47 36.50
C ASP C 104 -50.78 -4.05 36.29
N ALA C 105 -49.86 -4.99 36.15
CA ALA C 105 -48.43 -4.70 36.10
C ALA C 105 -47.81 -5.53 34.98
N PHE C 106 -47.86 -5.00 33.76
CA PHE C 106 -47.33 -5.69 32.58
C PHE C 106 -47.13 -4.68 31.47
N GLY C 107 -46.18 -4.98 30.58
CA GLY C 107 -45.83 -4.07 29.50
C GLY C 107 -44.37 -4.15 29.11
N THR C 108 -43.68 -3.02 29.13
CA THR C 108 -42.27 -2.95 28.77
C THR C 108 -41.55 -2.11 29.83
N ILE C 109 -40.29 -2.45 30.09
CA ILE C 109 -39.46 -1.76 31.06
C ILE C 109 -38.29 -1.12 30.33
N GLU C 110 -38.13 0.19 30.52
CA GLU C 110 -36.99 0.92 29.96
C GLU C 110 -35.95 1.07 31.06
N PHE C 111 -34.87 0.31 30.97
CA PHE C 111 -33.82 0.30 31.98
C PHE C 111 -32.98 1.57 31.85
N GLN C 112 -33.24 2.53 32.73
CA GLN C 112 -32.52 3.79 32.74
C GLN C 112 -31.25 3.62 33.57
N GLY C 113 -30.13 4.06 33.02
CA GLY C 113 -28.85 3.90 33.68
C GLY C 113 -28.25 2.54 33.42
N GLY C 114 -27.13 2.29 34.09
CA GLY C 114 -26.40 1.05 33.91
C GLY C 114 -25.77 0.88 32.54
N GLY C 115 -25.30 1.97 31.94
CA GLY C 115 -24.62 1.88 30.67
C GLY C 115 -25.54 1.75 29.48
N HIS C 116 -25.57 0.56 28.89
CA HIS C 116 -26.38 0.33 27.70
C HIS C 116 -27.86 0.31 28.04
N SER C 117 -28.66 0.94 27.19
CA SER C 117 -30.10 0.98 27.35
C SER C 117 -30.72 -0.26 26.71
N ASN C 118 -31.50 -1.00 27.50
CA ASN C 118 -32.10 -2.24 27.04
C ASN C 118 -33.54 -2.29 27.50
N LYS C 119 -34.44 -2.69 26.60
CA LYS C 119 -35.86 -2.78 26.90
C LYS C 119 -36.24 -4.24 27.14
N ALA C 120 -36.93 -4.49 28.25
CA ALA C 120 -37.30 -5.85 28.65
C ALA C 120 -38.79 -5.93 28.91
N MET C 121 -39.46 -6.84 28.23
CA MET C 121 -40.87 -7.08 28.50
C MET C 121 -41.05 -7.74 29.86
N TYR C 122 -42.22 -7.55 30.45
CA TYR C 122 -42.48 -8.09 31.77
C TYR C 122 -43.98 -8.31 31.95
N VAL C 123 -44.33 -9.34 32.71
CA VAL C 123 -45.70 -9.58 33.17
C VAL C 123 -45.63 -9.99 34.64
N ARG C 124 -46.62 -9.55 35.41
CA ARG C 124 -46.87 -10.10 36.74
C ARG C 124 -47.95 -11.18 36.59
N VAL C 125 -47.64 -12.40 37.05
CA VAL C 125 -48.54 -13.53 36.93
C VAL C 125 -48.73 -14.16 38.31
N SER C 126 -49.80 -14.93 38.43
CA SER C 126 -50.00 -15.73 39.64
C SER C 126 -49.06 -16.93 39.62
N PHE C 127 -48.71 -17.40 40.82
CA PHE C 127 -47.80 -18.53 40.93
C PHE C 127 -48.45 -19.86 40.58
N ASP C 128 -49.78 -19.92 40.52
CA ASP C 128 -50.51 -21.16 40.26
C ASP C 128 -51.04 -21.25 38.83
N THR C 129 -50.57 -20.38 37.93
CA THR C 129 -51.06 -20.39 36.56
C THR C 129 -50.54 -21.59 35.79
N LYS C 130 -51.35 -22.06 34.84
CA LYS C 130 -50.95 -23.18 34.01
C LYS C 130 -49.86 -22.74 33.04
N PRO C 131 -48.81 -23.56 32.87
CA PRO C 131 -47.67 -23.14 32.02
C PRO C 131 -47.97 -23.12 30.53
N ASP C 132 -49.03 -23.79 30.08
CA ASP C 132 -49.38 -23.77 28.65
C ASP C 132 -49.77 -22.38 28.20
N LEU C 133 -50.54 -21.68 29.05
CA LEU C 133 -50.97 -20.31 28.72
C LEU C 133 -49.74 -19.39 28.62
N LEU C 134 -48.84 -19.49 29.60
CA LEU C 134 -47.61 -18.69 29.55
C LEU C 134 -46.78 -19.03 28.31
N LEU C 135 -46.72 -20.31 27.95
CA LEU C 135 -45.98 -20.70 26.74
C LEU C 135 -46.61 -20.08 25.51
N HIS C 136 -47.94 -20.02 25.48
CA HIS C 136 -48.64 -19.32 24.42
C HIS C 136 -48.34 -17.83 24.43
N LEU C 137 -48.13 -17.25 25.62
CA LEU C 137 -47.75 -15.83 25.72
C LEU C 137 -46.39 -15.56 25.07
N MET C 138 -45.40 -16.38 25.42
CA MET C 138 -44.04 -16.21 24.83
C MET C 138 -44.12 -16.46 23.32
N THR C 139 -44.90 -17.46 22.89
CA THR C 139 -44.87 -17.78 21.47
C THR C 139 -45.64 -16.78 20.62
N LYS C 140 -46.71 -16.19 21.15
CA LYS C 140 -47.56 -15.31 20.35
C LYS C 140 -47.31 -13.83 20.64
N GLU C 141 -47.48 -13.40 21.91
CA GLU C 141 -47.50 -11.98 22.21
C GLU C 141 -46.10 -11.38 22.19
N TRP C 142 -45.10 -12.12 22.67
CA TRP C 142 -43.72 -11.67 22.66
C TRP C 142 -42.96 -12.03 21.39
N GLN C 143 -43.61 -12.79 20.48
CA GLN C 143 -43.07 -13.14 19.16
C GLN C 143 -41.74 -13.89 19.26
N LEU C 144 -41.64 -14.80 20.23
CA LEU C 144 -40.44 -15.59 20.44
C LEU C 144 -40.66 -16.97 19.85
N GLU C 145 -39.74 -17.40 18.99
CA GLU C 145 -39.81 -18.74 18.42
C GLU C 145 -39.50 -19.77 19.49
N LEU C 146 -39.91 -21.01 19.23
CA LEU C 146 -39.61 -22.10 20.14
C LEU C 146 -38.13 -22.39 20.12
N PRO C 147 -37.45 -22.36 21.28
CA PRO C 147 -36.00 -22.51 21.29
C PRO C 147 -35.58 -23.94 21.00
N LYS C 148 -34.38 -24.07 20.44
CA LYS C 148 -33.79 -25.38 20.21
C LYS C 148 -33.09 -25.94 21.44
N LEU C 149 -33.01 -25.16 22.51
CA LEU C 149 -32.31 -25.56 23.72
C LEU C 149 -32.81 -24.71 24.86
N LEU C 150 -32.98 -25.33 26.03
CA LEU C 150 -33.38 -24.62 27.25
C LEU C 150 -32.27 -24.78 28.29
N ILE C 151 -31.87 -23.67 28.90
CA ILE C 151 -30.83 -23.64 29.91
C ILE C 151 -31.44 -23.12 31.19
N SER C 152 -31.26 -23.86 32.29
CA SER C 152 -31.78 -23.47 33.59
C SER C 152 -30.60 -23.19 34.52
N VAL C 153 -30.35 -21.92 34.78
CA VAL C 153 -29.21 -21.52 35.61
C VAL C 153 -29.70 -21.35 37.04
N HIS C 154 -29.11 -22.12 37.95
CA HIS C 154 -29.44 -22.09 39.36
C HIS C 154 -28.19 -21.81 40.17
N GLY C 155 -28.36 -21.20 41.32
CA GLY C 155 -27.22 -20.91 42.17
C GLY C 155 -27.65 -20.23 43.45
N GLY C 156 -26.66 -19.71 44.18
CA GLY C 156 -26.92 -19.10 45.47
C GLY C 156 -27.54 -17.73 45.33
N LEU C 157 -28.52 -17.46 46.17
CA LEU C 157 -29.18 -16.16 46.17
C LEU C 157 -28.28 -15.09 46.77
N GLN C 158 -27.35 -15.48 47.64
CA GLN C 158 -26.39 -14.53 48.18
C GLN C 158 -25.37 -14.14 47.12
N ASN C 159 -24.92 -12.89 47.18
CA ASN C 159 -23.89 -12.42 46.26
C ASN C 159 -22.55 -13.07 46.56
N PHE C 160 -21.80 -13.38 45.51
CA PHE C 160 -20.49 -13.98 45.66
C PHE C 160 -19.60 -13.51 44.53
N GLU C 161 -18.29 -13.68 44.72
CA GLU C 161 -17.30 -13.36 43.71
C GLU C 161 -16.49 -14.61 43.40
N LEU C 162 -16.20 -14.81 42.11
CA LEU C 162 -15.44 -15.96 41.65
C LEU C 162 -14.08 -15.50 41.15
N GLN C 163 -13.29 -16.46 40.68
CA GLN C 163 -12.01 -16.16 40.06
C GLN C 163 -12.24 -15.43 38.75
N PRO C 164 -11.31 -14.55 38.33
CA PRO C 164 -11.53 -13.79 37.09
C PRO C 164 -11.48 -14.65 35.84
N LYS C 165 -10.54 -15.59 35.76
CA LYS C 165 -10.46 -16.48 34.60
C LYS C 165 -11.66 -17.40 34.52
N LEU C 166 -12.11 -17.92 35.66
CA LEU C 166 -13.30 -18.76 35.71
C LEU C 166 -14.54 -17.99 35.28
N LYS C 167 -14.67 -16.74 35.76
CA LYS C 167 -15.81 -15.91 35.40
C LYS C 167 -15.80 -15.56 33.91
N GLN C 168 -14.61 -15.26 33.37
CA GLN C 168 -14.51 -14.94 31.95
C GLN C 168 -14.83 -16.15 31.07
N VAL C 169 -14.32 -17.33 31.44
CA VAL C 169 -14.58 -18.54 30.67
C VAL C 169 -16.05 -18.93 30.76
N PHE C 170 -16.65 -18.84 31.95
CA PHE C 170 -18.06 -19.16 32.14
C PHE C 170 -18.95 -18.19 31.37
N GLY C 171 -18.60 -16.90 31.39
CA GLY C 171 -19.38 -15.92 30.65
C GLY C 171 -19.32 -16.10 29.16
N LYS C 172 -18.11 -16.32 28.62
CA LYS C 172 -17.95 -16.55 27.19
C LYS C 172 -18.64 -17.83 26.76
N GLY C 173 -18.57 -18.88 27.60
CA GLY C 173 -19.27 -20.11 27.29
C GLY C 173 -20.78 -19.95 27.28
N LEU C 174 -21.34 -19.30 28.30
CA LEU C 174 -22.79 -19.13 28.37
C LEU C 174 -23.31 -18.27 27.23
N ILE C 175 -22.55 -17.24 26.85
CA ILE C 175 -22.92 -16.40 25.73
C ILE C 175 -22.87 -17.19 24.41
N LYS C 176 -21.81 -17.96 24.18
CA LYS C 176 -21.70 -18.69 22.92
C LYS C 176 -22.70 -19.84 22.83
N ALA C 177 -23.02 -20.46 23.98
CA ALA C 177 -24.02 -21.51 23.99
C ALA C 177 -25.42 -20.97 23.75
N ALA C 178 -25.73 -19.79 24.30
CA ALA C 178 -27.00 -19.15 23.98
C ALA C 178 -27.02 -18.60 22.57
N MET C 179 -25.85 -18.40 21.97
CA MET C 179 -25.81 -17.75 20.64
C MET C 179 -25.89 -18.76 19.49
N THR C 180 -25.12 -19.85 19.54
CA THR C 180 -25.04 -20.75 18.40
C THR C 180 -26.29 -21.62 18.30
N THR C 181 -26.80 -22.10 19.43
CA THR C 181 -27.99 -22.93 19.43
C THR C 181 -29.28 -22.13 19.46
N GLY C 182 -29.20 -20.83 19.70
CA GLY C 182 -30.41 -20.02 19.84
C GLY C 182 -31.24 -20.37 21.06
N ALA C 183 -30.60 -20.53 22.20
CA ALA C 183 -31.25 -21.08 23.38
C ALA C 183 -31.96 -20.00 24.19
N TRP C 184 -32.69 -20.45 25.22
CA TRP C 184 -33.30 -19.58 26.21
C TRP C 184 -32.59 -19.77 27.53
N ILE C 185 -32.28 -18.67 28.21
CA ILE C 185 -31.63 -18.69 29.51
C ILE C 185 -32.66 -18.38 30.58
N PHE C 186 -32.76 -19.24 31.59
CA PHE C 186 -33.71 -19.09 32.68
C PHE C 186 -32.93 -18.81 33.96
N THR C 187 -33.11 -17.63 34.52
CA THR C 187 -32.39 -17.23 35.72
C THR C 187 -33.36 -16.96 36.86
N GLY C 188 -32.81 -16.48 37.97
CA GLY C 188 -33.61 -16.05 39.09
C GLY C 188 -34.19 -14.66 38.99
N GLY C 189 -33.86 -13.94 37.92
CA GLY C 189 -34.46 -12.64 37.66
C GLY C 189 -33.76 -11.47 38.32
N VAL C 190 -33.72 -11.46 39.65
CA VAL C 190 -33.15 -10.32 40.37
C VAL C 190 -31.63 -10.32 40.24
N ASN C 191 -31.03 -9.16 40.52
CA ASN C 191 -29.60 -8.94 40.28
C ASN C 191 -28.81 -9.33 41.53
N THR C 192 -28.86 -10.63 41.84
CA THR C 192 -28.10 -11.20 42.94
C THR C 192 -27.27 -12.37 42.43
N GLY C 193 -26.01 -12.42 42.84
CA GLY C 193 -25.16 -13.60 42.72
C GLY C 193 -24.88 -14.15 41.33
N VAL C 194 -25.38 -15.36 41.09
CA VAL C 194 -25.17 -16.04 39.82
C VAL C 194 -25.90 -15.32 38.69
N ILE C 195 -27.06 -14.73 38.98
CA ILE C 195 -27.76 -13.92 37.98
C ILE C 195 -27.00 -12.63 37.72
N ARG C 196 -26.30 -12.11 38.73
CA ARG C 196 -25.43 -10.96 38.50
C ARG C 196 -24.25 -11.31 37.61
N HIS C 197 -23.71 -12.53 37.78
CA HIS C 197 -22.65 -12.98 36.88
C HIS C 197 -23.16 -13.19 35.46
N VAL C 198 -24.38 -13.72 35.32
CA VAL C 198 -25.03 -13.85 34.02
C VAL C 198 -25.27 -12.49 33.38
N GLY C 199 -25.62 -11.50 34.20
CA GLY C 199 -25.79 -10.14 33.69
C GLY C 199 -24.49 -9.50 33.25
N ASP C 200 -23.40 -9.75 33.98
CA ASP C 200 -22.10 -9.26 33.55
C ASP C 200 -21.66 -9.94 32.25
N ALA C 201 -21.97 -11.24 32.12
CA ALA C 201 -21.71 -11.97 30.89
C ALA C 201 -22.51 -11.40 29.73
N LEU C 202 -23.77 -11.06 29.97
CA LEU C 202 -24.57 -10.42 28.92
C LEU C 202 -24.12 -9.00 28.62
N LYS C 203 -23.52 -8.30 29.59
CA LYS C 203 -22.93 -6.99 29.33
C LYS C 203 -21.75 -7.12 28.38
N ASP C 204 -20.89 -8.12 28.64
CA ASP C 204 -19.81 -8.44 27.70
C ASP C 204 -20.35 -8.88 26.34
N HIS C 205 -21.47 -9.60 26.34
CA HIS C 205 -22.11 -10.04 25.10
C HIS C 205 -22.60 -8.87 24.27
N ALA C 206 -23.21 -7.87 24.93
CA ALA C 206 -23.61 -6.68 24.22
C ALA C 206 -22.42 -5.77 23.93
N SER C 207 -21.24 -6.07 24.48
CA SER C 207 -20.04 -5.34 24.10
C SER C 207 -19.26 -5.98 22.94
N LYS C 208 -19.39 -7.30 22.66
CA LYS C 208 -18.75 -7.73 21.42
C LYS C 208 -19.57 -8.66 20.52
N SER C 209 -20.90 -8.73 20.63
CA SER C 209 -21.62 -9.61 19.68
C SER C 209 -23.03 -9.07 19.36
N ARG C 210 -23.47 -9.30 18.13
CA ARG C 210 -24.79 -8.74 17.69
C ARG C 210 -25.95 -9.68 18.06
N GLY C 211 -25.82 -10.48 19.13
CA GLY C 211 -26.89 -11.32 19.55
C GLY C 211 -27.92 -10.55 20.37
N LYS C 212 -29.16 -11.01 20.24
CA LYS C 212 -30.21 -10.68 21.19
C LYS C 212 -30.50 -11.98 21.92
N ILE C 213 -29.72 -12.26 22.96
CA ILE C 213 -29.82 -13.54 23.66
C ILE C 213 -31.08 -13.51 24.52
N CYS C 214 -31.95 -14.48 24.31
CA CYS C 214 -33.22 -14.52 25.02
C CYS C 214 -32.96 -15.10 26.40
N THR C 215 -33.13 -14.26 27.43
CA THR C 215 -32.66 -14.52 28.79
C THR C 215 -33.80 -14.24 29.79
N ILE C 216 -34.93 -14.93 29.56
CA ILE C 216 -36.12 -14.78 30.40
C ILE C 216 -35.80 -15.17 31.83
N GLY C 217 -35.87 -14.20 32.74
CA GLY C 217 -35.62 -14.42 34.16
C GLY C 217 -36.94 -14.46 34.92
N ILE C 218 -37.02 -15.35 35.89
CA ILE C 218 -38.21 -15.54 36.70
C ILE C 218 -37.87 -15.21 38.15
N ALA C 219 -38.51 -14.17 38.67
CA ALA C 219 -38.22 -13.60 39.98
C ALA C 219 -39.51 -13.47 40.77
N PRO C 220 -39.45 -13.42 42.09
CA PRO C 220 -40.65 -13.08 42.87
C PRO C 220 -41.03 -11.62 42.66
N TRP C 221 -42.34 -11.39 42.52
CA TRP C 221 -42.84 -10.02 42.34
C TRP C 221 -42.73 -9.23 43.63
N GLY C 222 -42.83 -9.89 44.77
CA GLY C 222 -42.79 -9.15 46.01
C GLY C 222 -41.43 -8.70 46.48
N ILE C 223 -40.36 -9.17 45.85
CA ILE C 223 -39.00 -8.90 46.33
C ILE C 223 -38.26 -7.90 45.45
N VAL C 224 -38.83 -7.49 44.33
CA VAL C 224 -38.15 -6.53 43.46
C VAL C 224 -38.42 -5.12 43.98
N GLU C 225 -37.34 -4.33 44.05
CA GLU C 225 -37.44 -2.94 44.46
C GLU C 225 -38.26 -2.14 43.47
N ASN C 226 -38.95 -1.12 44.00
CA ASN C 226 -39.79 -0.18 43.24
C ASN C 226 -40.91 -0.92 42.51
N GLN C 227 -41.76 -1.58 43.29
CA GLN C 227 -42.89 -2.32 42.73
C GLN C 227 -43.92 -1.38 42.12
N GLU C 228 -44.05 -0.16 42.68
CA GLU C 228 -44.99 0.81 42.12
C GLU C 228 -44.50 1.39 40.80
N ASP C 229 -43.20 1.31 40.51
CA ASP C 229 -42.68 1.82 39.26
C ASP C 229 -43.08 0.97 38.07
N LEU C 230 -43.39 -0.31 38.29
CA LEU C 230 -43.69 -1.24 37.21
C LEU C 230 -45.20 -1.51 37.09
N ILE C 231 -46.03 -0.52 37.38
CA ILE C 231 -47.48 -0.66 37.31
C ILE C 231 -47.96 -0.03 36.01
N GLY C 232 -48.60 -0.83 35.16
CA GLY C 232 -49.11 -0.33 33.90
C GLY C 232 -49.73 -1.45 33.10
N ARG C 233 -50.35 -1.08 31.98
CA ARG C 233 -51.00 -2.02 31.09
C ARG C 233 -50.56 -1.65 29.66
N ASP C 234 -49.62 -2.42 29.10
CA ASP C 234 -48.95 -2.12 27.83
C ASP C 234 -48.34 -0.72 27.83
N VAL C 235 -47.71 -0.34 28.95
CA VAL C 235 -47.16 0.98 29.14
C VAL C 235 -45.67 0.85 29.41
N VAL C 236 -44.86 1.62 28.69
CA VAL C 236 -43.42 1.61 28.92
C VAL C 236 -43.12 2.35 30.22
N ARG C 237 -42.60 1.62 31.20
CA ARG C 237 -42.33 2.15 32.53
C ARG C 237 -40.83 2.24 32.72
N PRO C 238 -40.28 3.42 33.01
CA PRO C 238 -38.84 3.50 33.31
C PRO C 238 -38.50 2.84 34.63
N TYR C 239 -37.28 2.31 34.70
CA TYR C 239 -36.79 1.62 35.88
C TYR C 239 -35.42 2.15 36.24
N GLN C 240 -35.11 2.12 37.53
CA GLN C 240 -33.83 2.60 38.04
C GLN C 240 -32.93 1.42 38.37
N THR C 241 -31.73 1.43 37.79
CA THR C 241 -30.76 0.38 38.07
C THR C 241 -30.03 0.58 39.39
N MET C 242 -30.20 1.74 40.04
CA MET C 242 -29.61 1.96 41.34
C MET C 242 -30.32 1.13 42.39
N SER C 243 -29.54 0.52 43.29
CA SER C 243 -30.06 -0.30 44.36
C SER C 243 -29.63 0.29 45.70
N ASN C 244 -30.59 0.52 46.58
CA ASN C 244 -30.28 1.02 47.92
C ASN C 244 -29.73 -0.12 48.76
N PRO C 245 -28.53 0.02 49.34
CA PRO C 245 -27.99 -1.04 50.19
C PRO C 245 -28.74 -1.22 51.50
N MET C 246 -29.46 -0.20 51.96
CA MET C 246 -30.24 -0.33 53.20
C MET C 246 -31.45 -1.23 53.00
N SER C 247 -32.10 -1.15 51.84
CA SER C 247 -33.28 -1.95 51.59
C SER C 247 -32.90 -3.41 51.33
N LYS C 248 -33.68 -4.31 51.93
CA LYS C 248 -33.46 -5.74 51.72
C LYS C 248 -33.91 -6.18 50.34
N LEU C 249 -34.84 -5.45 49.73
CA LEU C 249 -35.28 -5.78 48.39
C LEU C 249 -34.19 -5.44 47.37
N THR C 250 -34.09 -6.26 46.34
CA THR C 250 -33.09 -6.12 45.31
C THR C 250 -33.75 -5.75 43.98
N VAL C 251 -33.01 -5.00 43.16
CA VAL C 251 -33.52 -4.62 41.85
C VAL C 251 -33.39 -5.78 40.88
N LEU C 252 -34.11 -5.68 39.77
CA LEU C 252 -33.97 -6.66 38.70
C LEU C 252 -32.64 -6.46 37.99
N ASN C 253 -32.21 -7.51 37.31
CA ASN C 253 -31.01 -7.42 36.48
C ASN C 253 -31.27 -6.52 35.28
N SER C 254 -30.27 -5.72 34.93
CA SER C 254 -30.51 -4.61 34.01
C SER C 254 -30.68 -5.07 32.57
N MET C 255 -29.95 -6.10 32.15
CA MET C 255 -29.96 -6.51 30.75
C MET C 255 -30.55 -7.90 30.52
N HIS C 256 -31.63 -8.22 31.21
CA HIS C 256 -32.42 -9.38 30.83
C HIS C 256 -33.42 -8.97 29.77
N SER C 257 -33.97 -9.96 29.08
CA SER C 257 -34.84 -9.68 27.94
C SER C 257 -36.32 -9.77 28.27
N HIS C 258 -36.73 -10.72 29.12
CA HIS C 258 -38.12 -10.87 29.49
C HIS C 258 -38.20 -11.23 30.96
N PHE C 259 -39.37 -11.01 31.56
CA PHE C 259 -39.56 -11.27 32.98
C PHE C 259 -40.89 -11.96 33.20
N ILE C 260 -40.87 -13.02 34.01
CA ILE C 260 -42.11 -13.79 34.36
C ILE C 260 -42.34 -13.60 35.87
N LEU C 261 -42.09 -12.39 36.36
CA LEU C 261 -42.27 -12.04 37.77
C LEU C 261 -43.57 -12.60 38.35
N ALA C 262 -43.45 -13.46 39.35
CA ALA C 262 -44.57 -14.25 39.85
C ALA C 262 -44.90 -13.83 41.28
N ASP C 263 -46.18 -13.57 41.52
CA ASP C 263 -46.69 -13.15 42.82
C ASP C 263 -47.48 -14.28 43.44
N ASN C 264 -47.06 -14.70 44.64
CA ASN C 264 -47.89 -15.54 45.49
C ASN C 264 -48.69 -14.72 46.50
N GLY C 265 -48.57 -13.40 46.44
CA GLY C 265 -49.24 -12.54 47.40
C GLY C 265 -48.27 -11.89 48.37
N THR C 266 -47.28 -12.66 48.82
CA THR C 266 -46.33 -12.17 49.80
C THR C 266 -45.30 -11.24 49.16
N THR C 267 -44.66 -10.44 49.99
CA THR C 267 -43.60 -9.54 49.58
C THR C 267 -42.36 -9.77 50.43
N GLY C 268 -41.19 -9.65 49.82
CA GLY C 268 -39.95 -9.82 50.54
C GLY C 268 -39.57 -11.25 50.85
N LYS C 269 -40.26 -12.22 50.26
CA LYS C 269 -39.99 -13.63 50.52
C LYS C 269 -39.88 -14.39 49.20
N TYR C 270 -39.02 -15.40 49.19
CA TYR C 270 -38.79 -16.22 48.02
C TYR C 270 -39.81 -17.38 47.99
N GLY C 271 -39.57 -18.34 47.10
CA GLY C 271 -40.42 -19.51 47.01
C GLY C 271 -41.68 -19.33 46.20
N ALA C 272 -41.91 -18.16 45.62
CA ALA C 272 -43.09 -17.89 44.83
C ALA C 272 -42.89 -18.22 43.35
N GLU C 273 -41.73 -18.74 42.98
CA GLU C 273 -41.40 -18.91 41.57
C GLU C 273 -40.80 -20.26 41.23
N VAL C 274 -40.40 -21.09 42.20
CA VAL C 274 -39.69 -22.32 41.90
C VAL C 274 -40.60 -23.35 41.23
N LYS C 275 -41.81 -23.51 41.78
CA LYS C 275 -42.75 -24.49 41.23
C LYS C 275 -43.23 -24.07 39.85
N LEU C 276 -43.50 -22.79 39.66
CA LEU C 276 -43.94 -22.28 38.36
C LEU C 276 -42.84 -22.43 37.31
N ARG C 277 -41.60 -22.14 37.69
CA ARG C 277 -40.48 -22.28 36.77
C ARG C 277 -40.23 -23.74 36.39
N ARG C 278 -40.31 -24.64 37.38
CA ARG C 278 -40.13 -26.06 37.10
C ARG C 278 -41.25 -26.62 36.22
N GLN C 279 -42.49 -26.20 36.46
CA GLN C 279 -43.60 -26.64 35.62
C GLN C 279 -43.50 -26.07 34.21
N LEU C 280 -43.01 -24.83 34.07
CA LEU C 280 -42.86 -24.26 32.75
C LEU C 280 -41.72 -24.93 31.98
N GLU C 281 -40.64 -25.30 32.68
CA GLU C 281 -39.55 -26.04 32.05
C GLU C 281 -40.00 -27.42 31.60
N LYS C 282 -40.81 -28.10 32.43
CA LYS C 282 -41.37 -29.39 32.04
C LYS C 282 -42.30 -29.26 30.84
N HIS C 283 -43.14 -28.22 30.84
CA HIS C 283 -44.07 -28.02 29.73
C HIS C 283 -43.36 -27.65 28.44
N ILE C 284 -42.24 -26.92 28.54
CA ILE C 284 -41.43 -26.64 27.35
C ILE C 284 -40.77 -27.92 26.86
N SER C 285 -40.25 -28.75 27.77
CA SER C 285 -39.56 -29.98 27.38
C SER C 285 -40.52 -31.01 26.78
N LEU C 286 -41.81 -30.96 27.14
CA LEU C 286 -42.77 -31.83 26.48
C LEU C 286 -43.07 -31.41 25.04
N GLN C 287 -42.81 -30.15 24.67
CA GLN C 287 -43.03 -29.72 23.30
C GLN C 287 -42.01 -30.33 22.36
N LYS C 288 -42.48 -30.79 21.21
CA LYS C 288 -41.62 -31.43 20.23
C LYS C 288 -40.80 -30.39 19.47
N ILE C 289 -39.55 -30.75 19.18
CA ILE C 289 -38.66 -29.87 18.43
C ILE C 289 -39.03 -29.95 16.96
N ASN C 290 -38.52 -29.00 16.16
CA ASN C 290 -38.94 -28.87 14.77
C ASN C 290 -38.39 -29.95 13.85
N THR C 291 -37.45 -30.78 14.31
CA THR C 291 -36.93 -31.85 13.46
C THR C 291 -37.96 -32.94 13.23
N ARG C 292 -38.87 -33.13 14.19
CA ARG C 292 -40.00 -34.08 14.11
C ARG C 292 -39.53 -35.52 13.94
N ILE C 293 -38.37 -35.86 14.50
CA ILE C 293 -37.88 -37.23 14.48
C ILE C 293 -38.38 -38.00 15.70
N GLY C 294 -38.95 -37.32 16.68
CA GLY C 294 -39.51 -38.00 17.85
C GLY C 294 -38.89 -37.58 19.16
N GLN C 295 -38.39 -36.35 19.23
CA GLN C 295 -37.75 -35.87 20.45
C GLN C 295 -38.26 -34.47 20.77
N GLY C 296 -38.31 -34.17 22.07
CA GLY C 296 -38.59 -32.83 22.53
C GLY C 296 -37.34 -31.98 22.56
N VAL C 297 -37.49 -30.76 23.07
CA VAL C 297 -36.33 -29.87 23.17
C VAL C 297 -35.46 -30.32 24.34
N PRO C 298 -34.14 -30.24 24.23
CA PRO C 298 -33.29 -30.63 25.35
C PRO C 298 -33.23 -29.54 26.41
N VAL C 299 -33.06 -29.98 27.66
CA VAL C 299 -32.98 -29.09 28.80
C VAL C 299 -31.70 -29.41 29.57
N VAL C 300 -30.88 -28.40 29.81
CA VAL C 300 -29.69 -28.53 30.63
C VAL C 300 -29.89 -27.68 31.88
N ALA C 301 -29.11 -27.98 32.91
CA ALA C 301 -29.21 -27.28 34.20
C ALA C 301 -27.81 -26.88 34.63
N LEU C 302 -27.46 -25.63 34.40
CA LEU C 302 -26.16 -25.11 34.81
C LEU C 302 -26.22 -24.66 36.27
N ILE C 303 -25.26 -25.12 37.07
CA ILE C 303 -25.19 -24.83 38.49
C ILE C 303 -23.87 -24.12 38.78
N VAL C 304 -23.95 -22.94 39.36
CA VAL C 304 -22.77 -22.19 39.82
C VAL C 304 -22.98 -21.89 41.29
N GLU C 305 -22.01 -22.30 42.12
CA GLU C 305 -22.03 -22.20 43.59
C GLU C 305 -23.25 -22.90 44.15
N GLY C 306 -24.26 -22.15 44.61
CA GLY C 306 -25.45 -22.73 45.19
C GLY C 306 -25.31 -22.97 46.67
N GLY C 307 -26.43 -23.36 47.28
CA GLY C 307 -26.47 -23.64 48.69
C GLY C 307 -27.10 -25.00 48.98
N PRO C 308 -27.92 -25.07 50.02
CA PRO C 308 -28.60 -26.34 50.33
C PRO C 308 -29.63 -26.74 49.31
N ASN C 309 -30.37 -25.76 48.76
CA ASN C 309 -31.53 -26.08 47.96
C ASN C 309 -31.14 -26.60 46.58
N VAL C 310 -29.96 -26.21 46.08
CA VAL C 310 -29.56 -26.62 44.74
C VAL C 310 -29.25 -28.11 44.68
N ILE C 311 -28.91 -28.72 45.81
CA ILE C 311 -28.74 -30.18 45.85
C ILE C 311 -30.09 -30.86 45.69
N SER C 312 -31.14 -30.32 46.31
CA SER C 312 -32.49 -30.83 46.12
C SER C 312 -32.98 -30.59 44.70
N ILE C 313 -32.58 -29.46 44.10
CA ILE C 313 -32.93 -29.19 42.70
C ILE C 313 -32.23 -30.17 41.77
N VAL C 314 -30.98 -30.50 42.06
CA VAL C 314 -30.25 -31.52 41.29
C VAL C 314 -30.90 -32.89 41.45
N LEU C 315 -31.33 -33.22 42.67
CA LEU C 315 -32.07 -34.47 42.90
C LEU C 315 -33.38 -34.50 42.14
N GLU C 316 -34.09 -33.37 42.07
CA GLU C 316 -35.32 -33.30 41.32
C GLU C 316 -35.07 -33.41 39.82
N TYR C 317 -33.95 -32.88 39.35
CA TYR C 317 -33.64 -32.93 37.93
C TYR C 317 -33.20 -34.33 37.50
N LEU C 318 -32.35 -34.98 38.30
CA LEU C 318 -31.84 -36.29 37.94
C LEU C 318 -32.92 -37.36 38.08
N ARG C 319 -33.70 -37.32 39.16
CA ARG C 319 -34.78 -38.27 39.36
C ARG C 319 -36.07 -37.75 38.71
N ASP C 320 -36.03 -37.66 37.39
CA ASP C 320 -37.13 -37.15 36.60
C ASP C 320 -37.28 -37.98 35.33
N THR C 321 -38.51 -38.05 34.83
CA THR C 321 -38.80 -38.69 33.56
C THR C 321 -39.34 -37.66 32.58
N PRO C 322 -38.58 -37.26 31.54
CA PRO C 322 -37.23 -37.69 31.18
C PRO C 322 -36.15 -37.03 32.03
N PRO C 323 -35.00 -37.68 32.19
CA PRO C 323 -33.92 -37.09 32.99
C PRO C 323 -33.31 -35.87 32.34
N VAL C 324 -32.83 -34.97 33.18
CA VAL C 324 -32.25 -33.70 32.75
C VAL C 324 -30.78 -33.68 33.17
N PRO C 325 -29.85 -33.50 32.24
CA PRO C 325 -28.44 -33.42 32.62
C PRO C 325 -28.13 -32.14 33.38
N VAL C 326 -27.14 -32.23 34.25
CA VAL C 326 -26.72 -31.14 35.12
C VAL C 326 -25.24 -30.87 34.90
N VAL C 327 -24.90 -29.64 34.56
CA VAL C 327 -23.52 -29.22 34.37
C VAL C 327 -23.15 -28.29 35.51
N VAL C 328 -22.09 -28.63 36.23
CA VAL C 328 -21.63 -27.82 37.35
C VAL C 328 -20.28 -27.21 37.00
N CYS C 329 -19.90 -26.18 37.75
CA CYS C 329 -18.65 -25.47 37.56
C CYS C 329 -17.82 -25.55 38.84
N ASP C 330 -16.50 -25.57 38.67
CA ASP C 330 -15.58 -25.71 39.79
C ASP C 330 -14.82 -24.42 40.01
N GLY C 331 -14.57 -24.11 41.28
CA GLY C 331 -13.87 -22.91 41.67
C GLY C 331 -14.76 -21.82 42.25
N SER C 332 -16.07 -21.91 42.05
CA SER C 332 -16.97 -20.94 42.66
C SER C 332 -17.12 -21.18 44.16
N GLY C 333 -17.25 -22.44 44.55
CA GLY C 333 -17.33 -22.81 45.96
C GLY C 333 -18.72 -23.29 46.35
N ARG C 334 -18.83 -23.56 47.66
CA ARG C 334 -20.06 -23.96 48.35
C ARG C 334 -20.55 -25.29 47.78
N ALA C 335 -21.79 -25.38 47.27
CA ALA C 335 -22.35 -26.68 46.90
C ALA C 335 -21.71 -27.25 45.65
N SER C 336 -21.25 -26.38 44.73
CA SER C 336 -20.60 -26.88 43.53
C SER C 336 -19.26 -27.53 43.84
N ASP C 337 -18.52 -26.99 44.82
CA ASP C 337 -17.23 -27.58 45.16
C ASP C 337 -17.40 -28.90 45.89
N ILE C 338 -18.42 -29.03 46.75
CA ILE C 338 -18.65 -30.31 47.41
C ILE C 338 -19.17 -31.33 46.41
N LEU C 339 -19.94 -30.88 45.40
CA LEU C 339 -20.35 -31.78 44.33
C LEU C 339 -19.14 -32.27 43.51
N ALA C 340 -18.20 -31.36 43.23
CA ALA C 340 -16.99 -31.74 42.50
C ALA C 340 -16.11 -32.68 43.31
N PHE C 341 -15.96 -32.41 44.61
CA PHE C 341 -15.15 -33.26 45.48
C PHE C 341 -15.80 -34.63 45.66
N GLY C 342 -17.12 -34.69 45.64
CA GLY C 342 -17.79 -35.98 45.57
C GLY C 342 -17.58 -36.68 44.24
N HIS C 343 -17.59 -35.93 43.14
CA HIS C 343 -17.59 -36.53 41.81
C HIS C 343 -16.22 -37.10 41.46
N LYS C 344 -15.15 -36.40 41.83
CA LYS C 344 -13.82 -36.96 41.63
C LYS C 344 -13.59 -38.14 42.56
N TYR C 345 -14.04 -38.04 43.81
CA TYR C 345 -13.81 -39.09 44.80
C TYR C 345 -15.10 -39.89 44.97
N SER C 346 -15.40 -40.75 44.00
CA SER C 346 -16.67 -41.45 43.99
C SER C 346 -16.57 -42.95 43.75
N GLU C 347 -15.53 -43.43 43.07
CA GLU C 347 -15.36 -44.83 42.64
C GLU C 347 -16.58 -45.25 41.81
N GLU C 348 -17.38 -46.22 42.24
CA GLU C 348 -18.51 -46.69 41.44
C GLU C 348 -19.81 -46.06 41.90
N GLY C 349 -19.91 -44.75 41.72
CA GLY C 349 -21.13 -44.02 42.05
C GLY C 349 -21.39 -43.92 43.54
N GLY C 350 -22.39 -44.66 44.02
CA GLY C 350 -22.74 -44.63 45.42
C GLY C 350 -21.81 -45.41 46.34
N LEU C 351 -20.86 -46.14 45.77
CA LEU C 351 -19.88 -46.88 46.56
C LEU C 351 -18.79 -45.91 47.00
N ILE C 352 -19.03 -45.27 48.15
CA ILE C 352 -18.09 -44.32 48.74
C ILE C 352 -17.63 -44.89 50.08
N ASN C 353 -16.32 -44.94 50.28
CA ASN C 353 -15.77 -45.49 51.51
C ASN C 353 -15.88 -44.48 52.64
N GLU C 354 -15.37 -44.85 53.82
CA GLU C 354 -15.65 -44.09 55.03
C GLU C 354 -14.84 -42.80 55.14
N SER C 355 -13.59 -42.79 54.67
CA SER C 355 -12.70 -41.66 54.90
C SER C 355 -13.15 -40.43 54.10
N LEU C 356 -13.44 -40.60 52.81
CA LEU C 356 -13.97 -39.49 52.04
C LEU C 356 -15.41 -39.16 52.42
N ARG C 357 -16.15 -40.12 53.00
CA ARG C 357 -17.47 -39.80 53.55
C ARG C 357 -17.35 -38.83 54.72
N ASP C 358 -16.40 -39.08 55.63
CA ASP C 358 -16.17 -38.17 56.74
C ASP C 358 -15.58 -36.85 56.28
N GLN C 359 -14.74 -36.88 55.23
CA GLN C 359 -14.23 -35.64 54.64
C GLN C 359 -15.36 -34.80 54.05
N LEU C 360 -16.31 -35.45 53.37
CA LEU C 360 -17.46 -34.73 52.82
C LEU C 360 -18.34 -34.19 53.94
N LEU C 361 -18.52 -34.96 55.02
CA LEU C 361 -19.30 -34.49 56.16
C LEU C 361 -18.66 -33.28 56.83
N VAL C 362 -17.34 -33.31 57.04
CA VAL C 362 -16.70 -32.18 57.70
C VAL C 362 -16.64 -30.96 56.79
N THR C 363 -16.52 -31.16 55.47
CA THR C 363 -16.55 -30.00 54.57
C THR C 363 -17.96 -29.40 54.46
N ILE C 364 -19.00 -30.25 54.53
CA ILE C 364 -20.36 -29.73 54.59
C ILE C 364 -20.60 -28.97 55.90
N GLN C 365 -20.14 -29.53 57.02
CA GLN C 365 -20.32 -28.88 58.32
C GLN C 365 -19.47 -27.63 58.46
N LYS C 366 -18.37 -27.52 57.70
CA LYS C 366 -17.49 -26.37 57.78
C LYS C 366 -17.90 -25.25 56.82
N THR C 367 -18.08 -25.58 55.53
CA THR C 367 -18.36 -24.55 54.54
C THR C 367 -19.79 -24.03 54.66
N PHE C 368 -20.74 -24.90 55.00
CA PHE C 368 -22.12 -24.48 55.11
C PHE C 368 -22.54 -24.13 56.54
N THR C 369 -21.71 -24.49 57.53
CA THR C 369 -21.94 -24.32 58.97
C THR C 369 -23.28 -24.91 59.44
N TYR C 370 -23.38 -26.23 59.28
CA TYR C 370 -24.49 -27.04 59.80
C TYR C 370 -24.04 -27.98 60.91
N THR C 371 -25.02 -28.63 61.52
CA THR C 371 -24.78 -29.59 62.59
C THR C 371 -24.38 -30.94 62.03
N ARG C 372 -24.30 -31.94 62.91
CA ARG C 372 -23.94 -33.28 62.48
C ARG C 372 -25.08 -33.95 61.72
N THR C 373 -26.31 -33.82 62.24
CA THR C 373 -27.45 -34.46 61.59
C THR C 373 -27.83 -33.76 60.28
N GLN C 374 -27.66 -32.45 60.20
CA GLN C 374 -27.93 -31.74 58.95
C GLN C 374 -26.90 -32.10 57.89
N ALA C 375 -25.63 -32.23 58.29
CA ALA C 375 -24.60 -32.68 57.36
C ALA C 375 -24.83 -34.12 56.92
N GLN C 376 -25.30 -34.98 57.83
CA GLN C 376 -25.62 -36.35 57.48
C GLN C 376 -26.79 -36.42 56.49
N HIS C 377 -27.82 -35.59 56.71
CA HIS C 377 -28.94 -35.55 55.79
C HIS C 377 -28.53 -35.01 54.42
N LEU C 378 -27.66 -33.99 54.40
CA LEU C 378 -27.15 -33.47 53.13
C LEU C 378 -26.27 -34.48 52.42
N PHE C 379 -25.53 -35.29 53.17
CA PHE C 379 -24.74 -36.36 52.55
C PHE C 379 -25.63 -37.47 52.02
N ILE C 380 -26.76 -37.73 52.68
CA ILE C 380 -27.74 -38.70 52.16
C ILE C 380 -28.34 -38.20 50.86
N ILE C 381 -28.70 -36.92 50.79
CA ILE C 381 -29.21 -36.33 49.56
C ILE C 381 -28.13 -36.33 48.47
N LEU C 382 -26.87 -36.11 48.86
CA LEU C 382 -25.75 -36.19 47.93
C LEU C 382 -25.58 -37.59 47.35
N MET C 383 -25.70 -38.62 48.19
CA MET C 383 -25.58 -40.00 47.69
C MET C 383 -26.77 -40.38 46.81
N GLU C 384 -27.96 -39.88 47.14
CA GLU C 384 -29.12 -40.10 46.29
C GLU C 384 -28.97 -39.41 44.94
N CYS C 385 -28.31 -38.24 44.92
CA CYS C 385 -27.93 -37.62 43.66
C CYS C 385 -26.88 -38.45 42.93
N MET C 386 -25.94 -39.02 43.69
CA MET C 386 -24.74 -39.59 43.10
C MET C 386 -24.99 -40.99 42.58
N LYS C 387 -26.13 -41.58 42.94
CA LYS C 387 -26.59 -42.80 42.27
C LYS C 387 -26.69 -42.61 40.76
N LYS C 388 -27.15 -41.45 40.31
CA LYS C 388 -27.15 -41.10 38.90
C LYS C 388 -25.91 -40.24 38.57
N LYS C 389 -24.74 -40.87 38.68
CA LYS C 389 -23.48 -40.14 38.47
C LYS C 389 -23.21 -39.85 37.00
N GLU C 390 -23.83 -40.59 36.08
CA GLU C 390 -23.50 -40.46 34.66
C GLU C 390 -24.03 -39.16 34.07
N LEU C 391 -25.12 -38.63 34.62
CA LEU C 391 -25.73 -37.42 34.07
C LEU C 391 -24.96 -36.17 34.44
N ILE C 392 -24.34 -36.15 35.61
CA ILE C 392 -23.67 -34.95 36.10
C ILE C 392 -22.34 -34.79 35.38
N THR C 393 -22.19 -33.67 34.67
CA THR C 393 -20.96 -33.31 33.99
C THR C 393 -20.29 -32.20 34.78
N VAL C 394 -19.05 -32.41 35.18
CA VAL C 394 -18.33 -31.48 36.02
C VAL C 394 -17.28 -30.77 35.18
N PHE C 395 -17.36 -29.46 35.12
CA PHE C 395 -16.37 -28.63 34.44
C PHE C 395 -15.32 -28.19 35.44
N ARG C 396 -14.05 -28.37 35.09
CA ARG C 396 -12.94 -27.99 35.93
C ARG C 396 -12.12 -26.92 35.22
N MET C 397 -11.82 -25.85 35.94
CA MET C 397 -11.00 -24.76 35.40
C MET C 397 -9.59 -25.25 35.10
N GLY C 398 -9.10 -24.92 33.92
CA GLY C 398 -7.84 -25.49 33.48
C GLY C 398 -8.00 -26.98 33.21
N SER C 399 -6.88 -27.71 33.40
CA SER C 399 -6.74 -29.15 33.30
C SER C 399 -7.29 -29.72 31.99
N GLU C 400 -7.89 -30.92 32.05
CA GLU C 400 -8.50 -31.56 30.89
C GLU C 400 -10.02 -31.54 30.96
N GLY C 401 -10.59 -30.49 31.55
CA GLY C 401 -12.04 -30.38 31.67
C GLY C 401 -12.67 -29.70 30.47
N HIS C 402 -12.38 -30.22 29.28
CA HIS C 402 -12.79 -29.76 27.95
C HIS C 402 -12.32 -28.35 27.59
N GLN C 403 -11.62 -27.66 28.50
CA GLN C 403 -11.09 -26.30 28.36
C GLN C 403 -12.14 -25.26 27.93
N ASP C 404 -13.42 -25.54 28.18
CA ASP C 404 -14.52 -24.73 27.65
C ASP C 404 -15.84 -25.16 28.29
N ILE C 405 -16.76 -24.22 28.46
CA ILE C 405 -18.07 -24.52 29.01
C ILE C 405 -18.91 -25.30 28.00
N ASP C 406 -18.81 -24.94 26.72
CA ASP C 406 -19.83 -25.35 25.76
C ASP C 406 -19.64 -26.77 25.26
N LEU C 407 -18.40 -27.24 25.15
CA LEU C 407 -18.19 -28.65 24.84
C LEU C 407 -18.76 -29.52 25.95
N ALA C 408 -18.58 -29.11 27.21
CA ALA C 408 -19.16 -29.81 28.33
C ALA C 408 -20.68 -29.79 28.28
N ILE C 409 -21.27 -28.63 27.96
CA ILE C 409 -22.73 -28.48 27.94
C ILE C 409 -23.34 -29.34 26.83
N LEU C 410 -22.78 -29.25 25.61
CA LEU C 410 -23.36 -29.94 24.49
C LEU C 410 -23.10 -31.44 24.55
N THR C 411 -21.94 -31.86 25.06
CA THR C 411 -21.69 -33.28 25.29
C THR C 411 -22.62 -33.84 26.35
N ALA C 412 -22.88 -33.05 27.42
CA ALA C 412 -23.82 -33.46 28.45
C ALA C 412 -25.23 -33.60 27.89
N LEU C 413 -25.62 -32.69 27.00
CA LEU C 413 -26.93 -32.82 26.35
C LEU C 413 -26.99 -34.04 25.46
N LEU C 414 -25.91 -34.34 24.74
CA LEU C 414 -25.90 -35.49 23.82
C LEU C 414 -25.99 -36.82 24.56
N LYS C 415 -25.25 -36.97 25.67
CA LYS C 415 -25.39 -38.23 26.41
C LYS C 415 -26.47 -38.18 27.49
N GLY C 416 -27.15 -37.04 27.65
CA GLY C 416 -28.32 -37.00 28.51
C GLY C 416 -29.55 -37.35 27.72
N ALA C 417 -29.52 -37.06 26.42
CA ALA C 417 -30.52 -37.60 25.52
C ALA C 417 -30.42 -39.12 25.46
N ASN C 418 -29.17 -39.62 25.33
CA ASN C 418 -28.81 -41.04 25.36
C ASN C 418 -29.52 -41.85 24.26
N ALA C 419 -29.88 -41.19 23.18
CA ALA C 419 -30.63 -41.81 22.09
C ALA C 419 -29.66 -42.24 20.99
N SER C 420 -30.21 -42.63 19.85
CA SER C 420 -29.41 -43.05 18.71
C SER C 420 -28.68 -41.86 18.10
N ALA C 421 -27.65 -42.18 17.31
CA ALA C 421 -26.92 -41.15 16.59
C ALA C 421 -27.74 -40.38 15.55
N PRO C 422 -28.80 -40.90 14.90
CA PRO C 422 -29.71 -39.99 14.18
C PRO C 422 -30.31 -38.89 15.02
N ASP C 423 -30.67 -39.19 16.28
CA ASP C 423 -31.25 -38.17 17.15
C ASP C 423 -30.22 -37.11 17.54
N GLN C 424 -28.99 -37.53 17.83
CA GLN C 424 -27.93 -36.59 18.12
C GLN C 424 -27.59 -35.75 16.89
N LEU C 425 -27.61 -36.37 15.71
CA LEU C 425 -27.35 -35.63 14.48
C LEU C 425 -28.44 -34.61 14.19
N SER C 426 -29.70 -34.96 14.45
CA SER C 426 -30.78 -33.99 14.25
C SER C 426 -30.72 -32.86 15.26
N LEU C 427 -30.28 -33.17 16.49
CA LEU C 427 -30.08 -32.11 17.49
C LEU C 427 -28.95 -31.18 17.09
N ALA C 428 -27.84 -31.72 16.59
CA ALA C 428 -26.73 -30.88 16.13
C ALA C 428 -27.11 -30.08 14.89
N LEU C 429 -27.96 -30.64 14.03
CA LEU C 429 -28.46 -29.92 12.89
C LEU C 429 -29.37 -28.78 13.30
N ALA C 430 -30.20 -28.98 14.32
CA ALA C 430 -31.05 -27.92 14.83
C ALA C 430 -30.22 -26.82 15.48
N TRP C 431 -29.16 -27.19 16.19
CA TRP C 431 -28.31 -26.20 16.84
C TRP C 431 -27.34 -25.53 15.89
N ASN C 432 -27.23 -26.02 14.64
CA ASN C 432 -26.27 -25.54 13.64
C ASN C 432 -24.84 -25.64 14.15
N ARG C 433 -24.50 -26.79 14.73
CA ARG C 433 -23.18 -27.04 15.28
C ARG C 433 -22.56 -28.20 14.53
N VAL C 434 -21.85 -27.88 13.44
CA VAL C 434 -21.16 -28.91 12.67
C VAL C 434 -19.96 -29.43 13.44
N ASP C 435 -19.33 -28.59 14.26
CA ASP C 435 -18.09 -28.96 14.93
C ASP C 435 -18.32 -30.03 15.99
N ILE C 436 -19.36 -29.86 16.82
CA ILE C 436 -19.67 -30.85 17.84
C ILE C 436 -20.14 -32.16 17.20
N ALA C 437 -20.80 -32.08 16.05
CA ALA C 437 -21.22 -33.28 15.34
C ALA C 437 -20.02 -34.05 14.82
N ARG C 438 -19.03 -33.34 14.28
CA ARG C 438 -17.80 -33.96 13.79
C ARG C 438 -17.00 -34.57 14.93
N SER C 439 -16.89 -33.87 16.06
CA SER C 439 -16.03 -34.35 17.14
C SER C 439 -16.70 -35.34 18.10
N GLN C 440 -18.04 -35.46 18.08
CA GLN C 440 -18.69 -36.45 18.92
C GLN C 440 -19.49 -37.49 18.13
N ILE C 441 -20.40 -37.05 17.26
CA ILE C 441 -21.33 -37.97 16.63
C ILE C 441 -20.63 -38.84 15.60
N PHE C 442 -19.66 -38.28 14.88
CA PHE C 442 -18.96 -38.99 13.82
C PHE C 442 -17.60 -39.51 14.28
N ILE C 443 -17.53 -39.98 15.53
CA ILE C 443 -16.32 -40.59 16.07
C ILE C 443 -16.16 -41.98 15.49
N TYR C 444 -14.96 -42.56 15.67
CA TYR C 444 -14.67 -43.87 15.10
C TYR C 444 -15.46 -44.97 15.80
N GLY C 445 -15.92 -45.94 15.01
CA GLY C 445 -16.71 -47.02 15.55
C GLY C 445 -18.16 -46.70 15.79
N GLN C 446 -18.65 -45.56 15.30
CA GLN C 446 -20.03 -45.17 15.53
C GLN C 446 -20.97 -45.98 14.65
N GLN C 447 -21.91 -46.69 15.27
CA GLN C 447 -22.87 -47.47 14.50
C GLN C 447 -23.91 -46.58 13.86
N TRP C 448 -24.28 -46.88 12.62
CA TRP C 448 -25.24 -46.07 11.88
C TRP C 448 -26.36 -46.93 11.33
N PRO C 449 -27.62 -46.56 11.56
CA PRO C 449 -28.73 -47.29 10.95
C PRO C 449 -28.76 -47.10 9.44
N VAL C 450 -29.32 -48.09 8.75
CA VAL C 450 -29.41 -48.05 7.30
C VAL C 450 -30.53 -47.09 6.90
N GLY C 451 -30.19 -46.10 6.08
CA GLY C 451 -31.14 -45.12 5.60
C GLY C 451 -31.28 -43.88 6.47
N SER C 452 -30.65 -43.86 7.64
CA SER C 452 -30.75 -42.68 8.50
C SER C 452 -29.87 -41.54 8.01
N LEU C 453 -28.71 -41.87 7.43
CA LEU C 453 -27.79 -40.85 6.95
C LEU C 453 -28.37 -40.08 5.77
N GLU C 454 -29.11 -40.75 4.89
CA GLU C 454 -29.76 -40.07 3.78
C GLU C 454 -30.91 -39.19 4.25
N GLN C 455 -31.62 -39.62 5.29
CA GLN C 455 -32.66 -38.77 5.89
C GLN C 455 -32.04 -37.52 6.52
N ALA C 456 -30.90 -37.69 7.19
CA ALA C 456 -30.18 -36.53 7.73
C ALA C 456 -29.66 -35.63 6.63
N MET C 457 -29.27 -36.21 5.48
CA MET C 457 -28.84 -35.42 4.33
C MET C 457 -29.99 -34.58 3.80
N LEU C 458 -31.18 -35.17 3.70
CA LEU C 458 -32.37 -34.43 3.27
C LEU C 458 -32.71 -33.31 4.24
N ASP C 459 -32.63 -33.60 5.54
CA ASP C 459 -32.93 -32.58 6.56
C ASP C 459 -31.90 -31.46 6.55
N ALA C 460 -30.63 -31.78 6.28
CA ALA C 460 -29.61 -30.74 6.17
C ALA C 460 -29.79 -29.91 4.91
N LEU C 461 -30.25 -30.53 3.82
CA LEU C 461 -30.45 -29.81 2.58
C LEU C 461 -31.62 -28.84 2.67
N VAL C 462 -32.74 -29.26 3.29
CA VAL C 462 -33.89 -28.39 3.35
C VAL C 462 -33.70 -27.22 4.31
N LEU C 463 -32.77 -27.33 5.27
CA LEU C 463 -32.55 -26.27 6.24
C LEU C 463 -31.38 -25.36 5.90
N ASP C 464 -30.76 -25.56 4.74
CA ASP C 464 -29.64 -24.76 4.22
C ASP C 464 -28.44 -24.77 5.18
N ARG C 465 -27.89 -25.97 5.37
CA ARG C 465 -26.72 -26.17 6.22
C ARG C 465 -25.59 -26.68 5.35
N VAL C 466 -24.67 -25.78 4.97
CA VAL C 466 -23.61 -26.11 4.03
C VAL C 466 -22.62 -27.09 4.66
N ASP C 467 -22.20 -26.82 5.90
CA ASP C 467 -21.15 -27.61 6.52
C ASP C 467 -21.64 -28.99 6.92
N PHE C 468 -22.94 -29.13 7.21
CA PHE C 468 -23.48 -30.46 7.49
C PHE C 468 -23.56 -31.31 6.24
N VAL C 469 -23.85 -30.69 5.08
CA VAL C 469 -23.81 -31.41 3.82
C VAL C 469 -22.38 -31.84 3.50
N LYS C 470 -21.41 -30.95 3.76
CA LYS C 470 -20.00 -31.31 3.59
C LYS C 470 -19.58 -32.46 4.49
N LEU C 471 -20.01 -32.42 5.76
CA LEU C 471 -19.67 -33.47 6.71
C LEU C 471 -20.31 -34.79 6.35
N LEU C 472 -21.57 -34.77 5.91
CA LEU C 472 -22.24 -36.01 5.52
C LEU C 472 -21.67 -36.60 4.25
N ILE C 473 -21.28 -35.74 3.30
CA ILE C 473 -20.65 -36.22 2.07
C ILE C 473 -19.27 -36.80 2.37
N GLU C 474 -18.50 -36.15 3.24
CA GLU C 474 -17.21 -36.69 3.66
C GLU C 474 -17.35 -37.93 4.52
N ASN C 475 -18.52 -38.16 5.12
CA ASN C 475 -18.75 -39.34 5.94
C ASN C 475 -19.60 -40.39 5.25
N GLY C 476 -19.44 -40.57 3.93
CA GLY C 476 -19.91 -41.74 3.23
C GLY C 476 -21.16 -41.56 2.41
N VAL C 477 -21.94 -40.49 2.62
CA VAL C 477 -23.16 -40.31 1.84
C VAL C 477 -22.80 -39.83 0.45
N SER C 478 -23.32 -40.52 -0.56
CA SER C 478 -23.03 -40.22 -1.96
C SER C 478 -24.28 -39.64 -2.61
N MET C 479 -24.07 -38.66 -3.49
CA MET C 479 -25.20 -37.98 -4.11
C MET C 479 -25.90 -38.84 -5.13
N HIS C 480 -25.17 -39.76 -5.78
CA HIS C 480 -25.76 -40.56 -6.84
C HIS C 480 -26.75 -41.58 -6.29
N ARG C 481 -26.44 -42.18 -5.14
CA ARG C 481 -27.34 -43.12 -4.52
C ARG C 481 -28.44 -42.44 -3.71
N PHE C 482 -28.32 -41.14 -3.45
CA PHE C 482 -29.30 -40.45 -2.62
C PHE C 482 -30.38 -39.75 -3.44
N LEU C 483 -29.97 -38.91 -4.38
CA LEU C 483 -30.91 -38.02 -5.06
C LEU C 483 -31.81 -38.81 -6.01
N THR C 484 -33.11 -38.77 -5.76
CA THR C 484 -34.12 -39.37 -6.61
C THR C 484 -35.04 -38.27 -7.13
N ILE C 485 -36.03 -38.68 -7.91
CA ILE C 485 -37.00 -37.73 -8.43
C ILE C 485 -37.90 -37.22 -7.32
N SER C 486 -38.36 -38.12 -6.44
CA SER C 486 -39.26 -37.74 -5.36
C SER C 486 -38.55 -36.88 -4.32
N ARG C 487 -37.29 -37.20 -4.02
CA ARG C 487 -36.52 -36.38 -3.09
C ARG C 487 -36.25 -35.00 -3.65
N LEU C 488 -35.97 -34.91 -4.96
CA LEU C 488 -35.77 -33.60 -5.58
C LEU C 488 -37.06 -32.80 -5.62
N GLU C 489 -38.19 -33.48 -5.82
CA GLU C 489 -39.48 -32.79 -5.78
C GLU C 489 -39.80 -32.29 -4.38
N GLU C 490 -39.43 -33.08 -3.35
CA GLU C 490 -39.59 -32.63 -1.98
C GLU C 490 -38.67 -31.46 -1.65
N LEU C 491 -37.47 -31.46 -2.24
CA LEU C 491 -36.57 -30.32 -2.08
C LEU C 491 -37.13 -29.08 -2.74
N TYR C 492 -37.77 -29.24 -3.90
CA TYR C 492 -38.39 -28.13 -4.60
C TYR C 492 -39.68 -27.67 -3.95
N ASN C 493 -40.22 -28.42 -3.00
CA ASN C 493 -41.44 -28.04 -2.31
C ASN C 493 -41.21 -27.76 -0.84
N THR C 494 -39.97 -27.56 -0.42
CA THR C 494 -39.69 -27.29 0.97
C THR C 494 -40.09 -25.86 1.33
N ARG C 495 -40.23 -25.61 2.63
CA ARG C 495 -40.63 -24.32 3.14
C ARG C 495 -39.66 -23.75 4.17
N HIS C 496 -38.69 -24.53 4.64
CA HIS C 496 -37.70 -24.06 5.57
C HIS C 496 -36.63 -23.25 4.82
N GLY C 497 -35.62 -22.79 5.56
CA GLY C 497 -34.53 -22.05 4.96
C GLY C 497 -34.94 -20.65 4.54
N PRO C 498 -34.12 -20.00 3.73
CA PRO C 498 -34.40 -18.62 3.34
C PRO C 498 -35.54 -18.54 2.33
N SER C 499 -35.98 -17.31 2.08
CA SER C 499 -37.07 -17.05 1.15
C SER C 499 -36.58 -17.15 -0.29
N ASN C 500 -37.52 -17.23 -1.21
CA ASN C 500 -37.21 -17.40 -2.62
C ASN C 500 -38.34 -16.83 -3.47
N THR C 501 -38.04 -16.61 -4.74
CA THR C 501 -39.02 -16.12 -5.71
C THR C 501 -39.45 -17.21 -6.68
N LEU C 502 -39.30 -18.48 -6.31
CA LEU C 502 -39.65 -19.57 -7.20
C LEU C 502 -41.16 -19.69 -7.40
N TYR C 503 -41.94 -19.39 -6.37
CA TYR C 503 -43.40 -19.52 -6.46
C TYR C 503 -43.99 -18.51 -7.45
N HIS C 504 -43.41 -17.31 -7.51
CA HIS C 504 -43.82 -16.33 -8.50
C HIS C 504 -43.53 -16.82 -9.92
N LEU C 505 -42.37 -17.44 -10.12
CA LEU C 505 -42.00 -17.97 -11.43
C LEU C 505 -42.92 -19.12 -11.85
N VAL C 506 -43.25 -20.00 -10.91
CA VAL C 506 -44.17 -21.11 -11.19
C VAL C 506 -45.57 -20.58 -11.52
N ARG C 507 -46.01 -19.55 -10.78
CA ARG C 507 -47.30 -18.93 -11.07
C ARG C 507 -47.32 -18.26 -12.44
N ASP C 508 -46.23 -17.60 -12.81
CA ASP C 508 -46.16 -16.93 -14.11
C ASP C 508 -46.13 -17.92 -15.26
N VAL C 509 -45.37 -19.01 -15.13
CA VAL C 509 -45.34 -19.98 -16.23
C VAL C 509 -46.63 -20.80 -16.28
N LYS C 510 -47.32 -20.95 -15.14
CA LYS C 510 -48.62 -21.60 -15.18
C LYS C 510 -49.68 -20.69 -15.80
N LYS C 511 -49.55 -19.38 -15.58
CA LYS C 511 -50.45 -18.43 -16.23
C LYS C 511 -50.18 -18.35 -17.73
N ARG C 512 -48.91 -18.42 -18.13
CA ARG C 512 -48.59 -18.37 -19.55
C ARG C 512 -48.96 -19.66 -20.26
N GLU C 513 -48.79 -20.80 -19.58
CA GLU C 513 -49.10 -22.09 -20.21
C GLU C 513 -50.60 -22.31 -20.32
N TYR C 514 -51.35 -21.98 -19.26
CA TYR C 514 -52.80 -22.18 -19.22
C TYR C 514 -53.48 -20.88 -18.82
N PRO C 515 -53.72 -19.97 -19.79
CA PRO C 515 -54.36 -18.69 -19.50
C PRO C 515 -55.83 -18.83 -19.13
N LYS C 523 -57.39 -21.21 -12.92
CA LYS C 523 -56.08 -20.76 -13.36
C LYS C 523 -55.64 -19.52 -12.59
N GLY C 524 -54.64 -18.82 -13.14
CA GLY C 524 -54.13 -17.63 -12.50
C GLY C 524 -53.26 -17.94 -11.29
N ASN C 525 -53.75 -17.57 -10.10
CA ASN C 525 -53.01 -17.85 -8.87
C ASN C 525 -53.05 -19.32 -8.53
N LEU C 526 -51.91 -19.85 -8.08
CA LEU C 526 -51.83 -21.24 -7.69
C LEU C 526 -52.57 -21.46 -6.37
N PRO C 527 -53.09 -22.69 -6.15
CA PRO C 527 -53.62 -23.02 -4.83
C PRO C 527 -52.51 -23.04 -3.80
N PRO C 528 -52.83 -22.76 -2.53
CA PRO C 528 -51.80 -22.84 -1.47
C PRO C 528 -51.24 -24.23 -1.27
N ASP C 529 -52.04 -25.27 -1.44
CA ASP C 529 -51.59 -26.66 -1.31
C ASP C 529 -51.18 -27.23 -2.67
N TYR C 530 -50.31 -26.53 -3.37
CA TYR C 530 -49.86 -26.95 -4.69
C TYR C 530 -48.48 -27.58 -4.58
N ARG C 531 -48.37 -28.81 -5.08
CA ARG C 531 -47.09 -29.51 -5.15
C ARG C 531 -46.46 -29.19 -6.49
N ILE C 532 -45.34 -28.47 -6.48
CA ILE C 532 -44.67 -28.06 -7.71
C ILE C 532 -43.97 -29.28 -8.30
N SER C 533 -44.42 -29.71 -9.47
CA SER C 533 -43.79 -30.83 -10.13
C SER C 533 -42.49 -30.39 -10.81
N LEU C 534 -41.69 -31.38 -11.20
CA LEU C 534 -40.43 -31.09 -11.88
C LEU C 534 -40.67 -30.56 -13.28
N ILE C 535 -41.82 -30.85 -13.87
CA ILE C 535 -42.17 -30.33 -15.19
C ILE C 535 -42.36 -28.82 -15.14
N ASP C 536 -42.99 -28.32 -14.07
CA ASP C 536 -43.14 -26.88 -13.90
C ASP C 536 -41.79 -26.21 -13.68
N ILE C 537 -40.88 -26.88 -12.98
CA ILE C 537 -39.52 -26.39 -12.81
C ILE C 537 -38.81 -26.34 -14.15
N GLY C 538 -39.03 -27.34 -15.01
CA GLY C 538 -38.45 -27.31 -16.35
C GLY C 538 -39.00 -26.19 -17.20
N LEU C 539 -40.29 -25.89 -17.05
CA LEU C 539 -40.87 -24.73 -17.75
C LEU C 539 -40.27 -23.42 -17.24
N VAL C 540 -40.00 -23.35 -15.94
CA VAL C 540 -39.34 -22.17 -15.36
C VAL C 540 -37.94 -22.00 -15.94
N ILE C 541 -37.18 -23.10 -16.05
CA ILE C 541 -35.83 -23.03 -16.62
C ILE C 541 -35.87 -22.67 -18.10
N GLU C 542 -36.86 -23.20 -18.84
CA GLU C 542 -37.01 -22.84 -20.25
C GLU C 542 -37.36 -21.37 -20.42
N TYR C 543 -38.19 -20.83 -19.52
CA TYR C 543 -38.54 -19.42 -19.61
C TYR C 543 -37.38 -18.52 -19.24
N LEU C 544 -36.64 -18.87 -18.18
CA LEU C 544 -35.56 -18.00 -17.72
C LEU C 544 -34.36 -18.06 -18.64
N MET C 545 -34.07 -19.26 -19.17
CA MET C 545 -32.90 -19.43 -20.06
C MET C 545 -33.13 -18.63 -21.36
N GLY C 546 -34.36 -18.70 -21.91
CA GLY C 546 -34.67 -17.95 -23.11
C GLY C 546 -34.16 -18.63 -24.36
N GLY C 547 -34.53 -18.04 -25.50
CA GLY C 547 -34.09 -18.57 -26.78
C GLY C 547 -34.74 -19.91 -27.10
N ALA C 548 -33.96 -20.81 -27.68
CA ALA C 548 -34.42 -22.15 -28.01
C ALA C 548 -33.98 -23.18 -26.98
N TYR C 549 -33.87 -22.78 -25.71
CA TYR C 549 -33.45 -23.71 -24.68
C TYR C 549 -34.58 -24.69 -24.37
N ARG C 550 -34.20 -25.93 -24.12
CA ARG C 550 -35.14 -27.00 -23.82
C ARG C 550 -34.57 -27.79 -22.65
N CYS C 551 -35.16 -27.63 -21.47
CA CYS C 551 -34.71 -28.34 -20.28
C CYS C 551 -35.01 -29.82 -20.41
N ASN C 552 -34.18 -30.64 -19.75
CA ASN C 552 -34.36 -32.08 -19.78
C ASN C 552 -35.64 -32.54 -19.10
N TYR C 553 -36.21 -31.72 -18.22
CA TYR C 553 -37.46 -32.07 -17.55
C TYR C 553 -38.62 -32.12 -18.53
N THR C 554 -38.67 -31.19 -19.47
CA THR C 554 -39.78 -31.06 -20.40
C THR C 554 -39.69 -31.99 -21.60
N ARG C 555 -38.60 -32.73 -21.75
CA ARG C 555 -38.48 -33.65 -22.87
C ARG C 555 -39.38 -34.86 -22.63
N LYS C 556 -39.65 -35.60 -23.72
CA LYS C 556 -40.64 -36.67 -23.69
C LYS C 556 -40.20 -37.85 -22.84
N ARG C 557 -38.89 -38.09 -22.74
CA ARG C 557 -38.37 -39.17 -21.90
C ARG C 557 -38.68 -38.91 -20.43
N PHE C 558 -38.47 -37.67 -19.99
CA PHE C 558 -38.71 -37.35 -18.58
C PHE C 558 -40.19 -37.29 -18.26
N ARG C 559 -41.01 -36.83 -19.20
CA ARG C 559 -42.46 -36.83 -18.98
C ARG C 559 -43.02 -38.25 -18.96
N THR C 560 -42.46 -39.13 -19.79
CA THR C 560 -42.84 -40.54 -19.77
C THR C 560 -42.44 -41.19 -18.45
N LEU C 561 -41.23 -40.89 -17.96
CA LEU C 561 -40.80 -41.40 -16.66
C LEU C 561 -41.62 -40.83 -15.51
N TYR C 562 -42.07 -39.57 -15.65
CA TYR C 562 -42.90 -38.95 -14.62
C TYR C 562 -44.29 -39.58 -14.57
N HIS C 563 -44.88 -39.84 -15.74
CA HIS C 563 -46.21 -40.45 -15.77
C HIS C 563 -46.19 -41.90 -15.33
N ASN C 564 -45.10 -42.61 -15.60
CA ASN C 564 -44.99 -44.02 -15.27
C ASN C 564 -44.50 -44.28 -13.85
N LEU C 565 -44.18 -43.23 -13.10
CA LEU C 565 -43.70 -43.40 -11.72
C LEU C 565 -44.38 -42.48 -10.73
N PHE C 566 -45.30 -41.63 -11.17
CA PHE C 566 -45.99 -40.72 -10.28
C PHE C 566 -47.38 -40.39 -10.80
N GLU C 607 -32.40 -48.21 -10.97
CA GLU C 607 -31.68 -46.95 -11.00
C GLU C 607 -32.23 -46.02 -12.07
N ILE C 608 -33.47 -46.29 -12.50
CA ILE C 608 -34.12 -45.47 -13.51
C ILE C 608 -34.47 -44.10 -12.94
N ASN C 609 -34.90 -44.06 -11.69
CA ASN C 609 -35.29 -42.80 -11.06
C ASN C 609 -34.11 -42.00 -10.52
N HIS C 610 -32.91 -42.54 -10.56
CA HIS C 610 -31.73 -41.81 -10.11
C HIS C 610 -31.20 -40.92 -11.23
N PHE C 611 -30.63 -39.80 -10.84
CA PHE C 611 -30.07 -38.85 -11.81
C PHE C 611 -28.63 -39.22 -12.13
N PRO C 612 -28.24 -39.23 -13.42
CA PRO C 612 -26.85 -39.51 -13.76
C PRO C 612 -25.89 -38.42 -13.32
N PHE C 613 -26.34 -37.17 -13.29
CA PHE C 613 -25.52 -36.04 -12.86
C PHE C 613 -26.32 -35.29 -11.80
N PRO C 614 -26.32 -35.79 -10.55
CA PRO C 614 -27.18 -35.19 -9.52
C PRO C 614 -26.75 -33.80 -9.10
N PHE C 615 -25.47 -33.47 -9.25
CA PHE C 615 -24.99 -32.15 -8.88
C PHE C 615 -25.49 -31.08 -9.83
N HIS C 616 -25.83 -31.45 -11.08
CA HIS C 616 -26.47 -30.51 -11.99
C HIS C 616 -27.82 -30.07 -11.47
N GLU C 617 -28.65 -31.05 -11.08
CA GLU C 617 -29.98 -30.75 -10.55
C GLU C 617 -29.88 -30.00 -9.23
N LEU C 618 -28.92 -30.36 -8.38
CA LEU C 618 -28.74 -29.66 -7.12
C LEU C 618 -28.26 -28.23 -7.33
N MET C 619 -27.40 -28.02 -8.33
CA MET C 619 -26.98 -26.67 -8.70
C MET C 619 -28.15 -25.82 -9.17
N VAL C 620 -29.00 -26.37 -10.03
CA VAL C 620 -30.14 -25.63 -10.54
C VAL C 620 -31.13 -25.32 -9.42
N TRP C 621 -31.37 -26.30 -8.53
CA TRP C 621 -32.29 -26.10 -7.42
C TRP C 621 -31.75 -25.10 -6.41
N ALA C 622 -30.43 -25.10 -6.17
CA ALA C 622 -29.84 -24.13 -5.26
C ALA C 622 -29.85 -22.72 -5.86
N VAL C 623 -29.69 -22.60 -7.17
CA VAL C 623 -29.76 -21.30 -7.80
C VAL C 623 -31.19 -20.76 -7.78
N LEU C 624 -32.17 -21.63 -8.02
CA LEU C 624 -33.57 -21.20 -8.12
C LEU C 624 -34.12 -20.67 -6.80
N MET C 625 -33.80 -21.32 -5.68
CA MET C 625 -34.23 -20.83 -4.38
C MET C 625 -33.20 -19.97 -3.67
N LYS C 626 -32.25 -19.39 -4.41
CA LYS C 626 -31.43 -18.26 -3.94
C LYS C 626 -30.54 -18.64 -2.75
N ARG C 627 -30.06 -19.89 -2.73
CA ARG C 627 -29.18 -20.38 -1.68
C ARG C 627 -27.77 -20.34 -2.27
N GLN C 628 -27.07 -19.22 -2.05
CA GLN C 628 -25.83 -18.97 -2.78
C GLN C 628 -24.69 -19.85 -2.31
N LYS C 629 -24.54 -20.05 -1.00
CA LYS C 629 -23.41 -20.83 -0.50
C LYS C 629 -23.55 -22.30 -0.87
N MET C 630 -24.78 -22.82 -0.86
CA MET C 630 -25.02 -24.19 -1.30
C MET C 630 -24.81 -24.34 -2.80
N ALA C 631 -25.13 -23.29 -3.57
CA ALA C 631 -24.85 -23.30 -5.00
C ALA C 631 -23.35 -23.30 -5.27
N LEU C 632 -22.58 -22.52 -4.51
CA LEU C 632 -21.14 -22.51 -4.68
C LEU C 632 -20.50 -23.82 -4.23
N PHE C 633 -21.10 -24.48 -3.24
CA PHE C 633 -20.62 -25.82 -2.88
C PHE C 633 -20.92 -26.83 -3.98
N PHE C 634 -22.12 -26.77 -4.55
CA PHE C 634 -22.49 -27.72 -5.60
C PHE C 634 -21.79 -27.44 -6.91
N TRP C 635 -21.24 -26.23 -7.08
CA TRP C 635 -20.46 -25.95 -8.28
C TRP C 635 -19.15 -26.71 -8.25
N GLN C 636 -18.58 -26.88 -7.04
CA GLN C 636 -17.27 -27.50 -6.92
C GLN C 636 -17.33 -29.00 -7.21
N HIS C 637 -18.40 -29.66 -6.79
CA HIS C 637 -18.51 -31.10 -6.89
C HIS C 637 -19.30 -31.46 -8.15
N GLY C 638 -18.77 -32.37 -8.94
CA GLY C 638 -19.39 -32.78 -10.18
C GLY C 638 -18.62 -32.26 -11.39
N GLU C 639 -19.02 -32.76 -12.55
CA GLU C 639 -18.41 -32.39 -13.81
C GLU C 639 -19.22 -31.30 -14.50
N GLU C 640 -18.70 -30.84 -15.64
CA GLU C 640 -19.23 -29.73 -16.44
C GLU C 640 -19.39 -28.46 -15.61
N ALA C 641 -18.26 -28.05 -15.02
CA ALA C 641 -18.27 -26.94 -14.09
C ALA C 641 -18.51 -25.61 -14.78
N MET C 642 -17.86 -25.39 -15.93
CA MET C 642 -17.98 -24.10 -16.60
C MET C 642 -19.38 -23.92 -17.19
N ALA C 643 -19.97 -25.00 -17.71
CA ALA C 643 -21.34 -24.94 -18.17
C ALA C 643 -22.30 -24.64 -17.03
N LYS C 644 -22.06 -25.24 -15.86
CA LYS C 644 -22.87 -24.97 -14.68
C LYS C 644 -22.75 -23.52 -14.23
N ALA C 645 -21.52 -22.97 -14.29
CA ALA C 645 -21.31 -21.58 -13.90
C ALA C 645 -22.00 -20.61 -14.85
N LEU C 646 -21.92 -20.87 -16.16
CA LEU C 646 -22.56 -19.97 -17.12
C LEU C 646 -24.09 -20.08 -17.06
N VAL C 647 -24.61 -21.29 -16.87
CA VAL C 647 -26.04 -21.48 -16.71
C VAL C 647 -26.54 -20.79 -15.45
N ALA C 648 -25.77 -20.89 -14.36
CA ALA C 648 -26.15 -20.22 -13.11
C ALA C 648 -26.08 -18.71 -13.26
N CYS C 649 -25.11 -18.20 -14.02
CA CYS C 649 -25.02 -16.76 -14.26
C CYS C 649 -26.23 -16.24 -15.04
N LYS C 650 -26.61 -16.96 -16.10
CA LYS C 650 -27.77 -16.54 -16.87
C LYS C 650 -29.07 -16.68 -16.08
N LEU C 651 -29.19 -17.74 -15.28
CA LEU C 651 -30.38 -17.93 -14.47
C LEU C 651 -30.51 -16.85 -13.40
N CYS C 652 -29.39 -16.49 -12.75
CA CYS C 652 -29.45 -15.44 -11.74
C CYS C 652 -29.75 -14.08 -12.35
N LYS C 653 -29.19 -13.80 -13.54
CA LYS C 653 -29.52 -12.54 -14.22
C LYS C 653 -30.98 -12.48 -14.64
N ALA C 654 -31.52 -13.60 -15.15
CA ALA C 654 -32.92 -13.63 -15.56
C ALA C 654 -33.86 -13.53 -14.37
N MET C 655 -33.51 -14.16 -13.26
CA MET C 655 -34.33 -14.03 -12.05
C MET C 655 -34.26 -12.63 -11.47
N ALA C 656 -33.10 -11.97 -11.59
CA ALA C 656 -33.00 -10.57 -11.17
C ALA C 656 -33.87 -9.67 -12.03
N HIS C 657 -33.88 -9.91 -13.34
CA HIS C 657 -34.70 -9.11 -14.25
C HIS C 657 -36.19 -9.35 -13.99
N GLU C 658 -36.57 -10.60 -13.71
CA GLU C 658 -37.97 -10.90 -13.42
C GLU C 658 -38.40 -10.32 -12.06
N ALA C 659 -37.49 -10.32 -11.09
CA ALA C 659 -37.80 -9.72 -9.80
C ALA C 659 -37.93 -8.21 -9.88
N SER C 660 -37.11 -7.57 -10.73
CA SER C 660 -37.27 -6.15 -10.96
C SER C 660 -38.54 -5.84 -11.75
N GLU C 661 -38.93 -6.73 -12.67
CA GLU C 661 -40.12 -6.48 -13.48
C GLU C 661 -41.41 -6.68 -12.71
N ASN C 662 -41.43 -7.57 -11.72
CA ASN C 662 -42.64 -7.86 -10.97
C ASN C 662 -42.81 -6.98 -9.74
N ASP C 663 -42.00 -5.93 -9.62
CA ASP C 663 -42.06 -4.93 -8.54
C ASP C 663 -41.88 -5.58 -7.16
N MET C 664 -40.94 -6.52 -7.08
CA MET C 664 -40.63 -7.17 -5.81
C MET C 664 -39.66 -6.30 -5.02
N VAL C 665 -39.06 -6.87 -3.97
CA VAL C 665 -38.07 -6.15 -3.18
C VAL C 665 -36.80 -5.98 -4.01
N ASP C 666 -36.26 -4.75 -4.00
CA ASP C 666 -35.09 -4.45 -4.83
C ASP C 666 -33.83 -5.10 -4.30
N ASP C 667 -33.79 -5.40 -2.99
CA ASP C 667 -32.64 -6.09 -2.41
C ASP C 667 -32.52 -7.51 -2.96
N ILE C 668 -33.64 -8.14 -3.29
CA ILE C 668 -33.63 -9.45 -3.94
C ILE C 668 -32.97 -9.35 -5.30
N SER C 669 -33.32 -8.30 -6.07
CA SER C 669 -32.73 -8.11 -7.39
C SER C 669 -31.24 -7.80 -7.32
N GLN C 670 -30.84 -7.00 -6.32
CA GLN C 670 -29.42 -6.71 -6.15
C GLN C 670 -28.63 -7.95 -5.75
N GLU C 671 -29.18 -8.77 -4.85
CA GLU C 671 -28.48 -9.99 -4.44
C GLU C 671 -28.42 -11.01 -5.57
N LEU C 672 -29.47 -11.07 -6.40
CA LEU C 672 -29.43 -11.96 -7.56
C LEU C 672 -28.42 -11.48 -8.60
N ASN C 673 -28.29 -10.17 -8.79
CA ASN C 673 -27.25 -9.65 -9.67
C ASN C 673 -25.86 -9.92 -9.12
N HIS C 674 -25.71 -9.86 -7.79
N HIS C 674 -25.70 -9.85 -7.78
CA HIS C 674 -24.44 -10.18 -7.16
CA HIS C 674 -24.42 -10.19 -7.17
C HIS C 674 -24.09 -11.66 -7.34
C HIS C 674 -24.08 -11.67 -7.36
N ASN C 675 -25.09 -12.53 -7.25
CA ASN C 675 -24.87 -13.96 -7.48
C ASN C 675 -24.51 -14.24 -8.94
N SER C 676 -25.14 -13.52 -9.87
CA SER C 676 -24.81 -13.63 -11.28
C SER C 676 -23.38 -13.19 -11.55
N ARG C 677 -22.94 -12.09 -10.92
CA ARG C 677 -21.58 -11.63 -11.11
C ARG C 677 -20.56 -12.57 -10.48
N ASP C 678 -20.91 -13.18 -9.34
CA ASP C 678 -20.01 -14.16 -8.73
C ASP C 678 -19.84 -15.40 -9.60
N PHE C 679 -20.94 -15.89 -10.18
CA PHE C 679 -20.85 -17.04 -11.07
C PHE C 679 -20.11 -16.70 -12.36
N GLY C 680 -20.29 -15.49 -12.88
CA GLY C 680 -19.52 -15.07 -14.04
C GLY C 680 -18.04 -14.96 -13.76
N GLN C 681 -17.67 -14.45 -12.58
CA GLN C 681 -16.26 -14.39 -12.18
C GLN C 681 -15.68 -15.79 -12.00
N LEU C 682 -16.50 -16.73 -11.50
CA LEU C 682 -16.06 -18.11 -11.39
C LEU C 682 -15.78 -18.73 -12.75
N ALA C 683 -16.66 -18.48 -13.71
CA ALA C 683 -16.46 -19.00 -15.07
C ALA C 683 -15.23 -18.39 -15.72
N VAL C 684 -14.99 -17.09 -15.49
CA VAL C 684 -13.81 -16.43 -16.04
C VAL C 684 -12.53 -17.00 -15.43
N GLU C 685 -12.52 -17.23 -14.12
CA GLU C 685 -11.32 -17.78 -13.48
C GLU C 685 -11.07 -19.22 -13.88
N LEU C 686 -12.14 -20.00 -14.08
CA LEU C 686 -11.98 -21.35 -14.60
C LEU C 686 -11.43 -21.34 -16.02
N LEU C 687 -11.86 -20.36 -16.83
CA LEU C 687 -11.30 -20.21 -18.17
C LEU C 687 -9.82 -19.83 -18.11
N ASP C 688 -9.45 -18.99 -17.14
CA ASP C 688 -8.04 -18.62 -16.94
C ASP C 688 -7.20 -19.83 -16.60
N GLN C 689 -7.71 -20.69 -15.71
CA GLN C 689 -6.97 -21.89 -15.32
C GLN C 689 -6.85 -22.88 -16.48
N SER C 690 -7.92 -23.05 -17.25
CA SER C 690 -7.88 -23.95 -18.41
C SER C 690 -6.96 -23.43 -19.49
N TYR C 691 -6.91 -22.11 -19.69
CA TYR C 691 -5.97 -21.54 -20.65
C TYR C 691 -4.53 -21.67 -20.17
N LYS C 692 -4.31 -21.58 -18.86
CA LYS C 692 -2.97 -21.74 -18.33
C LYS C 692 -2.47 -23.17 -18.45
N GLN C 693 -3.35 -24.15 -18.26
CA GLN C 693 -2.91 -25.55 -18.31
C GLN C 693 -2.66 -26.01 -19.74
N ASP C 694 -3.71 -26.03 -20.57
CA ASP C 694 -3.61 -26.57 -21.93
C ASP C 694 -4.53 -25.78 -22.84
N GLU C 695 -3.98 -25.23 -23.91
CA GLU C 695 -4.79 -24.38 -24.79
C GLU C 695 -5.81 -25.19 -25.57
N GLN C 696 -5.38 -26.30 -26.20
CA GLN C 696 -6.27 -27.07 -27.08
C GLN C 696 -7.39 -27.73 -26.30
N LEU C 697 -7.09 -28.24 -25.11
CA LEU C 697 -8.13 -28.80 -24.27
C LEU C 697 -9.08 -27.72 -23.76
N ALA C 698 -8.60 -26.49 -23.61
CA ALA C 698 -9.50 -25.38 -23.29
C ALA C 698 -10.44 -25.06 -24.44
N MET C 699 -9.94 -25.14 -25.69
CA MET C 699 -10.84 -24.96 -26.84
C MET C 699 -11.88 -26.07 -26.89
N LYS C 700 -11.45 -27.30 -26.64
CA LYS C 700 -12.37 -28.44 -26.64
C LYS C 700 -13.38 -28.34 -25.51
N LEU C 701 -12.98 -27.77 -24.38
CA LEU C 701 -13.93 -27.47 -23.31
C LEU C 701 -14.92 -26.40 -23.73
N LEU C 702 -14.45 -25.38 -24.45
CA LEU C 702 -15.33 -24.29 -24.84
C LEU C 702 -16.30 -24.67 -25.95
N THR C 703 -15.98 -25.65 -26.78
CA THR C 703 -16.80 -25.88 -27.97
C THR C 703 -17.66 -27.13 -27.94
N TYR C 704 -17.40 -28.08 -27.03
CA TYR C 704 -18.07 -29.37 -27.12
C TYR C 704 -19.54 -29.25 -26.73
N GLU C 705 -20.37 -30.06 -27.37
CA GLU C 705 -21.81 -29.98 -27.18
C GLU C 705 -22.19 -30.52 -25.81
N LEU C 706 -22.98 -29.74 -25.07
CA LEU C 706 -23.40 -30.08 -23.72
C LEU C 706 -24.76 -30.76 -23.82
N LYS C 707 -24.76 -32.09 -23.75
CA LYS C 707 -26.01 -32.86 -23.91
C LYS C 707 -26.96 -32.61 -22.75
N ASN C 708 -26.44 -32.25 -21.58
CA ASN C 708 -27.26 -32.00 -20.40
C ASN C 708 -27.77 -30.57 -20.33
N TRP C 709 -27.41 -29.72 -21.29
CA TRP C 709 -27.81 -28.32 -21.28
C TRP C 709 -28.38 -27.93 -22.64
N SER C 710 -29.29 -28.77 -23.15
CA SER C 710 -30.06 -28.55 -24.39
C SER C 710 -29.17 -28.45 -25.62
N ASN C 711 -28.13 -29.30 -25.67
CA ASN C 711 -27.21 -29.43 -26.80
C ASN C 711 -26.51 -28.11 -27.14
N ALA C 712 -26.27 -27.29 -26.12
CA ALA C 712 -25.70 -25.97 -26.33
C ALA C 712 -24.18 -26.05 -26.29
N THR C 713 -23.54 -24.90 -26.20
CA THR C 713 -22.10 -24.77 -26.21
C THR C 713 -21.76 -23.78 -25.10
N CYS C 714 -20.59 -23.92 -24.48
CA CYS C 714 -20.18 -22.98 -23.45
C CYS C 714 -20.04 -21.57 -23.98
N LEU C 715 -19.58 -21.43 -25.23
CA LEU C 715 -19.52 -20.12 -25.86
C LEU C 715 -20.92 -19.53 -26.07
N GLN C 716 -21.87 -20.36 -26.50
CA GLN C 716 -23.24 -19.90 -26.70
C GLN C 716 -23.90 -19.51 -25.39
N LEU C 717 -23.58 -20.23 -24.32
CA LEU C 717 -24.12 -19.93 -23.00
C LEU C 717 -23.54 -18.64 -22.46
N ALA C 718 -22.25 -18.40 -22.74
CA ALA C 718 -21.63 -17.15 -22.31
C ALA C 718 -22.16 -15.96 -23.09
N VAL C 719 -22.41 -16.14 -24.40
CA VAL C 719 -22.95 -15.06 -25.21
C VAL C 719 -24.40 -14.76 -24.85
N ALA C 720 -25.19 -15.81 -24.59
CA ALA C 720 -26.57 -15.64 -24.18
C ALA C 720 -26.71 -14.99 -22.81
N ALA C 721 -25.66 -14.99 -21.99
CA ALA C 721 -25.66 -14.33 -20.71
C ALA C 721 -25.00 -12.96 -20.75
N LYS C 722 -24.70 -12.46 -21.96
CA LYS C 722 -23.98 -11.21 -22.21
C LYS C 722 -22.69 -11.09 -21.41
N HIS C 723 -21.99 -12.20 -21.22
CA HIS C 723 -20.78 -12.21 -20.42
C HIS C 723 -19.65 -11.64 -21.27
N ARG C 724 -19.38 -10.36 -21.06
CA ARG C 724 -18.41 -9.66 -21.89
C ARG C 724 -16.98 -10.09 -21.56
N ASP C 725 -16.68 -10.36 -20.29
CA ASP C 725 -15.33 -10.73 -19.90
C ASP C 725 -14.96 -12.14 -20.32
N PHE C 726 -15.94 -13.01 -20.52
CA PHE C 726 -15.66 -14.37 -20.97
C PHE C 726 -15.21 -14.40 -22.42
N ILE C 727 -15.92 -13.69 -23.29
CA ILE C 727 -15.58 -13.71 -24.71
C ILE C 727 -14.35 -12.86 -24.97
N ALA C 728 -14.13 -11.81 -24.19
CA ALA C 728 -12.95 -10.97 -24.37
C ALA C 728 -11.68 -11.61 -23.83
N HIS C 729 -11.78 -12.75 -23.15
CA HIS C 729 -10.62 -13.50 -22.74
C HIS C 729 -9.88 -14.04 -23.96
N THR C 730 -8.56 -14.22 -23.80
CA THR C 730 -7.68 -14.55 -24.92
C THR C 730 -8.00 -15.91 -25.52
N CYS C 731 -8.42 -16.88 -24.69
CA CYS C 731 -8.76 -18.21 -25.20
C CYS C 731 -9.99 -18.15 -26.10
N SER C 732 -11.03 -17.42 -25.67
CA SER C 732 -12.23 -17.28 -26.50
C SER C 732 -11.95 -16.46 -27.75
N GLN C 733 -11.08 -15.46 -27.65
CA GLN C 733 -10.73 -14.65 -28.82
C GLN C 733 -9.98 -15.46 -29.87
N MET C 734 -9.00 -16.26 -29.45
CA MET C 734 -8.28 -17.04 -30.44
C MET C 734 -9.09 -18.25 -30.91
N LEU C 735 -10.04 -18.71 -30.09
CA LEU C 735 -11.02 -19.68 -30.56
C LEU C 735 -11.92 -19.10 -31.64
N LEU C 736 -12.37 -17.85 -31.44
CA LEU C 736 -13.17 -17.17 -32.46
C LEU C 736 -12.34 -16.89 -33.70
N THR C 737 -11.05 -16.65 -33.54
CA THR C 737 -10.16 -16.51 -34.69
C THR C 737 -10.06 -17.83 -35.46
N ASP C 738 -9.98 -18.96 -34.74
CA ASP C 738 -9.96 -20.25 -35.42
C ASP C 738 -11.28 -20.57 -36.10
N MET C 739 -12.40 -20.13 -35.50
CA MET C 739 -13.69 -20.26 -36.17
C MET C 739 -13.78 -19.35 -37.39
N TRP C 740 -13.07 -18.22 -37.36
CA TRP C 740 -13.12 -17.23 -38.44
C TRP C 740 -12.47 -17.75 -39.71
N MET C 741 -11.33 -18.43 -39.59
CA MET C 741 -10.62 -18.90 -40.77
C MET C 741 -11.27 -20.12 -41.41
N GLY C 742 -12.17 -20.81 -40.72
CA GLY C 742 -12.78 -21.99 -41.31
C GLY C 742 -11.80 -23.14 -41.38
N ARG C 743 -11.79 -23.82 -42.52
CA ARG C 743 -10.87 -24.95 -42.74
C ARG C 743 -9.63 -24.48 -43.49
N LEU C 744 -8.93 -23.52 -42.89
CA LEU C 744 -7.73 -22.95 -43.50
C LEU C 744 -6.69 -22.71 -42.42
N ARG C 745 -5.45 -23.14 -42.70
CA ARG C 745 -4.38 -22.88 -41.73
C ARG C 745 -3.97 -21.41 -41.80
N MET C 746 -3.34 -21.05 -42.92
CA MET C 746 -3.02 -19.69 -43.34
C MET C 746 -2.31 -18.89 -42.25
N ARG C 747 -3.05 -17.97 -41.62
CA ARG C 747 -2.65 -17.28 -40.39
C ARG C 747 -1.38 -16.44 -40.56
N LYS C 748 -1.14 -15.93 -41.76
CA LYS C 748 0.06 -15.14 -42.02
C LYS C 748 -0.26 -14.20 -43.17
N ASN C 749 -0.17 -12.89 -42.91
CA ASN C 749 -0.52 -11.81 -43.84
C ASN C 749 -1.99 -11.95 -44.28
N SER C 750 -2.88 -11.75 -43.31
CA SER C 750 -4.30 -11.98 -43.53
C SER C 750 -4.90 -10.90 -44.44
N GLY C 751 -6.04 -11.25 -45.02
CA GLY C 751 -6.72 -10.35 -45.94
C GLY C 751 -6.24 -10.50 -47.37
N LEU C 752 -4.93 -10.35 -47.59
CA LEU C 752 -4.40 -10.35 -48.95
C LEU C 752 -4.50 -11.73 -49.60
N LYS C 753 -4.26 -12.79 -48.83
CA LYS C 753 -4.33 -14.14 -49.40
C LYS C 753 -5.76 -14.53 -49.77
N VAL C 754 -6.73 -14.18 -48.92
CA VAL C 754 -8.10 -14.52 -49.27
C VAL C 754 -8.63 -13.59 -50.38
N ILE C 755 -8.12 -12.37 -50.47
CA ILE C 755 -8.48 -11.51 -51.59
C ILE C 755 -7.90 -12.05 -52.91
N LEU C 756 -6.66 -12.55 -52.87
CA LEU C 756 -6.08 -13.21 -54.03
C LEU C 756 -6.84 -14.48 -54.39
N GLY C 757 -7.32 -15.21 -53.39
CA GLY C 757 -8.17 -16.37 -53.65
C GLY C 757 -9.48 -16.00 -54.31
N ILE C 758 -10.10 -14.91 -53.86
CA ILE C 758 -11.38 -14.50 -54.44
C ILE C 758 -11.20 -13.99 -55.86
N LEU C 759 -10.19 -13.14 -56.09
CA LEU C 759 -10.03 -12.49 -57.39
C LEU C 759 -9.42 -13.43 -58.42
N LEU C 760 -8.37 -14.16 -58.05
CA LEU C 760 -7.69 -15.14 -58.90
C LEU C 760 -7.87 -16.53 -58.29
N PRO C 761 -8.88 -17.27 -58.69
CA PRO C 761 -9.20 -18.59 -58.07
C PRO C 761 -8.11 -19.66 -58.17
N PRO C 762 -7.20 -19.66 -59.16
CA PRO C 762 -6.05 -20.60 -59.04
C PRO C 762 -5.13 -20.39 -57.84
N SER C 763 -5.18 -19.24 -57.18
CA SER C 763 -4.39 -19.04 -55.96
C SER C 763 -4.88 -19.89 -54.79
N ILE C 764 -6.12 -20.38 -54.84
CA ILE C 764 -6.68 -21.20 -53.76
C ILE C 764 -5.92 -22.51 -53.61
N LEU C 765 -5.47 -23.08 -54.72
CA LEU C 765 -4.80 -24.38 -54.70
C LEU C 765 -3.45 -24.33 -53.99
N SER C 766 -2.79 -23.17 -53.96
CA SER C 766 -1.53 -23.03 -53.27
C SER C 766 -1.69 -22.72 -51.78
N LEU C 767 -2.92 -22.56 -51.30
CA LEU C 767 -3.15 -22.21 -49.89
C LEU C 767 -3.07 -23.46 -49.03
N GLU C 768 -2.45 -23.34 -47.86
CA GLU C 768 -2.32 -24.44 -46.93
C GLU C 768 -3.63 -24.65 -46.18
N PHE C 769 -4.30 -25.77 -46.46
CA PHE C 769 -5.58 -26.07 -45.83
C PHE C 769 -5.36 -26.89 -44.56
N LYS C 770 -6.37 -26.84 -43.68
CA LYS C 770 -6.29 -27.57 -42.42
C LYS C 770 -6.63 -29.04 -42.62
N ASN C 771 -6.39 -29.83 -41.58
CA ASN C 771 -6.63 -31.26 -41.62
C ASN C 771 -8.13 -31.56 -41.62
N LYS C 772 -8.46 -32.81 -41.91
CA LYS C 772 -9.86 -33.23 -41.96
C LYS C 772 -10.49 -33.26 -40.58
N ASP C 773 -9.72 -33.54 -39.55
CA ASP C 773 -10.22 -33.62 -38.18
C ASP C 773 -9.32 -32.86 -37.22
N ASP C 774 -8.91 -31.65 -37.60
CA ASP C 774 -8.10 -30.83 -36.70
C ASP C 774 -8.97 -30.14 -35.66
N MET C 775 -10.03 -29.47 -36.11
CA MET C 775 -11.00 -28.81 -35.24
C MET C 775 -12.31 -28.61 -36.00
N PRO C 776 -13.12 -29.66 -36.16
CA PRO C 776 -14.32 -29.57 -37.02
C PRO C 776 -15.54 -28.90 -36.37
N TYR C 777 -15.59 -27.58 -36.43
CA TYR C 777 -16.75 -26.84 -35.96
C TYR C 777 -17.87 -26.98 -36.98
N MET C 778 -18.91 -27.72 -36.61
CA MET C 778 -20.03 -28.01 -37.49
C MET C 778 -21.32 -27.60 -36.82
N THR C 779 -22.36 -27.42 -37.63
CA THR C 779 -23.67 -27.01 -37.12
C THR C 779 -24.56 -28.22 -36.82
N GLN C 780 -24.71 -29.12 -37.79
CA GLN C 780 -25.52 -30.32 -37.62
C GLN C 780 -24.75 -31.52 -38.15
N ALA C 781 -24.54 -32.51 -37.30
CA ALA C 781 -23.82 -33.71 -37.69
C ALA C 781 -24.75 -34.70 -38.39
N LEU C 834 -9.31 -34.89 -58.80
CA LEU C 834 -10.26 -33.79 -58.94
C LEU C 834 -11.10 -33.63 -57.69
N ILE C 835 -11.30 -34.74 -56.97
CA ILE C 835 -12.03 -34.68 -55.70
C ILE C 835 -11.32 -33.86 -54.62
N PRO C 836 -9.99 -33.98 -54.41
CA PRO C 836 -9.34 -33.02 -53.49
C PRO C 836 -9.41 -31.57 -53.93
N LEU C 837 -9.39 -31.30 -55.23
CA LEU C 837 -9.52 -29.92 -55.71
C LEU C 837 -10.91 -29.36 -55.42
N GLY C 838 -11.96 -30.15 -55.65
CA GLY C 838 -13.30 -29.72 -55.33
C GLY C 838 -13.51 -29.58 -53.83
N ARG C 839 -12.88 -30.45 -53.04
CA ARG C 839 -12.94 -30.33 -51.59
C ARG C 839 -12.23 -29.05 -51.13
N LYS C 840 -11.11 -28.70 -51.74
CA LYS C 840 -10.42 -27.45 -51.41
C LYS C 840 -11.25 -26.23 -51.79
N ILE C 841 -11.91 -26.28 -52.95
CA ILE C 841 -12.74 -25.16 -53.37
C ILE C 841 -13.94 -24.99 -52.44
N TYR C 842 -14.59 -26.10 -52.07
CA TYR C 842 -15.73 -26.02 -51.17
C TYR C 842 -15.32 -25.61 -49.76
N GLU C 843 -14.13 -26.03 -49.31
CA GLU C 843 -13.66 -25.64 -47.99
C GLU C 843 -13.23 -24.19 -47.96
N PHE C 844 -12.68 -23.68 -49.06
CA PHE C 844 -12.29 -22.29 -49.13
C PHE C 844 -13.51 -21.38 -49.19
N TYR C 845 -14.47 -21.69 -50.07
CA TYR C 845 -15.57 -20.77 -50.31
C TYR C 845 -16.60 -20.78 -49.20
N ASN C 846 -16.54 -21.73 -48.27
CA ASN C 846 -17.44 -21.75 -47.13
C ASN C 846 -16.77 -21.24 -45.86
N ALA C 847 -15.53 -20.76 -45.94
CA ALA C 847 -14.89 -20.17 -44.78
C ALA C 847 -15.54 -18.82 -44.47
N PRO C 848 -15.68 -18.47 -43.20
CA PRO C 848 -16.29 -17.17 -42.86
C PRO C 848 -15.47 -15.96 -43.29
N ILE C 849 -14.14 -16.04 -43.26
CA ILE C 849 -13.32 -14.91 -43.68
C ILE C 849 -13.43 -14.72 -45.19
N VAL C 850 -13.50 -15.83 -45.93
CA VAL C 850 -13.65 -15.76 -47.38
C VAL C 850 -15.00 -15.20 -47.76
N LYS C 851 -16.05 -15.63 -47.06
CA LYS C 851 -17.38 -15.09 -47.29
C LYS C 851 -17.46 -13.61 -46.95
N PHE C 852 -16.79 -13.20 -45.87
CA PHE C 852 -16.81 -11.79 -45.49
C PHE C 852 -16.06 -10.94 -46.51
N TRP C 853 -14.90 -11.41 -46.99
CA TRP C 853 -14.17 -10.62 -47.96
C TRP C 853 -14.83 -10.65 -49.33
N PHE C 854 -15.56 -11.71 -49.66
CA PHE C 854 -16.33 -11.74 -50.89
C PHE C 854 -17.49 -10.75 -50.82
N TYR C 855 -18.18 -10.69 -49.68
CA TYR C 855 -19.26 -9.74 -49.48
C TYR C 855 -18.74 -8.31 -49.45
N THR C 856 -17.55 -8.11 -48.88
CA THR C 856 -16.95 -6.78 -48.81
C THR C 856 -16.49 -6.30 -50.19
N LEU C 857 -15.85 -7.18 -50.98
CA LEU C 857 -15.44 -6.81 -52.32
C LEU C 857 -16.62 -6.68 -53.27
N ALA C 858 -17.74 -7.30 -52.97
CA ALA C 858 -18.96 -6.99 -53.72
C ALA C 858 -19.57 -5.67 -53.30
N TYR C 859 -19.49 -5.34 -52.01
CA TYR C 859 -19.96 -4.04 -51.54
C TYR C 859 -19.17 -2.89 -52.13
N ILE C 860 -17.84 -3.04 -52.21
CA ILE C 860 -16.97 -1.99 -52.72
C ILE C 860 -16.98 -1.97 -54.24
N GLY C 861 -17.67 -2.90 -54.89
CA GLY C 861 -17.90 -2.77 -56.30
C GLY C 861 -19.33 -2.36 -56.59
N TYR C 862 -20.18 -2.45 -55.58
CA TYR C 862 -21.53 -1.91 -55.68
C TYR C 862 -21.53 -0.40 -55.43
N LEU C 863 -20.72 0.05 -54.47
CA LEU C 863 -20.69 1.46 -54.10
C LEU C 863 -20.15 2.31 -55.23
N MET C 864 -19.16 1.81 -55.97
CA MET C 864 -18.66 2.53 -57.14
C MET C 864 -19.71 2.62 -58.24
N LEU C 865 -20.52 1.57 -58.42
CA LEU C 865 -21.58 1.62 -59.42
C LEU C 865 -22.66 2.61 -59.03
N PHE C 866 -22.98 2.66 -57.74
CA PHE C 866 -23.91 3.68 -57.23
C PHE C 866 -23.33 5.09 -57.43
N ASN C 867 -22.03 5.26 -57.21
CA ASN C 867 -21.40 6.55 -57.45
C ASN C 867 -21.47 6.94 -58.92
N TYR C 868 -21.24 5.98 -59.81
CA TYR C 868 -21.31 6.24 -61.25
C TYR C 868 -22.73 6.61 -61.67
N ILE C 869 -23.74 5.93 -61.13
CA ILE C 869 -25.09 6.28 -61.57
C ILE C 869 -25.59 7.57 -60.93
N VAL C 870 -25.03 8.02 -59.82
CA VAL C 870 -25.48 9.31 -59.31
C VAL C 870 -24.67 10.47 -59.88
N LEU C 871 -23.42 10.25 -60.32
CA LEU C 871 -22.67 11.37 -60.87
C LEU C 871 -23.07 11.68 -62.31
N VAL C 872 -23.11 10.66 -63.16
CA VAL C 872 -23.50 10.81 -64.54
C VAL C 872 -25.02 10.99 -64.63
N LYS C 873 -25.48 11.70 -65.65
CA LYS C 873 -26.89 11.88 -65.91
C LYS C 873 -27.56 10.56 -66.28
N MET C 874 -28.87 10.49 -66.03
CA MET C 874 -29.65 9.33 -66.41
C MET C 874 -30.66 9.70 -67.49
N GLU C 875 -30.93 8.74 -68.37
CA GLU C 875 -31.92 8.89 -69.42
C GLU C 875 -33.30 8.52 -68.86
N ARG C 876 -34.28 8.34 -69.77
CA ARG C 876 -35.62 7.96 -69.35
C ARG C 876 -35.63 6.57 -68.74
N TRP C 877 -34.86 5.65 -69.29
CA TRP C 877 -34.74 4.31 -68.73
C TRP C 877 -33.37 4.14 -68.08
N PRO C 878 -33.25 3.33 -67.03
CA PRO C 878 -31.97 3.17 -66.35
C PRO C 878 -30.93 2.47 -67.21
N SER C 879 -29.68 2.77 -66.94
CA SER C 879 -28.56 2.20 -67.67
C SER C 879 -28.23 0.82 -67.10
N THR C 880 -27.15 0.22 -67.59
CA THR C 880 -26.75 -1.11 -67.12
C THR C 880 -26.29 -1.07 -65.67
N GLN C 881 -25.52 -0.06 -65.30
CA GLN C 881 -25.00 0.06 -63.95
C GLN C 881 -26.12 0.35 -62.95
N GLU C 882 -27.12 1.11 -63.37
CA GLU C 882 -28.28 1.32 -62.51
C GLU C 882 -29.10 0.05 -62.35
N TRP C 883 -29.16 -0.79 -63.39
CA TRP C 883 -29.85 -2.07 -63.24
C TRP C 883 -29.10 -2.98 -62.29
N ILE C 884 -27.77 -2.93 -62.31
CA ILE C 884 -26.98 -3.72 -61.36
C ILE C 884 -27.21 -3.22 -59.93
N VAL C 885 -27.28 -1.90 -59.74
CA VAL C 885 -27.52 -1.33 -58.41
C VAL C 885 -28.92 -1.69 -57.91
N ILE C 886 -29.92 -1.64 -58.79
CA ILE C 886 -31.29 -2.01 -58.44
C ILE C 886 -31.38 -3.48 -58.08
N SER C 887 -30.68 -4.34 -58.84
CA SER C 887 -30.64 -5.76 -58.53
C SER C 887 -29.98 -6.02 -57.19
N TYR C 888 -28.90 -5.28 -56.87
CA TYR C 888 -28.25 -5.41 -55.58
C TYR C 888 -29.18 -5.02 -54.43
N ILE C 889 -29.94 -3.93 -54.60
CA ILE C 889 -30.84 -3.49 -53.54
C ILE C 889 -31.97 -4.49 -53.33
N PHE C 890 -32.55 -5.01 -54.43
CA PHE C 890 -33.64 -5.98 -54.29
C PHE C 890 -33.18 -7.29 -53.68
N THR C 891 -32.03 -7.81 -54.11
CA THR C 891 -31.54 -9.05 -53.53
C THR C 891 -31.10 -8.88 -52.08
N LEU C 892 -30.58 -7.70 -51.73
CA LEU C 892 -30.27 -7.44 -50.33
C LEU C 892 -31.53 -7.34 -49.48
N GLY C 893 -32.60 -6.75 -50.03
CA GLY C 893 -33.86 -6.72 -49.30
C GLY C 893 -34.44 -8.10 -49.10
N ILE C 894 -34.34 -8.96 -50.11
CA ILE C 894 -34.76 -10.35 -49.99
C ILE C 894 -33.91 -11.08 -48.95
N GLU C 895 -32.62 -10.77 -48.90
CA GLU C 895 -31.74 -11.35 -47.89
C GLU C 895 -32.11 -10.89 -46.47
N LYS C 896 -32.52 -9.64 -46.32
CA LYS C 896 -32.92 -9.16 -44.98
C LYS C 896 -34.24 -9.77 -44.54
N MET C 897 -35.20 -9.95 -45.47
CA MET C 897 -36.41 -10.71 -45.11
C MET C 897 -36.07 -12.16 -44.78
N ARG C 898 -35.07 -12.73 -45.45
CA ARG C 898 -34.67 -14.09 -45.13
C ARG C 898 -33.98 -14.18 -43.78
N GLU C 899 -33.30 -13.12 -43.35
CA GLU C 899 -32.77 -13.08 -42.00
C GLU C 899 -33.87 -12.89 -40.97
N ILE C 900 -34.94 -12.18 -41.35
CA ILE C 900 -36.11 -12.10 -40.47
C ILE C 900 -36.75 -13.48 -40.30
N LEU C 901 -36.88 -14.25 -41.39
CA LEU C 901 -37.52 -15.55 -41.29
C LEU C 901 -36.64 -16.58 -40.57
N MET C 902 -35.40 -16.74 -41.00
CA MET C 902 -34.50 -17.73 -40.39
C MET C 902 -33.79 -17.16 -39.17
N SER C 903 -34.58 -16.80 -38.16
CA SER C 903 -34.07 -16.28 -36.91
C SER C 903 -34.18 -17.34 -35.82
N GLU C 904 -33.95 -16.93 -34.57
CA GLU C 904 -34.03 -17.87 -33.44
C GLU C 904 -35.45 -18.09 -32.90
N PRO C 905 -36.35 -17.05 -32.70
CA PRO C 905 -37.69 -17.36 -32.18
C PRO C 905 -38.61 -18.13 -33.12
N GLY C 906 -39.88 -18.26 -32.74
CA GLY C 906 -40.84 -19.00 -33.53
C GLY C 906 -42.04 -18.22 -33.99
N LYS C 907 -42.38 -17.14 -33.29
CA LYS C 907 -43.51 -16.29 -33.63
C LYS C 907 -42.98 -14.99 -34.22
N LEU C 908 -43.66 -14.52 -35.28
CA LEU C 908 -43.12 -13.54 -36.22
C LEU C 908 -42.74 -12.22 -35.56
N LEU C 909 -43.56 -11.75 -34.61
CA LEU C 909 -43.28 -10.51 -33.90
C LEU C 909 -42.01 -10.62 -33.07
N GLN C 910 -41.78 -11.78 -32.45
CA GLN C 910 -40.53 -12.01 -31.73
C GLN C 910 -39.34 -12.07 -32.66
N LYS C 911 -39.51 -12.62 -33.87
CA LYS C 911 -38.45 -12.63 -34.88
C LYS C 911 -38.05 -11.21 -35.26
N VAL C 912 -39.06 -10.37 -35.51
CA VAL C 912 -38.80 -8.97 -35.87
C VAL C 912 -38.18 -8.23 -34.69
N LYS C 913 -38.63 -8.51 -33.47
CA LYS C 913 -38.10 -7.82 -32.30
C LYS C 913 -36.65 -8.22 -32.02
N VAL C 914 -36.29 -9.49 -32.27
CA VAL C 914 -34.90 -9.90 -32.15
C VAL C 914 -34.06 -9.26 -33.24
N TRP C 915 -34.59 -9.20 -34.47
CA TRP C 915 -33.86 -8.63 -35.59
C TRP C 915 -33.63 -7.13 -35.45
N LEU C 916 -34.54 -6.42 -34.79
CA LEU C 916 -34.41 -4.98 -34.63
C LEU C 916 -33.42 -4.57 -33.54
N GLN C 917 -32.81 -5.52 -32.84
CA GLN C 917 -31.78 -5.14 -31.89
C GLN C 917 -30.51 -4.71 -32.60
N GLU C 918 -30.17 -5.38 -33.70
CA GLU C 918 -29.06 -4.94 -34.55
C GLU C 918 -29.53 -3.73 -35.35
N TYR C 919 -29.06 -2.55 -34.95
CA TYR C 919 -29.55 -1.29 -35.52
C TYR C 919 -29.09 -1.12 -36.98
N TRP C 920 -27.97 -1.73 -37.33
CA TRP C 920 -27.46 -1.67 -38.69
C TRP C 920 -28.31 -2.45 -39.67
N ASN C 921 -29.22 -3.28 -39.19
CA ASN C 921 -30.14 -3.99 -40.06
C ASN C 921 -31.45 -3.25 -40.27
N VAL C 922 -31.96 -2.56 -39.25
CA VAL C 922 -33.18 -1.79 -39.45
C VAL C 922 -32.87 -0.52 -40.23
N THR C 923 -31.69 0.09 -40.06
CA THR C 923 -31.30 1.20 -40.94
C THR C 923 -31.12 0.72 -42.37
N ASP C 924 -30.63 -0.49 -42.55
CA ASP C 924 -30.52 -1.09 -43.88
C ASP C 924 -31.90 -1.23 -44.53
N LEU C 925 -32.87 -1.76 -43.79
CA LEU C 925 -34.20 -1.95 -44.38
C LEU C 925 -34.91 -0.63 -44.65
N ILE C 926 -34.71 0.37 -43.77
CA ILE C 926 -35.21 1.72 -44.04
C ILE C 926 -34.61 2.30 -45.31
N ALA C 927 -33.31 2.10 -45.53
CA ALA C 927 -32.72 2.64 -46.75
C ALA C 927 -32.95 1.78 -47.98
N ILE C 928 -33.55 0.60 -47.83
CA ILE C 928 -34.06 -0.14 -48.98
C ILE C 928 -35.48 0.28 -49.34
N LEU C 929 -36.27 0.62 -48.31
CA LEU C 929 -37.62 1.18 -48.60
C LEU C 929 -37.44 2.54 -49.28
N LEU C 930 -36.48 3.35 -48.80
CA LEU C 930 -36.21 4.65 -49.42
C LEU C 930 -35.76 4.50 -50.86
N PHE C 931 -34.93 3.49 -51.15
CA PHE C 931 -34.53 3.20 -52.52
C PHE C 931 -35.72 2.76 -53.38
N SER C 932 -36.64 1.99 -52.81
CA SER C 932 -37.83 1.59 -53.55
C SER C 932 -38.69 2.80 -53.90
N VAL C 933 -38.86 3.73 -52.95
CA VAL C 933 -39.59 4.96 -53.21
C VAL C 933 -38.89 5.79 -54.28
N GLY C 934 -37.56 5.88 -54.20
CA GLY C 934 -36.80 6.63 -55.19
C GLY C 934 -36.86 6.02 -56.57
N MET C 935 -36.84 4.69 -56.65
CA MET C 935 -36.94 4.01 -57.95
C MET C 935 -38.32 4.19 -58.56
N ILE C 936 -39.37 4.09 -57.74
CA ILE C 936 -40.73 4.27 -58.23
C ILE C 936 -40.93 5.69 -58.73
N LEU C 937 -40.36 6.67 -58.02
CA LEU C 937 -40.42 8.05 -58.48
C LEU C 937 -39.58 8.26 -59.74
N ARG C 938 -38.43 7.60 -59.85
CA ARG C 938 -37.55 7.81 -60.99
C ARG C 938 -38.09 7.19 -62.26
N LEU C 939 -38.79 6.06 -62.16
CA LEU C 939 -39.29 5.40 -63.36
C LEU C 939 -40.46 6.12 -64.01
N GLN C 940 -41.06 7.10 -63.35
CA GLN C 940 -42.06 7.95 -63.98
C GLN C 940 -41.37 9.05 -64.78
N ASP C 941 -42.15 10.01 -65.27
CA ASP C 941 -41.60 11.11 -66.03
C ASP C 941 -41.33 12.30 -65.10
N GLN C 942 -40.97 13.44 -65.68
CA GLN C 942 -40.69 14.63 -64.90
C GLN C 942 -41.98 15.18 -64.29
N PRO C 943 -41.90 15.82 -63.10
CA PRO C 943 -40.74 16.15 -62.27
C PRO C 943 -40.37 15.10 -61.24
N PHE C 944 -40.88 13.87 -61.34
CA PHE C 944 -40.62 12.87 -60.32
C PHE C 944 -39.23 12.24 -60.45
N ARG C 945 -38.64 12.29 -61.65
CA ARG C 945 -37.35 11.65 -61.89
C ARG C 945 -36.24 12.33 -61.08
N SER C 946 -36.27 13.67 -61.02
CA SER C 946 -35.30 14.40 -60.23
C SER C 946 -35.48 14.13 -58.74
N ASP C 947 -36.72 13.92 -58.29
CA ASP C 947 -36.97 13.54 -56.90
C ASP C 947 -36.36 12.19 -56.59
N GLY C 948 -36.47 11.23 -57.52
CA GLY C 948 -35.82 9.95 -57.34
C GLY C 948 -34.30 10.06 -57.28
N ARG C 949 -33.74 10.96 -58.08
CA ARG C 949 -32.31 11.23 -58.03
C ARG C 949 -31.89 11.80 -56.67
N VAL C 950 -32.70 12.73 -56.14
CA VAL C 950 -32.44 13.33 -54.84
C VAL C 950 -32.48 12.28 -53.74
N ILE C 951 -33.39 11.32 -53.84
CA ILE C 951 -33.42 10.20 -52.89
C ILE C 951 -32.19 9.31 -53.04
N TYR C 952 -31.70 9.14 -54.28
CA TYR C 952 -30.51 8.32 -54.54
C TYR C 952 -29.27 8.90 -53.85
N CYS C 953 -29.16 10.23 -53.79
CA CYS C 953 -27.99 10.83 -53.11
C CYS C 953 -28.02 10.62 -51.59
N VAL C 954 -29.21 10.69 -50.97
CA VAL C 954 -29.27 10.40 -49.54
C VAL C 954 -28.95 8.92 -49.29
N ASN C 955 -29.31 8.05 -50.23
CA ASN C 955 -28.90 6.66 -50.14
C ASN C 955 -27.38 6.51 -50.21
N ILE C 956 -26.71 7.29 -51.07
CA ILE C 956 -25.24 7.19 -51.13
C ILE C 956 -24.60 7.63 -49.82
N ILE C 957 -25.20 8.61 -49.12
CA ILE C 957 -24.70 8.97 -47.78
C ILE C 957 -24.81 7.81 -46.82
N TYR C 958 -25.96 7.12 -46.84
CA TYR C 958 -26.12 5.97 -45.93
C TYR C 958 -25.14 4.85 -46.26
N TRP C 959 -24.89 4.59 -47.55
CA TRP C 959 -24.02 3.47 -47.88
C TRP C 959 -22.55 3.74 -47.56
N TYR C 960 -22.12 5.01 -47.57
CA TYR C 960 -20.79 5.27 -47.01
C TYR C 960 -20.74 5.03 -45.50
N ILE C 961 -21.80 5.37 -44.76
CA ILE C 961 -21.75 5.02 -43.33
C ILE C 961 -21.83 3.49 -43.11
N ARG C 962 -22.47 2.77 -44.04
CA ARG C 962 -22.44 1.32 -43.97
C ARG C 962 -21.04 0.78 -44.22
N LEU C 963 -20.27 1.46 -45.09
CA LEU C 963 -18.84 1.14 -45.23
C LEU C 963 -18.08 1.36 -43.93
N LEU C 964 -18.47 2.37 -43.15
CA LEU C 964 -17.86 2.55 -41.83
C LEU C 964 -18.12 1.35 -40.92
N ASP C 965 -19.35 0.82 -40.96
CA ASP C 965 -19.63 -0.39 -40.17
C ASP C 965 -18.84 -1.59 -40.69
N ILE C 966 -18.62 -1.66 -42.00
CA ILE C 966 -17.79 -2.72 -42.57
C ILE C 966 -16.34 -2.59 -42.09
N PHE C 967 -15.83 -1.36 -41.96
CA PHE C 967 -14.55 -1.13 -41.28
C PHE C 967 -14.55 -1.60 -39.84
N GLY C 968 -15.72 -1.61 -39.20
CA GLY C 968 -15.89 -2.21 -37.88
C GLY C 968 -15.32 -3.58 -37.57
N VAL C 969 -15.03 -4.39 -38.60
CA VAL C 969 -14.40 -5.69 -38.42
C VAL C 969 -12.94 -5.58 -37.99
N ASN C 970 -12.23 -4.56 -38.45
CA ASN C 970 -10.80 -4.41 -38.16
C ASN C 970 -10.57 -4.11 -36.68
N LYS C 971 -9.48 -4.65 -36.14
CA LYS C 971 -9.21 -4.61 -34.70
C LYS C 971 -8.96 -3.20 -34.18
N TYR C 972 -8.54 -2.28 -35.04
CA TYR C 972 -8.40 -0.89 -34.63
C TYR C 972 -9.54 0.00 -35.09
N LEU C 973 -10.11 -0.29 -36.26
CA LEU C 973 -11.16 0.59 -36.78
C LEU C 973 -12.47 0.37 -36.05
N GLY C 974 -12.75 -0.86 -35.65
CA GLY C 974 -13.97 -1.20 -34.95
C GLY C 974 -14.18 -0.52 -33.60
N PRO C 975 -13.21 -0.65 -32.69
CA PRO C 975 -13.28 0.15 -31.45
C PRO C 975 -13.30 1.64 -31.69
N TYR C 976 -12.66 2.13 -32.75
CA TYR C 976 -12.73 3.53 -33.10
C TYR C 976 -14.15 3.94 -33.46
N VAL C 977 -14.86 3.09 -34.21
CA VAL C 977 -16.23 3.38 -34.60
C VAL C 977 -17.16 3.39 -33.40
N MET C 978 -17.05 2.40 -32.50
CA MET C 978 -17.92 2.47 -31.32
C MET C 978 -17.49 3.57 -30.35
N MET C 979 -16.23 3.99 -30.40
CA MET C 979 -15.80 5.15 -29.63
C MET C 979 -16.48 6.41 -30.12
N ILE C 980 -16.57 6.57 -31.45
CA ILE C 980 -17.31 7.70 -32.04
C ILE C 980 -18.78 7.65 -31.62
N GLY C 981 -19.37 6.45 -31.65
CA GLY C 981 -20.75 6.29 -31.22
C GLY C 981 -20.97 6.62 -29.76
N LYS C 982 -19.96 6.39 -28.91
CA LYS C 982 -20.07 6.81 -27.52
C LYS C 982 -19.97 8.33 -27.36
N MET C 983 -19.09 8.98 -28.13
CA MET C 983 -18.99 10.43 -28.01
C MET C 983 -20.13 11.21 -28.68
N MET C 984 -21.01 10.53 -29.43
CA MET C 984 -22.20 11.21 -29.94
C MET C 984 -23.09 11.81 -28.86
N ILE C 985 -23.13 11.23 -27.66
CA ILE C 985 -24.00 11.77 -26.61
C ILE C 985 -23.47 13.10 -26.09
N ASP C 986 -22.15 13.17 -25.85
CA ASP C 986 -21.52 14.44 -25.47
C ASP C 986 -21.62 15.46 -26.59
N MET C 987 -21.55 14.99 -27.84
CA MET C 987 -21.75 15.87 -28.98
C MET C 987 -23.16 16.44 -29.01
N MET C 988 -24.16 15.63 -28.66
N MET C 988 -24.16 15.66 -28.65
CA MET C 988 -25.54 16.09 -28.61
CA MET C 988 -25.54 16.15 -28.65
C MET C 988 -25.76 17.15 -27.54
C MET C 988 -25.79 17.16 -27.53
N TYR C 989 -25.13 16.98 -26.38
CA TYR C 989 -25.26 17.99 -25.32
C TYR C 989 -24.57 19.30 -25.72
N PHE C 990 -23.42 19.19 -26.41
CA PHE C 990 -22.77 20.38 -26.96
C PHE C 990 -23.66 21.04 -28.03
N VAL C 991 -24.34 20.24 -28.83
CA VAL C 991 -25.27 20.74 -29.84
C VAL C 991 -26.43 21.49 -29.19
N ILE C 992 -26.92 20.99 -28.05
CA ILE C 992 -28.03 21.65 -27.36
C ILE C 992 -27.60 23.03 -26.83
N ILE C 993 -26.43 23.09 -26.19
CA ILE C 993 -25.96 24.37 -25.65
C ILE C 993 -25.63 25.36 -26.76
N MET C 994 -24.95 24.88 -27.81
CA MET C 994 -24.70 25.69 -29.00
C MET C 994 -25.98 26.12 -29.69
N LEU C 995 -27.02 25.30 -29.64
CA LEU C 995 -28.28 25.69 -30.26
C LEU C 995 -28.91 26.84 -29.52
N VAL C 996 -28.86 26.82 -28.19
CA VAL C 996 -29.42 27.94 -27.41
C VAL C 996 -28.67 29.23 -27.69
N VAL C 997 -27.33 29.18 -27.65
CA VAL C 997 -26.54 30.38 -27.90
C VAL C 997 -26.67 30.84 -29.36
N LEU C 998 -26.80 29.89 -30.28
CA LEU C 998 -26.87 30.20 -31.70
C LEU C 998 -28.17 30.87 -32.07
N MET C 999 -29.31 30.35 -31.59
CA MET C 999 -30.55 31.05 -31.88
C MET C 999 -30.69 32.35 -31.13
N SER C 1000 -30.06 32.49 -29.95
CA SER C 1000 -30.10 33.80 -29.29
C SER C 1000 -29.38 34.87 -30.12
N PHE C 1001 -28.20 34.53 -30.64
CA PHE C 1001 -27.48 35.50 -31.47
C PHE C 1001 -28.18 35.71 -32.81
N GLY C 1002 -28.71 34.63 -33.41
CA GLY C 1002 -29.37 34.77 -34.70
C GLY C 1002 -30.64 35.58 -34.65
N VAL C 1003 -31.46 35.36 -33.61
CA VAL C 1003 -32.69 36.12 -33.47
C VAL C 1003 -32.38 37.57 -33.16
N ALA C 1004 -31.38 37.83 -32.31
CA ALA C 1004 -31.01 39.22 -32.00
C ALA C 1004 -30.48 39.95 -33.23
N ARG C 1005 -29.63 39.30 -34.03
CA ARG C 1005 -29.06 39.93 -35.21
C ARG C 1005 -30.13 40.20 -36.27
N GLN C 1006 -30.99 39.21 -36.53
CA GLN C 1006 -32.02 39.37 -37.55
C GLN C 1006 -33.08 40.38 -37.11
N ALA C 1007 -33.39 40.41 -35.83
CA ALA C 1007 -34.38 41.34 -35.32
C ALA C 1007 -33.86 42.76 -35.23
N ILE C 1008 -32.56 42.96 -35.05
CA ILE C 1008 -32.04 44.33 -35.08
C ILE C 1008 -31.86 44.82 -36.51
N LEU C 1009 -31.21 44.02 -37.36
CA LEU C 1009 -30.81 44.53 -38.67
C LEU C 1009 -31.96 44.58 -39.68
N PHE C 1010 -33.08 43.93 -39.40
CA PHE C 1010 -34.24 43.93 -40.30
C PHE C 1010 -35.49 44.26 -39.50
N PRO C 1011 -35.78 45.56 -39.30
CA PRO C 1011 -36.95 45.92 -38.49
C PRO C 1011 -38.27 45.71 -39.20
N ASN C 1012 -38.36 46.07 -40.48
CA ASN C 1012 -39.62 46.01 -41.23
C ASN C 1012 -39.62 44.75 -42.09
N GLU C 1013 -40.19 43.67 -41.55
CA GLU C 1013 -40.28 42.40 -42.26
C GLU C 1013 -41.68 41.84 -42.16
N GLU C 1014 -42.15 41.25 -43.24
CA GLU C 1014 -43.41 40.54 -43.27
C GLU C 1014 -43.22 39.12 -42.74
N PRO C 1015 -44.30 38.44 -42.31
CA PRO C 1015 -44.18 37.04 -41.91
C PRO C 1015 -43.79 36.12 -43.06
N SER C 1016 -42.60 35.54 -42.97
CA SER C 1016 -42.08 34.67 -44.02
C SER C 1016 -41.13 33.67 -43.38
N TRP C 1017 -40.98 32.51 -44.03
CA TRP C 1017 -40.10 31.47 -43.53
C TRP C 1017 -38.63 31.79 -43.72
N LYS C 1018 -38.28 32.83 -44.47
CA LYS C 1018 -36.88 33.22 -44.62
C LYS C 1018 -36.30 33.80 -43.35
N LEU C 1019 -37.15 34.30 -42.44
CA LEU C 1019 -36.66 34.77 -41.14
C LEU C 1019 -36.08 33.64 -40.32
N ALA C 1020 -36.75 32.48 -40.32
CA ALA C 1020 -36.25 31.32 -39.59
C ALA C 1020 -34.98 30.78 -40.23
N LYS C 1021 -34.85 30.89 -41.56
CA LYS C 1021 -33.60 30.52 -42.21
C LYS C 1021 -32.48 31.47 -41.84
N ASN C 1022 -32.78 32.78 -41.76
CA ASN C 1022 -31.77 33.77 -41.42
C ASN C 1022 -31.35 33.70 -39.96
N ILE C 1023 -32.19 33.11 -39.10
CA ILE C 1023 -31.79 32.85 -37.73
C ILE C 1023 -30.60 31.90 -37.68
N PHE C 1024 -30.66 30.82 -38.47
CA PHE C 1024 -29.67 29.76 -38.39
C PHE C 1024 -28.56 29.85 -39.43
N TYR C 1025 -28.72 30.65 -40.47
CA TYR C 1025 -27.76 30.64 -41.57
C TYR C 1025 -26.36 31.11 -41.21
N MET C 1026 -26.19 32.39 -40.97
CA MET C 1026 -24.84 32.88 -40.75
C MET C 1026 -24.23 32.57 -39.38
N PRO C 1027 -24.98 32.60 -38.25
CA PRO C 1027 -24.36 32.16 -36.99
C PRO C 1027 -23.87 30.72 -36.97
N TYR C 1028 -24.43 29.83 -37.78
CA TYR C 1028 -23.89 28.47 -37.79
C TYR C 1028 -22.55 28.40 -38.50
N TRP C 1029 -22.40 29.05 -39.65
CA TRP C 1029 -21.12 29.03 -40.34
C TRP C 1029 -20.09 29.91 -39.65
N MET C 1030 -20.52 30.74 -38.69
CA MET C 1030 -19.61 31.58 -37.93
C MET C 1030 -18.70 30.76 -37.03
N ILE C 1031 -19.09 29.52 -36.70
CA ILE C 1031 -18.27 28.65 -35.87
C ILE C 1031 -17.07 28.10 -36.64
N TYR C 1032 -17.18 27.93 -37.94
CA TYR C 1032 -16.18 27.21 -38.70
C TYR C 1032 -15.27 28.14 -39.49
N GLY C 1033 -14.94 29.28 -38.92
CA GLY C 1033 -13.94 30.15 -39.50
C GLY C 1033 -14.42 31.10 -40.56
N GLU C 1034 -15.72 31.24 -40.76
CA GLU C 1034 -16.28 32.19 -41.72
C GLU C 1034 -17.11 33.19 -40.94
N VAL C 1035 -16.54 34.37 -40.66
CA VAL C 1035 -17.24 35.34 -39.84
C VAL C 1035 -18.09 36.30 -40.65
N PHE C 1036 -18.05 36.21 -41.99
CA PHE C 1036 -18.72 37.12 -42.92
C PHE C 1036 -18.31 38.58 -42.66
N ALA C 1037 -17.03 38.83 -42.93
CA ALA C 1037 -16.39 40.09 -42.58
C ALA C 1037 -16.96 41.28 -43.32
N ASP C 1038 -17.56 41.07 -44.50
CA ASP C 1038 -18.19 42.18 -45.22
C ASP C 1038 -19.49 42.62 -44.58
N GLN C 1039 -20.10 41.77 -43.74
CA GLN C 1039 -21.39 42.06 -43.13
C GLN C 1039 -21.31 42.19 -41.62
N ILE C 1040 -20.11 42.31 -41.05
CA ILE C 1040 -19.99 42.51 -39.61
C ILE C 1040 -20.47 43.91 -39.24
N ASP C 1041 -19.97 44.91 -39.94
CA ASP C 1041 -20.35 46.30 -39.71
C ASP C 1041 -20.10 47.08 -40.99
N PRO C 1042 -21.02 47.04 -41.95
CA PRO C 1042 -20.80 47.77 -43.19
C PRO C 1042 -20.96 49.26 -42.97
N PRO C 1043 -20.26 50.09 -43.73
CA PRO C 1043 -20.43 51.54 -43.59
C PRO C 1043 -21.79 51.96 -44.14
N CYS C 1044 -22.48 52.82 -43.38
CA CYS C 1044 -23.81 53.26 -43.77
C CYS C 1044 -24.08 54.63 -43.15
N GLY C 1045 -25.09 55.31 -43.69
CA GLY C 1045 -25.43 56.64 -43.24
C GLY C 1045 -24.47 57.72 -43.67
N GLN C 1046 -23.63 57.45 -44.66
CA GLN C 1046 -22.67 58.42 -45.17
C GLN C 1046 -22.73 58.40 -46.69
N ASN C 1047 -21.86 59.20 -47.30
CA ASN C 1047 -21.70 59.22 -48.76
C ASN C 1047 -20.28 58.79 -49.10
N GLU C 1048 -20.16 57.76 -49.92
CA GLU C 1048 -18.87 57.24 -50.33
C GLU C 1048 -18.81 57.16 -51.84
N ILE C 1056 -22.05 58.15 -54.21
CA ILE C 1056 -23.10 57.18 -53.92
C ILE C 1056 -23.55 57.38 -52.48
N GLN C 1057 -24.86 57.45 -52.29
CA GLN C 1057 -25.44 57.66 -50.97
C GLN C 1057 -25.79 56.30 -50.36
N LEU C 1058 -25.17 55.98 -49.22
CA LEU C 1058 -25.46 54.75 -48.53
C LEU C 1058 -26.84 54.81 -47.88
N PRO C 1059 -27.47 53.65 -47.65
CA PRO C 1059 -28.73 53.65 -46.90
C PRO C 1059 -28.50 54.06 -45.46
N PRO C 1060 -29.52 54.63 -44.80
CA PRO C 1060 -29.32 55.16 -43.44
C PRO C 1060 -29.08 54.05 -42.42
N CYS C 1061 -28.45 54.43 -41.31
CA CYS C 1061 -28.10 53.49 -40.26
C CYS C 1061 -29.34 52.98 -39.56
N LYS C 1062 -29.42 51.66 -39.40
CA LYS C 1062 -30.47 51.08 -38.57
C LYS C 1062 -30.19 51.39 -37.11
N THR C 1063 -31.27 51.56 -36.35
CA THR C 1063 -31.12 51.92 -34.94
C THR C 1063 -30.63 50.72 -34.15
N GLY C 1064 -29.58 50.93 -33.37
CA GLY C 1064 -28.99 49.85 -32.61
C GLY C 1064 -28.22 48.84 -33.43
N ALA C 1065 -27.79 49.21 -34.64
CA ALA C 1065 -27.00 48.31 -35.47
C ALA C 1065 -25.59 48.14 -34.95
N TRP C 1066 -25.13 49.02 -34.06
CA TRP C 1066 -23.83 48.85 -33.43
C TRP C 1066 -23.82 47.72 -32.41
N ILE C 1067 -24.99 47.29 -31.92
CA ILE C 1067 -25.06 46.20 -30.97
C ILE C 1067 -24.67 44.88 -31.63
N VAL C 1068 -24.95 44.74 -32.93
CA VAL C 1068 -24.72 43.48 -33.64
C VAL C 1068 -23.25 43.03 -33.66
N PRO C 1069 -22.24 43.90 -33.91
CA PRO C 1069 -20.87 43.43 -33.73
C PRO C 1069 -20.49 43.11 -32.29
N ALA C 1070 -21.09 43.76 -31.29
CA ALA C 1070 -20.74 43.47 -29.90
C ALA C 1070 -21.27 42.10 -29.46
N ILE C 1071 -22.53 41.81 -29.78
CA ILE C 1071 -23.07 40.50 -29.45
C ILE C 1071 -22.49 39.43 -30.37
N MET C 1072 -22.04 39.82 -31.57
CA MET C 1072 -21.24 38.93 -32.40
C MET C 1072 -19.94 38.55 -31.72
N ALA C 1073 -19.28 39.53 -31.11
CA ALA C 1073 -18.03 39.28 -30.39
C ALA C 1073 -18.25 38.36 -29.20
N CYS C 1074 -19.30 38.62 -28.42
CA CYS C 1074 -19.61 37.77 -27.28
C CYS C 1074 -20.00 36.35 -27.71
N TYR C 1075 -20.76 36.23 -28.80
CA TYR C 1075 -21.17 34.93 -29.30
C TYR C 1075 -19.99 34.13 -29.82
N LEU C 1076 -19.13 34.76 -30.61
CA LEU C 1076 -17.97 34.08 -31.17
C LEU C 1076 -17.02 33.64 -30.07
N LEU C 1077 -16.82 34.51 -29.06
CA LEU C 1077 -15.98 34.15 -27.92
C LEU C 1077 -16.55 32.95 -27.18
N VAL C 1078 -17.84 33.01 -26.81
CA VAL C 1078 -18.46 31.96 -26.01
C VAL C 1078 -18.46 30.64 -26.76
N ALA C 1079 -18.93 30.64 -28.01
CA ALA C 1079 -18.96 29.46 -28.86
C ALA C 1079 -17.56 28.88 -29.10
N ASN C 1080 -16.74 29.60 -29.87
CA ASN C 1080 -15.49 29.07 -30.39
C ASN C 1080 -14.47 28.82 -29.30
N ILE C 1081 -14.46 29.61 -28.23
CA ILE C 1081 -13.45 29.44 -27.21
C ILE C 1081 -13.97 28.62 -26.04
N LEU C 1082 -15.18 28.88 -25.56
CA LEU C 1082 -15.68 28.16 -24.41
C LEU C 1082 -16.18 26.77 -24.77
N LEU C 1083 -17.14 26.68 -25.69
CA LEU C 1083 -17.90 25.44 -25.80
C LEU C 1083 -17.13 24.36 -26.54
N VAL C 1084 -16.35 24.76 -27.56
CA VAL C 1084 -15.55 23.80 -28.31
C VAL C 1084 -14.43 23.23 -27.43
N ASN C 1085 -13.78 24.09 -26.65
CA ASN C 1085 -12.73 23.62 -25.75
C ASN C 1085 -13.30 22.81 -24.60
N LEU C 1086 -14.51 23.13 -24.15
CA LEU C 1086 -15.15 22.30 -23.14
C LEU C 1086 -15.52 20.94 -23.69
N LEU C 1087 -15.95 20.86 -24.95
CA LEU C 1087 -16.19 19.55 -25.55
C LEU C 1087 -14.88 18.79 -25.78
N ILE C 1088 -13.78 19.51 -26.02
CA ILE C 1088 -12.47 18.88 -26.07
C ILE C 1088 -12.12 18.25 -24.73
N ALA C 1089 -12.39 18.98 -23.64
CA ALA C 1089 -12.14 18.45 -22.29
C ALA C 1089 -13.06 17.27 -21.97
N VAL C 1090 -14.32 17.33 -22.40
CA VAL C 1090 -15.26 16.23 -22.17
C VAL C 1090 -14.82 14.99 -22.94
N PHE C 1091 -14.38 15.17 -24.19
CA PHE C 1091 -13.94 14.06 -25.01
C PHE C 1091 -12.66 13.46 -24.44
N ASN C 1092 -11.81 14.30 -23.87
CA ASN C 1092 -10.52 13.87 -23.36
C ASN C 1092 -10.64 13.11 -22.05
N ASN C 1093 -11.44 13.64 -21.11
CA ASN C 1093 -11.48 13.04 -19.79
C ASN C 1093 -12.38 11.82 -19.71
N THR C 1094 -13.19 11.55 -20.73
CA THR C 1094 -13.96 10.33 -20.80
C THR C 1094 -13.43 9.40 -21.88
N PHE C 1095 -12.19 9.61 -22.32
CA PHE C 1095 -11.66 8.80 -23.41
C PHE C 1095 -11.28 7.41 -22.95
N PHE C 1096 -10.71 7.29 -21.75
CA PHE C 1096 -10.09 6.03 -21.34
C PHE C 1096 -11.14 4.96 -21.04
N GLU C 1097 -12.19 5.34 -20.29
CA GLU C 1097 -13.27 4.42 -19.96
C GLU C 1097 -14.01 3.98 -21.22
N VAL C 1098 -14.28 4.94 -22.11
CA VAL C 1098 -14.97 4.65 -23.37
C VAL C 1098 -14.11 3.75 -24.26
N LYS C 1099 -12.79 3.98 -24.26
CA LYS C 1099 -11.90 3.16 -25.06
C LYS C 1099 -11.84 1.72 -24.57
N SER C 1100 -11.73 1.52 -23.25
CA SER C 1100 -11.71 0.17 -22.70
C SER C 1100 -13.04 -0.55 -22.90
N ILE C 1101 -14.14 0.16 -22.70
CA ILE C 1101 -15.48 -0.41 -22.90
C ILE C 1101 -15.69 -0.77 -24.38
N SER C 1102 -15.22 0.10 -25.29
CA SER C 1102 -15.39 -0.16 -26.71
C SER C 1102 -14.54 -1.33 -27.18
N ASN C 1103 -13.32 -1.47 -26.65
CA ASN C 1103 -12.49 -2.62 -26.96
C ASN C 1103 -13.15 -3.92 -26.50
N GLN C 1104 -13.68 -3.91 -25.27
CA GLN C 1104 -14.29 -5.12 -24.74
C GLN C 1104 -15.60 -5.45 -25.48
N VAL C 1105 -16.36 -4.44 -25.86
CA VAL C 1105 -17.61 -4.65 -26.58
C VAL C 1105 -17.34 -5.15 -28.00
N TRP C 1106 -16.29 -4.64 -28.65
CA TRP C 1106 -15.91 -5.17 -29.96
C TRP C 1106 -15.45 -6.62 -29.87
N LYS C 1107 -14.67 -6.96 -28.84
CA LYS C 1107 -14.27 -8.35 -28.65
C LYS C 1107 -15.46 -9.25 -28.33
N PHE C 1108 -16.49 -8.72 -27.68
CA PHE C 1108 -17.70 -9.50 -27.48
C PHE C 1108 -18.47 -9.68 -28.79
N GLN C 1109 -18.53 -8.65 -29.62
CA GLN C 1109 -19.34 -8.70 -30.83
C GLN C 1109 -18.66 -9.40 -32.00
N ARG C 1110 -17.38 -9.77 -31.82
CA ARG C 1110 -16.72 -10.67 -32.78
C ARG C 1110 -17.50 -11.97 -32.98
N TYR C 1111 -18.08 -12.52 -31.89
CA TYR C 1111 -18.87 -13.74 -32.01
C TYR C 1111 -20.11 -13.54 -32.86
N GLN C 1112 -20.82 -12.42 -32.67
CA GLN C 1112 -22.01 -12.15 -33.45
C GLN C 1112 -21.66 -11.98 -34.92
N LEU C 1113 -20.54 -11.31 -35.20
CA LEU C 1113 -20.07 -11.19 -36.57
C LEU C 1113 -19.72 -12.55 -37.19
N ILE C 1114 -19.06 -13.41 -36.42
CA ILE C 1114 -18.62 -14.70 -36.95
C ILE C 1114 -19.80 -15.63 -37.20
N MET C 1115 -20.75 -15.68 -36.27
CA MET C 1115 -21.93 -16.53 -36.44
C MET C 1115 -22.82 -16.01 -37.57
N THR C 1116 -22.94 -14.68 -37.71
CA THR C 1116 -23.71 -14.13 -38.81
C THR C 1116 -23.08 -14.47 -40.15
N PHE C 1117 -21.76 -14.30 -40.29
CA PHE C 1117 -21.14 -14.55 -41.58
C PHE C 1117 -20.89 -16.03 -41.84
N HIS C 1118 -21.07 -16.89 -40.83
CA HIS C 1118 -21.08 -18.31 -41.11
C HIS C 1118 -22.47 -18.79 -41.51
N GLU C 1119 -23.52 -18.14 -41.00
CA GLU C 1119 -24.86 -18.47 -41.44
C GLU C 1119 -25.24 -17.85 -42.77
N ARG C 1120 -24.39 -16.98 -43.33
CA ARG C 1120 -24.70 -16.31 -44.58
C ARG C 1120 -24.58 -17.26 -45.76
N PRO C 1121 -25.27 -16.98 -46.87
CA PRO C 1121 -25.01 -17.73 -48.10
C PRO C 1121 -23.62 -17.46 -48.63
N VAL C 1122 -23.12 -18.41 -49.43
CA VAL C 1122 -21.76 -18.32 -49.97
C VAL C 1122 -21.65 -17.18 -50.96
N LEU C 1123 -22.62 -17.05 -51.87
CA LEU C 1123 -22.55 -16.06 -52.92
C LEU C 1123 -22.81 -14.66 -52.37
N PRO C 1124 -22.18 -13.64 -52.95
CA PRO C 1124 -22.40 -12.26 -52.51
C PRO C 1124 -23.78 -11.78 -52.94
N PRO C 1125 -24.27 -10.65 -52.41
CA PRO C 1125 -25.67 -10.19 -52.68
C PRO C 1125 -26.06 -10.04 -54.14
N PRO C 1126 -25.23 -9.53 -55.07
CA PRO C 1126 -25.72 -9.44 -56.47
C PRO C 1126 -25.94 -10.78 -57.14
N LEU C 1127 -25.34 -11.86 -56.65
CA LEU C 1127 -25.58 -13.20 -57.15
C LEU C 1127 -26.31 -14.07 -56.14
N ILE C 1128 -26.87 -13.47 -55.09
CA ILE C 1128 -27.47 -14.26 -54.00
C ILE C 1128 -28.84 -14.81 -54.38
N ILE C 1129 -29.41 -14.38 -55.50
CA ILE C 1129 -30.71 -14.89 -55.93
C ILE C 1129 -30.61 -16.36 -56.34
N PHE C 1130 -29.44 -16.79 -56.84
CA PHE C 1130 -29.23 -18.20 -57.16
C PHE C 1130 -29.23 -19.07 -55.91
N SER C 1131 -28.53 -18.61 -54.86
CA SER C 1131 -28.56 -19.35 -53.60
C SER C 1131 -29.92 -19.29 -52.93
N HIS C 1132 -30.66 -18.19 -53.13
CA HIS C 1132 -32.00 -18.10 -52.57
C HIS C 1132 -32.96 -19.07 -53.25
N MET C 1133 -32.86 -19.20 -54.58
CA MET C 1133 -33.64 -20.21 -55.28
C MET C 1133 -33.18 -21.61 -54.91
N THR C 1134 -31.89 -21.79 -54.60
CA THR C 1134 -31.40 -23.07 -54.12
C THR C 1134 -32.04 -23.45 -52.78
N MET C 1135 -32.11 -22.50 -51.85
CA MET C 1135 -32.77 -22.77 -50.56
C MET C 1135 -34.26 -22.98 -50.73
N ILE C 1136 -34.91 -22.27 -51.66
CA ILE C 1136 -36.33 -22.47 -51.90
C ILE C 1136 -36.59 -23.87 -52.47
N PHE C 1137 -35.75 -24.31 -53.43
CA PHE C 1137 -35.91 -25.64 -54.00
C PHE C 1137 -35.61 -26.73 -52.98
N GLN C 1138 -34.60 -26.54 -52.13
CA GLN C 1138 -34.30 -27.51 -51.09
C GLN C 1138 -35.41 -27.58 -50.04
N HIS C 1139 -35.99 -26.44 -49.68
CA HIS C 1139 -37.09 -26.42 -48.74
C HIS C 1139 -38.33 -27.09 -49.32
N LEU C 1140 -38.61 -26.87 -50.61
CA LEU C 1140 -39.74 -27.54 -51.25
C LEU C 1140 -39.52 -29.04 -51.39
N CYS C 1141 -38.28 -29.45 -51.66
CA CYS C 1141 -37.96 -30.88 -51.74
C CYS C 1141 -38.07 -31.55 -50.37
N CYS C 1142 -37.63 -30.87 -49.30
CA CYS C 1142 -37.74 -31.43 -47.96
C CYS C 1142 -39.19 -31.45 -47.50
N ARG C 1143 -40.00 -30.46 -47.90
CA ARG C 1143 -41.42 -30.48 -47.55
C ARG C 1143 -42.18 -31.54 -48.35
N TRP C 1144 -41.76 -31.82 -49.58
CA TRP C 1144 -42.41 -32.83 -50.39
C TRP C 1144 -41.98 -34.25 -50.02
N ARG C 1145 -40.95 -34.41 -49.21
CA ARG C 1145 -40.49 -35.73 -48.81
C ARG C 1145 -40.26 -35.78 -47.30
N ASP C 1155 -30.92 -25.30 -34.03
CA ASP C 1155 -29.55 -25.82 -34.06
C ASP C 1155 -28.60 -24.82 -34.71
N TYR C 1156 -28.64 -23.57 -34.25
CA TYR C 1156 -27.81 -22.51 -34.80
C TYR C 1156 -26.58 -22.36 -33.92
N GLY C 1157 -25.45 -22.85 -34.42
CA GLY C 1157 -24.21 -22.73 -33.67
C GLY C 1157 -23.11 -23.54 -34.33
N LEU C 1158 -21.96 -23.59 -33.64
CA LEU C 1158 -20.79 -24.31 -34.11
C LEU C 1158 -20.24 -25.15 -32.95
N LYS C 1159 -20.70 -26.39 -32.86
CA LYS C 1159 -20.29 -27.29 -31.80
C LYS C 1159 -19.14 -28.17 -32.30
N LEU C 1160 -18.76 -29.18 -31.52
CA LEU C 1160 -17.65 -30.04 -31.90
C LEU C 1160 -18.04 -31.51 -32.05
N PHE C 1161 -18.96 -32.00 -31.22
CA PHE C 1161 -19.48 -33.38 -31.23
C PHE C 1161 -18.35 -34.39 -31.05
N ILE C 1162 -17.70 -34.32 -29.89
CA ILE C 1162 -16.57 -35.19 -29.59
C ILE C 1162 -17.07 -36.58 -29.19
N THR C 1163 -16.16 -37.54 -29.19
CA THR C 1163 -16.49 -38.92 -28.86
C THR C 1163 -16.51 -39.09 -27.34
N ASP C 1164 -16.62 -40.34 -26.88
CA ASP C 1164 -16.79 -40.58 -25.45
C ASP C 1164 -15.46 -40.55 -24.70
N ASP C 1165 -14.40 -41.10 -25.31
CA ASP C 1165 -13.08 -41.04 -24.67
C ASP C 1165 -12.56 -39.62 -24.62
N GLU C 1166 -12.82 -38.84 -25.68
CA GLU C 1166 -12.47 -37.42 -25.67
C GLU C 1166 -13.31 -36.66 -24.65
N LEU C 1167 -14.56 -37.06 -24.46
CA LEU C 1167 -15.40 -36.46 -23.43
C LEU C 1167 -14.87 -36.74 -22.04
N LYS C 1168 -14.41 -37.97 -21.79
CA LYS C 1168 -13.83 -38.32 -20.50
C LYS C 1168 -12.53 -37.57 -20.26
N LYS C 1169 -11.72 -37.40 -21.31
CA LYS C 1169 -10.48 -36.64 -21.19
C LYS C 1169 -10.76 -35.17 -20.88
N VAL C 1170 -11.78 -34.60 -21.54
CA VAL C 1170 -12.18 -33.23 -21.29
C VAL C 1170 -12.70 -33.05 -19.87
N HIS C 1171 -13.50 -34.01 -19.39
CA HIS C 1171 -14.04 -33.94 -18.04
C HIS C 1171 -12.94 -34.05 -16.98
N ASP C 1172 -11.96 -34.94 -17.20
CA ASP C 1172 -10.85 -35.07 -16.26
C ASP C 1172 -9.99 -33.82 -16.25
N PHE C 1173 -9.79 -33.20 -17.43
CA PHE C 1173 -9.12 -31.91 -17.50
C PHE C 1173 -9.86 -30.83 -16.74
N GLU C 1174 -11.20 -30.86 -16.80
CA GLU C 1174 -12.00 -29.88 -16.08
C GLU C 1174 -11.90 -30.07 -14.57
N GLU C 1175 -11.90 -31.32 -14.09
CA GLU C 1175 -11.73 -31.56 -12.65
C GLU C 1175 -10.36 -31.14 -12.17
N GLN C 1176 -9.32 -31.40 -12.97
CA GLN C 1176 -7.97 -30.94 -12.62
C GLN C 1176 -7.91 -29.42 -12.53
N CYS C 1177 -8.55 -28.73 -13.48
CA CYS C 1177 -8.58 -27.28 -13.48
C CYS C 1177 -9.36 -26.74 -12.27
N ILE C 1178 -10.46 -27.40 -11.90
CA ILE C 1178 -11.26 -26.94 -10.77
C ILE C 1178 -10.48 -27.08 -9.47
N GLU C 1179 -9.80 -28.22 -9.28
CA GLU C 1179 -9.01 -28.44 -8.07
C GLU C 1179 -7.86 -27.43 -7.99
N GLU C 1180 -7.18 -27.21 -9.14
CA GLU C 1180 -6.10 -26.23 -9.20
C GLU C 1180 -6.59 -24.84 -8.85
N TYR C 1181 -7.73 -24.41 -9.42
CA TYR C 1181 -8.20 -23.05 -9.17
C TYR C 1181 -8.61 -22.84 -7.73
N PHE C 1182 -9.40 -23.78 -7.19
CA PHE C 1182 -9.85 -23.68 -5.77
C PHE C 1182 -8.66 -23.72 -4.83
N ARG C 1183 -7.79 -24.72 -4.99
CA ARG C 1183 -6.63 -24.89 -4.07
C ARG C 1183 -5.67 -23.70 -4.20
N GLU C 1184 -5.37 -23.30 -5.44
CA GLU C 1184 -4.49 -22.11 -5.62
C GLU C 1184 -5.09 -20.96 -4.83
N LYS C 1185 -6.42 -20.81 -4.89
CA LYS C 1185 -7.07 -19.73 -4.15
C LYS C 1185 -6.91 -19.91 -2.65
N ASP C 1186 -6.99 -21.15 -2.17
CA ASP C 1186 -6.67 -21.44 -0.77
C ASP C 1186 -5.22 -21.13 -0.42
N ASP C 1187 -4.28 -21.46 -1.31
CA ASP C 1187 -2.88 -21.14 -1.07
C ASP C 1187 -2.61 -19.64 -1.08
N ARG C 1188 -3.27 -18.90 -1.97
CA ARG C 1188 -3.13 -17.46 -2.02
C ARG C 1188 -3.74 -16.80 -0.79
N PHE C 1189 -4.85 -17.35 -0.30
CA PHE C 1189 -5.46 -16.82 0.92
C PHE C 1189 -4.58 -17.10 2.13
N ASN C 1190 -3.99 -18.28 2.21
CA ASN C 1190 -3.18 -18.63 3.37
C ASN C 1190 -1.83 -17.94 3.39
N SER C 1191 -1.35 -17.49 2.24
CA SER C 1191 -0.05 -16.82 2.15
C SER C 1191 -0.17 -15.31 2.08
N SER C 1192 -1.36 -14.75 2.23
CA SER C 1192 -1.51 -13.31 2.25
C SER C 1192 -0.97 -12.74 3.55
N ASN C 1193 -0.70 -11.44 3.53
CA ASN C 1193 -0.20 -10.78 4.73
C ASN C 1193 -1.26 -10.68 5.80
N ASP C 1194 -2.52 -10.45 5.40
CA ASP C 1194 -3.59 -10.24 6.37
C ASP C 1194 -3.91 -11.51 7.14
N GLU C 1195 -4.01 -12.64 6.43
CA GLU C 1195 -4.31 -13.91 7.09
C GLU C 1195 -3.15 -14.35 7.98
N ARG C 1196 -1.91 -14.13 7.54
CA ARG C 1196 -0.74 -14.45 8.35
C ARG C 1196 -0.69 -13.61 9.62
N ILE C 1197 -0.99 -12.32 9.50
CA ILE C 1197 -0.99 -11.42 10.65
C ILE C 1197 -2.11 -11.80 11.63
N ARG C 1198 -3.29 -12.17 11.10
CA ARG C 1198 -4.38 -12.59 11.97
C ARG C 1198 -4.06 -13.90 12.70
N VAL C 1199 -3.47 -14.87 12.00
CA VAL C 1199 -3.11 -16.14 12.62
C VAL C 1199 -2.03 -15.94 13.67
N THR C 1200 -1.04 -15.09 13.40
CA THR C 1200 0.01 -14.78 14.37
C THR C 1200 -0.57 -14.10 15.60
N SER C 1201 -1.50 -13.16 15.42
CA SER C 1201 -2.08 -12.45 16.56
C SER C 1201 -2.92 -13.38 17.43
N GLU C 1202 -3.70 -14.28 16.81
CA GLU C 1202 -4.52 -15.22 17.59
C GLU C 1202 -3.64 -16.22 18.35
N ARG C 1203 -2.59 -16.73 17.69
CA ARG C 1203 -1.70 -17.68 18.34
C ARG C 1203 -0.93 -17.02 19.47
N VAL C 1204 -0.53 -15.76 19.30
CA VAL C 1204 0.19 -15.04 20.34
C VAL C 1204 -0.73 -14.76 21.53
N GLU C 1205 -2.01 -14.47 21.29
CA GLU C 1205 -2.96 -14.24 22.37
C GLU C 1205 -3.19 -15.52 23.20
N ASN C 1206 -3.46 -16.64 22.51
CA ASN C 1206 -3.67 -17.92 23.18
C ASN C 1206 -2.43 -18.34 23.94
N MET C 1207 -1.25 -18.08 23.34
CA MET C 1207 0.01 -18.40 23.96
C MET C 1207 0.27 -17.56 25.20
N SER C 1208 -0.05 -16.26 25.16
CA SER C 1208 0.12 -15.42 26.35
C SER C 1208 -0.77 -15.88 27.49
N MET C 1209 -2.04 -16.23 27.21
CA MET C 1209 -2.93 -16.51 28.34
C MET C 1209 -2.68 -17.90 28.91
N ARG C 1210 -2.46 -18.90 28.06
CA ARG C 1210 -2.11 -20.22 28.58
C ARG C 1210 -0.70 -20.22 29.18
N LEU C 1211 0.19 -19.38 28.63
CA LEU C 1211 1.52 -19.24 29.18
C LEU C 1211 1.47 -18.64 30.57
N GLU C 1212 0.59 -17.68 30.80
CA GLU C 1212 0.36 -17.15 32.14
C GLU C 1212 -0.10 -18.24 33.12
N GLU C 1213 -0.91 -19.18 32.62
CA GLU C 1213 -1.24 -20.36 33.43
C GLU C 1213 0.02 -21.20 33.73
N VAL C 1214 0.94 -21.31 32.76
CA VAL C 1214 2.22 -22.02 32.97
C VAL C 1214 3.04 -21.34 34.06
N ASN C 1215 3.03 -20.00 34.08
CA ASN C 1215 3.69 -19.23 35.14
C ASN C 1215 3.08 -19.48 36.51
N GLU C 1216 1.76 -19.56 36.60
CA GLU C 1216 1.13 -19.85 37.88
C GLU C 1216 1.53 -21.24 38.38
N ARG C 1217 1.58 -22.22 37.46
CA ARG C 1217 2.04 -23.55 37.83
C ARG C 1217 3.53 -23.59 38.17
N GLU C 1218 4.34 -22.73 37.56
CA GLU C 1218 5.75 -22.67 37.89
C GLU C 1218 5.97 -22.09 39.28
N HIS C 1219 5.18 -21.09 39.65
CA HIS C 1219 5.23 -20.56 41.02
C HIS C 1219 4.80 -21.60 42.03
N SER C 1220 3.75 -22.37 41.70
CA SER C 1220 3.30 -23.45 42.58
C SER C 1220 4.36 -24.55 42.72
N MET C 1221 5.02 -24.90 41.61
CA MET C 1221 6.06 -25.92 41.64
C MET C 1221 7.30 -25.44 42.42
N LYS C 1222 7.62 -24.15 42.31
CA LYS C 1222 8.72 -23.60 43.09
C LYS C 1222 8.40 -23.60 44.58
N ALA C 1223 7.14 -23.29 44.93
CA ALA C 1223 6.73 -23.36 46.34
C ALA C 1223 6.77 -24.80 46.86
N SER C 1224 6.34 -25.76 46.04
CA SER C 1224 6.39 -27.16 46.45
C SER C 1224 7.82 -27.66 46.60
N LEU C 1225 8.72 -27.22 45.70
CA LEU C 1225 10.12 -27.60 45.80
C LEU C 1225 10.79 -26.97 47.02
N GLN C 1226 10.41 -25.73 47.35
CA GLN C 1226 10.92 -25.09 48.56
C GLN C 1226 10.44 -25.80 49.82
N THR C 1227 9.17 -26.22 49.83
CA THR C 1227 8.64 -26.97 50.97
C THR C 1227 9.31 -28.34 51.09
N VAL C 1228 9.58 -29.00 49.96
CA VAL C 1228 10.23 -30.30 50.00
C VAL C 1228 11.68 -30.17 50.45
N ASP C 1229 12.36 -29.09 50.05
CA ASP C 1229 13.72 -28.85 50.51
C ASP C 1229 13.74 -28.49 52.00
N ILE C 1230 12.72 -27.78 52.48
CA ILE C 1230 12.64 -27.45 53.90
C ILE C 1230 12.36 -28.71 54.72
N ARG C 1231 11.54 -29.62 54.19
CA ARG C 1231 11.23 -30.85 54.91
C ARG C 1231 12.45 -31.78 54.99
N LEU C 1232 13.25 -31.84 53.93
CA LEU C 1232 14.44 -32.68 53.93
C LEU C 1232 15.71 -31.83 53.94
N SER D 30 12.48 41.42 42.58
CA SER D 30 12.89 42.23 43.71
C SER D 30 12.08 41.88 44.95
N TRP D 31 10.94 41.21 44.73
CA TRP D 31 10.12 40.76 45.89
C TRP D 31 10.87 39.65 46.60
N ILE D 32 11.56 38.82 45.83
CA ILE D 32 12.21 37.66 46.43
C ILE D 32 13.28 38.08 47.44
N GLU D 33 14.03 39.13 47.12
CA GLU D 33 15.03 39.65 48.06
C GLU D 33 14.37 40.34 49.25
N ARG D 34 13.27 41.05 49.00
CA ARG D 34 12.61 41.79 50.06
C ARG D 34 11.74 40.92 50.95
N ALA D 35 11.41 39.71 50.53
CA ALA D 35 10.58 38.79 51.32
C ALA D 35 11.37 37.67 51.97
N PHE D 36 12.39 37.17 51.30
CA PHE D 36 13.20 36.07 51.82
C PHE D 36 14.49 36.59 52.41
N TYR D 37 14.98 35.86 53.41
CA TYR D 37 16.17 36.24 54.13
C TYR D 37 17.19 35.11 54.06
N LYS D 38 18.40 35.39 54.52
CA LYS D 38 19.50 34.45 54.46
C LYS D 38 20.45 34.74 55.62
N ARG D 39 21.29 33.76 55.94
CA ARG D 39 22.17 33.88 57.08
C ARG D 39 23.58 33.48 56.68
N GLU D 40 24.57 34.17 57.26
CA GLU D 40 25.97 33.98 56.91
C GLU D 40 26.81 33.86 58.17
N CYS D 41 27.94 33.16 58.04
CA CYS D 41 28.74 32.73 59.18
C CYS D 41 29.62 33.86 59.69
N VAL D 42 29.21 34.47 60.80
CA VAL D 42 30.03 35.44 61.53
C VAL D 42 30.16 34.93 62.96
N HIS D 43 31.23 34.18 63.21
CA HIS D 43 31.42 33.48 64.48
C HIS D 43 32.76 33.86 65.10
N ILE D 44 33.09 33.17 66.21
CA ILE D 44 34.37 33.34 66.87
C ILE D 44 35.43 32.41 66.31
N ILE D 45 35.11 31.65 65.26
CA ILE D 45 35.94 30.67 64.57
C ILE D 45 36.46 29.63 65.56
N PRO D 46 35.63 28.70 66.03
CA PRO D 46 36.14 27.61 66.87
C PRO D 46 36.82 26.55 66.01
N SER D 47 38.05 26.19 66.37
CA SER D 47 38.83 25.29 65.53
C SER D 47 38.33 23.85 65.61
N THR D 48 38.02 23.39 66.83
CA THR D 48 37.74 21.98 67.15
C THR D 48 38.89 21.09 66.67
N LYS D 49 38.65 20.29 65.64
CA LYS D 49 39.70 19.39 65.15
C LYS D 49 40.71 20.14 64.29
N ASP D 50 40.27 20.69 63.14
CA ASP D 50 41.19 21.34 62.20
C ASP D 50 41.16 22.85 62.40
N PRO D 51 42.33 23.51 62.50
CA PRO D 51 42.34 24.96 62.73
C PRO D 51 41.72 25.78 61.60
N HIS D 52 41.79 25.31 60.35
CA HIS D 52 41.14 26.03 59.26
C HIS D 52 39.63 25.85 59.31
N ARG D 53 39.15 24.65 59.68
CA ARG D 53 37.73 24.37 59.71
C ARG D 53 37.10 24.98 60.95
N CYS D 54 36.10 25.83 60.74
CA CYS D 54 35.40 26.47 61.84
C CYS D 54 34.24 25.58 62.30
N CYS D 55 33.33 26.14 63.09
CA CYS D 55 32.10 25.43 63.43
C CYS D 55 31.23 25.21 62.20
N CYS D 56 31.22 26.17 61.28
CA CYS D 56 30.50 26.02 60.03
C CYS D 56 31.28 25.23 58.98
N GLY D 57 32.54 24.87 59.26
CA GLY D 57 33.30 24.01 58.37
C GLY D 57 34.04 24.72 57.27
N ARG D 58 33.82 26.02 57.07
CA ARG D 58 34.50 26.74 56.00
C ARG D 58 35.95 27.04 56.38
N LEU D 59 36.69 27.61 55.43
CA LEU D 59 38.07 27.99 55.66
C LEU D 59 38.14 29.17 56.63
N ILE D 60 39.27 29.26 57.34
CA ILE D 60 39.41 30.21 58.44
C ILE D 60 39.42 31.65 57.96
N GLY D 61 39.89 31.89 56.74
CA GLY D 61 39.85 33.19 56.13
C GLY D 61 38.68 33.45 55.21
N GLN D 62 37.82 32.46 54.99
CA GLN D 62 36.73 32.58 54.03
C GLN D 62 35.47 33.22 54.59
N HIS D 63 35.44 33.52 55.89
CA HIS D 63 34.24 34.10 56.49
C HIS D 63 34.12 35.57 56.10
N VAL D 64 33.03 35.90 55.41
CA VAL D 64 32.68 37.26 54.95
C VAL D 64 33.79 37.88 54.10
N TRP D 92 22.00 28.99 63.27
CA TRP D 92 21.59 29.44 64.59
C TRP D 92 22.65 30.33 65.23
N SER D 93 22.24 31.13 66.22
CA SER D 93 23.17 32.03 66.90
C SER D 93 24.03 31.30 67.92
N ILE D 94 23.73 30.04 68.23
CA ILE D 94 24.50 29.26 69.21
C ILE D 94 25.75 28.74 68.52
N SER D 95 26.91 29.25 68.93
CA SER D 95 28.28 28.93 68.53
C SER D 95 28.61 29.44 67.11
N LYS D 96 27.61 29.81 66.31
CA LYS D 96 27.85 30.39 64.99
C LYS D 96 27.55 31.88 64.94
N HIS D 97 26.66 32.39 65.80
CA HIS D 97 26.38 33.81 65.99
C HIS D 97 25.96 34.50 64.69
N THR D 98 25.16 33.79 63.89
CA THR D 98 24.90 34.20 62.52
C THR D 98 24.00 35.43 62.46
N GLN D 99 24.19 36.23 61.42
CA GLN D 99 23.45 37.46 61.19
C GLN D 99 22.55 37.29 59.96
N LEU D 100 21.45 38.04 59.96
CA LEU D 100 20.41 37.89 58.95
C LEU D 100 20.48 39.04 57.96
N SER D 101 20.23 38.73 56.68
CA SER D 101 20.47 39.68 55.60
C SER D 101 19.54 39.31 54.44
N PRO D 102 19.29 40.24 53.51
CA PRO D 102 18.60 39.87 52.27
C PRO D 102 19.42 38.90 51.43
N THR D 103 18.72 38.05 50.69
CA THR D 103 19.36 37.01 49.89
C THR D 103 20.07 37.59 48.68
N ASP D 104 21.07 36.85 48.20
CA ASP D 104 21.86 37.26 47.04
C ASP D 104 22.06 36.13 46.03
N ALA D 105 21.37 35.01 46.21
CA ALA D 105 21.58 33.81 45.39
C ALA D 105 20.22 33.25 45.00
N PHE D 106 19.66 33.76 43.90
CA PHE D 106 18.35 33.33 43.42
C PHE D 106 18.20 33.77 41.97
N GLY D 107 17.39 33.02 41.23
CA GLY D 107 17.20 33.25 39.81
C GLY D 107 16.93 31.99 39.03
N THR D 108 17.72 31.74 38.00
CA THR D 108 17.58 30.56 37.15
C THR D 108 18.94 29.93 36.94
N ILE D 109 18.97 28.61 36.81
CA ILE D 109 20.19 27.84 36.63
C ILE D 109 20.12 27.18 35.26
N GLU D 110 21.14 27.42 34.43
CA GLU D 110 21.26 26.76 33.14
C GLU D 110 22.24 25.59 33.30
N PHE D 111 21.70 24.38 33.30
CA PHE D 111 22.50 23.17 33.51
C PHE D 111 23.29 22.86 32.24
N GLN D 112 24.56 23.21 32.25
CA GLN D 112 25.45 22.96 31.11
C GLN D 112 26.02 21.54 31.22
N GLY D 113 25.95 20.81 30.13
CA GLY D 113 26.39 19.44 30.12
C GLY D 113 25.32 18.49 30.62
N GLY D 114 25.70 17.23 30.74
CA GLY D 114 24.78 16.19 31.16
C GLY D 114 23.67 15.89 30.17
N GLY D 115 23.97 15.98 28.87
CA GLY D 115 23.00 15.63 27.87
C GLY D 115 21.98 16.72 27.59
N HIS D 116 20.74 16.49 28.04
CA HIS D 116 19.67 17.44 27.78
C HIS D 116 19.84 18.70 28.61
N SER D 117 19.60 19.85 27.98
CA SER D 117 19.68 21.13 28.66
C SER D 117 18.35 21.43 29.34
N ASN D 118 18.41 21.71 30.65
CA ASN D 118 17.22 21.96 31.43
C ASN D 118 17.45 23.14 32.35
N LYS D 119 16.48 24.04 32.42
CA LYS D 119 16.57 25.24 33.25
C LYS D 119 15.77 25.02 34.52
N ALA D 120 16.40 25.31 35.67
CA ALA D 120 15.77 25.09 36.97
C ALA D 120 15.85 26.37 37.79
N MET D 121 14.71 26.84 38.26
CA MET D 121 14.68 27.98 39.16
C MET D 121 15.25 27.59 40.52
N TYR D 122 15.76 28.58 41.25
CA TYR D 122 16.38 28.31 42.54
C TYR D 122 16.30 29.57 43.40
N VAL D 123 16.16 29.36 44.71
CA VAL D 123 16.28 30.41 45.72
C VAL D 123 17.11 29.86 46.87
N ARG D 124 17.93 30.72 47.47
CA ARG D 124 18.54 30.44 48.75
C ARG D 124 17.66 31.10 49.83
N VAL D 125 17.22 30.31 50.80
CA VAL D 125 16.33 30.77 51.85
C VAL D 125 16.93 30.41 53.20
N SER D 126 16.46 31.09 54.24
CA SER D 126 16.81 30.72 55.60
C SER D 126 16.05 29.46 56.02
N PHE D 127 16.65 28.70 56.93
CA PHE D 127 16.02 27.45 57.38
C PHE D 127 14.84 27.69 58.32
N ASP D 128 14.70 28.91 58.86
CA ASP D 128 13.65 29.21 59.82
C ASP D 128 12.50 30.01 59.22
N THR D 129 12.42 30.10 57.88
CA THR D 129 11.38 30.87 57.23
C THR D 129 10.03 30.18 57.35
N LYS D 130 8.97 30.99 57.41
CA LYS D 130 7.62 30.46 57.47
C LYS D 130 7.24 29.84 56.13
N PRO D 131 6.62 28.66 56.14
CA PRO D 131 6.32 27.97 54.88
C PRO D 131 5.21 28.60 54.06
N ASP D 132 4.37 29.46 54.66
CA ASP D 132 3.31 30.13 53.90
C ASP D 132 3.88 31.05 52.85
N LEU D 133 4.94 31.78 53.22
CA LEU D 133 5.59 32.72 52.27
C LEU D 133 6.18 31.92 51.10
N LEU D 134 6.89 30.83 51.40
CA LEU D 134 7.44 29.98 50.34
C LEU D 134 6.33 29.42 49.46
N LEU D 135 5.21 29.03 50.05
CA LEU D 135 4.08 28.51 49.28
C LEU D 135 3.54 29.60 48.35
N HIS D 136 3.51 30.84 48.83
CA HIS D 136 3.15 31.96 47.99
C HIS D 136 4.17 32.18 46.87
N LEU D 137 5.45 31.90 47.14
CA LEU D 137 6.47 32.00 46.10
C LEU D 137 6.24 31.01 44.96
N MET D 138 5.99 29.75 45.32
CA MET D 138 5.73 28.71 44.29
C MET D 138 4.43 29.05 43.56
N THR D 139 3.41 29.54 44.27
CA THR D 139 2.13 29.75 43.58
C THR D 139 2.14 30.99 42.70
N LYS D 140 2.88 32.04 43.08
CA LYS D 140 2.84 33.30 42.35
C LYS D 140 4.05 33.49 41.44
N GLU D 141 5.26 33.49 42.00
CA GLU D 141 6.43 33.90 41.24
C GLU D 141 6.88 32.83 40.27
N TRP D 142 6.80 31.56 40.65
CA TRP D 142 7.15 30.46 39.77
C TRP D 142 5.99 29.96 38.91
N GLN D 143 4.79 30.51 39.12
CA GLN D 143 3.58 30.21 38.31
C GLN D 143 3.23 28.72 38.33
N LEU D 144 3.34 28.10 39.50
CA LEU D 144 3.03 26.70 39.67
C LEU D 144 1.66 26.58 40.32
N GLU D 145 0.77 25.80 39.69
CA GLU D 145 -0.54 25.56 40.26
C GLU D 145 -0.42 24.67 41.49
N LEU D 146 -1.45 24.70 42.32
CA LEU D 146 -1.49 23.85 43.50
C LEU D 146 -1.62 22.38 43.07
N PRO D 147 -0.71 21.51 43.49
CA PRO D 147 -0.73 20.13 43.01
C PRO D 147 -1.89 19.35 43.61
N LYS D 148 -2.32 18.34 42.86
CA LYS D 148 -3.35 17.43 43.34
C LYS D 148 -2.77 16.31 44.19
N LEU D 149 -1.45 16.23 44.31
CA LEU D 149 -0.78 15.17 45.04
C LEU D 149 0.62 15.63 45.39
N LEU D 150 1.07 15.30 46.60
CA LEU D 150 2.43 15.59 47.05
C LEU D 150 3.15 14.29 47.34
N ILE D 151 4.35 14.15 46.81
CA ILE D 151 5.17 12.96 47.00
C ILE D 151 6.46 13.38 47.70
N SER D 152 6.78 12.70 48.79
CA SER D 152 7.99 12.99 49.56
C SER D 152 8.91 11.78 49.47
N VAL D 153 9.98 11.92 48.67
CA VAL D 153 10.91 10.82 48.45
C VAL D 153 12.06 10.96 49.44
N HIS D 154 12.26 9.96 50.27
CA HIS D 154 13.32 9.93 51.26
C HIS D 154 14.15 8.68 51.07
N GLY D 155 15.43 8.76 51.44
CA GLY D 155 16.30 7.61 51.30
C GLY D 155 17.69 7.92 51.82
N GLY D 156 18.61 7.02 51.52
CA GLY D 156 19.96 7.14 52.02
C GLY D 156 20.75 8.20 51.27
N LEU D 157 21.52 8.99 52.03
CA LEU D 157 22.35 10.02 51.42
C LEU D 157 23.56 9.41 50.71
N GLN D 158 23.99 8.22 51.13
CA GLN D 158 25.06 7.54 50.44
C GLN D 158 24.57 7.00 49.09
N ASN D 159 25.47 6.98 48.12
CA ASN D 159 25.15 6.43 46.81
C ASN D 159 25.00 4.92 46.88
N PHE D 160 24.03 4.38 46.13
CA PHE D 160 23.82 2.95 46.09
C PHE D 160 23.32 2.57 44.70
N GLU D 161 23.42 1.28 44.40
CA GLU D 161 22.92 0.72 43.15
C GLU D 161 21.89 -0.36 43.46
N LEU D 162 20.81 -0.36 42.69
CA LEU D 162 19.74 -1.34 42.85
C LEU D 162 19.73 -2.30 41.67
N GLN D 163 18.78 -3.23 41.71
CA GLN D 163 18.58 -4.14 40.59
C GLN D 163 18.06 -3.37 39.38
N PRO D 164 18.39 -3.83 38.16
CA PRO D 164 17.95 -3.07 36.97
C PRO D 164 16.45 -3.10 36.74
N LYS D 165 15.81 -4.25 36.95
CA LYS D 165 14.36 -4.34 36.78
C LYS D 165 13.62 -3.53 37.84
N LEU D 166 14.12 -3.58 39.08
CA LEU D 166 13.53 -2.78 40.15
C LEU D 166 13.68 -1.29 39.89
N LYS D 167 14.86 -0.88 39.40
CA LYS D 167 15.09 0.53 39.09
C LYS D 167 14.22 0.99 37.93
N GLN D 168 14.06 0.14 36.90
CA GLN D 168 13.22 0.50 35.76
C GLN D 168 11.75 0.61 36.15
N VAL D 169 11.26 -0.35 36.97
CA VAL D 169 9.87 -0.33 37.41
C VAL D 169 9.61 0.86 38.33
N PHE D 170 10.54 1.15 39.25
CA PHE D 170 10.39 2.28 40.16
C PHE D 170 10.43 3.60 39.40
N GLY D 171 11.32 3.70 38.40
CA GLY D 171 11.39 4.93 37.62
C GLY D 171 10.15 5.17 36.78
N LYS D 172 9.66 4.12 36.10
CA LYS D 172 8.45 4.26 35.29
C LYS D 172 7.23 4.55 36.17
N GLY D 173 7.18 3.94 37.35
CA GLY D 173 6.10 4.24 38.28
C GLY D 173 6.13 5.67 38.79
N LEU D 174 7.30 6.15 39.21
CA LEU D 174 7.39 7.52 39.73
C LEU D 174 7.09 8.55 38.66
N ILE D 175 7.53 8.29 37.43
CA ILE D 175 7.23 9.18 36.31
C ILE D 175 5.73 9.19 36.02
N LYS D 176 5.09 8.03 35.95
CA LYS D 176 3.67 7.98 35.61
C LYS D 176 2.80 8.53 36.73
N ALA D 177 3.23 8.35 37.99
CA ALA D 177 2.49 8.90 39.11
C ALA D 177 2.61 10.41 39.18
N ALA D 178 3.79 10.96 38.85
CA ALA D 178 3.92 12.41 38.75
C ALA D 178 3.23 12.95 37.51
N MET D 179 2.96 12.09 36.53
CA MET D 179 2.41 12.59 35.24
C MET D 179 0.88 12.61 35.24
N THR D 180 0.23 11.53 35.68
CA THR D 180 -1.22 11.44 35.55
C THR D 180 -1.93 12.31 36.57
N THR D 181 -1.43 12.34 37.80
CA THR D 181 -2.04 13.15 38.85
C THR D 181 -1.54 14.58 38.86
N GLY D 182 -0.49 14.89 38.11
CA GLY D 182 0.10 16.22 38.15
C GLY D 182 0.73 16.57 39.48
N ALA D 183 1.51 15.65 40.04
CA ALA D 183 1.99 15.78 41.40
C ALA D 183 3.28 16.59 41.47
N TRP D 184 3.72 16.86 42.71
CA TRP D 184 5.01 17.46 43.00
C TRP D 184 5.90 16.43 43.65
N ILE D 185 7.15 16.35 43.22
CA ILE D 185 8.13 15.44 43.76
C ILE D 185 9.09 16.23 44.65
N PHE D 186 9.27 15.78 45.88
CA PHE D 186 10.13 16.43 46.86
C PHE D 186 11.31 15.51 47.15
N THR D 187 12.51 15.93 46.78
CA THR D 187 13.70 15.11 46.96
C THR D 187 14.68 15.82 47.88
N GLY D 188 15.86 15.21 48.03
CA GLY D 188 16.94 15.81 48.77
C GLY D 188 17.76 16.82 48.01
N GLY D 189 17.46 17.02 46.73
CA GLY D 189 18.11 18.07 45.95
C GLY D 189 19.40 17.66 45.28
N VAL D 190 20.41 17.31 46.08
CA VAL D 190 21.73 16.99 45.54
C VAL D 190 21.70 15.64 44.83
N ASN D 191 22.70 15.41 43.99
CA ASN D 191 22.73 14.24 43.11
C ASN D 191 23.44 13.08 43.82
N THR D 192 22.81 12.62 44.90
CA THR D 192 23.29 11.47 45.66
C THR D 192 22.16 10.45 45.78
N GLY D 193 22.50 9.18 45.56
CA GLY D 193 21.66 8.04 45.92
C GLY D 193 20.27 7.95 45.31
N VAL D 194 19.27 8.05 46.18
CA VAL D 194 17.87 7.94 45.75
C VAL D 194 17.48 9.12 44.86
N ILE D 195 18.03 10.31 45.12
CA ILE D 195 17.79 11.45 44.26
C ILE D 195 18.49 11.26 42.92
N ARG D 196 19.63 10.56 42.90
CA ARG D 196 20.26 10.20 41.64
C ARG D 196 19.42 9.21 40.85
N HIS D 197 18.75 8.28 41.53
CA HIS D 197 17.82 7.37 40.85
C HIS D 197 16.61 8.12 40.32
N VAL D 198 16.10 9.09 41.08
CA VAL D 198 15.01 9.94 40.63
C VAL D 198 15.44 10.77 39.42
N GLY D 199 16.68 11.23 39.41
CA GLY D 199 17.20 11.96 38.26
C GLY D 199 17.36 11.10 37.02
N ASP D 200 17.79 9.84 37.20
CA ASP D 200 17.85 8.92 36.08
C ASP D 200 16.45 8.61 35.55
N ALA D 201 15.48 8.49 36.46
CA ALA D 201 14.08 8.31 36.07
C ALA D 201 13.56 9.51 35.30
N LEU D 202 13.91 10.72 35.73
CA LEU D 202 13.52 11.91 34.99
C LEU D 202 14.26 12.04 33.67
N LYS D 203 15.47 11.50 33.56
CA LYS D 203 16.17 11.47 32.27
C LYS D 203 15.44 10.57 31.29
N ASP D 204 15.00 9.39 31.76
CA ASP D 204 14.14 8.53 30.95
C ASP D 204 12.81 9.20 30.63
N HIS D 205 12.28 9.98 31.56
CA HIS D 205 11.03 10.71 31.34
C HIS D 205 11.17 11.76 30.26
N ALA D 206 12.29 12.48 30.24
CA ALA D 206 12.54 13.42 29.16
C ALA D 206 12.99 12.71 27.90
N SER D 207 13.26 11.40 27.96
CA SER D 207 13.50 10.64 26.74
C SER D 207 12.24 10.01 26.12
N LYS D 208 11.16 9.74 26.89
CA LYS D 208 9.97 9.31 26.14
C LYS D 208 8.65 9.97 26.55
N SER D 209 8.62 11.13 27.20
CA SER D 209 7.31 11.73 27.49
C SER D 209 7.35 13.27 27.51
N ARG D 210 6.26 13.90 27.08
CA ARG D 210 6.24 15.38 26.98
C ARG D 210 5.85 16.05 28.30
N GLY D 211 6.12 15.40 29.44
CA GLY D 211 5.84 15.99 30.72
C GLY D 211 6.89 16.98 31.13
N LYS D 212 6.44 18.00 31.86
CA LYS D 212 7.32 18.83 32.67
C LYS D 212 6.98 18.49 34.11
N ILE D 213 7.61 17.44 34.62
CA ILE D 213 7.28 16.93 35.95
C ILE D 213 7.89 17.87 36.98
N CYS D 214 7.05 18.39 37.86
CA CYS D 214 7.49 19.36 38.85
C CYS D 214 8.15 18.60 39.99
N THR D 215 9.46 18.79 40.14
CA THR D 215 10.32 17.94 40.96
C THR D 215 11.20 18.83 41.86
N ILE D 216 10.53 19.69 42.63
CA ILE D 216 11.19 20.63 43.54
C ILE D 216 12.02 19.85 44.57
N GLY D 217 13.33 20.01 44.51
CA GLY D 217 14.26 19.37 45.44
C GLY D 217 14.74 20.38 46.47
N ILE D 218 14.87 19.91 47.71
CA ILE D 218 15.29 20.74 48.83
C ILE D 218 16.60 20.20 49.36
N ALA D 219 17.66 21.00 49.25
CA ALA D 219 19.03 20.61 49.57
C ALA D 219 19.64 21.64 50.49
N PRO D 220 20.66 21.27 51.26
CA PRO D 220 21.41 22.30 52.00
C PRO D 220 22.21 23.18 51.06
N TRP D 221 22.20 24.49 51.34
CA TRP D 221 22.95 25.44 50.53
C TRP D 221 24.45 25.29 50.75
N GLY D 222 24.86 24.88 51.95
CA GLY D 222 26.27 24.79 52.22
C GLY D 222 26.97 23.59 51.65
N ILE D 223 26.25 22.61 51.13
CA ILE D 223 26.84 21.35 50.68
C ILE D 223 26.89 21.22 49.18
N VAL D 224 26.30 22.14 48.44
CA VAL D 224 26.32 22.07 46.98
C VAL D 224 27.63 22.65 46.47
N GLU D 225 28.26 21.91 45.54
CA GLU D 225 29.49 22.37 44.91
C GLU D 225 29.24 23.63 44.09
N ASN D 226 30.29 24.46 44.02
CA ASN D 226 30.31 25.72 43.26
C ASN D 226 29.22 26.68 43.76
N GLN D 227 29.32 27.04 45.04
CA GLN D 227 28.36 27.97 45.64
C GLN D 227 28.49 29.36 45.07
N GLU D 228 29.70 29.76 44.65
CA GLU D 228 29.90 31.05 44.03
C GLU D 228 29.31 31.14 42.63
N ASP D 229 29.11 29.99 41.97
CA ASP D 229 28.54 29.99 40.63
C ASP D 229 27.06 30.36 40.63
N LEU D 230 26.36 30.16 41.75
CA LEU D 230 24.93 30.39 41.82
C LEU D 230 24.60 31.70 42.55
N ILE D 231 25.43 32.72 42.40
CA ILE D 231 25.21 34.01 43.05
C ILE D 231 24.64 34.97 42.02
N GLY D 232 23.45 35.49 42.29
CA GLY D 232 22.83 36.43 41.38
C GLY D 232 21.45 36.81 41.89
N ARG D 233 20.85 37.77 41.20
CA ARG D 233 19.51 38.26 41.53
C ARG D 233 18.72 38.34 40.23
N ASP D 234 17.83 37.35 40.01
CA ASP D 234 17.11 37.16 38.74
C ASP D 234 18.08 37.06 37.56
N VAL D 235 19.18 36.35 37.75
CA VAL D 235 20.23 36.24 36.75
C VAL D 235 20.42 34.77 36.40
N VAL D 236 20.44 34.46 35.11
CA VAL D 236 20.66 33.10 34.66
C VAL D 236 22.13 32.75 34.86
N ARG D 237 22.40 31.80 35.75
CA ARG D 237 23.75 31.41 36.08
C ARG D 237 24.02 30.02 35.54
N PRO D 238 25.05 29.85 34.71
CA PRO D 238 25.39 28.50 34.24
C PRO D 238 25.96 27.65 35.37
N TYR D 239 25.72 26.35 35.27
CA TYR D 239 26.15 25.38 36.27
C TYR D 239 26.83 24.21 35.57
N GLN D 240 27.78 23.61 36.27
CA GLN D 240 28.55 22.48 35.74
C GLN D 240 28.05 21.19 36.36
N THR D 241 27.68 20.23 35.51
CA THR D 241 27.24 18.93 35.98
C THR D 241 28.39 18.02 36.37
N MET D 242 29.63 18.40 36.06
CA MET D 242 30.78 17.62 36.49
C MET D 242 30.97 17.73 37.99
N SER D 243 31.27 16.61 38.63
CA SER D 243 31.51 16.55 40.06
C SER D 243 32.92 16.03 40.31
N ASN D 244 33.68 16.77 41.11
CA ASN D 244 35.02 16.33 41.47
C ASN D 244 34.92 15.25 42.53
N PRO D 245 35.50 14.06 42.30
CA PRO D 245 35.45 13.00 43.32
C PRO D 245 36.28 13.31 44.57
N MET D 246 37.27 14.20 44.47
CA MET D 246 38.06 14.56 45.64
C MET D 246 37.27 15.41 46.61
N SER D 247 36.43 16.31 46.10
CA SER D 247 35.65 17.18 46.97
C SER D 247 34.51 16.42 47.63
N LYS D 248 34.31 16.68 48.93
CA LYS D 248 33.22 16.05 49.66
C LYS D 248 31.87 16.64 49.28
N LEU D 249 31.86 17.88 48.80
CA LEU D 249 30.63 18.51 48.35
C LEU D 249 30.14 17.86 47.05
N THR D 250 28.82 17.76 46.92
CA THR D 250 28.20 17.14 45.77
C THR D 250 27.44 18.18 44.97
N VAL D 251 27.34 17.96 43.67
CA VAL D 251 26.61 18.87 42.80
C VAL D 251 25.12 18.60 42.92
N LEU D 252 24.32 19.56 42.46
CA LEU D 252 22.88 19.37 42.39
C LEU D 252 22.54 18.40 41.26
N ASN D 253 21.35 17.81 41.37
CA ASN D 253 20.86 16.94 40.31
C ASN D 253 20.55 17.77 39.07
N SER D 254 20.86 17.22 37.91
CA SER D 254 20.90 18.02 36.70
C SER D 254 19.51 18.38 36.18
N MET D 255 18.54 17.47 36.31
CA MET D 255 17.23 17.68 35.72
C MET D 255 16.11 17.81 36.75
N HIS D 256 16.36 18.52 37.83
CA HIS D 256 15.27 18.95 38.70
C HIS D 256 14.71 20.25 38.16
N SER D 257 13.51 20.59 38.63
CA SER D 257 12.81 21.75 38.09
C SER D 257 12.93 22.99 38.97
N HIS D 258 12.91 22.83 40.28
CA HIS D 258 13.02 23.97 41.18
C HIS D 258 13.88 23.56 42.38
N PHE D 259 14.41 24.56 43.08
CA PHE D 259 15.30 24.30 44.20
C PHE D 259 14.94 25.23 45.36
N ILE D 260 14.84 24.66 46.57
CA ILE D 260 14.53 25.45 47.80
C ILE D 260 15.78 25.35 48.70
N LEU D 261 16.95 25.41 48.10
CA LEU D 261 18.23 25.36 48.80
C LEU D 261 18.24 26.21 50.07
N ALA D 262 18.41 25.57 51.23
CA ALA D 262 18.21 26.20 52.52
C ALA D 262 19.54 26.30 53.27
N ASP D 263 19.82 27.50 53.76
CA ASP D 263 21.05 27.79 54.49
C ASP D 263 20.73 27.97 55.97
N ASN D 264 21.37 27.16 56.82
CA ASN D 264 21.41 27.43 58.25
C ASN D 264 22.66 28.20 58.65
N GLY D 265 23.50 28.56 57.69
CA GLY D 265 24.76 29.21 57.98
C GLY D 265 25.95 28.30 57.75
N THR D 266 25.83 27.04 58.13
CA THR D 266 26.92 26.09 58.03
C THR D 266 27.10 25.63 56.59
N THR D 267 28.30 25.10 56.31
CA THR D 267 28.64 24.54 55.01
C THR D 267 29.18 23.13 55.19
N GLY D 268 28.85 22.25 54.26
CA GLY D 268 29.33 20.88 54.31
C GLY D 268 28.63 20.00 55.29
N LYS D 269 27.51 20.44 55.88
CA LYS D 269 26.78 19.66 56.85
C LYS D 269 25.30 19.63 56.50
N TYR D 270 24.66 18.51 56.82
CA TYR D 270 23.24 18.31 56.54
C TYR D 270 22.41 18.86 57.71
N GLY D 271 21.12 18.54 57.71
CA GLY D 271 20.24 18.94 58.78
C GLY D 271 19.70 20.34 58.68
N ALA D 272 20.03 21.08 57.62
CA ALA D 272 19.56 22.44 57.43
C ALA D 272 18.25 22.51 56.66
N GLU D 273 17.69 21.36 56.30
CA GLU D 273 16.54 21.35 55.41
C GLU D 273 15.40 20.44 55.85
N VAL D 274 15.60 19.57 56.84
CA VAL D 274 14.59 18.57 57.19
C VAL D 274 13.37 19.22 57.84
N LYS D 275 13.61 20.13 58.79
CA LYS D 275 12.51 20.79 59.48
C LYS D 275 11.73 21.71 58.55
N LEU D 276 12.44 22.44 57.67
CA LEU D 276 11.78 23.32 56.70
C LEU D 276 10.96 22.52 55.71
N ARG D 277 11.49 21.39 55.23
CA ARG D 277 10.75 20.55 54.29
C ARG D 277 9.52 19.93 54.95
N ARG D 278 9.64 19.47 56.19
CA ARG D 278 8.50 18.89 56.88
C ARG D 278 7.43 19.94 57.17
N GLN D 279 7.83 21.15 57.56
CA GLN D 279 6.86 22.22 57.78
C GLN D 279 6.19 22.65 56.49
N LEU D 280 6.93 22.66 55.37
CA LEU D 280 6.33 23.03 54.10
C LEU D 280 5.37 21.95 53.60
N GLU D 281 5.69 20.67 53.85
CA GLU D 281 4.78 19.60 53.50
C GLU D 281 3.51 19.65 54.33
N LYS D 282 3.64 19.96 55.63
CA LYS D 282 2.47 20.13 56.48
C LYS D 282 1.61 21.31 56.02
N HIS D 283 2.27 22.43 55.67
CA HIS D 283 1.53 23.61 55.24
C HIS D 283 0.85 23.39 53.89
N ILE D 284 1.46 22.60 53.01
CA ILE D 284 0.79 22.24 51.76
C ILE D 284 -0.40 21.33 52.03
N SER D 285 -0.24 20.36 52.95
CA SER D 285 -1.32 19.42 53.24
C SER D 285 -2.50 20.09 53.95
N LEU D 286 -2.25 21.19 54.66
CA LEU D 286 -3.37 21.94 55.23
C LEU D 286 -4.17 22.70 54.17
N GLN D 287 -3.60 22.98 53.00
CA GLN D 287 -4.35 23.65 51.95
C GLN D 287 -5.41 22.74 51.36
N LYS D 288 -6.59 23.30 51.14
CA LYS D 288 -7.71 22.54 50.61
C LYS D 288 -7.55 22.32 49.11
N ILE D 289 -7.95 21.14 48.65
CA ILE D 289 -7.88 20.79 47.24
C ILE D 289 -9.04 21.47 46.52
N ASN D 290 -8.99 21.51 45.19
CA ASN D 290 -9.96 22.28 44.41
C ASN D 290 -11.34 21.64 44.34
N THR D 291 -11.51 20.38 44.79
CA THR D 291 -12.82 19.76 44.76
C THR D 291 -13.77 20.39 45.77
N ARG D 292 -13.22 20.93 46.87
CA ARG D 292 -13.96 21.66 47.92
C ARG D 292 -15.02 20.79 48.58
N ILE D 293 -14.78 19.48 48.68
CA ILE D 293 -15.68 18.59 49.38
C ILE D 293 -15.31 18.49 50.86
N GLY D 294 -14.15 19.00 51.26
CA GLY D 294 -13.76 19.00 52.66
C GLY D 294 -12.47 18.26 52.94
N GLN D 295 -11.58 18.20 51.96
CA GLN D 295 -10.32 17.48 52.12
C GLN D 295 -9.17 18.33 51.60
N GLY D 296 -8.01 18.16 52.23
CA GLY D 296 -6.78 18.76 51.73
C GLY D 296 -6.14 17.89 50.67
N VAL D 297 -4.96 18.32 50.23
CA VAL D 297 -4.24 17.52 49.23
C VAL D 297 -3.63 16.30 49.90
N PRO D 298 -3.59 15.15 49.23
CA PRO D 298 -2.98 13.98 49.84
C PRO D 298 -1.47 14.03 49.74
N VAL D 299 -0.83 13.43 50.75
CA VAL D 299 0.63 13.37 50.83
C VAL D 299 1.03 11.92 51.00
N VAL D 300 1.93 11.45 50.13
CA VAL D 300 2.51 10.12 50.24
C VAL D 300 4.00 10.28 50.53
N ALA D 301 4.61 9.22 51.06
CA ALA D 301 6.02 9.24 51.43
C ALA D 301 6.68 7.98 50.86
N LEU D 302 7.36 8.14 49.74
CA LEU D 302 8.07 7.03 49.10
C LEU D 302 9.45 6.88 49.73
N ILE D 303 9.79 5.66 50.15
CA ILE D 303 11.04 5.35 50.80
C ILE D 303 11.78 4.31 49.98
N VAL D 304 13.01 4.64 49.57
CA VAL D 304 13.90 3.72 48.88
C VAL D 304 15.19 3.64 49.68
N GLU D 305 15.57 2.41 50.07
CA GLU D 305 16.73 2.11 50.92
C GLU D 305 16.63 2.86 52.25
N GLY D 306 17.42 3.92 52.43
CA GLY D 306 17.42 4.67 53.66
C GLY D 306 18.37 4.10 54.70
N GLY D 307 18.52 4.84 55.79
CA GLY D 307 19.37 4.46 56.88
C GLY D 307 18.67 4.49 58.22
N PRO D 308 19.36 4.98 59.25
CA PRO D 308 18.71 5.09 60.57
C PRO D 308 17.63 6.14 60.62
N ASN D 309 17.85 7.27 59.93
CA ASN D 309 16.98 8.43 60.12
C ASN D 309 15.63 8.23 59.45
N VAL D 310 15.56 7.40 58.40
CA VAL D 310 14.31 7.23 57.67
C VAL D 310 13.30 6.45 58.51
N ILE D 311 13.74 5.66 59.49
CA ILE D 311 12.81 5.02 60.41
C ILE D 311 12.16 6.06 61.32
N SER D 312 12.95 7.04 61.78
CA SER D 312 12.41 8.15 62.55
C SER D 312 11.49 9.03 61.70
N ILE D 313 11.80 9.19 60.42
CA ILE D 313 10.93 9.93 59.51
C ILE D 313 9.61 9.19 59.30
N VAL D 314 9.66 7.86 59.19
CA VAL D 314 8.46 7.05 59.09
C VAL D 314 7.64 7.14 60.37
N LEU D 315 8.30 7.15 61.53
CA LEU D 315 7.60 7.33 62.80
C LEU D 315 6.96 8.71 62.89
N GLU D 316 7.64 9.74 62.39
CA GLU D 316 7.06 11.08 62.38
C GLU D 316 5.88 11.17 61.41
N TYR D 317 5.93 10.44 60.30
CA TYR D 317 4.85 10.48 59.33
C TYR D 317 3.63 9.73 59.83
N LEU D 318 3.83 8.54 60.41
CA LEU D 318 2.71 7.72 60.86
C LEU D 318 2.04 8.31 62.09
N ARG D 319 2.85 8.78 63.05
CA ARG D 319 2.32 9.40 64.27
C ARG D 319 2.12 10.91 64.04
N ASP D 320 1.19 11.21 63.13
CA ASP D 320 0.90 12.58 62.76
C ASP D 320 -0.60 12.74 62.58
N THR D 321 -1.08 13.96 62.83
CA THR D 321 -2.48 14.32 62.58
C THR D 321 -2.53 15.39 61.51
N PRO D 322 -3.01 15.10 60.29
CA PRO D 322 -3.51 13.80 59.79
C PRO D 322 -2.39 12.83 59.44
N PRO D 323 -2.65 11.53 59.50
CA PRO D 323 -1.62 10.54 59.17
C PRO D 323 -1.26 10.55 57.69
N VAL D 324 -0.01 10.21 57.42
CA VAL D 324 0.55 10.21 56.06
C VAL D 324 0.93 8.79 55.72
N PRO D 325 0.40 8.22 54.64
CA PRO D 325 0.81 6.87 54.24
C PRO D 325 2.24 6.82 53.73
N VAL D 326 2.87 5.68 53.93
CA VAL D 326 4.26 5.47 53.56
C VAL D 326 4.33 4.26 52.64
N VAL D 327 4.93 4.43 51.46
CA VAL D 327 5.12 3.36 50.50
C VAL D 327 6.61 3.05 50.44
N VAL D 328 6.98 1.80 50.68
CA VAL D 328 8.37 1.39 50.64
C VAL D 328 8.57 0.44 49.46
N CYS D 329 9.83 0.25 49.09
CA CYS D 329 10.22 -0.60 47.98
C CYS D 329 11.16 -1.69 48.48
N ASP D 330 11.08 -2.85 47.86
CA ASP D 330 11.86 -4.01 48.27
C ASP D 330 12.92 -4.33 47.23
N GLY D 331 14.08 -4.76 47.72
CA GLY D 331 15.20 -5.09 46.87
C GLY D 331 16.32 -4.06 46.86
N SER D 332 16.05 -2.84 47.34
CA SER D 332 17.11 -1.85 47.43
C SER D 332 18.05 -2.15 48.58
N GLY D 333 17.52 -2.55 49.73
CA GLY D 333 18.31 -2.93 50.87
C GLY D 333 18.21 -1.94 52.01
N ARG D 334 19.00 -2.24 53.05
CA ARG D 334 19.20 -1.41 54.26
C ARG D 334 17.88 -1.27 54.99
N ALA D 335 17.37 -0.06 55.24
CA ALA D 335 16.21 0.12 56.10
C ALA D 335 14.92 -0.35 55.45
N SER D 336 14.83 -0.27 54.11
CA SER D 336 13.64 -0.73 53.42
C SER D 336 13.50 -2.25 53.51
N ASP D 337 14.62 -2.97 53.45
CA ASP D 337 14.55 -4.43 53.53
C ASP D 337 14.21 -4.90 54.94
N ILE D 338 14.72 -4.22 55.97
CA ILE D 338 14.34 -4.60 57.33
C ILE D 338 12.90 -4.21 57.61
N LEU D 339 12.41 -3.13 56.99
CA LEU D 339 10.98 -2.79 57.09
C LEU D 339 10.12 -3.85 56.42
N ALA D 340 10.55 -4.35 55.26
CA ALA D 340 9.81 -5.40 54.56
C ALA D 340 9.82 -6.71 55.33
N PHE D 341 10.99 -7.08 55.89
CA PHE D 341 11.10 -8.30 56.68
C PHE D 341 10.30 -8.22 57.97
N GLY D 342 10.18 -7.01 58.54
CA GLY D 342 9.23 -6.83 59.64
C GLY D 342 7.79 -6.94 59.18
N HIS D 343 7.48 -6.39 58.01
CA HIS D 343 6.08 -6.29 57.59
C HIS D 343 5.50 -7.63 57.18
N LYS D 344 6.30 -8.46 56.50
CA LYS D 344 5.84 -9.81 56.21
C LYS D 344 5.75 -10.64 57.49
N TYR D 345 6.72 -10.51 58.37
CA TYR D 345 6.77 -11.29 59.60
C TYR D 345 6.32 -10.43 60.78
N SER D 346 5.01 -10.22 60.86
CA SER D 346 4.47 -9.28 61.84
C SER D 346 3.31 -9.81 62.66
N GLU D 347 2.52 -10.76 62.14
CA GLU D 347 1.28 -11.28 62.73
C GLU D 347 0.34 -10.11 62.99
N GLU D 348 -0.03 -9.81 64.23
CA GLU D 348 -1.00 -8.75 64.52
C GLU D 348 -0.29 -7.45 64.93
N GLY D 349 0.44 -6.88 63.97
CA GLY D 349 1.11 -5.61 64.18
C GLY D 349 2.28 -5.70 65.14
N GLY D 350 2.10 -5.15 66.35
CA GLY D 350 3.15 -5.16 67.35
C GLY D 350 3.36 -6.48 68.05
N LEU D 351 2.50 -7.47 67.80
CA LEU D 351 2.63 -8.81 68.38
C LEU D 351 3.67 -9.57 67.57
N ILE D 352 4.93 -9.43 67.94
CA ILE D 352 6.04 -10.10 67.29
C ILE D 352 6.68 -11.03 68.31
N ASN D 353 6.86 -12.29 67.93
CA ASN D 353 7.44 -13.27 68.85
C ASN D 353 8.96 -13.11 68.91
N GLU D 354 9.60 -13.97 69.69
CA GLU D 354 11.00 -13.77 70.06
C GLU D 354 11.97 -14.10 68.92
N SER D 355 11.68 -15.12 68.11
CA SER D 355 12.66 -15.60 67.13
C SER D 355 12.86 -14.60 66.00
N LEU D 356 11.76 -14.08 65.43
CA LEU D 356 11.89 -13.04 64.42
C LEU D 356 12.34 -11.71 65.03
N ARG D 357 12.10 -11.48 66.33
CA ARG D 357 12.67 -10.32 67.01
C ARG D 357 14.19 -10.39 67.03
N ASP D 358 14.73 -11.56 67.37
CA ASP D 358 16.18 -11.73 67.37
C ASP D 358 16.75 -11.73 65.95
N GLN D 359 15.99 -12.24 64.98
CA GLN D 359 16.40 -12.14 63.58
C GLN D 359 16.46 -10.70 63.11
N LEU D 360 15.48 -9.88 63.50
CA LEU D 360 15.50 -8.46 63.16
C LEU D 360 16.65 -7.74 63.85
N LEU D 361 16.93 -8.11 65.10
CA LEU D 361 18.06 -7.51 65.83
C LEU D 361 19.39 -7.85 65.19
N VAL D 362 19.59 -9.12 64.78
CA VAL D 362 20.87 -9.49 64.18
C VAL D 362 20.99 -8.92 62.76
N THR D 363 19.88 -8.77 62.03
CA THR D 363 19.99 -8.13 60.72
C THR D 363 20.23 -6.63 60.83
N ILE D 364 19.69 -5.98 61.86
CA ILE D 364 20.01 -4.58 62.11
C ILE D 364 21.47 -4.43 62.51
N GLN D 365 21.96 -5.30 63.39
CA GLN D 365 23.36 -5.24 63.83
C GLN D 365 24.33 -5.63 62.73
N LYS D 366 23.88 -6.40 61.75
CA LYS D 366 24.74 -6.84 60.66
C LYS D 366 24.76 -5.87 59.49
N THR D 367 23.57 -5.50 58.99
CA THR D 367 23.49 -4.66 57.79
C THR D 367 23.87 -3.21 58.11
N PHE D 368 23.50 -2.72 59.28
CA PHE D 368 23.80 -1.35 59.65
C PHE D 368 25.08 -1.20 60.46
N THR D 369 25.62 -2.31 60.99
CA THR D 369 26.80 -2.40 61.86
C THR D 369 26.69 -1.48 63.09
N TYR D 370 25.70 -1.79 63.92
CA TYR D 370 25.49 -1.18 65.24
C TYR D 370 25.71 -2.18 66.36
N THR D 371 25.69 -1.65 67.58
CA THR D 371 25.87 -2.43 68.79
C THR D 371 24.56 -3.12 69.17
N ARG D 372 24.56 -3.74 70.35
CA ARG D 372 23.36 -4.42 70.84
C ARG D 372 22.31 -3.41 71.29
N THR D 373 22.71 -2.38 72.03
CA THR D 373 21.75 -1.39 72.52
C THR D 373 21.22 -0.50 71.39
N GLN D 374 22.06 -0.19 70.40
CA GLN D 374 21.58 0.59 69.26
C GLN D 374 20.60 -0.21 68.41
N ALA D 375 20.85 -1.50 68.22
CA ALA D 375 19.91 -2.38 67.54
C ALA D 375 18.62 -2.54 68.32
N GLN D 376 18.71 -2.60 69.65
CA GLN D 376 17.51 -2.69 70.48
C GLN D 376 16.68 -1.42 70.39
N HIS D 377 17.35 -0.26 70.39
CA HIS D 377 16.63 1.01 70.24
C HIS D 377 15.99 1.14 68.87
N LEU D 378 16.70 0.70 67.83
CA LEU D 378 16.13 0.72 66.48
C LEU D 378 14.95 -0.24 66.35
N PHE D 379 15.01 -1.38 67.05
CA PHE D 379 13.88 -2.30 67.06
C PHE D 379 12.70 -1.73 67.84
N ILE D 380 12.97 -0.95 68.89
CA ILE D 380 11.90 -0.26 69.61
C ILE D 380 11.22 0.77 68.72
N ILE D 381 12.01 1.54 67.96
CA ILE D 381 11.45 2.50 67.01
C ILE D 381 10.70 1.78 65.89
N LEU D 382 11.19 0.61 65.48
CA LEU D 382 10.50 -0.21 64.49
C LEU D 382 9.14 -0.69 65.00
N MET D 383 9.07 -1.14 66.26
CA MET D 383 7.80 -1.57 66.82
C MET D 383 6.83 -0.41 67.01
N GLU D 384 7.35 0.76 67.37
CA GLU D 384 6.53 1.96 67.47
C GLU D 384 5.99 2.38 66.11
N CYS D 385 6.77 2.18 65.05
CA CYS D 385 6.27 2.33 63.69
C CYS D 385 5.22 1.27 63.36
N MET D 386 5.45 0.05 63.82
CA MET D 386 4.68 -1.10 63.35
C MET D 386 3.35 -1.22 64.07
N LYS D 387 3.17 -0.45 65.15
CA LYS D 387 1.85 -0.28 65.75
C LYS D 387 0.83 0.23 64.72
N LYS D 388 1.26 1.15 63.86
CA LYS D 388 0.44 1.61 62.73
C LYS D 388 0.81 0.85 61.46
N LYS D 389 0.54 -0.46 61.45
CA LYS D 389 0.92 -1.30 60.33
C LYS D 389 0.02 -1.11 59.11
N GLU D 390 -1.18 -0.57 59.29
CA GLU D 390 -2.14 -0.47 58.18
C GLU D 390 -1.73 0.58 57.17
N LEU D 391 -1.02 1.63 57.60
CA LEU D 391 -0.66 2.72 56.71
C LEU D 391 0.48 2.34 55.77
N ILE D 392 1.40 1.49 56.24
CA ILE D 392 2.60 1.16 55.47
C ILE D 392 2.23 0.18 54.36
N THR D 393 2.45 0.60 53.12
CA THR D 393 2.24 -0.24 51.95
C THR D 393 3.60 -0.66 51.42
N VAL D 394 3.81 -1.97 51.30
CA VAL D 394 5.10 -2.53 50.91
C VAL D 394 4.97 -3.04 49.49
N PHE D 395 5.81 -2.51 48.60
CA PHE D 395 5.89 -2.97 47.22
C PHE D 395 6.98 -4.02 47.11
N ARG D 396 6.65 -5.16 46.51
CA ARG D 396 7.59 -6.25 46.31
C ARG D 396 7.80 -6.47 44.83
N MET D 397 9.07 -6.55 44.43
CA MET D 397 9.43 -6.80 43.04
C MET D 397 8.94 -8.18 42.61
N GLY D 398 8.29 -8.24 41.44
CA GLY D 398 7.64 -9.46 41.04
C GLY D 398 6.45 -9.76 41.93
N SER D 399 6.17 -11.07 42.08
CA SER D 399 5.13 -11.65 42.92
C SER D 399 3.75 -11.02 42.72
N GLU D 400 2.98 -10.88 43.80
CA GLU D 400 1.66 -10.27 43.75
C GLU D 400 1.65 -8.89 44.41
N GLY D 401 2.77 -8.17 44.31
CA GLY D 401 2.85 -6.84 44.90
C GLY D 401 2.39 -5.74 43.97
N HIS D 402 1.17 -5.90 43.45
CA HIS D 402 0.47 -5.04 42.47
C HIS D 402 1.16 -4.91 41.11
N GLN D 403 2.33 -5.54 40.94
CA GLN D 403 3.15 -5.53 39.72
C GLN D 403 3.47 -4.13 39.20
N ASP D 404 3.41 -3.11 40.06
CA ASP D 404 3.50 -1.71 39.66
C ASP D 404 3.64 -0.82 40.87
N ILE D 405 4.34 0.31 40.72
CA ILE D 405 4.50 1.26 41.80
C ILE D 405 3.19 2.01 42.05
N ASP D 406 2.49 2.35 40.96
CA ASP D 406 1.45 3.37 41.06
C ASP D 406 0.13 2.86 41.62
N LEU D 407 -0.20 1.59 41.35
CA LEU D 407 -1.36 1.00 42.02
C LEU D 407 -1.14 0.95 43.52
N ALA D 408 0.09 0.62 43.95
CA ALA D 408 0.43 0.65 45.37
C ALA D 408 0.34 2.07 45.94
N ILE D 409 0.84 3.06 45.21
CA ILE D 409 0.84 4.44 45.69
C ILE D 409 -0.57 4.98 45.81
N LEU D 410 -1.39 4.79 44.78
CA LEU D 410 -2.72 5.37 44.78
C LEU D 410 -3.66 4.62 45.73
N THR D 411 -3.50 3.29 45.84
CA THR D 411 -4.27 2.54 46.82
C THR D 411 -3.88 2.94 48.25
N ALA D 412 -2.58 3.19 48.48
CA ALA D 412 -2.13 3.65 49.79
C ALA D 412 -2.69 5.02 50.11
N LEU D 413 -2.78 5.91 49.11
CA LEU D 413 -3.40 7.21 49.32
C LEU D 413 -4.89 7.08 49.61
N LEU D 414 -5.57 6.16 48.92
CA LEU D 414 -7.01 5.99 49.11
C LEU D 414 -7.35 5.44 50.50
N LYS D 415 -6.60 4.46 50.99
CA LYS D 415 -6.88 3.99 52.34
C LYS D 415 -6.09 4.73 53.42
N GLY D 416 -5.25 5.69 53.04
CA GLY D 416 -4.64 6.55 54.03
C GLY D 416 -5.51 7.76 54.27
N ALA D 417 -6.28 8.14 53.26
CA ALA D 417 -7.36 9.09 53.48
C ALA D 417 -8.41 8.50 54.41
N ASN D 418 -8.78 7.23 54.16
CA ASN D 418 -9.70 6.42 54.98
C ASN D 418 -11.08 7.06 55.13
N ALA D 419 -11.47 7.87 54.15
CA ALA D 419 -12.72 8.61 54.20
C ALA D 419 -13.79 7.84 53.42
N SER D 420 -14.92 8.51 53.19
CA SER D 420 -16.01 7.90 52.44
C SER D 420 -15.65 7.79 50.96
N ALA D 421 -16.40 6.94 50.26
CA ALA D 421 -16.23 6.78 48.82
C ALA D 421 -16.52 8.04 47.99
N PRO D 422 -17.40 8.99 48.38
CA PRO D 422 -17.37 10.30 47.70
C PRO D 422 -16.03 11.00 47.74
N ASP D 423 -15.31 10.93 48.86
CA ASP D 423 -14.01 11.59 48.95
C ASP D 423 -12.98 10.91 48.06
N GLN D 424 -12.98 9.57 48.03
CA GLN D 424 -12.09 8.85 47.14
C GLN D 424 -12.43 9.11 45.68
N LEU D 425 -13.73 9.22 45.36
CA LEU D 425 -14.14 9.53 44.00
C LEU D 425 -13.73 10.93 43.58
N SER D 426 -13.82 11.90 44.50
CA SER D 426 -13.38 13.25 44.16
C SER D 426 -11.87 13.33 44.01
N LEU D 427 -11.14 12.53 44.81
CA LEU D 427 -9.68 12.46 44.64
C LEU D 427 -9.31 11.84 43.30
N ALA D 428 -9.99 10.77 42.90
CA ALA D 428 -9.72 10.15 41.60
C ALA D 428 -10.13 11.05 40.46
N LEU D 429 -11.19 11.84 40.65
CA LEU D 429 -11.58 12.83 39.65
C LEU D 429 -10.56 13.93 39.51
N ALA D 430 -9.97 14.38 40.63
CA ALA D 430 -8.92 15.39 40.58
C ALA D 430 -7.66 14.83 39.92
N TRP D 431 -7.34 13.57 40.17
CA TRP D 431 -6.16 12.97 39.56
C TRP D 431 -6.37 12.54 38.12
N ASN D 432 -7.62 12.58 37.64
CA ASN D 432 -8.01 12.11 36.29
C ASN D 432 -7.63 10.65 36.09
N ARG D 433 -7.95 9.82 37.08
CA ARG D 433 -7.64 8.39 37.05
C ARG D 433 -8.95 7.63 37.11
N VAL D 434 -9.52 7.36 35.93
CA VAL D 434 -10.74 6.57 35.85
C VAL D 434 -10.46 5.11 36.20
N ASP D 435 -9.26 4.62 35.88
CA ASP D 435 -8.95 3.20 36.04
C ASP D 435 -8.88 2.80 37.50
N ILE D 436 -8.21 3.60 38.33
CA ILE D 436 -8.12 3.31 39.75
C ILE D 436 -9.48 3.45 40.42
N ALA D 437 -10.31 4.37 39.92
CA ALA D 437 -11.66 4.52 40.45
C ALA D 437 -12.50 3.28 40.16
N ARG D 438 -12.39 2.76 38.94
CA ARG D 438 -13.11 1.55 38.55
C ARG D 438 -12.62 0.34 39.34
N SER D 439 -11.31 0.20 39.53
CA SER D 439 -10.79 -1.01 40.17
C SER D 439 -10.77 -0.95 41.69
N GLN D 440 -10.92 0.23 42.31
CA GLN D 440 -10.99 0.28 43.77
C GLN D 440 -12.29 0.86 44.29
N ILE D 441 -12.70 2.05 43.82
CA ILE D 441 -13.82 2.74 44.43
C ILE D 441 -15.14 2.06 44.09
N PHE D 442 -15.25 1.54 42.87
CA PHE D 442 -16.48 0.91 42.40
C PHE D 442 -16.42 -0.60 42.48
N ILE D 443 -15.80 -1.12 43.54
CA ILE D 443 -15.75 -2.56 43.79
C ILE D 443 -17.10 -3.04 44.28
N TYR D 444 -17.30 -4.35 44.30
CA TYR D 444 -18.58 -4.93 44.69
C TYR D 444 -18.83 -4.74 46.19
N GLY D 445 -20.08 -4.45 46.54
CA GLY D 445 -20.44 -4.23 47.92
C GLY D 445 -20.11 -2.85 48.46
N GLN D 446 -19.74 -1.92 47.59
CA GLN D 446 -19.36 -0.58 48.04
C GLN D 446 -20.60 0.21 48.41
N GLN D 447 -20.66 0.69 49.65
CA GLN D 447 -21.80 1.49 50.09
C GLN D 447 -21.72 2.90 49.53
N TRP D 448 -22.86 3.42 49.10
CA TRP D 448 -22.92 4.74 48.50
C TRP D 448 -23.96 5.62 49.19
N PRO D 449 -23.60 6.83 49.61
CA PRO D 449 -24.59 7.75 50.17
C PRO D 449 -25.59 8.22 49.12
N VAL D 450 -26.79 8.55 49.58
CA VAL D 450 -27.84 9.00 48.68
C VAL D 450 -27.56 10.43 48.25
N GLY D 451 -27.49 10.65 46.94
CA GLY D 451 -27.24 11.97 46.39
C GLY D 451 -25.78 12.29 46.15
N SER D 452 -24.86 11.44 46.60
CA SER D 452 -23.44 11.72 46.40
C SER D 452 -23.02 11.41 44.97
N LEU D 453 -23.61 10.39 44.35
CA LEU D 453 -23.25 10.01 42.99
C LEU D 453 -23.64 11.08 41.99
N GLU D 454 -24.77 11.74 42.20
CA GLU D 454 -25.18 12.83 41.31
C GLU D 454 -24.29 14.06 41.49
N GLN D 455 -23.84 14.32 42.71
CA GLN D 455 -22.87 15.39 42.93
C GLN D 455 -21.55 15.10 42.24
N ALA D 456 -21.11 13.84 42.30
CA ALA D 456 -19.90 13.44 41.57
C ALA D 456 -20.10 13.53 40.07
N MET D 457 -21.31 13.26 39.59
CA MET D 457 -21.64 13.40 38.17
C MET D 457 -21.52 14.87 37.75
N LEU D 458 -22.05 15.78 38.57
CA LEU D 458 -21.93 17.21 38.30
C LEU D 458 -20.47 17.66 38.29
N ASP D 459 -19.69 17.18 39.26
CA ASP D 459 -18.27 17.54 39.33
C ASP D 459 -17.49 16.98 38.15
N ALA D 460 -17.84 15.78 37.68
CA ALA D 460 -17.19 15.23 36.50
C ALA D 460 -17.59 15.97 35.24
N LEU D 461 -18.83 16.44 35.17
CA LEU D 461 -19.28 17.17 33.99
C LEU D 461 -18.62 18.54 33.89
N VAL D 462 -18.50 19.25 35.01
CA VAL D 462 -17.91 20.60 34.93
C VAL D 462 -16.42 20.57 34.67
N LEU D 463 -15.74 19.47 34.95
CA LEU D 463 -14.30 19.37 34.77
C LEU D 463 -13.89 18.70 33.46
N ASP D 464 -14.87 18.35 32.62
CA ASP D 464 -14.66 17.73 31.31
C ASP D 464 -13.91 16.39 31.42
N ARG D 465 -14.54 15.45 32.11
CA ARG D 465 -13.98 14.11 32.29
C ARG D 465 -14.92 13.11 31.62
N VAL D 466 -14.56 12.67 30.43
CA VAL D 466 -15.43 11.81 29.62
C VAL D 466 -15.57 10.44 30.27
N ASP D 467 -14.45 9.85 30.67
CA ASP D 467 -14.45 8.48 31.17
C ASP D 467 -15.10 8.37 32.53
N PHE D 468 -15.04 9.44 33.34
CA PHE D 468 -15.74 9.42 34.62
C PHE D 468 -17.24 9.51 34.44
N VAL D 469 -17.71 10.26 33.44
CA VAL D 469 -19.12 10.28 33.12
C VAL D 469 -19.57 8.92 32.61
N LYS D 470 -18.75 8.26 31.79
CA LYS D 470 -19.05 6.91 31.34
C LYS D 470 -19.12 5.92 32.50
N LEU D 471 -18.18 6.02 33.44
CA LEU D 471 -18.15 5.13 34.58
C LEU D 471 -19.33 5.35 35.52
N LEU D 472 -19.70 6.62 35.73
CA LEU D 472 -20.83 6.91 36.61
C LEU D 472 -22.16 6.50 35.97
N ILE D 473 -22.27 6.66 34.64
CA ILE D 473 -23.48 6.23 33.95
C ILE D 473 -23.58 4.71 33.96
N GLU D 474 -22.47 4.00 33.75
CA GLU D 474 -22.46 2.55 33.84
C GLU D 474 -22.64 2.05 35.26
N ASN D 475 -22.40 2.90 36.27
CA ASN D 475 -22.58 2.52 37.67
C ASN D 475 -23.84 3.11 38.28
N GLY D 476 -24.93 3.22 37.51
CA GLY D 476 -26.25 3.42 38.05
C GLY D 476 -26.80 4.83 37.93
N VAL D 477 -25.97 5.84 37.67
CA VAL D 477 -26.48 7.21 37.56
C VAL D 477 -27.19 7.38 36.23
N SER D 478 -28.42 7.85 36.28
CA SER D 478 -29.24 8.03 35.10
C SER D 478 -29.41 9.53 34.82
N MET D 479 -29.40 9.87 33.53
CA MET D 479 -29.46 11.29 33.15
C MET D 479 -30.84 11.88 33.38
N HIS D 480 -31.89 11.07 33.29
CA HIS D 480 -33.25 11.59 33.41
C HIS D 480 -33.55 12.02 34.83
N ARG D 481 -33.09 11.25 35.82
CA ARG D 481 -33.29 11.62 37.21
C ARG D 481 -32.28 12.65 37.71
N PHE D 482 -31.21 12.91 36.95
CA PHE D 482 -30.18 13.83 37.41
C PHE D 482 -30.38 15.24 36.87
N LEU D 483 -30.50 15.39 35.55
CA LEU D 483 -30.46 16.70 34.93
C LEU D 483 -31.72 17.49 35.22
N THR D 484 -31.57 18.62 35.89
CA THR D 484 -32.65 19.55 36.17
C THR D 484 -32.35 20.87 35.49
N ILE D 485 -33.25 21.84 35.69
CA ILE D 485 -33.05 23.17 35.13
C ILE D 485 -31.93 23.89 35.85
N SER D 486 -31.90 23.80 37.18
CA SER D 486 -30.87 24.47 37.97
C SER D 486 -29.50 23.86 37.75
N ARG D 487 -29.43 22.53 37.63
CA ARG D 487 -28.16 21.88 37.35
C ARG D 487 -27.64 22.23 35.96
N LEU D 488 -28.55 22.33 34.98
CA LEU D 488 -28.14 22.72 33.64
C LEU D 488 -27.69 24.18 33.61
N GLU D 489 -28.33 25.04 34.40
CA GLU D 489 -27.91 26.43 34.49
C GLU D 489 -26.54 26.55 35.16
N GLU D 490 -26.29 25.70 36.17
CA GLU D 490 -24.97 25.66 36.79
C GLU D 490 -23.92 25.13 35.83
N LEU D 491 -24.29 24.18 34.97
CA LEU D 491 -23.38 23.70 33.95
C LEU D 491 -23.07 24.79 32.93
N TYR D 492 -24.07 25.60 32.59
CA TYR D 492 -23.88 26.70 31.66
C TYR D 492 -23.14 27.88 32.29
N ASN D 493 -22.96 27.88 33.60
CA ASN D 493 -22.25 28.96 34.27
C ASN D 493 -20.96 28.49 34.91
N THR D 494 -20.46 27.31 34.52
CA THR D 494 -19.23 26.81 35.09
C THR D 494 -18.02 27.58 34.52
N ARG D 495 -16.90 27.47 35.22
CA ARG D 495 -15.67 28.14 34.84
C ARG D 495 -14.49 27.20 34.70
N HIS D 496 -14.62 25.94 35.12
CA HIS D 496 -13.55 24.96 34.97
C HIS D 496 -13.54 24.45 33.53
N GLY D 497 -12.64 23.51 33.27
CA GLY D 497 -12.54 22.90 31.96
C GLY D 497 -11.94 23.85 30.93
N PRO D 498 -12.08 23.50 29.65
CA PRO D 498 -11.46 24.33 28.60
C PRO D 498 -12.21 25.63 28.39
N SER D 499 -11.60 26.50 27.59
CA SER D 499 -12.16 27.80 27.28
C SER D 499 -13.28 27.66 26.26
N ASN D 500 -14.06 28.73 26.13
CA ASN D 500 -15.21 28.73 25.23
C ASN D 500 -15.52 30.15 24.79
N THR D 501 -16.32 30.26 23.73
CA THR D 501 -16.75 31.55 23.21
C THR D 501 -18.22 31.81 23.51
N LEU D 502 -18.77 31.17 24.53
CA LEU D 502 -20.19 31.34 24.85
C LEU D 502 -20.49 32.72 25.42
N TYR D 503 -19.55 33.29 26.18
CA TYR D 503 -19.78 34.58 26.80
C TYR D 503 -19.86 35.70 25.76
N HIS D 504 -19.08 35.58 24.68
CA HIS D 504 -19.19 36.53 23.57
C HIS D 504 -20.55 36.45 22.91
N LEU D 505 -21.07 35.23 22.72
CA LEU D 505 -22.39 35.04 22.12
C LEU D 505 -23.50 35.60 23.00
N VAL D 506 -23.40 35.38 24.31
CA VAL D 506 -24.38 35.90 25.24
C VAL D 506 -24.34 37.43 25.26
N ARG D 507 -23.13 38.01 25.21
CA ARG D 507 -22.98 39.46 25.15
C ARG D 507 -23.57 40.03 23.86
N ASP D 508 -23.35 39.34 22.73
CA ASP D 508 -23.87 39.82 21.45
C ASP D 508 -25.39 39.74 21.40
N VAL D 509 -25.99 38.65 21.89
CA VAL D 509 -27.45 38.56 21.84
C VAL D 509 -28.08 39.47 22.88
N LYS D 510 -27.38 39.78 23.97
CA LYS D 510 -27.89 40.77 24.92
C LYS D 510 -27.79 42.17 24.35
N LYS D 511 -26.75 42.45 23.56
CA LYS D 511 -26.65 43.75 22.90
C LYS D 511 -27.70 43.89 21.80
N ARG D 512 -27.98 42.81 21.08
CA ARG D 512 -29.00 42.86 20.03
C ARG D 512 -30.41 42.95 20.61
N GLU D 513 -30.65 42.25 21.73
CA GLU D 513 -31.99 42.26 22.33
C GLU D 513 -32.28 43.58 23.02
N TYR D 514 -31.32 44.12 23.76
CA TYR D 514 -31.48 45.36 24.51
C TYR D 514 -30.35 46.31 24.16
N PRO D 515 -30.48 47.06 23.05
CA PRO D 515 -29.43 48.01 22.64
C PRO D 515 -29.33 49.22 23.57
N LYS D 523 -26.34 48.33 29.66
CA LYS D 523 -26.32 47.39 28.54
C LYS D 523 -24.90 47.22 28.01
N GLY D 524 -24.79 46.68 26.79
CA GLY D 524 -23.50 46.45 26.18
C GLY D 524 -22.76 45.28 26.79
N ASN D 525 -21.65 45.55 27.48
CA ASN D 525 -20.89 44.49 28.12
C ASN D 525 -21.63 43.95 29.34
N LEU D 526 -21.58 42.63 29.50
CA LEU D 526 -22.21 42.00 30.65
C LEU D 526 -21.42 42.28 31.92
N PRO D 527 -22.08 42.29 33.09
CA PRO D 527 -21.35 42.34 34.34
C PRO D 527 -20.54 41.08 34.54
N PRO D 528 -19.42 41.15 35.27
CA PRO D 528 -18.65 39.94 35.56
C PRO D 528 -19.39 38.91 36.39
N ASP D 529 -20.25 39.34 37.30
CA ASP D 529 -21.05 38.43 38.12
C ASP D 529 -22.43 38.19 37.51
N TYR D 530 -22.44 37.81 36.24
CA TYR D 530 -23.68 37.57 35.51
C TYR D 530 -23.96 36.08 35.45
N ARG D 531 -25.14 35.69 35.91
CA ARG D 531 -25.60 34.31 35.81
C ARG D 531 -26.37 34.17 34.50
N ILE D 532 -25.83 33.37 33.58
CA ILE D 532 -26.44 33.20 32.26
C ILE D 532 -27.65 32.29 32.41
N SER D 533 -28.84 32.85 32.17
CA SER D 533 -30.05 32.06 32.25
C SER D 533 -30.20 31.19 31.00
N LEU D 534 -31.11 30.22 31.09
CA LEU D 534 -31.37 29.34 29.96
C LEU D 534 -32.06 30.07 28.83
N ILE D 535 -32.75 31.17 29.13
CA ILE D 535 -33.41 31.97 28.10
C ILE D 535 -32.38 32.64 27.21
N ASP D 536 -31.28 33.11 27.79
CA ASP D 536 -30.20 33.69 27.00
C ASP D 536 -29.53 32.64 26.13
N ILE D 537 -29.42 31.42 26.65
CA ILE D 537 -28.89 30.30 25.87
C ILE D 537 -29.83 29.99 24.70
N GLY D 538 -31.14 30.06 24.93
CA GLY D 538 -32.10 29.88 23.85
C GLY D 538 -32.01 30.96 22.79
N LEU D 539 -31.76 32.20 23.21
CA LEU D 539 -31.53 33.27 22.24
C LEU D 539 -30.27 33.05 21.44
N VAL D 540 -29.22 32.50 22.09
CA VAL D 540 -27.99 32.16 21.39
C VAL D 540 -28.24 31.08 20.35
N ILE D 541 -29.02 30.05 20.70
CA ILE D 541 -29.33 28.98 19.74
C ILE D 541 -30.20 29.49 18.60
N GLU D 542 -31.15 30.39 18.90
CA GLU D 542 -31.97 31.00 17.85
C GLU D 542 -31.14 31.85 16.90
N TYR D 543 -30.14 32.57 17.43
CA TYR D 543 -29.28 33.39 16.59
C TYR D 543 -28.35 32.53 15.73
N LEU D 544 -27.77 31.49 16.32
CA LEU D 544 -26.80 30.68 15.59
C LEU D 544 -27.48 29.78 14.56
N MET D 545 -28.65 29.25 14.92
CA MET D 545 -29.38 28.34 13.99
C MET D 545 -29.82 29.14 12.76
N GLY D 546 -30.33 30.36 12.96
CA GLY D 546 -30.74 31.18 11.84
C GLY D 546 -32.11 30.79 11.31
N GLY D 547 -32.59 31.60 10.36
CA GLY D 547 -33.87 31.34 9.74
C GLY D 547 -35.02 31.57 10.70
N ALA D 548 -36.01 30.69 10.63
CA ALA D 548 -37.17 30.74 11.50
C ALA D 548 -37.07 29.75 12.65
N TYR D 549 -35.86 29.47 13.12
CA TYR D 549 -35.68 28.54 14.22
C TYR D 549 -36.15 29.16 15.52
N ARG D 550 -36.79 28.34 16.35
CA ARG D 550 -37.30 28.76 17.65
C ARG D 550 -36.94 27.71 18.67
N CYS D 551 -35.97 28.01 19.53
CA CYS D 551 -35.54 27.07 20.55
C CYS D 551 -36.64 26.88 21.59
N ASN D 552 -36.64 25.70 22.21
CA ASN D 552 -37.65 25.39 23.23
C ASN D 552 -37.50 26.23 24.48
N TYR D 553 -36.31 26.81 24.71
CA TYR D 553 -36.12 27.67 25.87
C TYR D 553 -36.93 28.95 25.77
N THR D 554 -37.01 29.53 24.58
CA THR D 554 -37.67 30.82 24.38
C THR D 554 -39.17 30.71 24.22
N ARG D 555 -39.73 29.50 24.17
CA ARG D 555 -41.17 29.36 24.05
C ARG D 555 -41.85 29.72 25.37
N LYS D 556 -43.16 29.98 25.29
CA LYS D 556 -43.89 30.53 26.44
C LYS D 556 -44.02 29.52 27.57
N ARG D 557 -44.05 28.22 27.25
CA ARG D 557 -44.12 27.19 28.30
C ARG D 557 -42.86 27.20 29.15
N PHE D 558 -41.69 27.31 28.51
CA PHE D 558 -40.44 27.30 29.27
C PHE D 558 -40.24 28.60 30.05
N ARG D 559 -40.67 29.73 29.49
CA ARG D 559 -40.57 30.98 30.22
C ARG D 559 -41.53 31.02 31.40
N THR D 560 -42.70 30.41 31.25
CA THR D 560 -43.64 30.29 32.37
C THR D 560 -43.08 29.38 33.45
N LEU D 561 -42.45 28.27 33.06
CA LEU D 561 -41.81 27.39 34.03
C LEU D 561 -40.60 28.05 34.68
N TYR D 562 -39.89 28.92 33.96
CA TYR D 562 -38.75 29.62 34.53
C TYR D 562 -39.19 30.68 35.53
N HIS D 563 -40.27 31.41 35.23
CA HIS D 563 -40.75 32.42 36.15
C HIS D 563 -41.39 31.80 37.40
N ASN D 564 -42.01 30.64 37.25
CA ASN D 564 -42.70 29.99 38.36
C ASN D 564 -41.79 29.12 39.22
N LEU D 565 -40.51 28.99 38.85
CA LEU D 565 -39.59 28.17 39.62
C LEU D 565 -38.26 28.86 39.90
N PHE D 566 -38.07 30.09 39.44
CA PHE D 566 -36.82 30.80 39.67
C PHE D 566 -37.06 32.31 39.68
N GLU D 607 -41.71 16.09 38.68
CA GLU D 607 -40.86 15.86 37.52
C GLU D 607 -41.07 16.93 36.46
N ILE D 608 -41.62 18.07 36.89
CA ILE D 608 -41.86 19.18 35.97
C ILE D 608 -40.54 19.82 35.55
N ASN D 609 -39.59 19.92 36.47
CA ASN D 609 -38.31 20.55 36.19
C ASN D 609 -37.32 19.61 35.51
N HIS D 610 -37.66 18.33 35.34
CA HIS D 610 -36.78 17.41 34.66
C HIS D 610 -37.00 17.49 33.15
N PHE D 611 -35.93 17.24 32.40
CA PHE D 611 -36.00 17.29 30.95
C PHE D 611 -36.43 15.93 30.40
N PRO D 612 -37.37 15.89 29.45
CA PRO D 612 -37.76 14.60 28.85
C PRO D 612 -36.66 13.99 28.01
N PHE D 613 -35.83 14.82 27.37
CA PHE D 613 -34.72 14.34 26.55
C PHE D 613 -33.46 15.05 27.03
N PRO D 614 -32.87 14.59 28.14
CA PRO D 614 -31.74 15.33 28.74
C PRO D 614 -30.48 15.30 27.89
N PHE D 615 -30.31 14.27 27.05
CA PHE D 615 -29.13 14.19 26.21
C PHE D 615 -29.16 15.23 25.10
N HIS D 616 -30.34 15.72 24.72
CA HIS D 616 -30.44 16.84 23.78
C HIS D 616 -29.82 18.09 24.37
N GLU D 617 -30.20 18.43 25.60
CA GLU D 617 -29.68 19.59 26.28
C GLU D 617 -28.19 19.45 26.56
N LEU D 618 -27.75 18.25 26.93
CA LEU D 618 -26.34 18.01 27.17
C LEU D 618 -25.52 18.09 25.90
N MET D 619 -26.08 17.62 24.77
CA MET D 619 -25.44 17.78 23.47
C MET D 619 -25.28 19.24 23.09
N VAL D 620 -26.34 20.04 23.26
CA VAL D 620 -26.28 21.46 22.93
C VAL D 620 -25.28 22.19 23.82
N TRP D 621 -25.28 21.87 25.12
CA TRP D 621 -24.35 22.50 26.06
C TRP D 621 -22.91 22.09 25.80
N ALA D 622 -22.68 20.84 25.40
CA ALA D 622 -21.33 20.41 25.07
C ALA D 622 -20.84 21.03 23.78
N VAL D 623 -21.73 21.24 22.81
CA VAL D 623 -21.33 21.89 21.56
C VAL D 623 -21.03 23.36 21.80
N LEU D 624 -21.83 24.03 22.65
CA LEU D 624 -21.68 25.48 22.87
C LEU D 624 -20.36 25.83 23.55
N MET D 625 -19.96 25.06 24.56
CA MET D 625 -18.68 25.30 25.21
C MET D 625 -17.53 24.47 24.66
N LYS D 626 -17.64 23.98 23.42
CA LYS D 626 -16.51 23.49 22.63
C LYS D 626 -15.83 22.27 23.26
N ARG D 627 -16.62 21.42 23.91
CA ARG D 627 -16.13 20.18 24.52
C ARG D 627 -16.48 19.07 23.55
N GLN D 628 -15.54 18.74 22.66
CA GLN D 628 -15.86 17.88 21.53
C GLN D 628 -16.05 16.43 21.95
N LYS D 629 -15.20 15.91 22.83
CA LYS D 629 -15.29 14.50 23.21
C LYS D 629 -16.55 14.23 24.01
N MET D 630 -16.94 15.17 24.86
CA MET D 630 -18.20 15.04 25.61
C MET D 630 -19.41 15.16 24.68
N ALA D 631 -19.29 15.99 23.64
CA ALA D 631 -20.36 16.07 22.65
C ALA D 631 -20.49 14.77 21.86
N LEU D 632 -19.36 14.15 21.50
CA LEU D 632 -19.42 12.87 20.79
C LEU D 632 -19.93 11.75 21.69
N PHE D 633 -19.66 11.83 22.99
CA PHE D 633 -20.25 10.87 23.91
C PHE D 633 -21.75 11.06 24.02
N PHE D 634 -22.20 12.32 24.13
CA PHE D 634 -23.63 12.59 24.27
C PHE D 634 -24.38 12.36 22.96
N TRP D 635 -23.69 12.32 21.83
CA TRP D 635 -24.36 11.98 20.58
C TRP D 635 -24.77 10.52 20.57
N GLN D 636 -23.98 9.65 21.19
CA GLN D 636 -24.24 8.23 21.16
C GLN D 636 -25.45 7.86 22.00
N HIS D 637 -25.63 8.51 23.13
CA HIS D 637 -26.67 8.15 24.08
C HIS D 637 -27.87 9.06 23.86
N GLY D 638 -29.04 8.45 23.76
CA GLY D 638 -30.27 9.18 23.52
C GLY D 638 -30.79 8.96 22.11
N GLU D 639 -32.01 9.43 21.90
CA GLU D 639 -32.68 9.31 20.61
C GLU D 639 -32.50 10.58 19.79
N GLU D 640 -33.01 10.52 18.55
CA GLU D 640 -32.91 11.58 17.54
C GLU D 640 -31.45 11.93 17.27
N ALA D 641 -30.69 10.91 16.89
CA ALA D 641 -29.24 11.07 16.74
C ALA D 641 -28.89 11.89 15.51
N MET D 642 -29.57 11.65 14.38
CA MET D 642 -29.22 12.36 13.16
C MET D 642 -29.60 13.83 13.24
N ALA D 643 -30.73 14.13 13.89
CA ALA D 643 -31.10 15.52 14.12
C ALA D 643 -30.09 16.21 15.03
N LYS D 644 -29.61 15.51 16.06
CA LYS D 644 -28.59 16.06 16.94
C LYS D 644 -27.29 16.31 16.19
N ALA D 645 -26.91 15.41 15.29
CA ALA D 645 -25.69 15.56 14.52
C ALA D 645 -25.78 16.75 13.56
N LEU D 646 -26.92 16.91 12.89
CA LEU D 646 -27.06 18.02 11.96
C LEU D 646 -27.17 19.37 12.68
N VAL D 647 -27.85 19.39 13.83
CA VAL D 647 -27.93 20.61 14.64
C VAL D 647 -26.55 20.97 15.16
N ALA D 648 -25.76 19.98 15.59
CA ALA D 648 -24.42 20.25 16.07
C ALA D 648 -23.50 20.73 14.95
N CYS D 649 -23.69 20.20 13.74
CA CYS D 649 -22.91 20.65 12.58
C CYS D 649 -23.21 22.10 12.26
N LYS D 650 -24.49 22.48 12.23
CA LYS D 650 -24.84 23.86 11.94
C LYS D 650 -24.40 24.81 13.06
N LEU D 651 -24.52 24.37 14.33
CA LEU D 651 -24.09 25.20 15.45
C LEU D 651 -22.58 25.41 15.43
N CYS D 652 -21.81 24.37 15.13
CA CYS D 652 -20.36 24.52 15.08
C CYS D 652 -19.93 25.39 13.92
N LYS D 653 -20.60 25.27 12.77
CA LYS D 653 -20.29 26.14 11.64
C LYS D 653 -20.63 27.61 11.94
N ALA D 654 -21.77 27.84 12.58
CA ALA D 654 -22.17 29.20 12.92
C ALA D 654 -21.25 29.81 13.98
N MET D 655 -20.82 29.02 14.95
CA MET D 655 -19.88 29.52 15.95
C MET D 655 -18.50 29.77 15.35
N ALA D 656 -18.10 28.96 14.37
CA ALA D 656 -16.85 29.23 13.64
C ALA D 656 -16.95 30.53 12.86
N HIS D 657 -18.08 30.78 12.20
CA HIS D 657 -18.25 32.02 11.46
C HIS D 657 -18.30 33.23 12.38
N GLU D 658 -18.94 33.10 13.55
CA GLU D 658 -18.97 34.20 14.50
C GLU D 658 -17.61 34.45 15.12
N ALA D 659 -16.83 33.39 15.35
CA ALA D 659 -15.49 33.56 15.90
C ALA D 659 -14.56 34.20 14.88
N SER D 660 -14.73 33.88 13.60
CA SER D 660 -13.95 34.56 12.56
C SER D 660 -14.40 36.00 12.38
N GLU D 661 -15.69 36.29 12.58
CA GLU D 661 -16.19 37.64 12.38
C GLU D 661 -15.80 38.58 13.53
N ASN D 662 -15.65 38.05 14.74
CA ASN D 662 -15.35 38.87 15.91
C ASN D 662 -13.86 39.03 16.14
N ASP D 663 -13.02 38.61 15.18
CA ASP D 663 -11.56 38.73 15.22
C ASP D 663 -10.95 38.02 16.42
N MET D 664 -11.47 36.84 16.73
CA MET D 664 -10.96 36.02 17.81
C MET D 664 -9.73 35.24 17.33
N VAL D 665 -9.31 34.25 18.13
CA VAL D 665 -8.20 33.40 17.72
C VAL D 665 -8.63 32.49 16.58
N ASP D 666 -7.80 32.42 15.54
CA ASP D 666 -8.16 31.66 14.34
C ASP D 666 -8.13 30.16 14.59
N ASP D 667 -7.35 29.71 15.58
CA ASP D 667 -7.34 28.29 15.93
C ASP D 667 -8.68 27.83 16.50
N ILE D 668 -9.39 28.73 17.18
CA ILE D 668 -10.75 28.43 17.64
C ILE D 668 -11.68 28.21 16.45
N SER D 669 -11.56 29.04 15.42
CA SER D 669 -12.40 28.89 14.23
C SER D 669 -12.06 27.63 13.47
N GLN D 670 -10.77 27.28 13.37
CA GLN D 670 -10.38 26.04 12.71
C GLN D 670 -10.88 24.81 13.47
N GLU D 671 -10.78 24.82 14.80
CA GLU D 671 -11.25 23.68 15.57
C GLU D 671 -12.77 23.57 15.53
N LEU D 672 -13.48 24.69 15.49
CA LEU D 672 -14.93 24.65 15.35
C LEU D 672 -15.35 24.13 13.98
N ASN D 673 -14.60 24.50 12.93
CA ASN D 673 -14.87 23.94 11.60
C ASN D 673 -14.57 22.45 11.55
N HIS D 674 -13.54 22.02 12.28
N HIS D 674 -13.53 22.01 12.27
CA HIS D 674 -13.23 20.59 12.36
CA HIS D 674 -13.24 20.57 12.36
C HIS D 674 -14.33 19.83 13.09
C HIS D 674 -14.34 19.82 13.08
N ASN D 675 -14.89 20.42 14.15
CA ASN D 675 -16.00 19.82 14.87
C ASN D 675 -17.24 19.73 13.99
N SER D 676 -17.49 20.78 13.21
CA SER D 676 -18.61 20.78 12.26
C SER D 676 -18.44 19.69 11.21
N ARG D 677 -17.23 19.51 10.69
CA ARG D 677 -17.00 18.47 9.70
C ARG D 677 -17.11 17.07 10.32
N ASP D 678 -16.68 16.90 11.56
CA ASP D 678 -16.83 15.62 12.23
C ASP D 678 -18.29 15.27 12.45
N PHE D 679 -19.11 16.25 12.87
CA PHE D 679 -20.53 15.98 13.04
C PHE D 679 -21.24 15.74 11.71
N GLY D 680 -20.82 16.42 10.66
CA GLY D 680 -21.37 16.14 9.34
C GLY D 680 -21.02 14.76 8.84
N GLN D 681 -19.80 14.32 9.09
CA GLN D 681 -19.40 12.96 8.71
C GLN D 681 -20.16 11.92 9.52
N LEU D 682 -20.45 12.23 10.79
CA LEU D 682 -21.26 11.33 11.61
C LEU D 682 -22.69 11.20 11.06
N ALA D 683 -23.28 12.34 10.66
CA ALA D 683 -24.61 12.30 10.08
C ALA D 683 -24.64 11.54 8.75
N VAL D 684 -23.60 11.70 7.94
CA VAL D 684 -23.51 10.98 6.67
C VAL D 684 -23.38 9.48 6.90
N GLU D 685 -22.55 9.07 7.88
CA GLU D 685 -22.38 7.64 8.15
C GLU D 685 -23.64 7.04 8.76
N LEU D 686 -24.35 7.79 9.59
CA LEU D 686 -25.63 7.32 10.10
C LEU D 686 -26.66 7.17 8.99
N LEU D 687 -26.64 8.07 8.01
CA LEU D 687 -27.51 7.93 6.85
C LEU D 687 -27.14 6.71 6.02
N ASP D 688 -25.83 6.42 5.91
CA ASP D 688 -25.38 5.21 5.22
C ASP D 688 -25.90 3.95 5.90
N GLN D 689 -25.82 3.91 7.23
CA GLN D 689 -26.29 2.76 7.97
C GLN D 689 -27.81 2.59 7.85
N SER D 690 -28.55 3.70 7.93
CA SER D 690 -30.00 3.64 7.80
C SER D 690 -30.43 3.23 6.40
N TYR D 691 -29.70 3.68 5.38
CA TYR D 691 -29.99 3.25 4.01
C TYR D 691 -29.66 1.77 3.82
N LYS D 692 -28.61 1.29 4.48
CA LYS D 692 -28.25 -0.12 4.36
C LYS D 692 -29.28 -1.03 5.04
N GLN D 693 -29.84 -0.58 6.17
CA GLN D 693 -30.77 -1.45 6.88
C GLN D 693 -32.14 -1.48 6.20
N ASP D 694 -32.82 -0.33 6.15
CA ASP D 694 -34.18 -0.28 5.62
C ASP D 694 -34.37 1.05 4.91
N GLU D 695 -34.78 1.00 3.63
CA GLU D 695 -34.92 2.22 2.86
C GLU D 695 -36.09 3.08 3.34
N GLN D 696 -37.27 2.47 3.51
CA GLN D 696 -38.47 3.23 3.83
C GLN D 696 -38.40 3.84 5.22
N LEU D 697 -37.82 3.11 6.18
CA LEU D 697 -37.61 3.68 7.50
C LEU D 697 -36.56 4.77 7.49
N ALA D 698 -35.62 4.71 6.55
CA ALA D 698 -34.68 5.81 6.39
C ALA D 698 -35.37 7.05 5.84
N MET D 699 -36.33 6.89 4.92
CA MET D 699 -37.11 8.04 4.45
C MET D 699 -37.92 8.64 5.59
N LYS D 700 -38.54 7.76 6.39
CA LYS D 700 -39.33 8.22 7.53
C LYS D 700 -38.48 8.90 8.57
N LEU D 701 -37.23 8.46 8.74
CA LEU D 701 -36.28 9.17 9.59
C LEU D 701 -35.93 10.52 9.02
N LEU D 702 -35.77 10.61 7.69
CA LEU D 702 -35.38 11.87 7.08
C LEU D 702 -36.49 12.90 7.04
N THR D 703 -37.76 12.48 7.05
CA THR D 703 -38.82 13.44 6.80
C THR D 703 -39.67 13.80 8.02
N TYR D 704 -39.62 13.02 9.10
CA TYR D 704 -40.56 13.23 10.19
C TYR D 704 -40.26 14.51 10.94
N GLU D 705 -41.33 15.15 11.43
CA GLU D 705 -41.20 16.44 12.08
C GLU D 705 -40.55 16.28 13.46
N LEU D 706 -39.51 17.07 13.71
CA LEU D 706 -38.76 17.02 14.95
C LEU D 706 -39.33 18.06 15.90
N LYS D 707 -40.18 17.60 16.84
CA LYS D 707 -40.85 18.51 17.76
C LYS D 707 -39.88 19.19 18.71
N ASN D 708 -38.74 18.56 18.98
CA ASN D 708 -37.73 19.10 19.88
C ASN D 708 -36.75 20.02 19.18
N TRP D 709 -36.88 20.21 17.87
CA TRP D 709 -35.97 21.03 17.09
C TRP D 709 -36.75 22.01 16.23
N SER D 710 -37.72 22.69 16.85
CA SER D 710 -38.53 23.76 16.25
C SER D 710 -39.35 23.28 15.05
N ASN D 711 -39.90 22.07 15.16
CA ASN D 711 -40.79 21.45 14.16
C ASN D 711 -40.13 21.34 12.79
N ALA D 712 -38.82 21.14 12.78
CA ALA D 712 -38.07 21.11 11.53
C ALA D 712 -38.03 19.69 10.98
N THR D 713 -37.16 19.47 10.00
CA THR D 713 -37.01 18.20 9.32
C THR D 713 -35.52 17.97 9.22
N CYS D 714 -35.10 16.70 9.21
CA CYS D 714 -33.68 16.38 9.06
C CYS D 714 -33.13 16.86 7.72
N LEU D 715 -33.95 16.80 6.68
CA LEU D 715 -33.56 17.34 5.38
C LEU D 715 -33.39 18.85 5.43
N GLN D 716 -34.30 19.55 6.11
CA GLN D 716 -34.20 21.00 6.23
C GLN D 716 -32.98 21.39 7.06
N LEU D 717 -32.66 20.61 8.08
CA LEU D 717 -31.50 20.89 8.91
C LEU D 717 -30.21 20.65 8.15
N ALA D 718 -30.19 19.63 7.28
CA ALA D 718 -29.02 19.38 6.46
C ALA D 718 -28.84 20.45 5.40
N VAL D 719 -29.94 20.93 4.82
CA VAL D 719 -29.85 21.98 3.80
C VAL D 719 -29.45 23.30 4.43
N ALA D 720 -29.99 23.62 5.61
CA ALA D 720 -29.63 24.84 6.33
C ALA D 720 -28.19 24.85 6.78
N ALA D 721 -27.54 23.69 6.86
CA ALA D 721 -26.14 23.60 7.23
C ALA D 721 -25.23 23.47 6.01
N LYS D 722 -25.78 23.65 4.80
CA LYS D 722 -25.10 23.47 3.52
C LYS D 722 -24.37 22.15 3.40
N HIS D 723 -24.93 21.10 3.98
CA HIS D 723 -24.30 19.79 3.99
C HIS D 723 -24.49 19.17 2.62
N ARG D 724 -23.47 19.29 1.77
CA ARG D 724 -23.58 18.83 0.40
C ARG D 724 -23.56 17.31 0.31
N ASP D 725 -22.77 16.65 1.16
CA ASP D 725 -22.67 15.20 1.08
C ASP D 725 -23.91 14.49 1.62
N PHE D 726 -24.68 15.14 2.48
CA PHE D 726 -25.90 14.54 2.99
C PHE D 726 -26.98 14.47 1.92
N ILE D 727 -27.19 15.57 1.20
CA ILE D 727 -28.24 15.60 0.19
C ILE D 727 -27.83 14.82 -1.05
N ALA D 728 -26.53 14.78 -1.35
CA ALA D 728 -26.06 14.03 -2.50
C ALA D 728 -26.02 12.54 -2.26
N HIS D 729 -26.28 12.09 -1.04
CA HIS D 729 -26.41 10.67 -0.75
C HIS D 729 -27.65 10.11 -1.45
N THR D 730 -27.59 8.81 -1.78
CA THR D 730 -28.61 8.17 -2.60
C THR D 730 -29.98 8.14 -1.94
N CYS D 731 -30.02 8.00 -0.61
CA CYS D 731 -31.29 8.01 0.10
C CYS D 731 -31.98 9.36 0.02
N SER D 732 -31.23 10.44 0.22
CA SER D 732 -31.80 11.78 0.09
C SER D 732 -32.19 12.11 -1.34
N GLN D 733 -31.40 11.63 -2.30
CA GLN D 733 -31.71 11.85 -3.71
C GLN D 733 -33.00 11.16 -4.12
N MET D 734 -33.18 9.89 -3.73
CA MET D 734 -34.41 9.22 -4.13
C MET D 734 -35.59 9.66 -3.28
N LEU D 735 -35.33 10.18 -2.06
CA LEU D 735 -36.37 10.86 -1.31
C LEU D 735 -36.83 12.14 -2.00
N LEU D 736 -35.88 12.91 -2.53
CA LEU D 736 -36.22 14.11 -3.29
C LEU D 736 -36.92 13.77 -4.59
N THR D 737 -36.58 12.63 -5.18
CA THR D 737 -37.31 12.13 -6.35
C THR D 737 -38.75 11.79 -5.99
N ASP D 738 -38.96 11.17 -4.82
CA ASP D 738 -40.32 10.87 -4.38
C ASP D 738 -41.10 12.15 -4.05
N MET D 739 -40.43 13.17 -3.52
CA MET D 739 -41.06 14.46 -3.32
C MET D 739 -41.37 15.14 -4.65
N TRP D 740 -40.57 14.87 -5.67
CA TRP D 740 -40.72 15.50 -6.98
C TRP D 740 -41.98 15.04 -7.69
N MET D 741 -42.30 13.75 -7.63
CA MET D 741 -43.46 13.24 -8.33
C MET D 741 -44.77 13.56 -7.65
N GLY D 742 -44.75 13.99 -6.39
CA GLY D 742 -46.00 14.29 -5.72
C GLY D 742 -46.77 13.04 -5.39
N ARG D 743 -48.08 13.07 -5.64
CA ARG D 743 -48.95 11.92 -5.41
C ARG D 743 -49.14 11.12 -6.70
N LEU D 744 -48.03 10.66 -7.27
CA LEU D 744 -48.04 9.91 -8.51
C LEU D 744 -47.05 8.77 -8.43
N ARG D 745 -47.47 7.57 -8.83
CA ARG D 745 -46.53 6.45 -8.82
C ARG D 745 -45.59 6.57 -10.02
N MET D 746 -46.14 6.39 -11.22
CA MET D 746 -45.54 6.66 -12.53
C MET D 746 -44.17 6.02 -12.67
N ARG D 747 -43.12 6.84 -12.58
CA ARG D 747 -41.72 6.42 -12.45
C ARG D 747 -41.23 5.57 -13.63
N LYS D 748 -41.79 5.81 -14.82
CA LYS D 748 -41.39 5.05 -16.00
C LYS D 748 -41.64 5.94 -17.21
N ASN D 749 -40.57 6.23 -17.96
CA ASN D 749 -40.56 7.13 -19.12
C ASN D 749 -41.05 8.53 -18.70
N SER D 750 -40.25 9.17 -17.87
CA SER D 750 -40.62 10.45 -17.27
C SER D 750 -40.60 11.57 -18.30
N GLY D 751 -41.34 12.64 -17.97
CA GLY D 751 -41.44 13.77 -18.86
C GLY D 751 -42.59 13.64 -19.84
N LEU D 752 -42.59 12.55 -20.62
CA LEU D 752 -43.58 12.39 -21.68
C LEU D 752 -44.98 12.17 -21.12
N LYS D 753 -45.10 11.42 -20.03
CA LYS D 753 -46.43 11.17 -19.46
C LYS D 753 -47.03 12.43 -18.85
N VAL D 754 -46.21 13.23 -18.14
CA VAL D 754 -46.75 14.46 -17.57
C VAL D 754 -46.99 15.51 -18.66
N ILE D 755 -46.23 15.47 -19.76
CA ILE D 755 -46.51 16.37 -20.88
C ILE D 755 -47.82 15.97 -21.57
N LEU D 756 -48.07 14.66 -21.72
CA LEU D 756 -49.35 14.19 -22.24
C LEU D 756 -50.50 14.56 -21.30
N GLY D 757 -50.25 14.50 -19.99
CA GLY D 757 -51.26 14.96 -19.04
C GLY D 757 -51.57 16.43 -19.16
N ILE D 758 -50.54 17.26 -19.35
CA ILE D 758 -50.75 18.70 -19.46
C ILE D 758 -51.46 19.04 -20.76
N LEU D 759 -51.02 18.48 -21.88
CA LEU D 759 -51.55 18.85 -23.19
C LEU D 759 -52.92 18.23 -23.45
N LEU D 760 -53.07 16.93 -23.15
CA LEU D 760 -54.33 16.19 -23.31
C LEU D 760 -54.81 15.75 -21.93
N PRO D 761 -55.66 16.52 -21.27
CA PRO D 761 -56.08 16.23 -19.87
C PRO D 761 -56.82 14.91 -19.66
N PRO D 762 -57.51 14.30 -20.65
CA PRO D 762 -57.99 12.92 -20.42
C PRO D 762 -56.92 11.86 -20.19
N SER D 763 -55.66 12.13 -20.52
CA SER D 763 -54.59 11.18 -20.23
C SER D 763 -54.29 11.06 -18.74
N ILE D 764 -54.72 12.04 -17.93
CA ILE D 764 -54.48 12.02 -16.49
C ILE D 764 -55.21 10.85 -15.83
N LEU D 765 -56.40 10.52 -16.31
CA LEU D 765 -57.21 9.46 -15.71
C LEU D 765 -56.58 8.08 -15.86
N SER D 766 -55.77 7.87 -16.88
CA SER D 766 -55.10 6.60 -17.06
C SER D 766 -53.79 6.48 -16.28
N LEU D 767 -53.38 7.54 -15.59
CA LEU D 767 -52.12 7.52 -14.85
C LEU D 767 -52.29 6.84 -13.51
N GLU D 768 -51.31 6.02 -13.13
CA GLU D 768 -51.34 5.30 -11.86
C GLU D 768 -50.99 6.25 -10.71
N PHE D 769 -51.97 6.57 -9.87
CA PHE D 769 -51.76 7.47 -8.76
C PHE D 769 -51.34 6.70 -7.51
N LYS D 770 -50.72 7.40 -6.58
CA LYS D 770 -50.25 6.80 -5.34
C LYS D 770 -51.39 6.66 -4.35
N ASN D 771 -51.12 5.93 -3.27
CA ASN D 771 -52.12 5.67 -2.25
C ASN D 771 -52.38 6.94 -1.43
N LYS D 772 -53.46 6.89 -0.63
CA LYS D 772 -53.83 8.04 0.18
C LYS D 772 -52.85 8.28 1.32
N ASP D 773 -52.22 7.22 1.83
CA ASP D 773 -51.28 7.34 2.95
C ASP D 773 -50.02 6.54 2.66
N ASP D 774 -49.48 6.65 1.45
CA ASP D 774 -48.23 5.97 1.13
C ASP D 774 -47.03 6.74 1.67
N MET D 775 -46.98 8.04 1.38
CA MET D 775 -45.93 8.93 1.88
C MET D 775 -46.43 10.37 1.81
N PRO D 776 -47.27 10.81 2.74
CA PRO D 776 -47.91 12.13 2.63
C PRO D 776 -47.05 13.31 3.09
N TYR D 777 -46.21 13.80 2.19
CA TYR D 777 -45.42 15.00 2.46
C TYR D 777 -46.33 16.22 2.38
N MET D 778 -46.58 16.84 3.54
CA MET D 778 -47.49 17.97 3.63
C MET D 778 -46.77 19.13 4.31
N THR D 779 -47.30 20.33 4.11
CA THR D 779 -46.72 21.52 4.70
C THR D 779 -47.33 21.87 6.04
N GLN D 780 -48.66 21.93 6.11
CA GLN D 780 -49.37 22.24 7.35
C GLN D 780 -50.53 21.26 7.51
N ALA D 781 -50.54 20.53 8.61
CA ALA D 781 -51.60 19.57 8.88
C ALA D 781 -52.82 20.26 9.49
N LEU D 834 -67.46 11.06 -9.38
CA LEU D 834 -66.88 12.33 -9.82
C LEU D 834 -65.88 12.85 -8.80
N ILE D 835 -66.08 12.49 -7.53
CA ILE D 835 -65.13 12.87 -6.48
C ILE D 835 -63.76 12.22 -6.66
N PRO D 836 -63.61 10.92 -6.99
CA PRO D 836 -62.26 10.44 -7.32
C PRO D 836 -61.64 11.08 -8.54
N LEU D 837 -62.43 11.47 -9.54
CA LEU D 837 -61.86 12.17 -10.70
C LEU D 837 -61.34 13.55 -10.33
N GLY D 838 -62.08 14.29 -9.52
CA GLY D 838 -61.62 15.59 -9.05
C GLY D 838 -60.42 15.46 -8.13
N ARG D 839 -60.39 14.41 -7.32
CA ARG D 839 -59.22 14.15 -6.48
C ARG D 839 -57.99 13.83 -7.32
N LYS D 840 -58.16 13.06 -8.41
CA LYS D 840 -57.05 12.77 -9.30
C LYS D 840 -56.56 14.02 -10.03
N ILE D 841 -57.49 14.89 -10.45
CA ILE D 841 -57.10 16.13 -11.11
C ILE D 841 -56.35 17.05 -10.16
N TYR D 842 -56.84 17.18 -8.92
CA TYR D 842 -56.17 18.02 -7.94
C TYR D 842 -54.82 17.45 -7.52
N GLU D 843 -54.72 16.12 -7.44
CA GLU D 843 -53.45 15.50 -7.07
C GLU D 843 -52.44 15.59 -8.21
N PHE D 844 -52.90 15.52 -9.45
CA PHE D 844 -52.01 15.65 -10.59
C PHE D 844 -51.51 17.08 -10.73
N TYR D 845 -52.41 18.05 -10.67
CA TYR D 845 -52.03 19.42 -10.99
C TYR D 845 -51.25 20.09 -9.87
N ASN D 846 -51.19 19.50 -8.69
CA ASN D 846 -50.39 20.02 -7.59
C ASN D 846 -49.07 19.29 -7.42
N ALA D 847 -48.77 18.34 -8.29
CA ALA D 847 -47.48 17.67 -8.24
C ALA D 847 -46.38 18.63 -8.68
N PRO D 848 -45.20 18.57 -8.07
CA PRO D 848 -44.11 19.48 -8.47
C PRO D 848 -43.60 19.24 -9.88
N ILE D 849 -43.57 17.99 -10.34
CA ILE D 849 -43.09 17.71 -11.70
C ILE D 849 -44.09 18.25 -12.73
N VAL D 850 -45.39 18.13 -12.42
CA VAL D 850 -46.43 18.64 -13.31
C VAL D 850 -46.40 20.15 -13.36
N LYS D 851 -46.21 20.79 -12.20
CA LYS D 851 -46.08 22.25 -12.16
C LYS D 851 -44.85 22.72 -12.91
N PHE D 852 -43.74 22.00 -12.79
CA PHE D 852 -42.52 22.38 -13.50
C PHE D 852 -42.68 22.23 -15.00
N TRP D 853 -43.30 21.14 -15.45
CA TRP D 853 -43.47 20.96 -16.89
C TRP D 853 -44.53 21.89 -17.45
N PHE D 854 -45.51 22.27 -16.64
CA PHE D 854 -46.49 23.27 -17.08
C PHE D 854 -45.83 24.64 -17.22
N TYR D 855 -44.97 25.01 -16.25
CA TYR D 855 -44.25 26.27 -16.34
C TYR D 855 -43.25 26.26 -17.49
N THR D 856 -42.64 25.11 -17.75
CA THR D 856 -41.67 24.99 -18.85
C THR D 856 -42.36 25.06 -20.21
N LEU D 857 -43.51 24.37 -20.36
CA LEU D 857 -44.23 24.45 -21.62
C LEU D 857 -44.92 25.80 -21.82
N ALA D 858 -45.16 26.54 -20.75
CA ALA D 858 -45.57 27.92 -20.92
C ALA D 858 -44.40 28.83 -21.29
N TYR D 859 -43.21 28.56 -20.75
CA TYR D 859 -42.03 29.31 -21.13
C TYR D 859 -41.66 29.10 -22.59
N ILE D 860 -41.76 27.86 -23.08
CA ILE D 860 -41.41 27.55 -24.46
C ILE D 860 -42.53 27.93 -25.42
N GLY D 861 -43.65 28.41 -24.91
CA GLY D 861 -44.63 29.01 -25.79
C GLY D 861 -44.64 30.51 -25.65
N TYR D 862 -43.99 31.01 -24.61
CA TYR D 862 -43.75 32.45 -24.49
C TYR D 862 -42.58 32.88 -25.35
N LEU D 863 -41.52 32.06 -25.36
CA LEU D 863 -40.31 32.41 -26.09
C LEU D 863 -40.56 32.49 -27.60
N MET D 864 -41.40 31.59 -28.12
CA MET D 864 -41.77 31.66 -29.53
C MET D 864 -42.58 32.92 -29.83
N LEU D 865 -43.44 33.34 -28.92
CA LEU D 865 -44.20 34.56 -29.14
C LEU D 865 -43.31 35.79 -29.11
N PHE D 866 -42.33 35.79 -28.22
CA PHE D 866 -41.32 36.85 -28.22
C PHE D 866 -40.50 36.85 -29.51
N ASN D 867 -40.16 35.65 -30.02
CA ASN D 867 -39.45 35.58 -31.29
C ASN D 867 -40.29 36.12 -32.43
N TYR D 868 -41.59 35.81 -32.44
CA TYR D 868 -42.48 36.31 -33.48
C TYR D 868 -42.61 37.83 -33.42
N ILE D 869 -42.71 38.40 -32.21
CA ILE D 869 -42.87 39.85 -32.16
C ILE D 869 -41.57 40.58 -32.42
N VAL D 870 -40.41 39.94 -32.25
CA VAL D 870 -39.19 40.65 -32.62
C VAL D 870 -38.81 40.46 -34.08
N LEU D 871 -39.22 39.35 -34.72
CA LEU D 871 -38.85 39.16 -36.12
C LEU D 871 -39.74 39.98 -37.05
N VAL D 872 -41.04 39.88 -36.88
CA VAL D 872 -42.01 40.64 -37.68
C VAL D 872 -42.02 42.09 -37.23
N LYS D 873 -42.32 42.99 -38.17
CA LYS D 873 -42.46 44.41 -37.86
C LYS D 873 -43.65 44.67 -36.93
N MET D 874 -43.58 45.76 -36.20
CA MET D 874 -44.66 46.18 -35.33
C MET D 874 -45.26 47.48 -35.84
N GLU D 875 -46.57 47.63 -35.63
CA GLU D 875 -47.30 48.84 -35.97
C GLU D 875 -47.20 49.84 -34.82
N ARG D 876 -48.02 50.88 -34.86
CA ARG D 876 -48.04 51.88 -33.80
C ARG D 876 -48.51 51.28 -32.47
N TRP D 877 -49.49 50.40 -32.52
CA TRP D 877 -49.95 49.71 -31.34
C TRP D 877 -49.52 48.25 -31.39
N PRO D 878 -49.28 47.62 -30.23
CA PRO D 878 -48.82 46.23 -30.22
C PRO D 878 -49.88 45.26 -30.72
N SER D 879 -49.41 44.15 -31.28
CA SER D 879 -50.30 43.11 -31.79
C SER D 879 -50.77 42.23 -30.65
N THR D 880 -51.48 41.15 -31.01
CA THR D 880 -52.00 40.23 -30.00
C THR D 880 -50.87 39.48 -29.30
N GLN D 881 -49.90 39.02 -30.07
CA GLN D 881 -48.78 38.26 -29.52
C GLN D 881 -47.90 39.14 -28.63
N GLU D 882 -47.74 40.41 -29.00
CA GLU D 882 -47.01 41.32 -28.12
C GLU D 882 -47.78 41.61 -26.84
N TRP D 883 -49.11 41.63 -26.91
CA TRP D 883 -49.88 41.80 -25.67
C TRP D 883 -49.75 40.58 -24.78
N ILE D 884 -49.67 39.39 -25.36
CA ILE D 884 -49.45 38.19 -24.57
C ILE D 884 -48.06 38.21 -23.93
N VAL D 885 -47.05 38.67 -24.66
CA VAL D 885 -45.69 38.75 -24.12
C VAL D 885 -45.62 39.79 -22.99
N ILE D 886 -46.29 40.94 -23.17
CA ILE D 886 -46.34 41.97 -22.14
C ILE D 886 -47.05 41.48 -20.89
N SER D 887 -48.15 40.74 -21.08
CA SER D 887 -48.86 40.15 -19.95
C SER D 887 -48.00 39.14 -19.21
N TYR D 888 -47.23 38.33 -19.95
CA TYR D 888 -46.32 37.37 -19.33
C TYR D 888 -45.25 38.08 -18.50
N ILE D 889 -44.69 39.17 -19.02
CA ILE D 889 -43.64 39.89 -18.29
C ILE D 889 -44.20 40.52 -17.03
N PHE D 890 -45.39 41.14 -17.12
CA PHE D 890 -45.98 41.79 -15.95
C PHE D 890 -46.38 40.79 -14.87
N THR D 891 -46.98 39.66 -15.27
CA THR D 891 -47.36 38.66 -14.27
C THR D 891 -46.14 37.97 -13.68
N LEU D 892 -45.08 37.81 -14.45
CA LEU D 892 -43.85 37.27 -13.89
C LEU D 892 -43.21 38.25 -12.91
N GLY D 893 -43.27 39.55 -13.20
CA GLY D 893 -42.77 40.53 -12.26
C GLY D 893 -43.56 40.56 -10.96
N ILE D 894 -44.89 40.41 -11.07
CA ILE D 894 -45.74 40.31 -9.88
C ILE D 894 -45.41 39.04 -9.11
N GLU D 895 -45.10 37.95 -9.81
CA GLU D 895 -44.69 36.71 -9.16
C GLU D 895 -43.36 36.86 -8.43
N LYS D 896 -42.42 37.62 -9.00
CA LYS D 896 -41.13 37.81 -8.34
C LYS D 896 -41.26 38.71 -7.11
N MET D 897 -42.11 39.75 -7.17
CA MET D 897 -42.41 40.51 -5.95
C MET D 897 -43.11 39.63 -4.92
N ARG D 898 -43.95 38.70 -5.36
CA ARG D 898 -44.60 37.80 -4.41
C ARG D 898 -43.61 36.82 -3.80
N GLU D 899 -42.56 36.45 -4.52
CA GLU D 899 -41.51 35.64 -3.92
C GLU D 899 -40.66 36.47 -2.96
N ILE D 900 -40.51 37.77 -3.23
CA ILE D 900 -39.86 38.65 -2.26
C ILE D 900 -40.68 38.73 -0.97
N LEU D 901 -42.01 38.86 -1.08
CA LEU D 901 -42.83 38.98 0.11
C LEU D 901 -42.94 37.67 0.89
N MET D 902 -43.30 36.58 0.22
CA MET D 902 -43.48 35.29 0.89
C MET D 902 -42.15 34.53 0.98
N SER D 903 -41.20 35.13 1.68
CA SER D 903 -39.89 34.53 1.92
C SER D 903 -39.80 34.03 3.35
N GLU D 904 -38.57 33.64 3.75
CA GLU D 904 -38.36 33.13 5.11
C GLU D 904 -38.18 34.21 6.17
N PRO D 905 -37.38 35.34 5.97
CA PRO D 905 -37.25 36.33 7.05
C PRO D 905 -38.50 37.13 7.36
N GLY D 906 -38.36 38.16 8.20
CA GLY D 906 -39.49 38.97 8.60
C GLY D 906 -39.38 40.44 8.29
N LYS D 907 -38.14 40.94 8.14
CA LYS D 907 -37.88 42.34 7.82
C LYS D 907 -37.44 42.44 6.37
N LEU D 908 -37.95 43.47 5.67
CA LEU D 908 -37.97 43.53 4.21
C LEU D 908 -36.58 43.46 3.59
N LEU D 909 -35.60 44.14 4.20
CA LEU D 909 -34.23 44.12 3.69
C LEU D 909 -33.63 42.73 3.76
N GLN D 910 -33.93 41.98 4.83
CA GLN D 910 -33.49 40.60 4.93
C GLN D 910 -34.17 39.71 3.89
N LYS D 911 -35.44 39.98 3.58
CA LYS D 911 -36.15 39.24 2.53
C LYS D 911 -35.48 39.45 1.17
N VAL D 912 -35.15 40.71 0.87
CA VAL D 912 -34.47 41.03 -0.39
C VAL D 912 -33.07 40.43 -0.41
N LYS D 913 -32.37 40.45 0.72
CA LYS D 913 -31.01 39.91 0.78
C LYS D 913 -31.00 38.39 0.63
N VAL D 914 -32.02 37.70 1.16
CA VAL D 914 -32.14 36.27 0.94
C VAL D 914 -32.50 35.98 -0.50
N TRP D 915 -33.39 36.78 -1.10
CA TRP D 915 -33.82 36.57 -2.47
C TRP D 915 -32.70 36.84 -3.48
N LEU D 916 -31.78 37.74 -3.16
CA LEU D 916 -30.69 38.06 -4.09
C LEU D 916 -29.57 37.04 -4.08
N GLN D 917 -29.65 35.99 -3.27
CA GLN D 917 -28.64 34.95 -3.36
C GLN D 917 -28.83 34.10 -4.60
N GLU D 918 -30.07 33.83 -4.98
CA GLU D 918 -30.37 33.18 -6.25
C GLU D 918 -30.18 34.20 -7.37
N TYR D 919 -29.07 34.07 -8.11
CA TYR D 919 -28.69 35.08 -9.10
C TYR D 919 -29.63 35.07 -10.30
N TRP D 920 -30.26 33.93 -10.57
CA TRP D 920 -31.20 33.82 -11.68
C TRP D 920 -32.50 34.57 -11.41
N ASN D 921 -32.73 35.02 -10.18
CA ASN D 921 -33.90 35.82 -9.88
C ASN D 921 -33.62 37.31 -9.96
N VAL D 922 -32.42 37.75 -9.57
CA VAL D 922 -32.12 39.17 -9.72
C VAL D 922 -31.84 39.51 -11.18
N THR D 923 -31.25 38.58 -11.96
CA THR D 923 -31.15 38.81 -13.40
C THR D 923 -32.52 38.85 -14.06
N ASP D 924 -33.44 38.03 -13.55
CA ASP D 924 -34.83 38.06 -14.02
C ASP D 924 -35.46 39.42 -13.78
N LEU D 925 -35.31 39.96 -12.57
CA LEU D 925 -35.94 41.24 -12.25
C LEU D 925 -35.30 42.40 -13.01
N ILE D 926 -33.97 42.33 -13.22
CA ILE D 926 -33.29 43.30 -14.07
C ILE D 926 -33.83 43.26 -15.50
N ALA D 927 -34.07 42.06 -16.04
CA ALA D 927 -34.59 41.99 -17.40
C ALA D 927 -36.09 42.22 -17.49
N ILE D 928 -36.79 42.34 -16.37
CA ILE D 928 -38.16 42.82 -16.37
C ILE D 928 -38.22 44.35 -16.29
N LEU D 929 -37.25 44.94 -15.57
CA LEU D 929 -37.16 46.42 -15.56
C LEU D 929 -36.75 46.88 -16.97
N LEU D 930 -35.82 46.15 -17.60
CA LEU D 930 -35.40 46.49 -18.97
C LEU D 930 -36.56 46.37 -19.95
N PHE D 931 -37.41 45.35 -19.78
CA PHE D 931 -38.60 45.23 -20.61
C PHE D 931 -39.58 46.37 -20.36
N SER D 932 -39.71 46.81 -19.11
CA SER D 932 -40.59 47.95 -18.83
C SER D 932 -40.08 49.22 -19.50
N VAL D 933 -38.77 49.44 -19.46
CA VAL D 933 -38.17 50.59 -20.15
C VAL D 933 -38.39 50.49 -21.65
N GLY D 934 -38.21 49.29 -22.20
CA GLY D 934 -38.41 49.09 -23.63
C GLY D 934 -39.86 49.26 -24.06
N MET D 935 -40.80 48.83 -23.22
CA MET D 935 -42.21 49.00 -23.55
C MET D 935 -42.63 50.47 -23.48
N ILE D 936 -42.11 51.20 -22.47
CA ILE D 936 -42.44 52.61 -22.34
C ILE D 936 -41.86 53.39 -23.51
N LEU D 937 -40.65 53.03 -23.96
CA LEU D 937 -40.09 53.65 -25.15
C LEU D 937 -40.84 53.27 -26.41
N ARG D 938 -41.32 52.03 -26.51
CA ARG D 938 -41.99 51.56 -27.72
C ARG D 938 -43.38 52.16 -27.87
N LEU D 939 -44.08 52.40 -26.77
CA LEU D 939 -45.44 52.92 -26.87
C LEU D 939 -45.50 54.39 -27.28
N GLN D 940 -44.37 55.10 -27.27
CA GLN D 940 -44.32 56.45 -27.82
C GLN D 940 -44.17 56.38 -29.34
N ASP D 941 -43.93 57.52 -29.96
CA ASP D 941 -43.73 57.58 -31.40
C ASP D 941 -42.24 57.50 -31.72
N GLN D 942 -41.90 57.69 -32.98
CA GLN D 942 -40.51 57.64 -33.42
C GLN D 942 -39.75 58.86 -32.88
N PRO D 943 -38.43 58.72 -32.60
CA PRO D 943 -37.54 57.57 -32.78
C PRO D 943 -37.45 56.63 -31.58
N PHE D 944 -38.37 56.71 -30.62
CA PHE D 944 -38.27 55.89 -29.43
C PHE D 944 -38.71 54.45 -29.65
N ARG D 945 -39.55 54.21 -30.66
CA ARG D 945 -40.09 52.87 -30.93
C ARG D 945 -39.00 51.90 -31.34
N SER D 946 -38.06 52.35 -32.18
CA SER D 946 -36.94 51.53 -32.56
C SER D 946 -36.01 51.25 -31.40
N ASP D 947 -35.88 52.20 -30.47
CA ASP D 947 -35.10 51.96 -29.25
C ASP D 947 -35.74 50.88 -28.39
N GLY D 948 -37.07 50.89 -28.30
CA GLY D 948 -37.77 49.82 -27.59
C GLY D 948 -37.58 48.46 -28.24
N ARG D 949 -37.55 48.45 -29.58
CA ARG D 949 -37.27 47.21 -30.31
C ARG D 949 -35.85 46.70 -30.03
N VAL D 950 -34.89 47.62 -29.98
CA VAL D 950 -33.50 47.26 -29.68
C VAL D 950 -33.38 46.67 -28.28
N ILE D 951 -34.14 47.22 -27.33
CA ILE D 951 -34.17 46.64 -25.98
C ILE D 951 -34.82 45.25 -25.99
N TYR D 952 -35.84 45.05 -26.83
CA TYR D 952 -36.51 43.76 -26.94
C TYR D 952 -35.56 42.66 -27.40
N CYS D 953 -34.62 42.98 -28.30
CA CYS D 953 -33.68 41.96 -28.75
C CYS D 953 -32.67 41.56 -27.67
N VAL D 954 -32.22 42.50 -26.83
CA VAL D 954 -31.36 42.11 -25.72
C VAL D 954 -32.13 41.27 -24.71
N ASN D 955 -33.44 41.54 -24.58
CA ASN D 955 -34.27 40.67 -23.76
C ASN D 955 -34.36 39.26 -24.31
N ILE D 956 -34.45 39.12 -25.65
CA ILE D 956 -34.48 37.77 -26.22
C ILE D 956 -33.18 37.00 -25.96
N ILE D 957 -32.05 37.70 -25.94
CA ILE D 957 -30.78 37.06 -25.56
C ILE D 957 -30.85 36.53 -24.13
N TYR D 958 -31.37 37.35 -23.21
CA TYR D 958 -31.47 36.90 -21.82
C TYR D 958 -32.41 35.70 -21.68
N TRP D 959 -33.53 35.70 -22.41
CA TRP D 959 -34.49 34.62 -22.21
C TRP D 959 -33.99 33.29 -22.81
N TYR D 960 -33.14 33.33 -23.83
CA TYR D 960 -32.49 32.07 -24.21
C TYR D 960 -31.51 31.57 -23.13
N ILE D 961 -30.79 32.48 -22.46
CA ILE D 961 -29.96 31.97 -21.35
C ILE D 961 -30.82 31.48 -20.17
N ARG D 962 -32.00 32.05 -20.00
CA ARG D 962 -32.92 31.51 -19.00
C ARG D 962 -33.41 30.12 -19.37
N LEU D 963 -33.57 29.85 -20.67
CA LEU D 963 -33.82 28.48 -21.13
C LEU D 963 -32.67 27.55 -20.78
N LEU D 964 -31.43 28.05 -20.82
CA LEU D 964 -30.31 27.23 -20.37
C LEU D 964 -30.44 26.86 -18.89
N ASP D 965 -30.87 27.80 -18.06
CA ASP D 965 -31.10 27.46 -16.65
C ASP D 965 -32.25 26.47 -16.49
N ILE D 966 -33.27 26.57 -17.35
CA ILE D 966 -34.36 25.59 -17.33
C ILE D 966 -33.85 24.19 -17.71
N PHE D 967 -32.91 24.12 -18.67
CA PHE D 967 -32.19 22.86 -18.93
C PHE D 967 -31.43 22.36 -17.71
N GLY D 968 -31.02 23.26 -16.83
CA GLY D 968 -30.42 22.90 -15.54
C GLY D 968 -31.09 21.85 -14.66
N VAL D 969 -32.38 21.57 -14.88
CA VAL D 969 -33.08 20.51 -14.15
C VAL D 969 -32.62 19.11 -14.56
N ASN D 970 -32.25 18.92 -15.83
CA ASN D 970 -31.88 17.59 -16.32
C ASN D 970 -30.57 17.13 -15.69
N LYS D 971 -30.47 15.82 -15.45
CA LYS D 971 -29.36 15.24 -14.70
C LYS D 971 -28.02 15.36 -15.42
N TYR D 972 -28.03 15.49 -16.74
CA TYR D 972 -26.80 15.72 -17.47
C TYR D 972 -26.60 17.17 -17.88
N LEU D 973 -27.69 17.88 -18.19
CA LEU D 973 -27.53 19.25 -18.67
C LEU D 973 -27.20 20.21 -17.54
N GLY D 974 -27.73 19.94 -16.34
CA GLY D 974 -27.49 20.77 -15.18
C GLY D 974 -26.05 20.88 -14.70
N PRO D 975 -25.40 19.72 -14.46
CA PRO D 975 -23.96 19.75 -14.19
C PRO D 975 -23.14 20.33 -15.32
N TYR D 976 -23.58 20.16 -16.57
CA TYR D 976 -22.91 20.78 -17.71
C TYR D 976 -22.97 22.30 -17.63
N VAL D 977 -24.13 22.83 -17.23
CA VAL D 977 -24.29 24.29 -17.11
C VAL D 977 -23.43 24.85 -15.98
N MET D 978 -23.41 24.19 -14.81
CA MET D 978 -22.53 24.72 -13.76
C MET D 978 -21.05 24.47 -14.07
N MET D 979 -20.75 23.47 -14.90
CA MET D 979 -19.39 23.27 -15.37
C MET D 979 -18.95 24.44 -16.25
N ILE D 980 -19.83 24.90 -17.14
CA ILE D 980 -19.56 26.08 -17.95
C ILE D 980 -19.35 27.30 -17.06
N GLY D 981 -20.19 27.45 -16.04
CA GLY D 981 -20.04 28.55 -15.09
C GLY D 981 -18.74 28.51 -14.32
N LYS D 982 -18.22 27.32 -14.06
CA LYS D 982 -16.90 27.22 -13.42
C LYS D 982 -15.77 27.59 -14.38
N MET D 983 -15.87 27.18 -15.65
CA MET D 983 -14.81 27.55 -16.59
C MET D 983 -14.85 29.01 -17.06
N MET D 984 -15.90 29.76 -16.71
CA MET D 984 -15.89 31.20 -17.00
C MET D 984 -14.72 31.95 -16.37
N ILE D 985 -14.21 31.51 -15.22
CA ILE D 985 -13.11 32.22 -14.57
C ILE D 985 -11.81 32.06 -15.35
N ASP D 986 -11.52 30.83 -15.79
CA ASP D 986 -10.37 30.59 -16.65
C ASP D 986 -10.53 31.28 -17.99
N MET D 987 -11.76 31.36 -18.49
CA MET D 987 -12.04 32.12 -19.70
C MET D 987 -11.75 33.60 -19.53
N MET D 988 -12.08 34.16 -18.35
N MET D 988 -12.05 34.17 -18.35
CA MET D 988 -11.79 35.56 -18.05
CA MET D 988 -11.79 35.58 -18.14
C MET D 988 -10.31 35.85 -18.03
C MET D 988 -10.29 35.87 -18.00
N TYR D 989 -9.52 34.94 -17.45
CA TYR D 989 -8.07 35.13 -17.41
C TYR D 989 -7.46 35.04 -18.81
N PHE D 990 -8.00 34.13 -19.64
CA PHE D 990 -7.59 34.06 -21.04
C PHE D 990 -7.98 35.35 -21.78
N VAL D 991 -9.15 35.90 -21.46
CA VAL D 991 -9.60 37.16 -22.04
C VAL D 991 -8.67 38.31 -21.67
N ILE D 992 -8.18 38.31 -20.42
CA ILE D 992 -7.27 39.37 -19.98
C ILE D 992 -5.95 39.32 -20.75
N ILE D 993 -5.38 38.11 -20.87
CA ILE D 993 -4.09 37.98 -21.58
C ILE D 993 -4.25 38.28 -23.07
N MET D 994 -5.33 37.75 -23.68
CA MET D 994 -5.67 38.08 -25.06
C MET D 994 -5.94 39.56 -25.26
N LEU D 995 -6.50 40.23 -24.25
CA LEU D 995 -6.77 41.65 -24.38
C LEU D 995 -5.48 42.43 -24.43
N VAL D 996 -4.50 42.06 -23.61
CA VAL D 996 -3.20 42.75 -23.65
C VAL D 996 -2.52 42.57 -24.99
N VAL D 997 -2.46 41.32 -25.48
CA VAL D 997 -1.81 41.06 -26.76
C VAL D 997 -2.60 41.69 -27.92
N LEU D 998 -3.92 41.71 -27.81
CA LEU D 998 -4.77 42.21 -28.87
C LEU D 998 -4.66 43.72 -29.01
N MET D 999 -4.71 44.46 -27.90
CA MET D 999 -4.52 45.91 -28.04
C MET D 999 -3.10 46.28 -28.39
N SER D 1000 -2.09 45.46 -28.02
CA SER D 1000 -0.74 45.78 -28.45
C SER D 1000 -0.61 45.68 -29.97
N PHE D 1001 -1.17 44.61 -30.56
CA PHE D 1001 -1.11 44.49 -32.01
C PHE D 1001 -2.01 45.52 -32.70
N GLY D 1002 -3.18 45.79 -32.13
CA GLY D 1002 -4.09 46.75 -32.76
C GLY D 1002 -3.56 48.16 -32.75
N VAL D 1003 -2.98 48.58 -31.63
CA VAL D 1003 -2.43 49.93 -31.54
C VAL D 1003 -1.21 50.06 -32.44
N ALA D 1004 -0.37 49.02 -32.50
CA ALA D 1004 0.80 49.07 -33.38
C ALA D 1004 0.40 49.13 -34.86
N ARG D 1005 -0.60 48.33 -35.26
CA ARG D 1005 -1.03 48.32 -36.65
C ARG D 1005 -1.69 49.63 -37.04
N GLN D 1006 -2.58 50.15 -36.20
CA GLN D 1006 -3.28 51.39 -36.52
C GLN D 1006 -2.34 52.57 -36.49
N ALA D 1007 -1.36 52.57 -35.58
CA ALA D 1007 -0.42 53.66 -35.48
C ALA D 1007 0.62 53.64 -36.59
N ILE D 1008 0.95 52.48 -37.14
CA ILE D 1008 1.86 52.45 -38.29
C ILE D 1008 1.13 52.80 -39.59
N LEU D 1009 0.00 52.16 -39.84
CA LEU D 1009 -0.63 52.28 -41.15
C LEU D 1009 -1.39 53.59 -41.35
N PHE D 1010 -1.67 54.32 -40.27
CA PHE D 1010 -2.39 55.59 -40.37
C PHE D 1010 -1.64 56.66 -39.57
N PRO D 1011 -0.64 57.30 -40.20
CA PRO D 1011 0.15 58.29 -39.45
C PRO D 1011 -0.58 59.59 -39.22
N ASN D 1012 -1.30 60.11 -40.22
CA ASN D 1012 -1.95 61.42 -40.12
C ASN D 1012 -3.42 61.21 -39.82
N GLU D 1013 -3.77 61.23 -38.54
CA GLU D 1013 -5.15 61.06 -38.09
C GLU D 1013 -5.50 62.12 -37.07
N GLU D 1014 -6.74 62.62 -37.16
CA GLU D 1014 -7.28 63.53 -36.19
C GLU D 1014 -7.83 62.76 -35.00
N PRO D 1015 -8.00 63.43 -33.83
CA PRO D 1015 -8.64 62.74 -32.69
C PRO D 1015 -10.08 62.36 -32.94
N SER D 1016 -10.34 61.06 -32.99
CA SER D 1016 -11.69 60.56 -33.27
C SER D 1016 -11.83 59.20 -32.60
N TRP D 1017 -13.07 58.84 -32.29
CA TRP D 1017 -13.36 57.56 -31.64
C TRP D 1017 -13.22 56.36 -32.58
N LYS D 1018 -13.06 56.59 -33.88
CA LYS D 1018 -12.86 55.48 -34.81
C LYS D 1018 -11.49 54.84 -34.65
N LEU D 1019 -10.52 55.55 -34.06
CA LEU D 1019 -9.22 54.95 -33.77
C LEU D 1019 -9.34 53.85 -32.75
N ALA D 1020 -10.13 54.07 -31.70
CA ALA D 1020 -10.35 53.04 -30.68
C ALA D 1020 -11.12 51.86 -31.24
N LYS D 1021 -12.03 52.11 -32.18
CA LYS D 1021 -12.71 51.00 -32.85
C LYS D 1021 -11.74 50.21 -33.71
N ASN D 1022 -10.84 50.90 -34.42
CA ASN D 1022 -9.88 50.23 -35.28
C ASN D 1022 -8.82 49.47 -34.50
N ILE D 1023 -8.60 49.82 -33.23
CA ILE D 1023 -7.73 49.04 -32.37
C ILE D 1023 -8.28 47.63 -32.19
N PHE D 1024 -9.58 47.51 -31.93
CA PHE D 1024 -10.19 46.24 -31.58
C PHE D 1024 -10.85 45.51 -32.74
N TYR D 1025 -11.10 46.18 -33.87
CA TYR D 1025 -11.89 45.56 -34.92
C TYR D 1025 -11.24 44.35 -35.59
N MET D 1026 -10.20 44.57 -36.37
CA MET D 1026 -9.64 43.44 -37.12
C MET D 1026 -8.81 42.47 -36.30
N PRO D 1027 -7.98 42.87 -35.32
CA PRO D 1027 -7.31 41.86 -34.48
C PRO D 1027 -8.23 40.94 -33.72
N TYR D 1028 -9.44 41.34 -33.39
CA TYR D 1028 -10.33 40.40 -32.72
C TYR D 1028 -10.86 39.32 -33.66
N TRP D 1029 -11.27 39.68 -34.87
CA TRP D 1029 -11.73 38.68 -35.81
C TRP D 1029 -10.60 37.86 -36.39
N MET D 1030 -9.35 38.30 -36.17
CA MET D 1030 -8.17 37.57 -36.63
C MET D 1030 -8.01 36.25 -35.88
N ILE D 1031 -8.60 36.11 -34.70
CA ILE D 1031 -8.52 34.87 -33.94
C ILE D 1031 -9.40 33.79 -34.54
N TYR D 1032 -10.50 34.15 -35.19
CA TYR D 1032 -11.51 33.17 -35.59
C TYR D 1032 -11.44 32.85 -37.08
N GLY D 1033 -10.22 32.79 -37.62
CA GLY D 1033 -10.04 32.30 -38.96
C GLY D 1033 -10.23 33.31 -40.07
N GLU D 1034 -10.33 34.60 -39.75
CA GLU D 1034 -10.45 35.64 -40.75
C GLU D 1034 -9.24 36.56 -40.60
N VAL D 1035 -8.22 36.36 -41.44
CA VAL D 1035 -7.00 37.12 -41.30
C VAL D 1035 -7.00 38.42 -42.10
N PHE D 1036 -8.04 38.68 -42.89
CA PHE D 1036 -8.16 39.82 -43.79
C PHE D 1036 -6.99 39.86 -44.77
N ALA D 1037 -6.97 38.85 -45.64
CA ALA D 1037 -5.83 38.60 -46.53
C ALA D 1037 -5.62 39.70 -47.55
N ASP D 1038 -6.66 40.46 -47.89
CA ASP D 1038 -6.49 41.56 -48.82
C ASP D 1038 -5.78 42.75 -48.18
N GLN D 1039 -5.76 42.82 -46.85
CA GLN D 1039 -5.17 43.95 -46.13
C GLN D 1039 -3.95 43.54 -45.31
N ILE D 1040 -3.39 42.35 -45.53
CA ILE D 1040 -2.17 41.97 -44.83
C ILE D 1040 -0.99 42.78 -45.33
N ASP D 1041 -0.81 42.83 -46.64
CA ASP D 1041 0.26 43.58 -47.28
C ASP D 1041 -0.17 43.93 -48.70
N PRO D 1042 -0.97 44.97 -48.88
CA PRO D 1042 -1.39 45.33 -50.23
C PRO D 1042 -0.23 45.92 -51.02
N PRO D 1043 -0.21 45.74 -52.33
CA PRO D 1043 0.83 46.35 -53.16
C PRO D 1043 0.65 47.86 -53.22
N CYS D 1044 1.75 48.58 -53.03
CA CYS D 1044 1.70 50.04 -53.03
C CYS D 1044 3.06 50.59 -53.44
N GLY D 1045 3.06 51.87 -53.82
CA GLY D 1045 4.26 52.52 -54.29
C GLY D 1045 4.71 52.11 -55.68
N GLN D 1046 3.83 51.49 -56.45
CA GLN D 1046 4.13 51.06 -57.81
C GLN D 1046 2.99 51.47 -58.73
N ASN D 1047 3.09 51.10 -59.99
CA ASN D 1047 2.04 51.31 -60.97
C ASN D 1047 1.56 49.96 -61.48
N GLU D 1048 0.27 49.70 -61.36
CA GLU D 1048 -0.33 48.45 -61.78
C GLU D 1048 -1.50 48.74 -62.70
N ILE D 1056 -2.76 52.60 -63.50
CA ILE D 1056 -3.23 53.15 -62.25
C ILE D 1056 -2.05 53.28 -61.30
N GLN D 1057 -1.92 54.46 -60.69
CA GLN D 1057 -0.82 54.73 -59.76
C GLN D 1057 -1.29 54.45 -58.34
N LEU D 1058 -0.62 53.51 -57.68
CA LEU D 1058 -0.94 53.19 -56.30
C LEU D 1058 -0.48 54.31 -55.37
N PRO D 1059 -1.10 54.45 -54.19
CA PRO D 1059 -0.60 55.41 -53.22
C PRO D 1059 0.76 54.99 -52.69
N PRO D 1060 1.59 55.95 -52.25
CA PRO D 1060 2.95 55.60 -51.83
C PRO D 1060 2.99 54.78 -50.56
N CYS D 1061 4.10 54.07 -50.39
CA CYS D 1061 4.28 53.17 -49.25
C CYS D 1061 4.39 53.97 -47.96
N LYS D 1062 3.63 53.57 -46.94
CA LYS D 1062 3.82 54.13 -45.62
C LYS D 1062 5.12 53.62 -45.02
N THR D 1063 5.76 54.47 -44.23
CA THR D 1063 7.04 54.13 -43.65
C THR D 1063 6.87 53.07 -42.56
N GLY D 1064 7.63 52.00 -42.65
CA GLY D 1064 7.51 50.93 -41.69
C GLY D 1064 6.27 50.09 -41.85
N ALA D 1065 5.63 50.12 -43.02
CA ALA D 1065 4.45 49.30 -43.25
C ALA D 1065 4.79 47.82 -43.40
N TRP D 1066 6.05 47.48 -43.61
CA TRP D 1066 6.46 46.09 -43.65
C TRP D 1066 6.49 45.46 -42.26
N ILE D 1067 6.51 46.26 -41.20
CA ILE D 1067 6.48 45.72 -39.85
C ILE D 1067 5.13 45.09 -39.53
N VAL D 1068 4.06 45.62 -40.13
CA VAL D 1068 2.70 45.15 -39.83
C VAL D 1068 2.46 43.67 -40.14
N PRO D 1069 2.89 43.11 -41.29
CA PRO D 1069 2.78 41.65 -41.43
C PRO D 1069 3.66 40.86 -40.47
N ALA D 1070 4.81 41.38 -40.05
CA ALA D 1070 5.67 40.63 -39.13
C ALA D 1070 5.06 40.54 -37.73
N ILE D 1071 4.57 41.67 -37.21
CA ILE D 1071 3.92 41.65 -35.91
C ILE D 1071 2.55 40.98 -36.00
N MET D 1072 1.94 40.99 -37.19
CA MET D 1072 0.75 40.18 -37.44
C MET D 1072 1.07 38.70 -37.29
N ALA D 1073 2.21 38.27 -37.84
CA ALA D 1073 2.63 36.88 -37.74
C ALA D 1073 2.90 36.49 -36.30
N CYS D 1074 3.62 37.33 -35.55
CA CYS D 1074 3.88 37.06 -34.15
C CYS D 1074 2.61 37.05 -33.32
N TYR D 1075 1.68 37.97 -33.60
CA TYR D 1075 0.41 38.03 -32.87
C TYR D 1075 -0.45 36.80 -33.14
N LEU D 1076 -0.57 36.42 -34.42
CA LEU D 1076 -1.40 35.28 -34.78
C LEU D 1076 -0.83 34.00 -34.19
N LEU D 1077 0.51 33.86 -34.22
CA LEU D 1077 1.16 32.70 -33.61
C LEU D 1077 0.89 32.64 -32.13
N VAL D 1078 1.15 33.74 -31.42
CA VAL D 1078 1.01 33.76 -29.95
C VAL D 1078 -0.42 33.50 -29.54
N ALA D 1079 -1.37 34.24 -30.12
CA ALA D 1079 -2.80 34.08 -29.85
C ALA D 1079 -3.30 32.67 -30.18
N ASN D 1080 -3.36 32.35 -31.48
CA ASN D 1080 -4.04 31.16 -31.96
C ASN D 1080 -3.35 29.88 -31.53
N ILE D 1081 -2.03 29.86 -31.41
CA ILE D 1081 -1.33 28.65 -31.07
C ILE D 1081 -1.03 28.56 -29.57
N LEU D 1082 -0.55 29.64 -28.96
CA LEU D 1082 -0.19 29.57 -27.55
C LEU D 1082 -1.40 29.65 -26.65
N LEU D 1083 -2.20 30.73 -26.77
CA LEU D 1083 -3.14 31.03 -25.69
C LEU D 1083 -4.37 30.15 -25.75
N VAL D 1084 -4.83 29.82 -26.96
CA VAL D 1084 -5.99 28.94 -27.11
C VAL D 1084 -5.67 27.53 -26.65
N ASN D 1085 -4.48 27.03 -27.00
CA ASN D 1085 -4.08 25.70 -26.57
C ASN D 1085 -3.78 25.67 -25.07
N LEU D 1086 -3.29 26.77 -24.52
CA LEU D 1086 -3.12 26.84 -23.07
C LEU D 1086 -4.45 26.84 -22.35
N LEU D 1087 -5.46 27.52 -22.91
CA LEU D 1087 -6.79 27.45 -22.31
C LEU D 1087 -7.41 26.06 -22.47
N ILE D 1088 -7.06 25.35 -23.56
CA ILE D 1088 -7.46 23.95 -23.71
C ILE D 1088 -6.85 23.12 -22.59
N ALA D 1089 -5.57 23.33 -22.29
CA ALA D 1089 -4.91 22.60 -21.20
C ALA D 1089 -5.49 22.97 -19.84
N VAL D 1090 -5.83 24.24 -19.63
CA VAL D 1090 -6.43 24.67 -18.37
C VAL D 1090 -7.81 24.04 -18.19
N PHE D 1091 -8.60 24.01 -19.27
CA PHE D 1091 -9.93 23.43 -19.22
C PHE D 1091 -9.85 21.93 -18.99
N ASN D 1092 -8.82 21.30 -19.55
CA ASN D 1092 -8.67 19.85 -19.47
C ASN D 1092 -8.21 19.41 -18.10
N ASN D 1093 -7.19 20.07 -17.54
CA ASN D 1093 -6.61 19.59 -16.30
C ASN D 1093 -7.41 19.99 -15.07
N THR D 1094 -8.37 20.87 -15.20
CA THR D 1094 -9.28 21.19 -14.10
C THR D 1094 -10.68 20.67 -14.37
N PHE D 1095 -10.81 19.71 -15.29
CA PHE D 1095 -12.13 19.22 -15.65
C PHE D 1095 -12.70 18.29 -14.59
N PHE D 1096 -11.86 17.45 -13.99
CA PHE D 1096 -12.36 16.37 -13.15
C PHE D 1096 -12.89 16.89 -11.82
N GLU D 1097 -12.14 17.79 -11.18
CA GLU D 1097 -12.56 18.38 -9.92
C GLU D 1097 -13.81 19.22 -10.11
N VAL D 1098 -13.85 20.00 -11.18
CA VAL D 1098 -15.01 20.84 -11.49
C VAL D 1098 -16.23 19.97 -11.81
N LYS D 1099 -16.02 18.84 -12.49
CA LYS D 1099 -17.13 17.95 -12.81
C LYS D 1099 -17.72 17.30 -11.56
N SER D 1100 -16.86 16.81 -10.65
CA SER D 1100 -17.34 16.21 -9.42
C SER D 1100 -18.03 17.23 -8.52
N ILE D 1101 -17.46 18.44 -8.42
CA ILE D 1101 -18.06 19.49 -7.61
C ILE D 1101 -19.40 19.93 -8.20
N SER D 1102 -19.48 20.02 -9.54
CA SER D 1102 -20.72 20.42 -10.18
C SER D 1102 -21.82 19.37 -10.05
N ASN D 1103 -21.45 18.09 -10.12
CA ASN D 1103 -22.42 17.03 -9.88
C ASN D 1103 -22.96 17.07 -8.46
N GLN D 1104 -22.07 17.26 -7.48
CA GLN D 1104 -22.50 17.30 -6.09
C GLN D 1104 -23.34 18.55 -5.79
N VAL D 1105 -22.98 19.67 -6.40
CA VAL D 1105 -23.71 20.92 -6.19
C VAL D 1105 -25.09 20.85 -6.84
N TRP D 1106 -25.19 20.22 -8.02
CA TRP D 1106 -26.50 20.00 -8.64
C TRP D 1106 -27.38 19.09 -7.80
N LYS D 1107 -26.80 18.01 -7.25
CA LYS D 1107 -27.56 17.13 -6.37
C LYS D 1107 -27.99 17.85 -5.09
N PHE D 1108 -27.18 18.81 -4.62
CA PHE D 1108 -27.61 19.60 -3.48
C PHE D 1108 -28.74 20.56 -3.84
N GLN D 1109 -28.69 21.16 -5.03
CA GLN D 1109 -29.65 22.17 -5.42
C GLN D 1109 -30.95 21.59 -5.95
N ARG D 1110 -31.02 20.27 -6.11
CA ARG D 1110 -32.29 19.60 -6.38
C ARG D 1110 -33.34 19.93 -5.31
N TYR D 1111 -32.92 20.01 -4.04
CA TYR D 1111 -33.86 20.34 -2.97
C TYR D 1111 -34.41 21.76 -3.12
N GLN D 1112 -33.56 22.72 -3.46
CA GLN D 1112 -34.03 24.09 -3.64
C GLN D 1112 -34.99 24.18 -4.81
N LEU D 1113 -34.70 23.45 -5.89
CA LEU D 1113 -35.62 23.39 -7.02
C LEU D 1113 -36.97 22.79 -6.63
N ILE D 1114 -36.94 21.70 -5.85
CA ILE D 1114 -38.17 20.99 -5.49
C ILE D 1114 -39.03 21.82 -4.55
N MET D 1115 -38.41 22.43 -3.54
CA MET D 1115 -39.16 23.28 -2.61
C MET D 1115 -39.70 24.53 -3.28
N THR D 1116 -38.92 25.12 -4.21
CA THR D 1116 -39.41 26.27 -4.95
C THR D 1116 -40.61 25.91 -5.82
N PHE D 1117 -40.54 24.81 -6.55
CA PHE D 1117 -41.64 24.46 -7.44
C PHE D 1117 -42.80 23.79 -6.71
N HIS D 1118 -42.63 23.43 -5.45
CA HIS D 1118 -43.78 23.04 -4.65
C HIS D 1118 -44.46 24.24 -4.02
N GLU D 1119 -43.70 25.29 -3.71
CA GLU D 1119 -44.31 26.51 -3.21
C GLU D 1119 -44.91 27.38 -4.30
N ARG D 1120 -44.71 27.03 -5.58
CA ARG D 1120 -45.20 27.84 -6.67
C ARG D 1120 -46.71 27.70 -6.82
N PRO D 1121 -47.38 28.70 -7.41
CA PRO D 1121 -48.79 28.51 -7.78
C PRO D 1121 -48.95 27.46 -8.86
N VAL D 1122 -50.15 26.88 -8.93
CA VAL D 1122 -50.43 25.80 -9.88
C VAL D 1122 -50.41 26.32 -11.31
N LEU D 1123 -51.04 27.46 -11.55
CA LEU D 1123 -51.16 27.99 -12.89
C LEU D 1123 -49.83 28.55 -13.38
N PRO D 1124 -49.56 28.46 -14.68
CA PRO D 1124 -48.33 29.02 -15.24
C PRO D 1124 -48.38 30.54 -15.26
N PRO D 1125 -47.26 31.23 -15.49
CA PRO D 1125 -47.22 32.72 -15.39
C PRO D 1125 -48.22 33.49 -16.25
N PRO D 1126 -48.54 33.11 -17.50
CA PRO D 1126 -49.55 33.94 -18.22
C PRO D 1126 -50.95 33.85 -17.66
N LEU D 1127 -51.28 32.83 -16.87
CA LEU D 1127 -52.56 32.73 -16.19
C LEU D 1127 -52.41 32.85 -14.68
N ILE D 1128 -51.26 33.31 -14.20
CA ILE D 1128 -51.00 33.33 -12.76
C ILE D 1128 -51.70 34.48 -12.06
N ILE D 1129 -52.28 35.42 -12.81
CA ILE D 1129 -53.00 36.54 -12.20
C ILE D 1129 -54.28 36.06 -11.52
N PHE D 1130 -54.88 34.97 -12.02
CA PHE D 1130 -56.05 34.39 -11.36
C PHE D 1130 -55.68 33.80 -10.01
N SER D 1131 -54.58 33.06 -9.95
CA SER D 1131 -54.13 32.52 -8.66
C SER D 1131 -53.65 33.62 -7.73
N HIS D 1132 -53.10 34.71 -8.28
CA HIS D 1132 -52.68 35.84 -7.45
C HIS D 1132 -53.88 36.55 -6.83
N MET D 1133 -54.95 36.73 -7.61
CA MET D 1133 -56.18 37.27 -7.05
C MET D 1133 -56.82 36.31 -6.07
N THR D 1134 -56.64 35.00 -6.28
CA THR D 1134 -57.12 34.00 -5.33
C THR D 1134 -56.40 34.14 -3.98
N MET D 1135 -55.08 34.29 -4.01
CA MET D 1135 -54.33 34.49 -2.76
C MET D 1135 -54.65 35.83 -2.11
N ILE D 1136 -54.91 36.87 -2.90
CA ILE D 1136 -55.29 38.16 -2.34
C ILE D 1136 -56.66 38.07 -1.65
N PHE D 1137 -57.62 37.39 -2.29
CA PHE D 1137 -58.94 37.22 -1.70
C PHE D 1137 -58.90 36.34 -0.46
N GLN D 1138 -58.08 35.28 -0.47
CA GLN D 1138 -57.94 34.43 0.71
C GLN D 1138 -57.27 35.16 1.86
N HIS D 1139 -56.26 35.99 1.55
CA HIS D 1139 -55.59 36.77 2.58
C HIS D 1139 -56.53 37.81 3.18
N LEU D 1140 -57.35 38.45 2.34
CA LEU D 1140 -58.33 39.41 2.85
C LEU D 1140 -59.41 38.74 3.68
N CYS D 1141 -59.83 37.54 3.28
CA CYS D 1141 -60.83 36.79 4.05
C CYS D 1141 -60.26 36.34 5.39
N CYS D 1142 -58.99 35.91 5.42
CA CYS D 1142 -58.38 35.51 6.68
C CYS D 1142 -58.11 36.71 7.58
N ARG D 1143 -57.78 37.86 6.99
CA ARG D 1143 -57.60 39.06 7.80
C ARG D 1143 -58.93 39.61 8.33
N TRP D 1144 -60.02 39.43 7.58
CA TRP D 1144 -61.33 39.88 8.01
C TRP D 1144 -61.98 38.93 9.02
N ARG D 1145 -61.43 37.74 9.21
CA ARG D 1145 -61.98 36.78 10.15
C ARG D 1145 -60.89 36.18 11.03
N ASP D 1155 -43.60 27.95 8.43
CA ASP D 1155 -43.90 26.54 8.20
C ASP D 1155 -43.69 26.17 6.74
N TYR D 1156 -42.52 26.51 6.21
CA TYR D 1156 -42.18 26.25 4.82
C TYR D 1156 -41.37 24.96 4.76
N GLY D 1157 -42.01 23.87 4.33
CA GLY D 1157 -41.32 22.62 4.19
C GLY D 1157 -42.30 21.50 3.87
N LEU D 1158 -41.77 20.28 3.87
CA LEU D 1158 -42.54 19.07 3.57
C LEU D 1158 -42.21 18.02 4.63
N LYS D 1159 -42.98 18.00 5.70
CA LYS D 1159 -42.79 17.06 6.80
C LYS D 1159 -43.68 15.85 6.60
N LEU D 1160 -43.75 14.97 7.60
CA LEU D 1160 -44.56 13.78 7.50
C LEU D 1160 -45.66 13.68 8.54
N PHE D 1161 -45.41 14.16 9.76
CA PHE D 1161 -46.36 14.16 10.88
C PHE D 1161 -46.85 12.74 11.22
N ILE D 1162 -45.90 11.90 11.61
CA ILE D 1162 -46.22 10.51 11.92
C ILE D 1162 -46.85 10.42 13.31
N THR D 1163 -47.46 9.26 13.58
CA THR D 1163 -48.15 9.01 14.84
C THR D 1163 -47.14 8.61 15.90
N ASP D 1164 -47.62 8.19 17.07
CA ASP D 1164 -46.72 7.91 18.20
C ASP D 1164 -46.09 6.53 18.09
N ASP D 1165 -46.85 5.53 17.65
CA ASP D 1165 -46.29 4.19 17.46
C ASP D 1165 -45.27 4.18 16.33
N GLU D 1166 -45.56 4.92 15.25
CA GLU D 1166 -44.59 5.08 14.18
C GLU D 1166 -43.37 5.85 14.64
N LEU D 1167 -43.55 6.82 15.54
CA LEU D 1167 -42.41 7.54 16.13
C LEU D 1167 -41.54 6.61 16.96
N LYS D 1168 -42.16 5.73 17.74
CA LYS D 1168 -41.40 4.78 18.55
C LYS D 1168 -40.65 3.78 17.66
N LYS D 1169 -41.30 3.35 16.56
CA LYS D 1169 -40.63 2.45 15.61
C LYS D 1169 -39.45 3.12 14.94
N VAL D 1170 -39.61 4.40 14.57
CA VAL D 1170 -38.52 5.16 13.97
C VAL D 1170 -37.37 5.35 14.95
N HIS D 1171 -37.69 5.65 16.22
CA HIS D 1171 -36.66 5.82 17.23
C HIS D 1171 -35.90 4.54 17.51
N ASP D 1172 -36.60 3.40 17.57
CA ASP D 1172 -35.93 2.12 17.79
C ASP D 1172 -35.05 1.75 16.59
N PHE D 1173 -35.51 2.06 15.38
CA PHE D 1173 -34.69 1.89 14.18
C PHE D 1173 -33.43 2.74 14.25
N GLU D 1174 -33.56 3.97 14.78
CA GLU D 1174 -32.41 4.85 14.90
C GLU D 1174 -31.39 4.33 15.92
N GLU D 1175 -31.88 3.79 17.05
CA GLU D 1175 -30.95 3.22 18.04
C GLU D 1175 -30.24 1.99 17.50
N GLN D 1176 -30.98 1.15 16.74
CA GLN D 1176 -30.35 -0.01 16.10
C GLN D 1176 -29.27 0.42 15.12
N CYS D 1177 -29.55 1.47 14.34
CA CYS D 1177 -28.57 1.97 13.38
C CYS D 1177 -27.36 2.58 14.08
N ILE D 1178 -27.56 3.27 15.20
CA ILE D 1178 -26.46 3.87 15.94
C ILE D 1178 -25.53 2.80 16.51
N GLU D 1179 -26.12 1.76 17.11
CA GLU D 1179 -25.34 0.67 17.68
C GLU D 1179 -24.56 -0.06 16.59
N GLU D 1180 -25.22 -0.33 15.46
CA GLU D 1180 -24.59 -0.96 14.31
C GLU D 1180 -23.41 -0.14 13.80
N TYR D 1181 -23.61 1.17 13.63
CA TYR D 1181 -22.55 2.00 13.07
C TYR D 1181 -21.34 2.09 13.98
N PHE D 1182 -21.59 2.37 15.27
CA PHE D 1182 -20.50 2.46 16.27
C PHE D 1182 -19.76 1.14 16.39
N ARG D 1183 -20.51 0.05 16.62
CA ARG D 1183 -19.89 -1.28 16.83
C ARG D 1183 -19.15 -1.73 15.55
N GLU D 1184 -19.79 -1.58 14.38
CA GLU D 1184 -19.10 -1.93 13.12
C GLU D 1184 -17.76 -1.19 13.09
N LYS D 1185 -17.78 0.08 13.49
CA LYS D 1185 -16.54 0.86 13.51
C LYS D 1185 -15.52 0.28 14.48
N ASP D 1186 -16.00 -0.17 15.65
CA ASP D 1186 -15.14 -0.89 16.58
C ASP D 1186 -14.60 -2.19 15.99
N ASP D 1187 -15.44 -2.94 15.28
CA ASP D 1187 -14.99 -4.18 14.65
C ASP D 1187 -13.98 -3.92 13.52
N ARG D 1188 -14.19 -2.85 12.75
CA ARG D 1188 -13.25 -2.50 11.69
C ARG D 1188 -11.92 -2.02 12.27
N PHE D 1189 -11.97 -1.30 13.39
CA PHE D 1189 -10.75 -0.87 14.04
C PHE D 1189 -9.99 -2.05 14.63
N ASN D 1190 -10.69 -3.00 15.23
CA ASN D 1190 -10.03 -4.14 15.85
C ASN D 1190 -9.49 -5.14 14.84
N SER D 1191 -10.03 -5.15 13.63
CA SER D 1191 -9.59 -6.09 12.60
C SER D 1191 -8.64 -5.46 11.58
N SER D 1192 -8.21 -4.22 11.80
CA SER D 1192 -7.24 -3.61 10.91
C SER D 1192 -5.87 -4.23 11.12
N ASN D 1193 -5.00 -4.05 10.11
CA ASN D 1193 -3.65 -4.57 10.21
C ASN D 1193 -2.84 -3.82 11.26
N ASP D 1194 -3.03 -2.50 11.36
CA ASP D 1194 -2.23 -1.70 12.27
C ASP D 1194 -2.52 -2.01 13.73
N GLU D 1195 -3.80 -2.12 14.08
CA GLU D 1195 -4.16 -2.44 15.45
C GLU D 1195 -3.74 -3.85 15.83
N ARG D 1196 -3.86 -4.80 14.90
CA ARG D 1196 -3.42 -6.17 15.15
C ARG D 1196 -1.91 -6.24 15.35
N ILE D 1197 -1.16 -5.51 14.53
CA ILE D 1197 0.30 -5.49 14.65
C ILE D 1197 0.72 -4.84 15.97
N ARG D 1198 0.03 -3.77 16.37
CA ARG D 1198 0.34 -3.11 17.64
C ARG D 1198 0.04 -4.02 18.84
N VAL D 1199 -1.10 -4.71 18.80
CA VAL D 1199 -1.47 -5.61 19.89
C VAL D 1199 -0.50 -6.79 19.97
N THR D 1200 -0.09 -7.33 18.83
CA THR D 1200 0.88 -8.42 18.80
C THR D 1200 2.23 -7.98 19.34
N SER D 1201 2.67 -6.76 18.98
CA SER D 1201 3.97 -6.27 19.46
C SER D 1201 3.96 -6.02 20.96
N GLU D 1202 2.87 -5.47 21.50
CA GLU D 1202 2.79 -5.22 22.94
C GLU D 1202 2.72 -6.54 23.72
N ARG D 1203 1.94 -7.50 23.23
CA ARG D 1203 1.84 -8.80 23.89
C ARG D 1203 3.16 -9.55 23.85
N VAL D 1204 3.88 -9.45 22.73
CA VAL D 1204 5.17 -10.12 22.61
C VAL D 1204 6.19 -9.48 23.54
N GLU D 1205 6.16 -8.15 23.70
CA GLU D 1205 7.07 -7.47 24.62
C GLU D 1205 6.83 -7.89 26.08
N ASN D 1206 5.56 -7.85 26.51
CA ASN D 1206 5.20 -8.24 27.87
C ASN D 1206 5.54 -9.71 28.11
N MET D 1207 5.33 -10.54 27.09
CA MET D 1207 5.62 -11.96 27.17
C MET D 1207 7.12 -12.20 27.28
N SER D 1208 7.94 -11.47 26.51
CA SER D 1208 9.40 -11.63 26.61
C SER D 1208 9.90 -11.25 28.00
N MET D 1209 9.39 -10.15 28.57
CA MET D 1209 10.02 -9.70 29.83
C MET D 1209 9.52 -10.53 31.01
N ARG D 1210 8.24 -10.86 31.06
CA ARG D 1210 7.76 -11.74 32.12
C ARG D 1210 8.28 -13.18 31.92
N LEU D 1211 8.47 -13.57 30.66
CA LEU D 1211 9.02 -14.87 30.35
C LEU D 1211 10.46 -14.96 30.83
N GLU D 1212 11.23 -13.89 30.70
CA GLU D 1212 12.57 -13.83 31.27
C GLU D 1212 12.55 -14.01 32.79
N GLU D 1213 11.52 -13.46 33.45
CA GLU D 1213 11.33 -13.76 34.87
C GLU D 1213 11.06 -15.27 35.11
N VAL D 1214 10.30 -15.90 34.20
CA VAL D 1214 10.04 -17.36 34.28
C VAL D 1214 11.35 -18.13 34.16
N ASN D 1215 12.24 -17.68 33.28
CA ASN D 1215 13.57 -18.28 33.16
C ASN D 1215 14.40 -18.15 34.43
N GLU D 1216 14.36 -16.99 35.07
CA GLU D 1216 15.09 -16.83 36.33
C GLU D 1216 14.55 -17.78 37.40
N ARG D 1217 13.23 -17.92 37.46
CA ARG D 1217 12.63 -18.87 38.40
C ARG D 1217 12.93 -20.32 38.03
N GLU D 1218 13.09 -20.63 36.73
CA GLU D 1218 13.43 -21.98 36.32
C GLU D 1218 14.87 -22.32 36.71
N HIS D 1219 15.78 -21.35 36.60
CA HIS D 1219 17.14 -21.55 37.06
C HIS D 1219 17.18 -21.75 38.58
N SER D 1220 16.37 -20.97 39.31
CA SER D 1220 16.29 -21.14 40.76
C SER D 1220 15.72 -22.51 41.14
N MET D 1221 14.69 -22.96 40.42
CA MET D 1221 14.09 -24.26 40.70
C MET D 1221 15.04 -25.40 40.36
N LYS D 1222 15.82 -25.25 39.28
CA LYS D 1222 16.83 -26.26 38.96
C LYS D 1222 17.92 -26.32 40.01
N ALA D 1223 18.33 -25.16 40.54
CA ALA D 1223 19.31 -25.14 41.63
C ALA D 1223 18.76 -25.78 42.89
N SER D 1224 17.48 -25.51 43.21
CA SER D 1224 16.86 -26.12 44.38
C SER D 1224 16.70 -27.63 44.21
N LEU D 1225 16.37 -28.09 43.01
CA LEU D 1225 16.25 -29.51 42.74
C LEU D 1225 17.61 -30.20 42.81
N GLN D 1226 18.66 -29.53 42.33
CA GLN D 1226 20.01 -30.08 42.44
C GLN D 1226 20.46 -30.17 43.90
N THR D 1227 20.13 -29.16 44.70
CA THR D 1227 20.46 -29.21 46.13
C THR D 1227 19.67 -30.30 46.86
N VAL D 1228 18.40 -30.49 46.48
CA VAL D 1228 17.59 -31.54 47.10
C VAL D 1228 18.08 -32.92 46.70
N ASP D 1229 18.54 -33.08 45.46
CA ASP D 1229 19.11 -34.35 45.03
C ASP D 1229 20.45 -34.61 45.70
N ILE D 1230 21.22 -33.56 45.94
CA ILE D 1230 22.50 -33.71 46.64
C ILE D 1230 22.27 -34.08 48.11
N ARG D 1231 21.23 -33.51 48.72
CA ARG D 1231 20.92 -33.82 50.12
C ARG D 1231 20.44 -35.25 50.28
N LEU D 1232 19.64 -35.74 49.34
CA LEU D 1232 19.14 -37.11 49.41
C LEU D 1232 19.77 -37.98 48.33
CAA Y01 E . -5.00 6.90 -46.82
CBA Y01 E . -5.90 7.25 -47.99
CAB Y01 E . -6.52 5.99 -48.57
CAN Y01 E . -5.14 8.07 -49.03
CAJ Y01 E . -5.99 8.83 -50.04
CAO Y01 E . -5.98 8.24 -51.45
CBB Y01 E . -7.05 8.75 -52.44
CAC Y01 E . -8.21 9.41 -51.70
CBE Y01 E . -6.44 9.63 -53.55
CAP Y01 E . -5.04 9.14 -53.98
CAQ Y01 E . -4.98 9.19 -55.51
CBG Y01 E . -6.08 10.21 -55.83
CBI Y01 E . -7.22 9.82 -54.88
CAE Y01 E . -7.89 8.50 -55.32
CAU Y01 E . -8.23 10.98 -54.94
CAS Y01 E . -8.70 11.27 -56.36
CBF Y01 E . -7.55 11.54 -57.34
CBD Y01 E . -6.49 10.44 -57.28
CAK Y01 E . -5.28 10.83 -58.13
CAI Y01 E . -5.66 11.48 -59.42
CAZ Y01 E . -6.88 11.90 -59.75
CAV Y01 E . -7.16 12.48 -61.12
CBH Y01 E . -8.05 11.82 -58.79
CAD Y01 E . -9.01 10.71 -59.29
CAT Y01 E . -8.80 13.17 -58.80
CAR Y01 E . -9.14 13.65 -60.20
CBC Y01 E . -7.89 13.79 -61.03
OAW Y01 E . -8.25 14.17 -62.40
CAY Y01 E . -8.42 15.46 -62.67
OAG Y01 E . -8.36 16.35 -61.85
CAM Y01 E . -8.70 15.67 -64.13
CAL Y01 E . -8.58 17.12 -64.57
CAX Y01 E . -9.87 17.90 -64.54
OAH Y01 E . -10.71 17.66 -65.44
OAF Y01 E . -10.03 18.75 -63.64
CAA Y01 F . -13.65 4.41 -52.35
CBA Y01 F . -15.13 4.22 -52.59
CAB Y01 F . -15.59 2.91 -51.98
CAN Y01 F . -15.46 4.21 -54.06
CAJ Y01 F . -15.13 5.47 -54.83
CAO Y01 F . -15.27 5.25 -56.32
CBB Y01 F . -15.24 6.48 -57.26
CAC Y01 F . -14.40 7.60 -56.64
CBE Y01 F . -14.78 6.10 -58.68
CAP Y01 F . -15.07 4.62 -59.01
CAQ Y01 F . -15.66 4.58 -60.42
CBG Y01 F . -15.09 5.87 -61.01
CBI Y01 F . -15.32 6.89 -59.89
CAE Y01 F . -16.81 7.23 -59.71
CAU Y01 F . -14.53 8.15 -60.29
CAS Y01 F . -14.90 8.66 -61.69
CBF Y01 F . -14.79 7.58 -62.78
CBD Y01 F . -15.56 6.31 -62.40
CAK Y01 F . -15.28 5.21 -63.41
CAI Y01 F . -15.34 5.71 -64.82
CAZ Y01 F . -15.28 6.97 -65.19
CAV Y01 F . -15.35 7.35 -66.65
CBH Y01 F . -15.15 8.12 -64.19
CAD Y01 F . -16.50 8.89 -64.18
CAT Y01 F . -14.04 9.06 -64.67
CAR Y01 F . -14.18 9.48 -66.13
CBC Y01 F . -14.21 8.27 -67.03
OAW Y01 F . -14.46 8.73 -68.40
CAY Y01 F . -13.38 9.03 -69.14
OAG Y01 F . -12.25 8.92 -68.77
CAM Y01 F . -13.78 9.51 -70.51
CAL Y01 F . -13.84 8.40 -71.53
CAX Y01 F . -13.20 8.75 -72.86
OAH Y01 F . -13.73 9.63 -73.57
OAF Y01 F . -12.16 8.13 -73.18
CAA Y01 G . 4.08 17.88 -49.27
CBA Y01 G . 4.27 19.00 -48.26
CAB Y01 G . 5.36 19.94 -48.70
CAN Y01 G . 4.42 18.50 -46.83
CAJ Y01 G . 5.15 17.17 -46.65
CAO Y01 G . 4.37 16.22 -45.75
CBB Y01 G . 5.00 14.83 -45.50
CAC Y01 G . 5.69 14.32 -46.77
CBE Y01 G . 5.92 14.81 -44.25
CAP Y01 G . 5.56 15.91 -43.23
CAQ Y01 G . 5.95 15.37 -41.85
CBG Y01 G . 6.71 14.08 -42.14
CBI Y01 G . 6.01 13.52 -43.39
CAE Y01 G . 4.60 12.99 -43.07
CAU Y01 G . 6.90 12.39 -43.92
CAS Y01 G . 7.20 11.32 -42.85
CBF Y01 G . 7.77 11.90 -41.54
CBD Y01 G . 6.92 13.07 -41.02
CAK Y01 G . 7.62 13.72 -39.84
CAI Y01 G . 8.15 12.72 -38.86
CAZ Y01 G . 8.39 11.45 -39.14
CAV Y01 G . 9.12 10.57 -38.15
CBH Y01 G . 8.00 10.79 -40.46
CAD Y01 G . 6.74 9.95 -40.23
CAT Y01 G . 9.14 9.89 -40.91
CAR Y01 G . 10.47 10.22 -40.23
CBC Y01 G . 10.39 10.00 -38.73
OAW Y01 G . 10.43 8.57 -38.46
CAY Y01 G . 11.31 8.13 -37.55
OAG Y01 G . 12.05 8.85 -36.94
CAM Y01 G . 11.25 6.64 -37.39
CAL Y01 G . 10.63 6.19 -36.08
CAX Y01 G . 9.12 6.38 -36.00
OAH Y01 G . 8.46 6.29 -37.06
OAF Y01 G . 8.63 6.60 -34.87
CAA Y01 H . 27.73 26.96 -43.45
CBA Y01 H . 26.30 27.35 -43.76
CAB Y01 H . 25.53 27.67 -42.49
CAN Y01 H . 26.24 28.49 -44.74
CAJ Y01 H . 26.94 28.24 -46.06
CAO Y01 H . 26.11 28.60 -47.28
CBB Y01 H . 26.19 30.05 -47.80
CAC Y01 H . 27.55 30.66 -47.45
CBE Y01 H . 25.87 30.08 -49.30
CAP Y01 H . 24.68 29.15 -49.66
CAQ Y01 H . 23.82 29.88 -50.70
CBG Y01 H . 24.80 30.91 -51.26
CBI Y01 H . 25.53 31.43 -50.00
CAE Y01 H . 24.61 32.29 -49.12
CAU Y01 H . 26.72 32.26 -50.51
CAS Y01 H . 26.30 33.37 -51.48
CBF Y01 H . 25.50 32.85 -52.67
CBD Y01 H . 24.30 32.00 -52.22
CAK Y01 H . 23.62 31.35 -53.42
CAI Y01 H . 23.49 32.29 -54.59
CAZ Y01 H . 24.14 33.44 -54.72
CAV Y01 H . 23.90 34.30 -55.93
CBH Y01 H . 25.11 33.97 -53.68
CAD Y01 H . 24.47 35.17 -52.97
CAT Y01 H . 26.40 34.42 -54.40
CAR Y01 H . 26.13 35.37 -55.57
CBC Y01 H . 25.22 34.70 -56.58
OAW Y01 H . 24.95 35.67 -57.64
CAY Y01 H . 25.07 35.23 -58.90
OAG Y01 H . 25.35 34.11 -59.20
CAM Y01 H . 24.83 36.35 -59.87
CAL Y01 H . 25.58 37.62 -59.50
CAX Y01 H . 27.06 37.40 -59.27
OAH Y01 H . 27.70 36.76 -60.13
OAF Y01 H . 27.57 37.89 -58.23
CAA Y01 I . 27.78 22.38 -50.19
CBA Y01 I . 28.84 23.45 -50.33
CAB Y01 I . 30.23 22.87 -50.22
CAN Y01 I . 28.67 24.60 -49.35
CAJ Y01 I . 29.82 25.61 -49.35
CAO Y01 I . 29.39 27.03 -49.73
CBB Y01 I . 30.33 27.82 -50.67
CAC Y01 I . 31.70 27.13 -50.79
CBE Y01 I . 29.68 28.12 -52.04
CAP Y01 I . 28.13 28.14 -51.94
CAQ Y01 I . 27.65 29.17 -52.98
CBG Y01 I . 28.89 29.48 -53.81
CBI Y01 I . 30.03 29.45 -52.77
CAE Y01 I . 29.97 30.64 -51.80
CAU Y01 I . 31.35 29.47 -53.57
CAS Y01 I . 31.42 30.68 -54.50
CBF Y01 I . 30.23 30.80 -55.47
CBD Y01 I . 28.89 30.70 -54.73
CAK Y01 I . 27.75 30.60 -55.74
CAI Y01 I . 27.95 31.46 -56.95
CAZ Y01 I . 29.03 32.18 -57.19
CAV Y01 I . 29.05 33.19 -58.32
CBH Y01 I . 30.31 32.07 -56.36
CAD Y01 I . 30.45 33.35 -55.52
CAT Y01 I . 31.51 31.94 -57.31
CAR Y01 I . 31.54 33.05 -58.36
CBC Y01 I . 30.28 33.02 -59.19
OAW Y01 I . 30.31 34.16 -60.12
CAY Y01 I . 30.94 34.00 -61.29
OAG Y01 I . 31.51 32.99 -61.61
CAM Y01 I . 30.86 35.26 -62.11
CAL Y01 I . 31.25 35.03 -63.56
CAX Y01 I . 30.36 34.06 -64.32
OAH Y01 I . 29.13 34.30 -64.31
OAF Y01 I . 30.90 33.09 -64.88
C01 A1AIA J . 22.65 13.65 -47.04
C02 A1AIA J . 22.60 13.83 -45.54
C03 A1AIA J . 23.76 13.11 -44.80
C04 A1AIA J . 23.54 11.60 -44.92
C07 A1AIA J . 25.96 11.34 -44.89
C09 A1AIA J . 25.08 13.55 -45.41
C11 A1AIA J . 23.78 13.45 -43.31
C12 A1AIA J . 24.35 14.64 -42.86
C13 A1AIA J . 24.32 14.98 -41.53
C14 A1AIA J . 23.73 14.14 -40.61
C15 A1AIA J . 23.17 12.97 -41.03
C16 A1AIA J . 23.18 12.61 -42.37
N06 A1AIA J . 24.61 10.84 -44.72
N08 A1AIA J . 25.97 12.58 -45.64
O05 A1AIA J . 22.45 11.13 -45.20
O10 A1AIA J . 25.30 14.71 -45.70
CAA Y01 K . -25.26 22.18 -34.05
CBA Y01 K . -26.12 23.36 -34.47
CAB Y01 K . -26.57 24.16 -33.26
CAN Y01 K . -27.28 22.95 -35.35
CAJ Y01 K . -28.10 24.11 -35.91
CAO Y01 K . -27.83 24.40 -37.38
CBB Y01 K . -28.85 23.84 -38.42
CAC Y01 K . -30.12 23.35 -37.72
CBE Y01 K . -29.10 24.87 -39.53
CAP Y01 K . -27.79 25.57 -39.97
CAQ Y01 K . -27.85 25.75 -41.49
CBG Y01 K . -29.32 25.57 -41.79
CBI Y01 K . -29.75 24.40 -40.87
CAE Y01 K . -29.17 23.05 -41.33
CAU Y01 K . -31.29 24.37 -40.92
CAS Y01 K . -31.82 24.21 -42.35
CBF Y01 K . -31.31 25.29 -43.31
CBD Y01 K . -29.78 25.42 -43.25
CAK Y01 K . -29.33 26.63 -44.07
CAI Y01 K . -30.07 26.77 -45.37
CAZ Y01 K . -31.13 26.06 -45.71
CAV Y01 K . -31.72 26.17 -47.09
CBH Y01 K . -31.82 25.09 -44.77
CAD Y01 K . -31.56 23.65 -45.26
CAT Y01 K . -33.33 25.36 -44.80
CAR Y01 K . -33.90 25.37 -46.21
CBC Y01 K . -33.21 26.42 -47.04
OAW Y01 K . -33.73 26.34 -48.41
CAY Y01 K . -34.03 27.49 -49.04
OAG Y01 K . -33.88 28.57 -48.55
CAM Y01 K . -34.55 27.23 -50.41
CAL Y01 K . -33.59 27.67 -51.51
CAX Y01 K . -33.37 29.16 -51.59
OAH Y01 K . -34.35 29.90 -51.33
OAF Y01 K . -32.24 29.58 -51.91
CAA Y01 L . -7.26 13.39 -45.42
CBA Y01 L . -8.19 13.50 -46.61
CAB Y01 L . -9.43 12.65 -46.40
CAN Y01 L . -7.50 13.17 -47.92
CAJ Y01 L . -8.34 13.39 -49.17
CAO Y01 L . -7.99 14.65 -49.96
CBB Y01 L . -7.09 14.49 -51.20
CAC Y01 L . -6.99 13.01 -51.61
CBE Y01 L . -7.57 15.41 -52.34
CAP Y01 L . -8.00 16.81 -51.81
CAQ Y01 L . -7.51 17.84 -52.82
CBG Y01 L . -7.28 17.01 -54.08
CBI Y01 L . -6.62 15.72 -53.54
CAE Y01 L . -5.19 15.97 -53.05
CAU Y01 L . -6.63 14.73 -54.71
CAS Y01 L . -5.92 15.28 -55.95
CBF Y01 L . -6.48 16.63 -56.42
CBD Y01 L . -6.56 17.64 -55.28
CAK Y01 L . -7.31 18.89 -55.74
CAI Y01 L . -6.93 19.30 -57.13
CAZ Y01 L . -6.18 18.60 -57.96
CAV Y01 L . -5.75 19.18 -59.29
CBH Y01 L . -5.71 17.18 -57.65
CAD Y01 L . -4.19 17.22 -57.40
CAT Y01 L . -6.00 16.29 -58.86
CAR Y01 L . -5.45 16.87 -60.16
CBC Y01 L . -6.04 18.24 -60.43
OAW Y01 L . -5.42 18.78 -61.64
CAY Y01 L . -6.22 19.38 -62.53
OAG Y01 L . -7.40 19.51 -62.38
CAM Y01 L . -5.42 19.87 -63.70
CAL Y01 L . -5.34 21.39 -63.77
CAX Y01 L . -6.66 22.08 -64.03
OAH Y01 L . -7.48 21.51 -64.79
OAF Y01 L . -6.86 23.19 -63.49
CAA Y01 M . 12.66 30.35 -34.45
CBA Y01 M . 12.78 30.65 -35.94
CAB Y01 M . 14.13 30.21 -36.45
CAN Y01 M . 12.48 32.12 -36.21
CAJ Y01 M . 12.17 32.49 -37.66
CAO Y01 M . 13.28 33.25 -38.37
CBB Y01 M . 13.17 33.37 -39.92
CAC Y01 M . 12.22 32.32 -40.47
CBE Y01 M . 12.86 34.81 -40.36
CAP Y01 M . 13.54 35.87 -39.46
CAQ Y01 M . 14.12 36.95 -40.38
CBG Y01 M . 13.28 36.78 -41.63
CBI Y01 M . 13.19 35.25 -41.81
CAE Y01 M . 14.54 34.66 -42.27
CAU Y01 M . 12.11 35.01 -42.88
CAS Y01 M . 12.40 35.74 -44.19
CBF Y01 M . 12.61 37.26 -44.00
CBD Y01 M . 13.65 37.55 -42.90
CAK Y01 M . 13.68 39.06 -42.62
CAI Y01 M . 13.61 39.89 -43.86
CAZ Y01 M . 13.29 39.44 -45.07
CAV Y01 M . 13.32 40.36 -46.26
CBH Y01 M . 12.92 37.99 -45.34
CAD Y01 M . 14.10 37.32 -46.09
CAT Y01 M . 11.67 37.95 -46.22
CAR Y01 M . 11.78 38.82 -47.47
CBC Y01 M . 12.04 40.26 -47.07
OAW Y01 M . 12.24 41.06 -48.28
CAY Y01 M . 11.17 41.56 -48.89
OAG Y01 M . 10.04 41.35 -48.55
CAM Y01 M . 11.56 42.42 -50.06
CAL Y01 M . 10.43 43.28 -50.58
CAX Y01 M . 9.65 42.66 -51.72
OAH Y01 M . 10.20 42.63 -52.84
OAF Y01 M . 8.50 42.23 -51.49
CAA Y01 N . 16.79 27.49 -43.75
CBA Y01 N . 17.01 26.59 -44.96
CAB Y01 N . 17.92 25.46 -44.60
CAN Y01 N . 17.60 27.37 -46.09
CAJ Y01 N . 16.77 28.52 -46.65
CAO Y01 N . 17.58 29.36 -47.63
CBB Y01 N . 16.84 30.42 -48.47
CAC Y01 N . 15.60 30.93 -47.73
CBE Y01 N . 17.78 31.54 -48.91
CAP Y01 N . 19.26 31.08 -48.98
CAQ Y01 N . 19.85 31.63 -50.28
CBG Y01 N . 18.94 32.82 -50.54
CBI Y01 N . 17.53 32.27 -50.25
CAE Y01 N . 17.08 31.27 -51.34
CAU Y01 N . 16.59 33.48 -50.23
CAS Y01 N . 16.69 34.34 -51.49
CBF Y01 N . 18.11 34.78 -51.81
CBD Y01 N . 19.08 33.59 -51.85
CAK Y01 N . 20.51 34.09 -52.01
CAI Y01 N . 20.64 35.16 -53.04
CAZ Y01 N . 19.63 35.87 -53.53
CAV Y01 N . 19.88 36.92 -54.58
CBH Y01 N . 18.19 35.67 -53.11
CAD Y01 N . 17.42 35.02 -54.27
CAT Y01 N . 17.57 37.04 -52.78
CAR Y01 N . 17.78 38.06 -53.89
CBC Y01 N . 19.25 38.25 -54.19
OAW Y01 N . 19.38 39.16 -55.32
CAY Y01 N . 19.46 40.47 -55.06
OAG Y01 N . 19.45 40.93 -53.95
CAM Y01 N . 19.55 41.27 -56.32
CAL Y01 N . 20.99 41.55 -56.73
CAX Y01 N . 21.23 42.99 -57.16
OAH Y01 N . 20.70 43.39 -58.21
OAF Y01 N . 21.98 43.69 -56.42
CAA Y01 O . 4.06 41.67 -31.82
CBA Y01 O . 2.63 41.49 -31.33
CAB Y01 O . 2.01 42.82 -31.02
CAN Y01 O . 2.52 40.47 -30.21
CAJ Y01 O . 3.68 40.38 -29.23
CAO Y01 O . 4.15 38.95 -29.03
CBB Y01 O . 5.34 38.74 -28.07
CAC Y01 O . 6.35 39.87 -28.21
CBE Y01 O . 4.89 38.50 -26.60
CAP Y01 O . 3.45 37.95 -26.51
CAQ Y01 O . 3.39 37.09 -25.24
CBG Y01 O . 4.73 37.37 -24.53
CBI Y01 O . 5.72 37.56 -25.70
CAE Y01 O . 6.01 36.23 -26.43
CAU Y01 O . 7.00 38.12 -25.08
CAS Y01 O . 7.56 37.24 -23.96
CBF Y01 O . 6.53 36.94 -22.85
CBD Y01 O . 5.21 36.42 -23.44
CAK Y01 O . 4.16 36.31 -22.34
CAI Y01 O . 4.70 35.67 -21.10
CAZ Y01 O . 5.98 35.59 -20.78
CAV Y01 O . 6.41 35.11 -19.42
CBH Y01 O . 7.10 36.00 -21.73
CAD Y01 O . 7.71 34.72 -22.33
CAT Y01 O . 8.16 36.76 -20.95
CAR Y01 O . 7.64 37.30 -19.61
CBC Y01 O . 7.23 36.16 -18.68
OAW Y01 O . 8.43 35.52 -18.15
CAY Y01 O . 8.48 35.36 -16.82
OAG Y01 O . 7.61 35.68 -16.06
CAM Y01 O . 9.78 34.71 -16.41
CAL Y01 O . 9.62 33.28 -15.95
CAX Y01 O . 9.36 32.28 -17.08
OAH Y01 O . 9.84 32.52 -18.20
OAF Y01 O . 8.66 31.28 -16.79
CAA Y01 P . -5.52 56.47 -12.73
CBA Y01 P . -5.82 55.86 -14.09
CAB Y01 P . -6.67 54.61 -13.95
CAN Y01 P . -6.46 56.86 -15.01
CAJ Y01 P . -5.65 58.13 -15.25
CAO Y01 P . -5.52 58.51 -16.72
CBB Y01 P . -6.63 59.39 -17.32
CAC Y01 P . -7.27 60.26 -16.23
CBE Y01 P . -6.06 60.21 -18.50
CAP Y01 P . -5.13 59.35 -19.39
CAQ Y01 P . -5.40 59.72 -20.85
CBG Y01 P . -6.07 61.08 -20.71
CBI Y01 P . -7.03 60.90 -19.51
CAE Y01 P . -8.21 59.99 -19.86
CAU Y01 P . -7.53 62.31 -19.14
CAS Y01 P . -8.15 63.05 -20.32
CBF Y01 P . -7.23 63.14 -21.53
CBD Y01 P . -6.69 61.76 -21.94
CAK Y01 P . -5.65 61.90 -23.03
CAI Y01 P . -6.03 62.90 -24.08
CAZ Y01 P . -6.99 63.80 -23.95
CAV Y01 P . -7.29 64.75 -25.09
CBH Y01 P . -7.85 63.93 -22.71
CAD Y01 P . -9.27 63.43 -23.05
CAT Y01 P . -7.93 65.42 -22.31
CAR Y01 P . -8.31 66.34 -23.46
CBC Y01 P . -7.33 66.19 -24.61
OAW Y01 P . -7.79 67.04 -25.70
CAY Y01 P . -6.88 67.83 -26.28
OAG Y01 P . -5.72 67.85 -25.99
CAM Y01 P . -7.51 68.69 -27.33
CAL Y01 P . -8.78 69.36 -26.84
CAX Y01 P . -8.61 70.12 -25.55
OAH Y01 P . -7.65 70.91 -25.44
OAF Y01 P . -9.46 69.92 -24.64
CAA Y01 Q . 1.41 59.49 -15.77
CBA Y01 Q . 0.53 60.65 -15.32
CAB Y01 Q . 1.08 61.30 -14.08
CAN Y01 Q . -0.93 60.27 -15.12
CAJ Y01 Q . -1.79 61.36 -14.51
CAO Y01 Q . -2.94 61.81 -15.39
CBB Y01 Q . -3.24 63.33 -15.46
CAC Y01 Q . -2.50 64.09 -14.36
CBE Y01 Q . -2.99 63.91 -16.87
CAP Y01 Q . -3.12 62.84 -17.98
CAQ Y01 Q . -3.65 63.54 -19.23
CBG Y01 Q . -3.53 65.03 -18.89
CBI Y01 Q . -3.88 65.08 -17.39
CAE Y01 Q . -5.37 64.78 -17.12
CAU Y01 Q . -3.52 66.49 -16.91
CAS Y01 Q . -4.24 67.58 -17.71
CBF Y01 Q . -4.01 67.47 -19.23
CBD Y01 Q . -4.27 66.05 -19.75
CAK Y01 Q . -3.81 65.94 -21.20
CAI Y01 Q . -4.11 67.17 -22.01
CAZ Y01 Q . -4.61 68.30 -21.53
CAV Y01 Q . -5.07 69.40 -22.45
CBH Y01 Q . -4.79 68.54 -20.03
CAD Y01 Q . -6.30 68.50 -19.72
CAT Y01 Q . -4.23 69.93 -19.69
CAR Y01 Q . -4.82 71.02 -20.58
CBC Y01 Q . -4.50 70.74 -22.04
OAW Y01 Q . -5.16 71.76 -22.87
CAY Y01 Q . -4.51 72.91 -23.07
OAG Y01 Q . -3.43 73.17 -22.61
CAM Y01 Q . -5.32 73.83 -23.95
CAL Y01 Q . -4.51 74.98 -24.51
CAX Y01 Q . -3.36 74.57 -25.40
OAH Y01 Q . -3.63 73.83 -26.38
OAF Y01 Q . -2.22 74.98 -25.12
C01 A1AIA R . 7.85 51.08 -15.56
C02 A1AIA R . 7.08 50.11 -14.70
C03 A1AIA R . 7.48 50.13 -13.21
C04 A1AIA R . 8.89 49.56 -13.09
C07 A1AIA R . 9.23 51.06 -11.19
C09 A1AIA R . 7.38 51.56 -12.70
C11 A1AIA R . 6.55 49.26 -12.35
C12 A1AIA R . 5.32 49.73 -11.93
C13 A1AIA R . 4.46 48.93 -11.20
C14 A1AIA R . 4.82 47.65 -10.88
C15 A1AIA R . 6.04 47.16 -11.29
C16 A1AIA R . 6.90 47.96 -12.01
N06 A1AIA R . 9.55 49.88 -11.97
N08 A1AIA R . 8.40 51.98 -11.95
O05 A1AIA R . 9.39 48.87 -13.95
O10 A1AIA R . 6.45 52.29 -12.99
CAA Y01 S . -5.99 49.46 -21.29
CBA Y01 S . -4.67 50.10 -21.67
CAB Y01 S . -3.73 50.09 -20.48
CAN Y01 S . -4.86 51.53 -22.12
CAJ Y01 S . -5.72 51.73 -23.36
CAO Y01 S . -6.03 53.21 -23.56
CBB Y01 S . -6.67 53.63 -24.90
CAC Y01 S . -7.51 52.50 -25.49
CBE Y01 S . -7.46 54.95 -24.74
CAP Y01 S . -6.94 55.82 -23.57
CAQ Y01 S . -6.85 57.26 -24.08
CBG Y01 S . -7.88 57.24 -25.20
CBI Y01 S . -7.57 55.92 -25.94
CAE Y01 S . -6.24 56.00 -26.70
CAU Y01 S . -8.73 55.69 -26.91
CAS Y01 S . -8.97 56.88 -27.84
CBF Y01 S . -9.17 58.21 -27.09
CBD Y01 S . -8.02 58.46 -26.10
CAK Y01 S . -8.34 59.69 -25.26
CAI Y01 S . -8.87 60.83 -26.06
CAZ Y01 S . -9.35 60.72 -27.28
CAV Y01 S . -9.86 61.95 -28.01
CBH Y01 S . -9.43 59.41 -28.05
CAD Y01 S . -8.39 59.45 -29.20
CAT Y01 S . -10.84 59.27 -28.64
CAR Y01 S . -11.29 60.50 -29.43
CBC Y01 S . -11.26 61.73 -28.56
OAW Y01 S . -11.60 62.88 -29.38
CAY Y01 S . -12.90 63.20 -29.48
OAG Y01 S . -13.77 62.63 -28.92
CAM Y01 S . -13.09 64.39 -30.39
CAL Y01 S . -13.10 65.70 -29.65
CAX Y01 S . -14.21 66.65 -30.08
OAH Y01 S . -14.18 67.13 -31.23
OAF Y01 S . -15.12 66.89 -29.23
CAA Y01 T . -30.53 18.32 -31.50
CBA Y01 T . -31.21 19.55 -32.07
CAB Y01 T . -32.50 19.83 -31.33
CAN Y01 T . -31.41 19.39 -33.58
CAJ Y01 T . -31.68 20.67 -34.36
CAO Y01 T . -33.13 20.81 -34.84
CBB Y01 T . -33.57 22.20 -35.34
CAC Y01 T . -32.62 23.29 -34.85
CBE Y01 T . -33.80 22.22 -36.88
CAP Y01 T . -34.39 20.89 -37.39
CAQ Y01 T . -35.50 21.23 -38.39
CBG Y01 T . -35.10 22.64 -38.82
CBI Y01 T . -34.70 23.32 -37.50
CAE Y01 T . -35.92 23.61 -36.61
CAU Y01 T . -34.01 24.64 -37.90
CAS Y01 T . -34.89 25.52 -38.78
CBF Y01 T . -35.41 24.82 -40.04
CBD Y01 T . -36.06 23.46 -39.70
CAK Y01 T . -36.38 22.71 -40.98
CAI Y01 T . -36.94 23.59 -42.06
CAZ Y01 T . -36.93 24.91 -42.04
CAV Y01 T . -37.58 25.70 -43.15
CBH Y01 T . -36.32 25.72 -40.90
CAD Y01 T . -37.47 26.34 -40.07
CAT Y01 T . -35.46 26.85 -41.50
CAR Y01 T . -36.20 27.67 -42.55
CBC Y01 T . -36.67 26.78 -43.67
OAW Y01 T . -37.46 27.57 -44.62
CAY Y01 T . -36.81 28.23 -45.59
OAG Y01 T . -35.62 28.26 -45.70
CAM Y01 T . -37.78 28.92 -46.52
CAL Y01 T . -37.14 29.39 -47.80
CAX Y01 T . -36.65 30.82 -47.77
OAH Y01 T . -37.51 31.72 -47.82
OAF Y01 T . -35.42 31.03 -47.71
CAA Y01 U . -36.64 26.75 -29.65
CBA Y01 U . -37.00 28.09 -29.06
CAB Y01 U . -37.43 27.92 -27.62
CAN Y01 U . -38.12 28.74 -29.83
CAJ Y01 U . -37.84 29.07 -31.29
CAO Y01 U . -39.11 29.49 -31.99
CBB Y01 U . -38.99 30.10 -33.40
CAC Y01 U . -37.76 29.55 -34.13
CBE Y01 U . -40.29 29.90 -34.22
CAP Y01 U . -41.53 29.76 -33.31
CAQ Y01 U . -42.64 30.63 -33.91
CBG Y01 U . -42.20 30.70 -35.37
CBI Y01 U . -40.68 30.96 -35.28
CAE Y01 U . -40.39 32.38 -34.78
CAU Y01 U . -40.12 30.76 -36.70
CAS Y01 U . -40.85 31.61 -37.74
CBF Y01 U . -42.36 31.43 -37.74
CBD Y01 U . -42.95 31.61 -36.34
CAK Y01 U . -44.43 31.25 -36.33
CAI Y01 U . -45.16 31.81 -37.51
CAZ Y01 U . -44.60 32.27 -38.61
CAV Y01 U . -45.44 32.83 -39.73
CBH Y01 U . -43.08 32.30 -38.82
CAD Y01 U . -42.61 33.76 -38.77
CAT Y01 U . -42.77 31.70 -40.20
CAR Y01 U . -43.59 32.34 -41.33
CBC Y01 U . -45.06 32.19 -41.05
OAW Y01 U . -45.79 32.90 -42.11
CAY Y01 U . -46.11 32.22 -43.21
OAG Y01 U . -45.86 31.05 -43.37
CAM Y01 U . -46.82 33.08 -44.21
CAL Y01 U . -48.33 33.02 -44.08
CAX Y01 U . -49.07 32.88 -45.39
OAH Y01 U . -49.02 33.84 -46.19
OAF Y01 U . -49.67 31.81 -45.61
CAA Y01 V . -24.73 14.32 -44.11
CBA Y01 V . -23.22 14.26 -44.32
CAB Y01 V . -22.89 13.70 -45.68
CAN Y01 V . -22.48 13.61 -43.17
CAJ Y01 V . -23.20 12.47 -42.47
CAO Y01 V . -23.19 12.62 -40.96
CBB Y01 V . -23.90 11.53 -40.14
CAC Y01 V . -25.16 11.05 -40.86
CBE Y01 V . -22.95 10.37 -39.73
CAP Y01 V . -21.47 10.82 -39.69
CAQ Y01 V . -20.77 9.95 -38.63
CBG Y01 V . -21.82 8.89 -38.27
CBI Y01 V . -23.16 9.65 -38.37
CAE Y01 V . -23.32 10.68 -37.23
CAU Y01 V . -24.27 8.59 -38.30
CAS Y01 V . -24.16 7.71 -37.05
CBF Y01 V . -22.79 7.06 -36.86
CBD Y01 V . -21.65 8.08 -36.97
CAK Y01 V . -20.30 7.37 -36.97
CAI Y01 V . -20.22 6.31 -35.92
CAZ Y01 V . -21.26 5.74 -35.35
CAV Y01 V . -21.08 4.54 -34.45
CBH Y01 V . -22.70 6.21 -35.57
CAD Y01 V . -23.13 7.01 -34.33
CAT Y01 V . -23.60 4.98 -35.71
CAR Y01 V . -22.81 3.71 -36.05
CBC Y01 V . -21.84 3.33 -34.95
OAW Y01 V . -22.60 2.76 -33.83
CAY Y01 V . -22.16 1.59 -33.35
OAG Y01 V . -21.20 1.00 -33.76
CAM Y01 V . -23.04 1.10 -32.23
CAL Y01 V . -22.39 1.20 -30.86
CAX Y01 V . -22.26 2.61 -30.31
OAH Y01 V . -23.13 3.44 -30.62
OAF Y01 V . -21.28 2.85 -29.57
CAA Y01 W . -13.45 -5.63 -56.39
CBA Y01 W . -13.49 -4.12 -56.25
CAB Y01 W . -12.35 -3.63 -55.37
CAN Y01 W . -13.46 -3.44 -57.60
CAJ Y01 W . -14.59 -3.84 -58.53
CAO Y01 W . -15.30 -2.65 -59.18
CBB Y01 W . -14.72 -2.12 -60.50
CAC Y01 W . -14.00 -3.24 -61.26
CBE Y01 W . -15.83 -1.43 -61.33
CAP Y01 W . -16.75 -0.57 -60.43
CAQ Y01 W . -17.08 0.71 -61.21
CBG Y01 W . -16.78 0.30 -62.64
CBI Y01 W . -15.47 -0.51 -62.51
CAE Y01 W . -14.27 0.39 -62.16
CAU Y01 W . -15.25 -1.19 -63.88
CAS Y01 W . -15.26 -0.20 -65.05
CBF Y01 W . -16.53 0.65 -65.09
CBD Y01 W . -16.79 1.35 -63.76
CAK Y01 W . -18.14 2.05 -63.79
CAI Y01 W . -18.40 2.77 -65.08
CAZ Y01 W . -17.71 2.60 -66.20
CAV Y01 W . -18.06 3.40 -67.43
CBH Y01 W . -16.55 1.62 -66.32
CAD Y01 W . -15.24 2.44 -66.42
CAT Y01 W . -16.74 0.80 -67.60
CAR Y01 W . -16.99 1.64 -68.84
CBC Y01 W . -18.22 2.50 -68.64
OAW Y01 W . -18.39 3.34 -69.82
CAY Y01 W . -19.61 3.39 -70.36
OAG Y01 W . -20.57 2.84 -69.91
CAM Y01 W . -19.61 4.22 -71.61
CAL Y01 W . -18.45 3.86 -72.54
CAX Y01 W . -18.37 2.39 -72.87
OAH Y01 W . -19.42 1.81 -73.24
OAF Y01 W . -17.25 1.83 -72.76
CAA Y01 X . -21.53 -5.51 -57.50
CBA Y01 X . -20.89 -6.08 -58.74
CAB Y01 X . -21.14 -7.57 -58.86
CAN Y01 X . -19.39 -5.79 -58.85
CAJ Y01 X . -18.68 -6.51 -59.99
CAO Y01 X . -18.04 -5.55 -61.00
CBB Y01 X . -18.18 -5.92 -62.50
CAC Y01 X . -18.68 -7.36 -62.68
CBE Y01 X . -19.02 -4.88 -63.27
CAP Y01 X . -19.00 -3.49 -62.59
CAQ Y01 X . -19.11 -2.45 -63.71
CBG Y01 X . -19.49 -3.26 -64.94
CBI Y01 X . -18.69 -4.58 -64.75
CAE Y01 X . -17.18 -4.36 -64.93
CAU Y01 X . -19.22 -5.55 -65.81
CAS Y01 X . -19.11 -4.99 -67.23
CBF Y01 X . -19.79 -3.64 -67.41
CBD Y01 X . -19.36 -2.63 -66.33
CAK Y01 X . -20.23 -1.37 -66.41
CAI Y01 X . -20.55 -0.97 -67.82
CAZ Y01 X . -20.21 -1.66 -68.90
CAV Y01 X . -20.39 -1.06 -70.28
CBH Y01 X . -19.62 -3.06 -68.84
CAD Y01 X . -18.13 -2.97 -69.24
CAT Y01 X . -20.37 -3.96 -69.84
CAR Y01 X . -20.41 -3.36 -71.23
CBC Y01 X . -21.10 -2.01 -71.22
OAW Y01 X . -21.04 -1.43 -72.56
CAY Y01 X . -21.99 -1.77 -73.44
OAG Y01 X . -22.88 -2.53 -73.20
CAM Y01 X . -21.78 -1.07 -74.75
CAL Y01 X . -22.99 -1.13 -75.66
CAX Y01 X . -24.23 -0.46 -75.10
OAH Y01 X . -24.12 0.74 -74.75
OAF Y01 X . -25.28 -1.14 -75.02
C01 A1AIA Y . -25.18 -4.53 -47.58
C02 A1AIA Y . -23.93 -4.81 -46.76
C03 A1AIA Y . -23.81 -6.28 -46.30
C04 A1AIA Y . -24.91 -6.55 -45.28
C07 A1AIA Y . -24.97 -8.84 -46.08
C09 A1AIA Y . -23.93 -7.18 -47.51
C11 A1AIA Y . -22.47 -6.55 -45.62
C12 A1AIA Y . -21.32 -6.79 -46.38
C13 A1AIA Y . -20.10 -6.99 -45.77
C14 A1AIA Y . -20.00 -6.96 -44.40
C15 A1AIA Y . -21.12 -6.72 -43.63
C16 A1AIA Y . -22.34 -6.53 -44.24
N06 A1AIA Y . -25.22 -7.83 -45.07
N08 A1AIA Y . -24.70 -8.26 -47.37
O05 A1AIA Y . -25.47 -5.64 -44.67
O10 A1AIA Y . -23.36 -6.93 -48.56
CAA Y01 Z . -11.78 38.65 -25.63
CBA Y01 Z . -11.36 39.92 -26.33
CAB Y01 Z . -9.94 40.31 -25.93
CAN Y01 Z . -12.33 41.06 -26.12
CAJ Y01 Z . -12.03 42.32 -26.90
CAO Y01 Z . -12.92 42.54 -28.13
CBB Y01 Z . -14.10 43.52 -27.98
CAC Y01 Z . -13.95 44.35 -26.70
CBE Y01 Z . -14.27 44.36 -29.25
CAP Y01 Z . -14.05 43.52 -30.54
CAQ Y01 Z . -15.08 43.98 -31.57
CBG Y01 Z . -15.50 45.35 -31.03
CBI Y01 Z . -15.60 45.13 -29.51
CAE Y01 Z . -16.80 44.26 -29.13
CAU Y01 Z . -15.73 46.53 -28.89
CAS Y01 Z . -16.92 47.30 -29.45
CBF Y01 Z . -16.91 47.43 -30.98
CBD Y01 Z . -16.70 46.06 -31.65
CAK Y01 Z . -16.49 46.25 -33.16
CAI Y01 Z . -17.39 47.29 -33.75
CAZ Y01 Z . -18.17 48.11 -33.05
CAV Y01 Z . -19.15 49.02 -33.76
CBH Y01 Z . -18.15 48.19 -31.53
CAD Y01 Z . -19.45 47.58 -30.99
CAT Y01 Z . -18.05 49.66 -31.11
CAR Y01 Z . -19.13 50.53 -31.77
CBC Y01 Z . -19.01 50.45 -33.28
OAW Y01 Z . -20.11 51.22 -33.85
CAY Y01 Z . -19.83 52.03 -34.89
OAG Y01 Z . -18.73 52.14 -35.37
CAM Y01 Z . -21.06 52.75 -35.35
CAL Y01 Z . -21.54 52.29 -36.72
CAX Y01 Z . -20.59 52.61 -37.86
OAH Y01 Z . -19.95 53.69 -37.80
OAF Y01 Z . -20.51 51.79 -38.81
CAA Y01 AA . 6.07 30.08 -36.84
CBA Y01 AA . 6.41 30.30 -38.30
CAB Y01 AA . 7.05 29.05 -38.89
CAN Y01 AA . 7.27 31.52 -38.51
CAJ Y01 AA . 7.55 31.87 -39.96
CAO Y01 AA . 6.73 33.05 -40.49
CBB Y01 AA . 7.43 34.43 -40.56
CAC Y01 AA . 8.95 34.26 -40.38
CBE Y01 AA . 7.04 35.18 -41.84
CAP Y01 AA . 5.53 35.01 -42.17
CAQ Y01 AA . 5.02 36.35 -42.68
CBG Y01 AA . 6.30 37.07 -43.09
CBI Y01 AA . 7.29 36.71 -41.95
CAE Y01 AA . 6.92 37.42 -40.64
CAU Y01 AA . 8.67 37.17 -42.44
CAS Y01 AA . 8.70 38.64 -42.81
CBF Y01 AA . 7.65 39.04 -43.84
CBD Y01 AA . 6.25 38.56 -43.44
CAK Y01 AA . 5.27 38.79 -44.59
CAI Y01 AA . 5.48 40.11 -45.27
CAZ Y01 AA . 6.49 40.93 -45.05
CAV Y01 AA . 6.52 42.30 -45.68
CBH Y01 AA . 7.68 40.56 -44.17
CAD Y01 AA . 7.62 41.41 -42.88
CAT Y01 AA . 8.97 40.88 -44.92
CAR Y01 AA . 9.01 42.32 -45.45
CBC Y01 AA . 7.84 42.56 -46.38
OAW Y01 AA . 7.87 43.96 -46.80
CAY Y01 AA . 7.64 44.24 -48.09
OAG Y01 AA . 7.42 43.39 -48.92
CAM Y01 AA . 7.71 45.70 -48.36
CAL Y01 AA . 6.36 46.31 -48.70
CAX Y01 AA . 5.77 45.84 -50.01
OAH Y01 AA . 6.57 45.62 -50.95
OAF Y01 AA . 4.53 45.71 -50.09
CAA Y01 BA . -12.69 41.54 -19.30
CBA Y01 BA . -12.33 42.70 -20.21
CAB Y01 BA . -11.65 43.80 -19.41
CAN Y01 BA . -13.57 43.20 -20.96
CAJ Y01 BA . -13.32 44.07 -22.18
CAO Y01 BA . -13.65 45.55 -21.98
CBB Y01 BA . -13.11 46.55 -23.04
CAC Y01 BA . -11.98 45.92 -23.85
CBE Y01 BA . -14.26 47.13 -23.91
CAP Y01 BA . -15.55 47.34 -23.09
CAQ Y01 BA . -16.11 48.71 -23.50
CBG Y01 BA . -15.49 48.92 -24.87
CBI Y01 BA . -14.02 48.46 -24.67
CAE Y01 BA . -13.23 49.45 -23.80
CAU Y01 BA . -13.42 48.37 -26.08
CAS Y01 BA . -13.52 49.68 -26.85
CBF Y01 BA . -14.96 50.22 -26.95
CBD Y01 BA . -15.63 50.28 -25.57
CAK Y01 BA . -17.12 50.63 -25.73
CAI Y01 BA . -17.36 51.69 -26.76
CAZ Y01 BA . -16.46 52.12 -27.63
CAV Y01 BA . -16.80 53.25 -28.58
CBH Y01 BA . -15.04 51.56 -27.72
CAD Y01 BA . -14.07 52.61 -27.15
CAT Y01 BA . -14.70 51.30 -29.19
CAR Y01 BA . -14.97 52.51 -30.10
CBC Y01 BA . -16.43 52.91 -30.01
OAW Y01 BA . -16.64 54.12 -30.79
CAY Y01 BA . -16.89 53.98 -32.10
OAG Y01 BA . -16.90 52.93 -32.68
CAM Y01 BA . -17.17 55.31 -32.74
CAL Y01 BA . -17.80 55.20 -34.12
CAX Y01 BA . -16.80 55.22 -35.27
OAH Y01 BA . -16.26 56.33 -35.54
OAF Y01 BA . -16.56 54.16 -35.87
CAA Y01 CA . -24.50 37.97 -26.85
CBA Y01 CA . -24.61 36.64 -27.55
CAB Y01 CA . -25.99 36.47 -28.15
CAN Y01 CA . -24.16 35.46 -26.70
CAJ Y01 CA . -24.43 35.56 -25.20
CAO Y01 CA . -23.19 35.24 -24.38
CBB Y01 CA . -23.35 35.33 -22.84
CAC Y01 CA . -24.25 36.48 -22.46
CBE Y01 CA . -23.77 33.97 -22.21
CAP Y01 CA . -23.37 32.77 -23.08
CAQ Y01 CA . -23.14 31.58 -22.14
CBG Y01 CA . -23.61 32.10 -20.78
CBI Y01 CA . -23.24 33.59 -20.80
CAE Y01 CA . -21.72 33.81 -20.71
CAU Y01 CA . -23.95 34.24 -19.59
CAS Y01 CA . -23.60 33.55 -18.27
CBF Y01 CA . -23.83 32.03 -18.28
CBD Y01 CA . -23.18 31.37 -19.50
CAK Y01 CA . -23.59 29.90 -19.58
CAI Y01 CA . -23.51 29.22 -18.25
CAZ Y01 CA . -23.51 29.83 -17.08
CAV Y01 CA . -23.62 29.04 -15.80
CBH Y01 CA . -23.42 31.35 -16.94
CAD Y01 CA . -21.98 31.72 -16.54
CAT Y01 CA . -24.39 31.80 -15.83
CAR Y01 CA . -25.45 30.74 -15.53
CBC Y01 CA . -24.83 29.46 -14.99
OAW Y01 CA . -24.41 29.69 -13.60
CAY Y01 CA . -24.81 28.78 -12.70
OAG Y01 CA . -25.47 27.82 -12.96
CAM Y01 CA . -24.34 29.15 -11.32
CAL Y01 CA . -23.23 28.25 -10.80
CAX Y01 CA . -21.89 28.48 -11.45
OAH Y01 CA . -21.60 29.63 -11.85
OAF Y01 CA . -21.12 27.48 -11.55
CAA Y01 DA . -46.40 24.03 -25.75
CBA Y01 DA . -45.29 24.51 -26.65
CAB Y01 DA . -44.26 23.43 -26.89
CAN Y01 DA . -45.84 25.05 -27.96
CAJ Y01 DA . -46.86 26.17 -27.81
CAO Y01 DA . -46.58 27.36 -28.71
CBB Y01 DA . -47.19 27.33 -30.13
CAC Y01 DA . -48.47 26.49 -30.14
CBE Y01 DA . -47.40 28.77 -30.64
CAP Y01 DA . -46.20 29.69 -30.28
CAQ Y01 DA . -45.94 30.60 -31.49
CBG Y01 DA . -47.27 30.54 -32.23
CBI Y01 DA . -47.66 29.04 -32.15
CAE Y01 DA . -46.74 28.17 -33.02
CAU Y01 DA . -49.11 28.95 -32.64
CAS Y01 DA . -49.32 29.57 -34.02
CBF Y01 DA . -48.86 31.02 -34.09
CBD Y01 DA . -47.41 31.16 -33.62
CAK Y01 DA . -47.03 32.64 -33.55
CAI Y01 DA . -47.51 33.43 -34.73
CAZ Y01 DA . -48.43 33.02 -35.59
CAV Y01 DA . -48.83 33.89 -36.76
CBH Y01 DA . -49.11 31.66 -35.49
CAD Y01 DA . -48.59 30.76 -36.63
CAT Y01 DA . -50.63 31.85 -35.66
CAR Y01 DA . -51.01 32.68 -36.89
CBC Y01 DA . -50.34 34.04 -36.83
OAW Y01 DA . -50.68 34.75 -38.05
CAY Y01 DA . -51.11 36.01 -37.94
OAG Y01 DA . -51.18 36.59 -36.88
CAM Y01 DA . -51.47 36.59 -39.27
CAL Y01 DA . -52.35 35.65 -40.07
CAX Y01 DA . -53.58 35.16 -39.33
OAH Y01 DA . -54.28 36.01 -38.73
OAF Y01 DA . -53.81 33.93 -39.34
CAA Y01 EA . -47.52 31.68 -23.20
CBA Y01 EA . -48.79 31.21 -23.86
CAB Y01 EA . -49.88 30.97 -22.84
CAN Y01 EA . -48.61 29.97 -24.73
CAJ Y01 EA . -49.90 29.36 -25.26
CAO Y01 EA . -49.99 29.33 -26.78
CBB Y01 EA . -51.36 29.70 -27.41
CAC Y01 EA . -52.47 29.73 -26.36
CBE Y01 EA . -51.28 31.01 -28.24
CAP Y01 EA . -49.85 31.29 -28.76
CAQ Y01 EA . -50.00 32.00 -30.11
CBG Y01 EA . -51.48 32.37 -30.16
CBI Y01 EA . -52.17 31.16 -29.50
CAE Y01 EA . -52.08 29.89 -30.38
CAU Y01 EA . -53.63 31.57 -29.28
CAS Y01 EA . -54.32 31.99 -30.59
CBF Y01 EA . -53.58 33.12 -31.33
CBD Y01 EA . -52.08 32.80 -31.51
CAK Y01 EA . -51.35 34.03 -32.04
CAI Y01 EA . -52.14 34.80 -33.05
CAZ Y01 EA . -53.40 34.53 -33.40
CAV Y01 EA . -54.03 35.22 -34.58
CBH Y01 EA . -54.25 33.50 -32.67
CAD Y01 EA . -54.43 32.27 -33.59
CAT Y01 EA . -55.62 34.12 -32.38
CAR Y01 EA . -56.28 34.70 -33.64
CBC Y01 EA . -55.40 35.77 -34.24
OAW Y01 EA . -56.00 36.24 -35.48
CAY Y01 EA . -56.93 37.21 -35.42
OAG Y01 EA . -57.30 37.71 -34.39
CAM Y01 EA . -57.44 37.56 -36.79
CAL Y01 EA . -58.21 38.87 -36.81
CAX Y01 EA . -57.40 40.09 -36.41
OAH Y01 EA . -56.34 40.30 -37.03
OAF Y01 EA . -57.83 40.80 -35.48
C01 A1AIA FA . -39.63 32.93 -16.21
C02 A1AIA FA . -39.15 31.50 -16.02
C03 A1AIA FA . -39.77 30.79 -14.80
C04 A1AIA FA . -39.25 31.46 -13.54
C07 A1AIA FA . -41.37 30.95 -12.48
C09 A1AIA FA . -41.29 30.90 -14.91
C11 A1AIA FA . -39.39 29.31 -14.75
C12 A1AIA FA . -40.07 28.38 -15.53
C13 A1AIA FA . -39.69 27.05 -15.52
C14 A1AIA FA . -38.63 26.63 -14.73
C15 A1AIA FA . -37.96 27.55 -13.95
C16 A1AIA FA . -38.34 28.87 -13.96
N06 A1AIA FA . -39.96 31.27 -12.43
N08 A1AIA FA . -41.94 31.20 -13.79
O05 A1AIA FA . -38.22 32.13 -13.54
O10 A1AIA FA . -41.88 30.71 -15.97
#